data_1D8S
#
_entry.id   1D8S
#
_cell.length_a   180.680
_cell.length_b   197.520
_cell.length_c   237.900
_cell.angle_alpha   90.00
_cell.angle_beta   90.00
_cell.angle_gamma   90.00
#
_symmetry.space_group_name_H-M   'C 2 2 21'
#
loop_
_entity.id
_entity.type
_entity.pdbx_description
1 polymer 'F1 ATPASE (ALPHA SUBUNIT)'
2 polymer 'F1 ATPASE (BETA SUBUNIT)'
3 polymer 'F1 ATPASE (GAMMA SUBUNIT)'
#
loop_
_entity_poly.entity_id
_entity_poly.type
_entity_poly.pdbx_seq_one_letter_code
_entity_poly.pdbx_strand_id
1 'polypeptide(L)'
;(UNK)(UNK)(UNK)(UNK)(UNK)(UNK)(UNK)(UNK)(UNK)(UNK)(UNK)(UNK)(UNK)(UNK)(UNK)(UNK)
(UNK)(UNK)(UNK)(UNK)(UNK)(UNK)(UNK)(UNK)(UNK)(UNK)(UNK)(UNK)(UNK)(UNK)(UNK)(UNK)
(UNK)(UNK)(UNK)(UNK)(UNK)(UNK)(UNK)(UNK)(UNK)(UNK)(UNK)(UNK)(UNK)(UNK)(UNK)(UNK)
(UNK)(UNK)(UNK)(UNK)(UNK)(UNK)(UNK)(UNK)(UNK)(UNK)(UNK)(UNK)(UNK)(UNK)(UNK)(UNK)
(UNK)(UNK)(UNK)(UNK)(UNK)(UNK)(UNK)(UNK)(UNK)(UNK)(UNK)(UNK)(UNK)(UNK)(UNK)(UNK)
(UNK)(UNK)(UNK)(UNK)(UNK)(UNK)(UNK)(UNK)(UNK)(UNK)(UNK)(UNK)(UNK)(UNK)(UNK)(UNK)
(UNK)(UNK)(UNK)(UNK)(UNK)(UNK)(UNK)(UNK)(UNK)(UNK)(UNK)(UNK)(UNK)(UNK)(UNK)(UNK)
(UNK)(UNK)(UNK)(UNK)(UNK)(UNK)(UNK)(UNK)(UNK)(UNK)(UNK)(UNK)(UNK)(UNK)(UNK)(UNK)
(UNK)(UNK)(UNK)(UNK)(UNK)(UNK)(UNK)(UNK)(UNK)(UNK)(UNK)(UNK)(UNK)(UNK)(UNK)(UNK)
(UNK)(UNK)(UNK)(UNK)(UNK)(UNK)(UNK)(UNK)(UNK)(UNK)(UNK)(UNK)(UNK)(UNK)(UNK)(UNK)
(UNK)(UNK)(UNK)(UNK)(UNK)(UNK)(UNK)(UNK)(UNK)(UNK)(UNK)(UNK)(UNK)(UNK)(UNK)(UNK)
(UNK)(UNK)(UNK)(UNK)(UNK)(UNK)(UNK)(UNK)(UNK)(UNK)(UNK)(UNK)(UNK)(UNK)(UNK)(UNK)
(UNK)(UNK)(UNK)(UNK)(UNK)(UNK)(UNK)(UNK)(UNK)(UNK)(UNK)(UNK)(UNK)(UNK)(UNK)(UNK)
(UNK)(UNK)(UNK)(UNK)(UNK)(UNK)(UNK)(UNK)(UNK)(UNK)(UNK)(UNK)(UNK)(UNK)(UNK)(UNK)
(UNK)(UNK)(UNK)(UNK)(UNK)(UNK)(UNK)(UNK)(UNK)(UNK)(UNK)(UNK)(UNK)(UNK)(UNK)(UNK)
(UNK)(UNK)(UNK)(UNK)(UNK)(UNK)(UNK)(UNK)(UNK)(UNK)(UNK)(UNK)(UNK)(UNK)(UNK)(UNK)
(UNK)(UNK)(UNK)(UNK)(UNK)(UNK)(UNK)(UNK)(UNK)(UNK)(UNK)(UNK)(UNK)(UNK)(UNK)(UNK)
(UNK)(UNK)(UNK)(UNK)(UNK)(UNK)(UNK)(UNK)(UNK)(UNK)(UNK)(UNK)(UNK)(UNK)(UNK)(UNK)
(UNK)(UNK)(UNK)(UNK)(UNK)(UNK)(UNK)(UNK)(UNK)(UNK)(UNK)(UNK)(UNK)(UNK)(UNK)(UNK)
(UNK)(UNK)(UNK)(UNK)(UNK)(UNK)(UNK)(UNK)(UNK)(UNK)(UNK)(UNK)(UNK)(UNK)(UNK)(UNK)
(UNK)(UNK)(UNK)(UNK)(UNK)(UNK)(UNK)(UNK)(UNK)(UNK)(UNK)(UNK)(UNK)(UNK)(UNK)(UNK)
(UNK)(UNK)(UNK)(UNK)(UNK)(UNK)(UNK)(UNK)(UNK)(UNK)(UNK)(UNK)(UNK)(UNK)(UNK)(UNK)
(UNK)(UNK)(UNK)(UNK)(UNK)(UNK)(UNK)(UNK)(UNK)(UNK)(UNK)(UNK)(UNK)(UNK)(UNK)(UNK)
(UNK)(UNK)(UNK)(UNK)(UNK)(UNK)(UNK)(UNK)(UNK)(UNK)(UNK)(UNK)(UNK)(UNK)(UNK)(UNK)
(UNK)(UNK)(UNK)(UNK)(UNK)(UNK)(UNK)(UNK)(UNK)(UNK)(UNK)(UNK)(UNK)(UNK)(UNK)(UNK)
(UNK)(UNK)(UNK)(UNK)(UNK)(UNK)(UNK)(UNK)(UNK)(UNK)(UNK)(UNK)(UNK)(UNK)(UNK)(UNK)
(UNK)(UNK)(UNK)(UNK)(UNK)(UNK)(UNK)(UNK)(UNK)(UNK)(UNK)(UNK)(UNK)(UNK)(UNK)(UNK)
(UNK)(UNK)(UNK)(UNK)(UNK)(UNK)(UNK)(UNK)(UNK)(UNK)(UNK)(UNK)(UNK)(UNK)(UNK)(UNK)
(UNK)(UNK)(UNK)(UNK)(UNK)(UNK)(UNK)(UNK)(UNK)(UNK)(UNK)(UNK)(UNK)(UNK)(UNK)(UNK)
(UNK)(UNK)(UNK)(UNK)(UNK)(UNK)(UNK)(UNK)(UNK)(UNK)(UNK)(UNK)(UNK)(UNK)(UNK)(UNK)
(UNK)(UNK)(UNK)(UNK)(UNK)(UNK)(UNK)(UNK)(UNK)(UNK)(UNK)(UNK)
;
A,B,C
2 'polypeptide(L)'
;(UNK)(UNK)(UNK)(UNK)(UNK)(UNK)(UNK)(UNK)(UNK)(UNK)(UNK)(UNK)(UNK)(UNK)(UNK)(UNK)
(UNK)(UNK)(UNK)(UNK)(UNK)(UNK)(UNK)(UNK)(UNK)(UNK)(UNK)(UNK)(UNK)(UNK)(UNK)(UNK)
(UNK)(UNK)(UNK)(UNK)(UNK)(UNK)(UNK)(UNK)(UNK)(UNK)(UNK)(UNK)(UNK)(UNK)(UNK)(UNK)
(UNK)(UNK)(UNK)(UNK)(UNK)(UNK)(UNK)(UNK)(UNK)(UNK)(UNK)(UNK)(UNK)(UNK)(UNK)(UNK)
(UNK)(UNK)(UNK)(UNK)(UNK)(UNK)(UNK)(UNK)(UNK)(UNK)(UNK)(UNK)(UNK)(UNK)(UNK)(UNK)
(UNK)(UNK)(UNK)(UNK)(UNK)(UNK)(UNK)(UNK)(UNK)(UNK)(UNK)(UNK)(UNK)(UNK)(UNK)(UNK)
(UNK)(UNK)(UNK)(UNK)(UNK)(UNK)(UNK)(UNK)(UNK)(UNK)(UNK)(UNK)(UNK)(UNK)(UNK)(UNK)
(UNK)(UNK)(UNK)(UNK)(UNK)(UNK)(UNK)(UNK)(UNK)(UNK)(UNK)(UNK)(UNK)(UNK)(UNK)(UNK)
(UNK)(UNK)(UNK)(UNK)(UNK)(UNK)(UNK)(UNK)(UNK)(UNK)(UNK)(UNK)(UNK)(UNK)(UNK)(UNK)
(UNK)(UNK)(UNK)(UNK)(UNK)(UNK)(UNK)(UNK)(UNK)(UNK)(UNK)(UNK)(UNK)(UNK)(UNK)(UNK)
(UNK)(UNK)(UNK)(UNK)(UNK)(UNK)(UNK)(UNK)(UNK)(UNK)(UNK)(UNK)(UNK)(UNK)(UNK)(UNK)
(UNK)(UNK)(UNK)(UNK)(UNK)(UNK)(UNK)(UNK)(UNK)(UNK)(UNK)(UNK)(UNK)(UNK)(UNK)(UNK)
(UNK)(UNK)(UNK)(UNK)(UNK)(UNK)(UNK)(UNK)(UNK)(UNK)(UNK)(UNK)(UNK)(UNK)(UNK)(UNK)
(UNK)(UNK)(UNK)(UNK)(UNK)(UNK)(UNK)(UNK)(UNK)(UNK)(UNK)(UNK)(UNK)(UNK)(UNK)(UNK)
(UNK)(UNK)(UNK)(UNK)(UNK)(UNK)(UNK)(UNK)(UNK)(UNK)(UNK)(UNK)(UNK)(UNK)(UNK)(UNK)
(UNK)(UNK)(UNK)(UNK)(UNK)(UNK)(UNK)(UNK)(UNK)(UNK)(UNK)(UNK)(UNK)(UNK)(UNK)(UNK)
(UNK)(UNK)(UNK)(UNK)(UNK)(UNK)(UNK)(UNK)(UNK)(UNK)(UNK)(UNK)(UNK)(UNK)(UNK)(UNK)
(UNK)(UNK)(UNK)(UNK)(UNK)(UNK)(UNK)(UNK)(UNK)(UNK)(UNK)(UNK)(UNK)(UNK)(UNK)(UNK)
(UNK)(UNK)(UNK)(UNK)(UNK)(UNK)(UNK)(UNK)(UNK)(UNK)(UNK)(UNK)(UNK)(UNK)(UNK)(UNK)
(UNK)(UNK)(UNK)(UNK)(UNK)(UNK)(UNK)(UNK)(UNK)(UNK)(UNK)(UNK)(UNK)(UNK)(UNK)(UNK)
(UNK)(UNK)(UNK)(UNK)(UNK)(UNK)(UNK)(UNK)(UNK)(UNK)(UNK)(UNK)(UNK)(UNK)(UNK)(UNK)
(UNK)(UNK)(UNK)(UNK)(UNK)(UNK)(UNK)(UNK)(UNK)(UNK)(UNK)(UNK)(UNK)(UNK)(UNK)(UNK)
(UNK)(UNK)(UNK)(UNK)(UNK)(UNK)(UNK)(UNK)(UNK)(UNK)(UNK)(UNK)(UNK)(UNK)(UNK)(UNK)
(UNK)(UNK)(UNK)(UNK)(UNK)(UNK)(UNK)(UNK)(UNK)(UNK)(UNK)(UNK)(UNK)(UNK)(UNK)(UNK)
(UNK)(UNK)(UNK)(UNK)(UNK)(UNK)(UNK)(UNK)(UNK)(UNK)(UNK)(UNK)(UNK)(UNK)(UNK)(UNK)
(UNK)(UNK)(UNK)(UNK)(UNK)(UNK)(UNK)(UNK)(UNK)(UNK)(UNK)(UNK)(UNK)(UNK)(UNK)(UNK)
(UNK)(UNK)(UNK)(UNK)(UNK)(UNK)(UNK)(UNK)(UNK)(UNK)(UNK)(UNK)(UNK)(UNK)(UNK)(UNK)
(UNK)(UNK)(UNK)(UNK)(UNK)(UNK)(UNK)(UNK)(UNK)(UNK)(UNK)(UNK)(UNK)(UNK)(UNK)(UNK)
(UNK)(UNK)(UNK)(UNK)(UNK)(UNK)(UNK)(UNK)(UNK)(UNK)(UNK)(UNK)(UNK)(UNK)(UNK)(UNK)
(UNK)(UNK)(UNK)
;
D,E,F
3 'polypeptide(L)'
;(UNK)(UNK)(UNK)(UNK)(UNK)(UNK)(UNK)(UNK)(UNK)(UNK)(UNK)(UNK)(UNK)(UNK)(UNK)(UNK)
(UNK)(UNK)(UNK)(UNK)(UNK)(UNK)(UNK)(UNK)(UNK)(UNK)(UNK)(UNK)(UNK)(UNK)(UNK)(UNK)
(UNK)(UNK)(UNK)(UNK)(UNK)(UNK)(UNK)(UNK)(UNK)(UNK)(UNK)(UNK)(UNK)(UNK)(UNK)(UNK)
(UNK)(UNK)(UNK)(UNK)(UNK)(UNK)(UNK)(UNK)(UNK)(UNK)(UNK)(UNK)(UNK)(UNK)(UNK)(UNK)
(UNK)(UNK)(UNK)(UNK)(UNK)(UNK)(UNK)(UNK)(UNK)(UNK)(UNK)(UNK)(UNK)(UNK)(UNK)(UNK)
(UNK)(UNK)(UNK)(UNK)(UNK)(UNK)(UNK)(UNK)(UNK)(UNK)(UNK)(UNK)(UNK)(UNK)(UNK)(UNK)
(UNK)(UNK)(UNK)(UNK)(UNK)(UNK)(UNK)(UNK)(UNK)(UNK)(UNK)(UNK)(UNK)(UNK)(UNK)(UNK)
(UNK)(UNK)(UNK)(UNK)(UNK)(UNK)(UNK)(UNK)(UNK)(UNK)(UNK)(UNK)(UNK)(UNK)(UNK)(UNK)
(UNK)(UNK)(UNK)(UNK)(UNK)(UNK)(UNK)(UNK)(UNK)(UNK)(UNK)(UNK)(UNK)(UNK)(UNK)(UNK)
(UNK)(UNK)(UNK)(UNK)(UNK)(UNK)(UNK)(UNK)(UNK)(UNK)(UNK)(UNK)(UNK)(UNK)(UNK)(UNK)
(UNK)(UNK)(UNK)(UNK)(UNK)(UNK)(UNK)(UNK)(UNK)(UNK)(UNK)(UNK)(UNK)(UNK)(UNK)(UNK)
(UNK)(UNK)(UNK)(UNK)(UNK)(UNK)(UNK)(UNK)(UNK)(UNK)(UNK)(UNK)(UNK)(UNK)(UNK)(UNK)
(UNK)(UNK)(UNK)(UNK)(UNK)(UNK)(UNK)(UNK)(UNK)(UNK)(UNK)(UNK)(UNK)(UNK)(UNK)(UNK)
(UNK)(UNK)(UNK)(UNK)(UNK)(UNK)
;
G
#
# COMPACT_ATOMS: atom_id res chain seq x y z
CA UNK A 6 7.50 42.47 -35.30
C UNK A 6 7.17 41.27 -34.42
N UNK A 7 6.19 40.46 -34.80
CA UNK A 7 5.85 39.30 -33.95
C UNK A 7 6.57 38.07 -34.41
N UNK A 8 7.48 38.24 -35.36
CA UNK A 8 8.16 37.04 -35.85
C UNK A 8 9.47 36.78 -35.12
N UNK A 9 10.17 37.87 -34.84
CA UNK A 9 11.47 37.69 -34.17
C UNK A 9 11.40 38.20 -32.77
N UNK A 10 10.25 38.78 -32.41
CA UNK A 10 10.18 39.25 -31.01
C UNK A 10 8.80 39.00 -30.45
N UNK A 11 8.66 39.00 -29.12
CA UNK A 11 7.32 38.78 -28.55
C UNK A 11 7.08 39.73 -27.38
N UNK A 12 5.86 39.68 -26.87
CA UNK A 12 5.47 40.50 -25.72
C UNK A 12 4.96 39.56 -24.63
N UNK A 13 5.31 39.81 -23.38
CA UNK A 13 4.86 38.96 -22.28
C UNK A 13 3.37 39.18 -22.04
N UNK A 14 2.62 38.07 -22.02
CA UNK A 14 1.18 38.15 -21.77
C UNK A 14 0.92 38.05 -20.27
N UNK A 15 1.73 37.25 -19.59
CA UNK A 15 1.59 37.03 -18.16
C UNK A 15 2.88 36.40 -17.65
N UNK A 16 3.23 36.70 -16.42
CA UNK A 16 4.46 36.15 -15.82
C UNK A 16 4.23 35.75 -14.36
N UNK A 17 4.63 34.52 -14.03
CA UNK A 17 4.45 34.03 -12.68
C UNK A 17 5.11 32.68 -12.47
N UNK A 18 5.50 32.43 -11.23
CA UNK A 18 6.14 31.20 -10.82
C UNK A 18 7.23 30.83 -11.81
N UNK A 19 7.94 31.86 -12.31
CA UNK A 19 9.03 31.67 -13.23
C UNK A 19 8.69 31.21 -14.63
N UNK A 20 7.42 31.20 -14.97
CA UNK A 20 7.02 30.79 -16.32
C UNK A 20 6.59 32.07 -17.03
N UNK A 21 7.14 32.34 -18.20
CA UNK A 21 6.74 33.57 -18.93
C UNK A 21 5.87 33.12 -20.08
N UNK A 22 4.79 33.84 -20.37
CA UNK A 22 3.95 33.33 -21.50
C UNK A 22 4.00 34.44 -22.54
N UNK A 23 4.86 34.23 -23.52
CA UNK A 23 5.07 35.21 -24.56
C UNK A 23 4.19 35.03 -25.79
N UNK A 24 3.72 36.16 -26.28
CA UNK A 24 2.91 36.27 -27.48
C UNK A 24 3.84 36.71 -28.61
N UNK A 25 3.86 36.03 -29.75
CA UNK A 25 4.76 36.43 -30.83
C UNK A 25 5.90 35.41 -30.89
N UNK A 26 7.11 35.82 -31.20
CA UNK A 26 8.23 34.87 -31.27
C UNK A 26 7.90 33.74 -32.24
N UNK A 27 7.17 34.08 -33.30
CA UNK A 27 6.77 33.07 -34.25
C UNK A 27 7.88 32.24 -34.81
N UNK A 28 9.11 32.75 -34.84
CA UNK A 28 10.16 31.93 -35.41
C UNK A 28 10.96 31.12 -34.41
N UNK A 29 10.72 31.17 -33.10
CA UNK A 29 11.56 30.40 -32.20
C UNK A 29 11.54 28.88 -32.38
N UNK A 30 12.73 28.30 -32.12
CA UNK A 30 12.86 26.85 -32.22
C UNK A 30 12.67 26.31 -30.80
N UNK A 31 12.37 25.04 -30.64
CA UNK A 31 12.19 24.39 -29.34
C UNK A 31 13.47 24.50 -28.51
N UNK A 32 13.39 24.81 -27.23
CA UNK A 32 14.56 24.96 -26.38
C UNK A 32 15.47 26.13 -26.75
N UNK A 33 15.06 27.13 -27.49
CA UNK A 33 15.92 28.24 -27.87
C UNK A 33 16.07 29.26 -26.74
N UNK A 34 17.24 29.87 -26.64
CA UNK A 34 17.46 30.88 -25.61
C UNK A 34 16.88 32.21 -26.04
N UNK A 35 16.07 32.84 -25.20
CA UNK A 35 15.54 34.14 -25.69
C UNK A 35 15.89 35.17 -24.65
N UNK A 36 15.63 36.45 -24.89
CA UNK A 36 16.00 37.46 -23.92
C UNK A 36 14.93 38.47 -23.59
N UNK A 37 14.67 38.67 -22.30
CA UNK A 37 13.66 39.63 -21.85
C UNK A 37 14.30 41.02 -21.81
N UNK A 38 13.52 42.07 -21.98
CA UNK A 38 14.04 43.43 -21.94
C UNK A 38 15.09 43.55 -20.84
N UNK A 39 14.70 43.43 -19.59
CA UNK A 39 15.56 43.52 -18.43
C UNK A 39 16.91 42.86 -18.55
N UNK A 40 17.14 41.97 -19.51
CA UNK A 40 18.46 41.32 -19.67
C UNK A 40 18.42 39.86 -19.28
N UNK A 41 17.36 39.47 -18.58
CA UNK A 41 17.25 38.08 -18.18
C UNK A 41 17.07 37.18 -19.40
N UNK A 42 17.69 36.02 -19.31
CA UNK A 42 17.54 35.02 -20.37
C UNK A 42 16.36 34.11 -19.96
N UNK A 43 15.95 33.28 -20.89
CA UNK A 43 14.87 32.33 -20.70
C UNK A 43 15.02 31.30 -21.84
N UNK A 44 14.48 30.11 -21.64
CA UNK A 44 14.57 29.05 -22.65
C UNK A 44 13.16 28.64 -23.05
N UNK A 45 12.86 28.57 -24.35
CA UNK A 45 11.53 28.18 -24.80
C UNK A 45 11.27 26.69 -24.73
N UNK A 46 10.52 26.26 -23.70
CA UNK A 46 10.24 24.83 -23.56
C UNK A 46 8.90 24.39 -24.14
N UNK A 47 7.94 25.30 -24.24
CA UNK A 47 6.62 24.99 -24.75
C UNK A 47 6.32 25.91 -25.94
N UNK A 48 6.26 25.35 -27.13
CA UNK A 48 5.91 26.17 -28.29
C UNK A 48 4.46 25.76 -28.55
N UNK A 49 3.56 26.64 -28.17
CA UNK A 49 2.13 26.41 -28.30
C UNK A 49 1.58 27.27 -29.45
N UNK A 50 0.40 26.88 -29.91
CA UNK A 50 -0.32 27.52 -30.97
C UNK A 50 -0.40 29.02 -30.78
N UNK A 51 -0.90 29.40 -29.62
CA UNK A 51 -1.06 30.83 -29.33
C UNK A 51 -0.03 31.44 -28.41
N UNK A 52 1.08 30.78 -28.08
CA UNK A 52 2.05 31.42 -27.19
C UNK A 52 3.28 30.56 -26.97
N UNK A 53 4.28 31.18 -26.37
CA UNK A 53 5.53 30.50 -26.03
C UNK A 53 5.64 30.48 -24.49
N UNK A 54 5.66 29.30 -23.88
CA UNK A 54 5.80 29.27 -22.38
C UNK A 54 7.33 29.31 -22.17
N UNK A 55 7.86 30.42 -21.68
CA UNK A 55 9.30 30.55 -21.52
C UNK A 55 9.70 30.35 -20.06
N UNK A 56 10.75 29.60 -19.84
CA UNK A 56 11.34 29.23 -18.56
C UNK A 56 12.36 30.29 -18.18
N UNK A 57 12.01 31.19 -17.26
CA UNK A 57 12.87 32.29 -16.89
C UNK A 57 14.11 31.94 -16.11
N UNK A 58 15.28 32.36 -16.61
CA UNK A 58 16.54 32.06 -15.90
C UNK A 58 16.88 33.09 -14.84
N UNK A 59 16.03 33.33 -13.85
CA UNK A 59 16.32 34.32 -12.84
C UNK A 59 15.05 34.75 -12.13
N UNK A 60 15.13 35.86 -11.40
CA UNK A 60 14.00 36.37 -10.61
C UNK A 60 12.95 36.96 -11.53
N UNK A 61 11.72 36.49 -11.43
CA UNK A 61 10.69 37.02 -12.31
C UNK A 61 10.12 38.33 -11.81
N UNK A 62 10.94 39.04 -11.06
CA UNK A 62 10.52 40.35 -10.52
C UNK A 62 10.85 41.34 -11.64
N UNK A 63 11.88 40.99 -12.40
CA UNK A 63 12.33 41.81 -13.50
C UNK A 63 11.57 41.62 -14.79
N UNK A 64 10.40 41.00 -14.74
CA UNK A 64 9.62 40.80 -15.96
C UNK A 64 8.19 41.23 -15.73
N UNK A 65 7.62 41.99 -16.64
CA UNK A 65 6.24 42.38 -16.43
C UNK A 65 5.44 42.08 -17.69
N UNK A 66 4.12 42.15 -17.50
CA UNK A 66 3.25 41.92 -18.67
C UNK A 66 3.71 42.95 -19.71
N UNK A 67 3.77 42.58 -20.98
CA UNK A 67 4.20 43.53 -21.97
C UNK A 67 5.69 43.56 -22.16
N UNK A 68 6.52 43.15 -21.21
CA UNK A 68 7.97 43.22 -21.51
C UNK A 68 8.23 42.63 -22.90
N UNK A 69 9.19 43.20 -23.63
CA UNK A 69 9.50 42.70 -24.97
C UNK A 69 10.52 41.57 -24.90
N UNK A 70 10.23 40.47 -25.58
CA UNK A 70 11.17 39.34 -25.59
C UNK A 70 11.77 39.21 -26.98
N UNK A 71 13.07 39.00 -27.11
CA UNK A 71 13.67 38.86 -28.44
C UNK A 71 14.36 37.50 -28.54
N UNK A 72 14.47 36.98 -29.75
CA UNK A 72 15.14 35.71 -29.96
C UNK A 72 16.66 35.91 -29.94
N UNK A 73 17.41 34.84 -29.66
CA UNK A 73 18.87 35.00 -29.71
C UNK A 73 19.30 34.23 -30.98
N UNK A 74 18.44 33.26 -31.31
CA UNK A 74 18.72 32.41 -32.46
C UNK A 74 19.69 31.30 -32.02
N UNK A 75 20.47 31.52 -30.97
CA UNK A 75 21.43 30.57 -30.45
C UNK A 75 20.93 29.52 -29.49
N UNK A 76 21.42 28.28 -29.60
CA UNK A 76 20.89 27.30 -28.59
C UNK A 76 21.93 27.27 -27.49
N UNK A 77 21.58 26.75 -26.33
CA UNK A 77 22.46 26.72 -25.15
C UNK A 77 23.76 25.97 -25.33
N UNK A 78 24.14 27.33 -25.00
CA UNK A 78 25.50 26.75 -25.09
C UNK A 78 26.34 27.21 -23.91
N UNK A 79 27.44 26.55 -23.60
CA UNK A 79 28.23 27.04 -22.44
C UNK A 79 29.72 27.03 -22.70
N UNK A 80 30.46 27.76 -21.89
CA UNK A 80 31.91 27.84 -21.97
C UNK A 80 32.44 26.42 -21.88
N UNK A 81 33.68 26.21 -22.27
CA UNK A 81 34.21 24.83 -22.17
C UNK A 81 35.71 24.84 -22.30
N UNK A 82 36.32 23.72 -21.91
CA UNK A 82 37.76 23.57 -21.96
C UNK A 82 38.50 23.73 -20.65
N UNK A 83 39.82 23.58 -20.71
CA UNK A 83 40.77 23.67 -19.64
C UNK A 83 40.77 24.92 -18.76
N UNK A 84 40.28 26.07 -19.23
CA UNK A 84 40.33 27.22 -18.30
C UNK A 84 39.30 27.08 -17.19
N UNK A 85 38.25 26.27 -17.34
CA UNK A 85 37.27 26.17 -16.25
C UNK A 85 37.83 25.45 -15.04
N UNK A 86 38.90 24.68 -15.18
CA UNK A 86 39.48 23.94 -14.05
C UNK A 86 39.68 24.79 -12.83
N UNK A 87 39.45 24.26 -11.63
CA UNK A 87 39.61 25.04 -10.41
C UNK A 87 38.66 26.21 -10.34
N UNK A 88 37.53 26.15 -11.03
CA UNK A 88 36.57 27.24 -10.97
C UNK A 88 35.22 26.77 -10.43
N UNK A 89 34.46 27.73 -9.94
CA UNK A 89 33.11 27.48 -9.42
C UNK A 89 32.17 28.34 -10.29
N UNK A 90 31.45 27.64 -11.16
CA UNK A 90 30.54 28.23 -12.11
C UNK A 90 29.08 27.82 -11.91
N UNK A 91 28.19 28.75 -12.31
CA UNK A 91 26.75 28.44 -12.19
C UNK A 91 26.30 27.51 -13.30
N UNK A 92 25.02 27.22 -13.49
CA UNK A 92 24.57 26.32 -14.56
C UNK A 92 24.84 26.89 -15.95
N UNK A 93 25.02 28.22 -16.04
CA UNK A 93 25.27 28.76 -17.38
C UNK A 93 26.75 28.93 -17.65
N UNK A 94 27.63 28.47 -16.77
CA UNK A 94 29.06 28.58 -16.97
C UNK A 94 29.59 29.90 -16.40
N UNK A 95 28.72 30.74 -15.82
CA UNK A 95 29.20 31.99 -15.23
C UNK A 95 30.01 31.72 -13.95
N UNK A 96 31.07 32.49 -13.72
CA UNK A 96 31.86 32.27 -12.51
C UNK A 96 31.18 32.82 -11.26
N UNK A 97 31.09 31.99 -10.22
CA UNK A 97 30.46 32.38 -8.96
C UNK A 97 31.39 32.31 -7.76
N UNK A 98 32.67 32.04 -7.99
CA UNK A 98 33.68 31.97 -6.94
C UNK A 98 34.37 33.34 -6.79
N UNK A 99 33.83 34.32 -7.53
CA UNK A 99 34.31 35.68 -7.50
C UNK A 99 35.78 35.77 -7.80
N UNK A 100 36.34 34.81 -8.53
CA UNK A 100 37.77 34.89 -8.84
C UNK A 100 37.98 35.51 -10.21
N UNK A 101 37.03 36.19 -10.83
CA UNK A 101 37.38 36.75 -12.16
C UNK A 101 36.83 35.86 -13.26
N UNK A 102 36.73 36.39 -14.46
CA UNK A 102 36.19 35.71 -15.60
C UNK A 102 36.96 34.46 -15.99
N UNK A 103 36.19 33.51 -16.49
CA UNK A 103 36.75 32.25 -16.98
C UNK A 103 37.25 32.58 -18.41
N UNK A 104 38.52 32.29 -18.69
CA UNK A 104 39.02 32.65 -20.03
C UNK A 104 38.64 31.66 -21.09
N UNK A 105 37.38 31.34 -21.28
CA UNK A 105 36.98 30.32 -22.24
C UNK A 105 36.91 30.65 -23.72
N UNK A 106 37.71 29.86 -24.46
CA UNK A 106 37.73 29.98 -25.92
C UNK A 106 36.54 29.25 -26.55
N UNK A 107 36.53 27.93 -26.41
CA UNK A 107 35.46 27.13 -26.95
C UNK A 107 34.18 27.23 -26.13
N UNK A 108 33.04 27.18 -26.83
CA UNK A 108 31.72 27.18 -26.18
C UNK A 108 30.98 25.97 -26.73
N UNK A 109 30.44 25.11 -25.90
CA UNK A 109 29.72 23.94 -26.41
C UNK A 109 28.23 24.06 -26.10
N UNK A 110 27.42 23.36 -26.88
CA UNK A 110 25.97 23.40 -26.67
C UNK A 110 25.64 22.39 -25.57
N UNK A 111 24.79 22.79 -24.62
CA UNK A 111 24.48 21.90 -23.50
C UNK A 111 23.77 20.63 -23.89
N UNK A 112 22.75 20.70 -24.73
CA UNK A 112 22.11 19.39 -25.03
C UNK A 112 22.58 18.84 -26.36
N UNK A 113 23.44 17.85 -26.43
CA UNK A 113 23.84 17.29 -27.72
C UNK A 113 23.54 15.81 -27.68
N UNK A 114 23.48 15.10 -28.78
CA UNK A 114 23.18 13.67 -28.73
C UNK A 114 24.40 12.88 -28.28
N UNK A 115 24.18 11.76 -27.58
CA UNK A 115 25.34 10.94 -27.16
C UNK A 115 26.07 10.41 -28.40
N UNK A 116 27.34 10.07 -28.25
CA UNK A 116 28.12 9.49 -29.34
C UNK A 116 27.36 8.20 -29.67
N UNK A 117 27.18 7.88 -30.94
CA UNK A 117 26.46 6.70 -31.34
C UNK A 117 27.15 5.42 -30.89
N UNK A 118 26.68 4.36 -31.50
CA UNK A 118 27.12 2.97 -31.26
C UNK A 118 28.45 2.66 -31.91
N UNK A 119 28.76 3.24 -33.06
CA UNK A 119 30.02 2.95 -33.75
C UNK A 119 31.26 3.58 -33.17
N UNK A 120 31.21 4.83 -32.76
CA UNK A 120 32.33 5.57 -32.24
C UNK A 120 32.91 5.10 -30.93
N UNK A 121 32.46 4.01 -30.34
CA UNK A 121 32.96 3.59 -29.03
C UNK A 121 33.73 2.29 -29.04
N UNK A 122 34.10 1.82 -27.86
CA UNK A 122 34.83 0.57 -27.65
C UNK A 122 34.63 0.19 -26.18
N UNK A 123 34.74 -1.09 -25.88
CA UNK A 123 34.57 -1.62 -24.54
C UNK A 123 35.27 -0.80 -23.47
N UNK A 124 34.57 -0.62 -22.35
CA UNK A 124 35.19 0.13 -21.22
C UNK A 124 36.34 -0.75 -20.74
N UNK A 125 37.58 -0.26 -20.77
CA UNK A 125 38.66 -1.14 -20.33
C UNK A 125 39.62 -0.53 -19.36
N UNK A 126 39.71 0.81 -19.30
CA UNK A 126 40.66 1.42 -18.37
C UNK A 126 40.03 1.63 -17.00
N UNK A 127 40.71 1.18 -15.98
CA UNK A 127 40.25 1.34 -14.62
C UNK A 127 40.04 2.83 -14.32
N UNK A 128 39.03 3.05 -13.51
CA UNK A 128 38.67 4.38 -12.99
C UNK A 128 38.79 4.08 -11.47
N UNK A 129 39.88 4.50 -10.84
CA UNK A 129 40.03 4.06 -9.44
C UNK A 129 39.51 5.08 -8.48
N UNK A 130 38.82 4.55 -7.47
CA UNK A 130 38.24 5.48 -6.48
C UNK A 130 39.18 5.71 -5.30
N UNK A 131 39.84 4.64 -4.89
CA UNK A 131 40.75 4.70 -3.74
C UNK A 131 39.99 4.03 -2.57
N UNK A 132 38.75 3.63 -2.86
CA UNK A 132 37.93 2.99 -1.83
C UNK A 132 38.03 1.50 -2.02
N UNK A 133 38.57 0.78 -1.04
CA UNK A 133 38.75 -0.66 -1.27
C UNK A 133 37.47 -1.38 -1.64
N UNK A 134 36.39 -1.27 -0.88
CA UNK A 134 35.14 -1.95 -1.22
C UNK A 134 34.77 -1.73 -2.69
N UNK A 135 34.80 -0.48 -3.13
CA UNK A 135 34.42 -0.21 -4.51
C UNK A 135 35.41 -0.82 -5.49
N UNK A 136 36.67 -0.41 -5.39
CA UNK A 136 37.76 -0.83 -6.24
C UNK A 136 37.97 -2.33 -6.32
N UNK A 137 37.64 -3.10 -5.31
CA UNK A 137 37.83 -4.55 -5.41
C UNK A 137 36.55 -5.31 -5.74
N UNK A 138 35.36 -4.76 -5.42
CA UNK A 138 34.11 -5.46 -5.63
C UNK A 138 33.10 -4.74 -6.47
N UNK A 139 33.30 -3.49 -6.83
CA UNK A 139 32.29 -2.79 -7.66
C UNK A 139 33.08 -1.87 -8.60
N UNK A 140 34.05 -2.42 -9.30
CA UNK A 140 34.95 -1.76 -10.20
C UNK A 140 34.32 -0.85 -11.23
N UNK A 141 34.85 0.37 -11.35
CA UNK A 141 34.37 1.33 -12.33
C UNK A 141 35.47 1.49 -13.40
N UNK A 142 35.08 1.49 -14.68
CA UNK A 142 36.06 1.65 -15.78
C UNK A 142 35.73 3.00 -16.42
N UNK A 143 36.63 3.54 -17.22
CA UNK A 143 36.40 4.83 -17.86
C UNK A 143 35.42 4.70 -19.02
N UNK A 144 34.38 5.53 -18.98
CA UNK A 144 33.32 5.54 -20.00
C UNK A 144 32.08 4.92 -19.33
N UNK A 145 32.27 4.24 -18.22
CA UNK A 145 31.16 3.65 -17.48
C UNK A 145 30.32 4.71 -16.76
N UNK A 146 29.06 4.35 -16.49
CA UNK A 146 28.11 5.20 -15.78
C UNK A 146 27.68 4.41 -14.52
N UNK A 147 28.25 4.63 -13.37
CA UNK A 147 27.90 3.87 -12.17
C UNK A 147 27.15 4.73 -11.17
N UNK A 148 25.95 4.34 -10.73
CA UNK A 148 25.16 5.16 -9.82
C UNK A 148 25.49 4.93 -8.35
N UNK A 149 25.51 6.05 -7.62
CA UNK A 149 25.72 5.88 -6.14
C UNK A 149 24.31 6.07 -5.58
N UNK A 150 23.70 5.09 -4.93
CA UNK A 150 22.30 5.32 -4.52
C UNK A 150 22.10 4.99 -3.06
N UNK A 151 21.22 5.70 -2.39
CA UNK A 151 21.01 5.39 -0.94
C UNK A 151 20.06 6.42 -0.34
N UNK A 152 19.68 6.26 0.93
CA UNK A 152 18.80 7.21 1.55
C UNK A 152 19.61 8.48 1.91
N UNK A 153 18.96 9.44 2.57
CA UNK A 153 19.63 10.68 2.95
C UNK A 153 20.77 10.30 3.89
N UNK A 154 21.83 11.10 3.90
CA UNK A 154 22.98 10.90 4.77
C UNK A 154 23.52 9.51 4.94
N UNK A 155 23.89 8.77 3.89
CA UNK A 155 24.40 7.42 4.01
C UNK A 155 25.86 7.38 3.59
N UNK A 156 26.37 8.46 2.99
CA UNK A 156 27.75 8.47 2.52
C UNK A 156 27.92 8.65 1.01
N UNK A 157 26.86 8.92 0.26
CA UNK A 157 26.87 9.08 -1.17
C UNK A 157 27.86 10.09 -1.69
N UNK A 158 27.74 11.35 -1.28
CA UNK A 158 28.69 12.39 -1.74
C UNK A 158 30.12 12.09 -1.28
N UNK A 159 30.28 11.49 -0.11
CA UNK A 159 31.63 11.17 0.32
C UNK A 159 32.29 10.28 -0.72
N UNK A 160 31.63 9.22 -1.21
CA UNK A 160 32.22 8.37 -2.25
C UNK A 160 32.77 9.20 -3.41
N UNK A 161 31.93 10.06 -3.97
CA UNK A 161 32.37 10.92 -5.05
C UNK A 161 33.60 11.73 -4.64
N UNK A 162 33.53 12.45 -3.53
CA UNK A 162 34.68 13.24 -3.09
C UNK A 162 35.93 12.38 -2.95
N UNK A 163 35.93 11.32 -2.14
CA UNK A 163 37.15 10.52 -2.06
C UNK A 163 37.62 10.22 -3.48
N UNK A 164 36.69 9.87 -4.38
CA UNK A 164 37.06 9.58 -5.76
C UNK A 164 37.81 10.74 -6.40
N UNK A 165 37.28 11.96 -6.29
CA UNK A 165 37.94 13.11 -6.88
C UNK A 165 39.32 13.31 -6.29
N UNK A 166 39.38 13.32 -4.95
CA UNK A 166 40.65 13.49 -4.26
C UNK A 166 41.69 12.55 -4.86
N UNK A 167 41.36 11.27 -4.89
CA UNK A 167 42.20 10.21 -5.37
C UNK A 167 42.92 10.42 -6.69
N UNK A 168 42.35 11.16 -7.63
CA UNK A 168 42.96 11.37 -8.93
C UNK A 168 44.21 12.22 -8.90
N UNK A 169 44.63 12.73 -7.75
CA UNK A 169 45.86 13.55 -7.72
C UNK A 169 47.07 12.67 -7.96
N UNK A 170 46.98 11.39 -7.52
CA UNK A 170 48.09 10.48 -7.72
C UNK A 170 48.44 10.47 -9.22
N UNK A 171 47.45 10.52 -10.07
CA UNK A 171 47.72 10.50 -11.50
C UNK A 171 47.81 11.90 -12.06
N UNK A 172 47.16 12.88 -11.46
CA UNK A 172 47.21 14.23 -12.01
C UNK A 172 48.52 14.92 -11.75
N UNK A 173 49.33 14.39 -10.83
CA UNK A 173 50.61 15.03 -10.53
C UNK A 173 51.68 14.30 -11.29
N UNK A 174 51.28 13.17 -11.86
CA UNK A 174 52.13 12.30 -12.63
C UNK A 174 52.35 12.82 -14.06
N UNK A 175 53.23 12.10 -14.74
CA UNK A 175 53.66 12.40 -16.10
C UNK A 175 52.84 11.72 -17.19
N UNK A 176 52.41 10.51 -16.91
CA UNK A 176 51.58 9.73 -17.86
C UNK A 176 50.28 10.49 -18.10
N UNK A 177 50.11 11.14 -19.26
CA UNK A 177 48.91 11.90 -19.50
C UNK A 177 47.69 11.09 -19.85
N UNK A 178 47.84 9.78 -19.94
CA UNK A 178 46.70 8.94 -20.30
C UNK A 178 46.05 8.35 -19.07
N UNK A 179 46.55 8.77 -17.92
CA UNK A 179 45.99 8.29 -16.66
C UNK A 179 45.33 9.45 -15.91
N UNK A 180 45.61 10.67 -16.33
CA UNK A 180 45.00 11.82 -15.66
C UNK A 180 43.51 11.82 -15.97
N UNK A 181 42.71 12.23 -15.01
CA UNK A 181 41.25 12.29 -15.08
C UNK A 181 40.74 13.62 -14.55
N UNK A 182 40.23 14.51 -15.38
CA UNK A 182 39.70 15.78 -14.90
C UNK A 182 38.37 15.53 -14.22
N UNK A 183 38.09 16.23 -13.11
CA UNK A 183 36.83 15.99 -12.44
C UNK A 183 35.81 17.10 -12.58
N UNK A 184 34.54 16.73 -12.64
CA UNK A 184 33.47 17.72 -12.71
C UNK A 184 32.44 17.41 -11.64
N UNK A 185 32.13 18.36 -10.76
CA UNK A 185 31.13 18.07 -9.73
C UNK A 185 29.95 19.01 -9.94
N UNK A 186 28.78 18.40 -10.20
CA UNK A 186 27.55 19.16 -10.39
C UNK A 186 26.72 19.06 -9.10
N UNK A 187 26.38 20.24 -8.58
CA UNK A 187 25.57 20.30 -7.34
C UNK A 187 24.20 20.86 -7.70
N UNK A 188 23.19 20.02 -7.55
CA UNK A 188 21.83 20.41 -7.91
C UNK A 188 20.92 20.33 -6.69
N UNK A 189 20.35 21.49 -6.39
CA UNK A 189 19.42 21.64 -5.31
C UNK A 189 20.02 21.72 -3.93
N UNK A 190 21.35 21.67 -3.81
CA UNK A 190 22.06 21.75 -2.54
C UNK A 190 22.05 23.13 -1.94
N UNK A 191 22.31 23.29 -0.65
CA UNK A 191 22.32 24.66 -0.09
C UNK A 191 23.71 25.24 -0.31
N UNK A 192 23.86 26.55 -0.45
CA UNK A 192 25.18 27.09 -0.73
C UNK A 192 26.22 26.75 0.30
N UNK A 193 25.92 26.66 1.58
CA UNK A 193 26.93 26.34 2.58
C UNK A 193 27.55 24.97 2.35
N UNK A 194 26.80 24.02 1.83
CA UNK A 194 27.31 22.66 1.58
C UNK A 194 28.38 22.63 0.50
N UNK A 195 28.08 23.37 -0.57
CA UNK A 195 29.04 23.41 -1.69
C UNK A 195 30.28 24.16 -1.21
N UNK A 196 30.09 25.29 -0.53
CA UNK A 196 31.22 26.08 0.00
C UNK A 196 32.09 25.16 0.86
N UNK A 197 31.41 24.38 1.71
CA UNK A 197 32.15 23.43 2.53
C UNK A 197 32.89 22.40 1.67
N UNK A 198 32.22 21.99 0.61
CA UNK A 198 32.68 20.99 -0.37
C UNK A 198 33.93 21.51 -1.08
N UNK A 199 33.79 22.69 -1.71
CA UNK A 199 34.96 23.25 -2.39
C UNK A 199 36.10 23.42 -1.40
N UNK A 200 35.78 23.74 -0.13
CA UNK A 200 36.89 23.90 0.83
C UNK A 200 37.68 22.59 0.97
N UNK A 201 36.96 21.53 1.32
CA UNK A 201 37.55 20.20 1.47
C UNK A 201 38.38 19.86 0.23
N UNK A 202 37.86 20.19 -0.95
CA UNK A 202 38.63 19.90 -2.16
C UNK A 202 39.86 20.80 -2.24
N UNK A 203 39.76 22.07 -1.86
CA UNK A 203 40.93 22.93 -1.93
C UNK A 203 42.02 22.42 -1.01
N UNK A 204 41.58 22.16 0.22
CA UNK A 204 42.49 21.64 1.23
C UNK A 204 43.18 20.38 0.72
N UNK A 205 42.60 19.64 -0.22
CA UNK A 205 43.33 18.43 -0.62
C UNK A 205 44.04 18.69 -1.93
N UNK A 206 43.92 19.92 -2.40
CA UNK A 206 44.61 20.26 -3.66
C UNK A 206 44.03 19.43 -4.80
N UNK A 207 42.71 19.39 -4.88
CA UNK A 207 42.01 18.68 -5.95
C UNK A 207 41.24 19.68 -6.82
N UNK A 208 41.15 20.92 -6.36
CA UNK A 208 40.45 21.93 -7.16
C UNK A 208 41.22 22.21 -8.45
N UNK A 209 42.54 22.03 -8.40
CA UNK A 209 43.34 22.29 -9.61
C UNK A 209 42.77 21.46 -10.76
N UNK A 210 42.40 20.20 -10.51
CA UNK A 210 41.84 19.40 -11.61
C UNK A 210 40.33 19.22 -11.53
N UNK A 211 39.61 20.10 -10.86
CA UNK A 211 38.16 19.97 -10.75
C UNK A 211 37.40 21.20 -11.21
N UNK A 212 36.20 21.03 -11.76
CA UNK A 212 35.35 22.13 -12.18
C UNK A 212 34.07 22.01 -11.32
N UNK A 213 33.53 23.11 -10.82
CA UNK A 213 32.30 22.87 -10.01
C UNK A 213 31.12 23.57 -10.64
N UNK A 214 30.13 22.77 -11.09
CA UNK A 214 28.97 23.51 -11.70
C UNK A 214 27.96 23.55 -10.57
N UNK A 215 27.42 24.72 -10.22
CA UNK A 215 26.52 24.69 -9.08
C UNK A 215 25.16 25.30 -9.29
N UNK A 216 24.09 24.49 -9.23
CA UNK A 216 22.71 25.01 -9.33
C UNK A 216 22.05 24.75 -7.96
N UNK A 217 22.13 25.71 -7.06
CA UNK A 217 21.60 25.53 -5.73
C UNK A 217 20.15 25.81 -5.48
N UNK A 218 19.73 25.44 -4.27
CA UNK A 218 18.40 25.54 -3.72
C UNK A 218 17.64 26.77 -4.12
N UNK A 219 18.25 27.97 -4.04
CA UNK A 219 17.52 29.18 -4.44
C UNK A 219 17.65 29.46 -5.93
N UNK A 220 18.29 28.65 -6.77
CA UNK A 220 18.33 29.03 -8.18
C UNK A 220 17.07 28.52 -8.87
N UNK A 221 16.47 29.33 -9.74
CA UNK A 221 15.26 28.97 -10.47
C UNK A 221 15.29 27.56 -11.00
N UNK A 222 14.13 26.92 -11.08
CA UNK A 222 14.02 25.55 -11.57
C UNK A 222 14.83 25.21 -12.82
N UNK A 223 14.67 25.96 -13.89
CA UNK A 223 15.35 25.74 -15.15
C UNK A 223 16.86 25.67 -15.02
N UNK A 224 17.47 26.47 -14.14
CA UNK A 224 18.94 26.37 -13.95
C UNK A 224 19.25 25.05 -13.25
N UNK A 225 18.43 24.69 -12.26
CA UNK A 225 18.68 23.39 -11.62
C UNK A 225 18.49 22.28 -12.66
N UNK A 226 17.51 22.50 -13.54
CA UNK A 226 17.24 21.51 -14.61
C UNK A 226 18.46 21.29 -15.51
N UNK A 227 18.94 22.39 -16.09
CA UNK A 227 20.06 22.43 -17.01
C UNK A 227 21.38 21.97 -16.42
N UNK A 228 21.72 22.46 -15.24
CA UNK A 228 23.00 22.16 -14.64
C UNK A 228 23.70 20.92 -15.09
N UNK A 229 23.12 19.74 -15.04
CA UNK A 229 23.77 18.49 -15.42
C UNK A 229 24.15 18.40 -16.88
N UNK A 230 23.38 19.05 -17.75
CA UNK A 230 23.73 19.02 -19.18
C UNK A 230 24.92 19.97 -19.38
N UNK A 231 24.76 21.18 -18.83
CA UNK A 231 25.84 22.15 -19.02
C UNK A 231 27.12 21.61 -18.41
N UNK A 232 27.03 20.77 -17.38
CA UNK A 232 28.28 20.23 -16.80
C UNK A 232 28.78 19.11 -17.73
N UNK A 233 27.83 18.40 -18.33
CA UNK A 233 28.16 17.30 -19.25
C UNK A 233 28.97 17.81 -20.45
N UNK A 234 28.46 18.89 -21.05
CA UNK A 234 29.18 19.47 -22.18
C UNK A 234 30.62 19.71 -21.77
N UNK A 235 30.83 20.42 -20.67
CA UNK A 235 32.17 20.69 -20.16
C UNK A 235 33.02 19.43 -20.10
N UNK A 236 32.42 18.32 -19.68
CA UNK A 236 33.21 17.09 -19.60
C UNK A 236 33.40 16.46 -20.97
N UNK A 237 32.56 16.87 -21.92
CA UNK A 237 32.66 16.29 -23.27
C UNK A 237 33.88 16.84 -23.97
N UNK A 238 34.17 18.12 -23.73
CA UNK A 238 35.36 18.73 -24.34
C UNK A 238 36.55 17.81 -24.04
N UNK A 239 36.68 17.30 -22.81
CA UNK A 239 37.80 16.42 -22.52
C UNK A 239 37.64 15.11 -23.28
N UNK A 240 36.49 14.47 -23.10
CA UNK A 240 36.24 13.17 -23.73
C UNK A 240 36.67 13.19 -25.20
N UNK A 241 36.10 14.13 -25.96
CA UNK A 241 36.41 14.23 -27.36
C UNK A 241 37.87 14.47 -27.67
N UNK A 242 38.62 15.15 -26.80
CA UNK A 242 40.01 15.43 -27.13
C UNK A 242 41.00 14.46 -26.60
N UNK A 243 40.70 13.17 -26.65
CA UNK A 243 41.66 12.16 -26.18
C UNK A 243 41.97 12.26 -24.71
N UNK A 244 41.26 13.13 -24.00
CA UNK A 244 41.44 13.26 -22.54
C UNK A 244 40.34 12.51 -21.81
N UNK A 245 40.56 12.20 -20.54
CA UNK A 245 39.58 11.50 -19.70
C UNK A 245 38.93 12.43 -18.70
N UNK A 246 37.62 12.29 -18.49
CA UNK A 246 36.93 13.16 -17.54
C UNK A 246 35.89 12.34 -16.75
N UNK A 247 35.79 12.69 -15.47
CA UNK A 247 34.90 12.16 -14.47
C UNK A 247 33.83 13.18 -14.10
N UNK A 248 32.57 12.76 -14.03
CA UNK A 248 31.51 13.71 -13.69
C UNK A 248 30.57 13.14 -12.62
N UNK A 249 30.34 13.99 -11.62
CA UNK A 249 29.46 13.59 -10.51
C UNK A 249 28.19 14.43 -10.56
N UNK A 250 27.04 13.78 -10.65
CA UNK A 250 25.77 14.56 -10.70
C UNK A 250 25.21 14.45 -9.28
N UNK A 251 25.21 15.51 -8.50
CA UNK A 251 24.69 15.33 -7.13
C UNK A 251 23.52 16.26 -6.86
N UNK A 252 22.31 15.77 -6.90
CA UNK A 252 21.73 14.53 -7.17
C UNK A 252 20.85 14.67 -8.48
N UNK A 253 20.48 13.52 -9.02
CA UNK A 253 19.58 13.49 -10.19
C UNK A 253 18.16 13.53 -9.67
N UNK A 254 18.02 13.26 -8.38
CA UNK A 254 16.72 13.30 -7.71
C UNK A 254 16.24 14.76 -7.72
N UNK A 255 17.09 15.70 -7.25
CA UNK A 255 16.66 17.09 -7.23
C UNK A 255 16.41 17.66 -8.60
N UNK A 256 17.19 17.27 -9.63
CA UNK A 256 16.95 17.80 -10.96
C UNK A 256 15.62 17.30 -11.50
N UNK A 257 15.25 16.05 -11.21
CA UNK A 257 13.98 15.46 -11.64
C UNK A 257 12.85 16.33 -11.09
N UNK A 258 13.04 16.70 -9.80
CA UNK A 258 12.05 17.58 -9.17
C UNK A 258 11.94 18.90 -9.90
N UNK A 259 13.04 19.51 -10.30
CA UNK A 259 13.05 20.79 -11.00
C UNK A 259 12.26 20.71 -12.29
N UNK A 260 12.54 19.62 -13.03
CA UNK A 260 11.86 19.34 -14.29
C UNK A 260 10.35 19.09 -14.07
N UNK A 261 10.02 18.26 -13.07
CA UNK A 261 8.62 18.00 -12.78
C UNK A 261 7.93 19.34 -12.52
N UNK A 262 8.52 20.22 -11.74
CA UNK A 262 7.95 21.51 -11.42
C UNK A 262 7.60 22.33 -12.65
N UNK A 263 8.44 22.35 -13.67
CA UNK A 263 8.15 23.13 -14.89
C UNK A 263 7.09 22.44 -15.74
N UNK A 264 7.25 21.11 -15.79
CA UNK A 264 6.30 20.33 -16.58
C UNK A 264 4.88 20.62 -16.11
N UNK A 265 4.61 20.44 -14.82
CA UNK A 265 3.28 20.66 -14.26
C UNK A 265 2.86 22.11 -14.39
N UNK A 266 3.78 23.07 -14.21
CA UNK A 266 3.35 24.47 -14.34
C UNK A 266 3.04 24.79 -15.80
N UNK A 267 3.61 24.08 -16.76
CA UNK A 267 3.31 24.34 -18.19
C UNK A 267 2.07 23.52 -18.56
N UNK A 268 1.58 22.83 -17.52
CA UNK A 268 0.41 21.99 -17.61
C UNK A 268 0.55 20.74 -18.43
N UNK A 269 1.74 20.19 -18.59
CA UNK A 269 1.82 18.94 -19.37
C UNK A 269 1.21 17.86 -18.51
N UNK A 270 0.77 16.75 -19.05
CA UNK A 270 0.16 15.68 -18.28
C UNK A 270 1.10 15.00 -17.30
N UNK A 271 0.64 14.81 -16.07
CA UNK A 271 1.33 14.15 -15.01
C UNK A 271 1.06 12.65 -14.95
N UNK A 272 2.09 11.85 -14.74
CA UNK A 272 2.02 10.41 -14.61
C UNK A 272 2.40 10.08 -13.17
N UNK A 273 2.74 8.88 -12.79
CA UNK A 273 3.11 8.44 -11.45
C UNK A 273 4.02 9.42 -10.74
N UNK A 274 3.72 9.70 -9.48
CA UNK A 274 4.48 10.63 -8.65
C UNK A 274 4.43 12.04 -9.25
N UNK A 275 3.48 12.32 -10.13
CA UNK A 275 3.35 13.60 -10.80
C UNK A 275 4.47 13.90 -11.80
N UNK A 276 5.31 12.94 -12.17
CA UNK A 276 6.38 13.13 -13.13
C UNK A 276 5.86 13.07 -14.57
N UNK A 277 6.38 13.90 -15.45
CA UNK A 277 5.99 13.95 -16.84
C UNK A 277 6.41 12.65 -17.54
N UNK A 278 5.70 12.32 -18.61
CA UNK A 278 6.01 11.11 -19.35
C UNK A 278 7.42 11.11 -19.88
N UNK A 279 8.09 12.25 -19.97
CA UNK A 279 9.45 12.26 -20.53
C UNK A 279 10.57 12.41 -19.53
N UNK A 280 10.34 12.03 -18.28
CA UNK A 280 11.36 12.14 -17.23
C UNK A 280 12.41 11.07 -17.43
N UNK A 281 12.01 9.92 -17.98
CA UNK A 281 12.98 8.85 -18.22
C UNK A 281 13.97 9.34 -19.31
N UNK A 282 13.40 9.96 -20.31
CA UNK A 282 14.15 10.49 -21.45
C UNK A 282 15.04 11.65 -21.05
N UNK A 283 14.74 12.32 -19.94
CA UNK A 283 15.58 13.45 -19.47
C UNK A 283 16.90 12.89 -18.96
N UNK A 284 16.86 11.74 -18.29
CA UNK A 284 18.10 11.22 -17.75
C UNK A 284 18.91 10.35 -18.69
N UNK A 285 18.25 9.58 -19.53
CA UNK A 285 18.82 8.67 -20.51
C UNK A 285 19.59 9.52 -21.52
N UNK A 286 18.98 10.64 -21.92
CA UNK A 286 19.73 11.43 -22.90
C UNK A 286 20.92 12.08 -22.23
N UNK A 287 20.94 12.17 -20.89
CA UNK A 287 22.06 12.76 -20.17
C UNK A 287 23.13 11.72 -19.90
N UNK A 288 22.79 10.60 -19.27
CA UNK A 288 23.68 9.51 -18.92
C UNK A 288 24.26 8.70 -20.07
N UNK A 289 23.78 8.88 -21.29
CA UNK A 289 24.28 8.16 -22.44
C UNK A 289 25.46 9.00 -22.99
N UNK A 290 25.51 10.30 -22.75
CA UNK A 290 26.63 11.10 -23.25
C UNK A 290 27.93 10.71 -22.58
N UNK A 291 27.89 9.77 -21.64
CA UNK A 291 29.14 9.34 -20.99
C UNK A 291 29.54 8.13 -21.82
N UNK A 292 30.81 7.99 -22.20
CA UNK A 292 31.19 6.82 -23.00
C UNK A 292 32.69 6.73 -23.21
N UNK A 293 33.13 5.55 -23.62
CA UNK A 293 34.55 5.34 -23.93
C UNK A 293 34.71 5.41 -25.45
N UNK A 294 35.42 6.40 -25.96
CA UNK A 294 35.63 6.52 -27.40
C UNK A 294 36.66 5.54 -27.94
N UNK A 295 36.68 5.45 -29.28
CA UNK A 295 37.67 4.57 -29.93
C UNK A 295 38.86 5.43 -30.39
N UNK A 296 40.04 4.83 -30.44
CA UNK A 296 41.24 5.55 -30.85
C UNK A 296 40.96 6.36 -32.11
N UNK A 297 40.15 5.75 -32.96
CA UNK A 297 39.77 6.43 -34.20
C UNK A 297 39.18 7.79 -33.86
N UNK A 298 38.62 7.90 -32.66
CA UNK A 298 38.00 9.13 -32.17
C UNK A 298 38.80 9.81 -31.05
N UNK A 299 39.94 9.23 -30.68
CA UNK A 299 40.78 9.84 -29.64
C UNK A 299 40.98 9.00 -28.41
N UNK A 300 40.24 7.91 -28.25
CA UNK A 300 40.32 7.04 -27.08
C UNK A 300 39.95 7.76 -25.77
N UNK A 301 39.48 9.01 -25.86
CA UNK A 301 39.12 9.78 -24.68
C UNK A 301 37.88 9.23 -23.99
N UNK A 302 37.62 9.57 -22.72
CA UNK A 302 36.42 9.03 -22.08
C UNK A 302 35.69 10.02 -21.19
N UNK A 303 34.48 9.65 -20.78
CA UNK A 303 33.66 10.45 -19.85
C UNK A 303 33.01 9.47 -18.87
N UNK A 304 33.46 9.34 -17.62
CA UNK A 304 32.82 8.40 -16.68
C UNK A 304 31.77 9.17 -15.89
N UNK A 305 30.60 8.62 -15.55
CA UNK A 305 29.68 9.48 -14.78
C UNK A 305 29.21 8.78 -13.50
N UNK A 306 29.27 9.58 -12.43
CA UNK A 306 28.81 9.10 -11.11
C UNK A 306 27.59 9.99 -10.78
N UNK A 307 26.43 9.45 -11.09
CA UNK A 307 25.16 10.14 -10.86
C UNK A 307 24.67 9.77 -9.47
N UNK A 308 24.10 10.70 -8.72
CA UNK A 308 23.62 10.29 -7.40
C UNK A 308 22.10 10.28 -7.36
N UNK A 309 21.52 9.26 -6.77
CA UNK A 309 20.05 9.20 -6.64
C UNK A 309 19.73 9.03 -5.14
N UNK A 310 18.76 9.83 -4.66
CA UNK A 310 18.45 9.69 -3.24
C UNK A 310 17.20 8.83 -3.09
N UNK A 311 17.32 7.65 -2.48
CA UNK A 311 16.11 6.83 -2.33
C UNK A 311 15.35 7.26 -1.06
N UNK A 312 14.16 6.68 -0.86
CA UNK A 312 13.40 7.03 0.32
C UNK A 312 13.06 5.78 1.12
N UNK A 313 13.49 5.70 2.38
CA UNK A 313 13.17 4.47 3.12
C UNK A 313 13.62 3.26 2.29
N UNK A 314 14.74 3.39 1.58
CA UNK A 314 15.31 2.33 0.78
C UNK A 314 14.48 1.79 -0.34
N UNK A 315 13.52 2.55 -0.85
CA UNK A 315 12.62 2.17 -1.94
C UNK A 315 13.30 2.34 -3.28
N UNK A 316 14.20 1.41 -3.58
CA UNK A 316 14.92 1.49 -4.84
C UNK A 316 14.00 1.36 -6.04
N UNK A 317 12.77 0.90 -5.87
CA UNK A 317 11.80 0.76 -6.95
C UNK A 317 10.91 1.97 -7.13
N UNK A 318 11.14 3.04 -6.42
CA UNK A 318 10.24 4.20 -6.59
C UNK A 318 10.48 4.65 -8.02
N UNK A 319 9.80 5.62 -8.55
CA UNK A 319 10.00 5.98 -9.96
C UNK A 319 11.34 6.39 -10.46
N UNK A 320 11.89 7.54 -10.08
CA UNK A 320 13.20 8.00 -10.51
C UNK A 320 14.30 7.04 -10.17
N UNK A 321 14.40 6.46 -9.00
CA UNK A 321 15.44 5.49 -8.69
C UNK A 321 15.32 4.34 -9.69
N UNK A 322 14.12 3.96 -10.11
CA UNK A 322 13.98 2.87 -11.08
C UNK A 322 14.53 3.20 -12.46
N UNK A 323 14.28 4.41 -12.93
CA UNK A 323 14.77 4.80 -14.24
C UNK A 323 16.29 4.71 -14.32
N UNK A 324 16.92 5.52 -13.49
CA UNK A 324 18.36 5.65 -13.43
C UNK A 324 19.07 4.35 -13.14
N UNK A 325 18.43 3.49 -12.31
CA UNK A 325 19.13 2.20 -12.06
C UNK A 325 19.16 1.45 -13.39
N UNK A 326 17.99 1.53 -14.05
CA UNK A 326 17.79 0.89 -15.32
C UNK A 326 18.64 1.47 -16.44
N UNK A 327 19.21 2.65 -16.25
CA UNK A 327 19.99 3.26 -17.32
C UNK A 327 21.50 3.03 -17.23
N UNK A 328 22.00 2.97 -16.01
CA UNK A 328 23.41 2.86 -15.66
C UNK A 328 23.93 1.45 -15.65
N UNK A 329 25.26 1.31 -15.65
CA UNK A 329 25.96 0.05 -15.71
C UNK A 329 26.16 -0.66 -14.40
N UNK A 330 25.64 -0.11 -13.32
CA UNK A 330 25.83 -0.76 -12.00
C UNK A 330 25.41 0.25 -10.93
N UNK A 331 25.34 -0.21 -9.70
CA UNK A 331 24.93 0.62 -8.60
C UNK A 331 25.76 0.30 -7.34
N UNK A 332 26.05 1.36 -6.58
CA UNK A 332 26.76 1.19 -5.29
C UNK A 332 25.64 1.46 -4.30
N UNK A 333 25.10 0.46 -3.64
CA UNK A 333 24.00 0.68 -2.71
C UNK A 333 24.43 0.98 -1.29
N UNK A 334 24.15 2.16 -0.75
CA UNK A 334 24.53 2.45 0.64
C UNK A 334 23.40 2.19 1.62
N UNK A 335 23.65 1.74 2.84
CA UNK A 335 22.59 1.49 3.79
C UNK A 335 22.81 2.02 5.20
N UNK A 336 21.75 2.64 5.73
CA UNK A 336 21.79 3.16 7.09
C UNK A 336 22.14 2.09 8.11
N UNK A 337 21.41 0.99 8.10
CA UNK A 337 21.69 -0.09 9.05
C UNK A 337 23.18 -0.37 9.03
N UNK A 338 23.77 -0.59 7.86
CA UNK A 338 25.21 -0.84 7.77
C UNK A 338 25.99 0.32 8.40
N UNK A 339 25.73 1.53 7.90
CA UNK A 339 26.37 2.71 8.43
C UNK A 339 26.38 2.64 9.95
N UNK A 340 25.23 2.67 10.62
CA UNK A 340 25.22 2.66 12.07
C UNK A 340 25.82 1.44 12.69
N UNK A 341 25.93 0.33 11.97
CA UNK A 341 26.53 -0.88 12.55
C UNK A 341 28.04 -0.76 12.49
N UNK A 342 28.57 0.32 11.93
CA UNK A 342 30.02 0.45 11.90
C UNK A 342 30.63 0.23 10.54
N UNK A 343 29.85 -0.21 9.57
CA UNK A 343 30.42 -0.40 8.22
C UNK A 343 30.43 0.95 7.51
N UNK A 344 31.54 1.61 7.42
CA UNK A 344 31.62 2.89 6.71
C UNK A 344 32.83 2.85 5.80
N UNK A 345 32.67 3.02 4.52
CA UNK A 345 31.45 3.32 3.83
C UNK A 345 30.39 2.24 3.84
N UNK A 346 29.14 2.66 3.97
CA UNK A 346 27.98 1.80 4.05
C UNK A 346 27.65 0.98 2.83
N UNK A 347 28.62 0.61 2.00
CA UNK A 347 28.28 -0.18 0.81
C UNK A 347 27.70 -1.55 1.09
N UNK A 348 26.51 -1.81 0.54
CA UNK A 348 25.89 -3.13 0.70
C UNK A 348 26.54 -3.95 -0.43
N UNK A 349 27.56 -4.72 -0.06
CA UNK A 349 28.31 -5.46 -1.09
C UNK A 349 27.49 -6.47 -1.83
N UNK A 350 26.54 -7.18 -1.26
CA UNK A 350 25.71 -8.11 -1.97
C UNK A 350 24.86 -7.47 -3.05
N UNK A 351 24.23 -6.32 -2.82
CA UNK A 351 23.40 -5.72 -3.85
C UNK A 351 24.08 -4.77 -4.79
N UNK A 352 25.33 -4.40 -4.50
CA UNK A 352 26.01 -3.42 -5.38
C UNK A 352 26.46 -4.14 -6.63
N UNK A 353 26.66 -3.47 -7.76
CA UNK A 353 27.02 -4.21 -8.96
C UNK A 353 27.89 -3.38 -9.91
N UNK A 354 28.59 -4.09 -10.79
CA UNK A 354 29.37 -3.43 -11.82
C UNK A 354 29.23 -4.28 -13.10
N UNK A 355 28.31 -3.83 -13.97
CA UNK A 355 28.15 -4.58 -15.23
C UNK A 355 29.54 -4.65 -15.87
N UNK A 356 30.30 -3.57 -15.94
CA UNK A 356 31.63 -3.64 -16.53
C UNK A 356 32.53 -4.67 -15.87
N UNK A 357 32.46 -4.86 -14.56
CA UNK A 357 33.27 -5.82 -13.83
C UNK A 357 34.78 -5.75 -13.98
N UNK A 358 35.41 -6.93 -13.93
CA UNK A 358 36.85 -7.08 -14.05
C UNK A 358 37.39 -6.49 -15.32
N UNK A 359 36.56 -6.34 -16.35
CA UNK A 359 37.07 -5.73 -17.59
C UNK A 359 37.73 -4.41 -17.20
N UNK A 360 37.56 -4.02 -15.94
CA UNK A 360 38.09 -2.76 -15.45
C UNK A 360 38.98 -2.90 -14.24
N UNK A 361 39.18 -4.11 -13.71
CA UNK A 361 40.08 -4.29 -12.57
C UNK A 361 41.49 -4.54 -13.14
N UNK A 362 41.36 -3.18 -12.86
CA UNK A 362 42.73 -3.31 -13.38
C UNK A 362 43.11 -4.77 -13.22
N UNK A 363 44.12 -5.28 -13.91
CA UNK A 363 44.44 -6.71 -13.72
C UNK A 363 45.01 -7.00 -12.33
N UNK A 364 45.63 -5.98 -11.76
CA UNK A 364 46.24 -6.08 -10.44
C UNK A 364 45.17 -6.40 -9.39
N UNK A 365 44.14 -5.54 -9.45
CA UNK A 365 43.01 -5.62 -8.54
C UNK A 365 42.27 -6.95 -8.70
N UNK A 366 41.92 -7.25 -9.95
CA UNK A 366 41.22 -8.50 -10.26
C UNK A 366 41.96 -9.68 -9.63
N UNK A 367 43.27 -9.62 -9.77
CA UNK A 367 44.16 -10.67 -9.23
C UNK A 367 43.82 -10.94 -7.77
N UNK A 368 43.26 -9.93 -7.09
CA UNK A 368 42.91 -10.09 -5.69
C UNK A 368 41.42 -9.98 -5.44
N UNK A 369 40.83 -8.94 -6.00
CA UNK A 369 39.40 -8.66 -5.87
C UNK A 369 38.55 -9.91 -5.97
N UNK A 370 38.83 -10.73 -6.95
CA UNK A 370 38.14 -11.94 -7.26
C UNK A 370 38.01 -12.96 -6.18
N UNK A 371 39.09 -13.27 -5.45
CA UNK A 371 38.88 -14.30 -4.42
C UNK A 371 38.24 -13.66 -3.20
N UNK A 372 38.52 -12.38 -2.99
CA UNK A 372 37.92 -11.66 -1.86
C UNK A 372 36.41 -11.63 -2.03
N UNK A 373 35.97 -11.20 -3.21
CA UNK A 373 34.55 -11.16 -3.48
C UNK A 373 33.90 -12.48 -3.08
N UNK A 374 34.55 -13.58 -3.44
CA UNK A 374 34.08 -14.92 -3.17
C UNK A 374 34.10 -15.43 -1.75
N UNK A 375 35.12 -15.16 -0.94
CA UNK A 375 35.11 -15.65 0.45
C UNK A 375 34.07 -14.81 1.23
N UNK A 376 33.96 -13.54 0.80
CA UNK A 376 32.98 -12.70 1.48
C UNK A 376 31.59 -13.24 1.23
N UNK A 377 31.24 -13.44 -0.04
CA UNK A 377 29.91 -13.98 -0.34
C UNK A 377 29.67 -15.23 0.51
N UNK A 378 30.73 -16.03 0.66
CA UNK A 378 30.67 -17.27 1.43
C UNK A 378 30.47 -17.02 2.91
N UNK A 379 31.16 -16.00 3.44
CA UNK A 379 31.00 -15.63 4.84
C UNK A 379 29.53 -15.21 5.02
N UNK A 380 29.11 -14.29 4.15
CA UNK A 380 27.75 -13.79 4.23
C UNK A 380 26.77 -14.95 4.37
N UNK A 381 27.04 -16.10 3.76
CA UNK A 381 26.10 -17.22 3.93
C UNK A 381 26.07 -17.70 5.37
N UNK A 382 27.21 -17.82 6.01
CA UNK A 382 27.34 -18.30 7.38
C UNK A 382 27.38 -17.31 8.50
N UNK A 383 27.79 -16.06 8.32
CA UNK A 383 27.89 -15.03 9.31
C UNK A 383 26.92 -15.15 10.47
N UNK A 384 25.63 -15.20 10.21
CA UNK A 384 24.62 -15.30 11.25
C UNK A 384 24.89 -16.40 12.28
N UNK A 385 25.53 -17.48 11.89
CA UNK A 385 25.83 -18.58 12.77
C UNK A 385 26.80 -18.23 13.88
N UNK A 386 27.84 -17.48 13.52
CA UNK A 386 28.87 -17.07 14.45
C UNK A 386 28.41 -17.01 15.91
N UNK A 387 27.62 -16.01 16.24
CA UNK A 387 27.10 -15.73 17.54
C UNK A 387 26.36 -16.81 18.28
N UNK A 388 26.23 -18.00 17.74
CA UNK A 388 25.55 -19.11 18.39
C UNK A 388 26.24 -20.43 18.00
N UNK A 389 27.36 -20.27 17.30
CA UNK A 389 28.16 -21.37 16.81
C UNK A 389 28.82 -22.17 17.92
N UNK A 390 27.99 -22.74 18.77
CA UNK A 390 28.36 -23.54 19.91
C UNK A 390 29.19 -24.77 19.53
N UNK A 391 29.29 -25.05 18.21
CA UNK A 391 30.07 -26.21 17.80
C UNK A 391 30.09 -26.44 16.31
N UNK A 392 30.58 -25.45 15.55
CA UNK A 392 30.65 -25.59 14.10
C UNK A 392 31.95 -26.30 13.67
N UNK A 393 31.81 -27.04 12.58
CA UNK A 393 32.94 -27.76 12.00
C UNK A 393 34.03 -26.75 11.62
N UNK A 394 35.28 -27.19 11.50
CA UNK A 394 36.33 -26.24 11.13
C UNK A 394 36.22 -25.83 9.67
N UNK A 395 35.30 -26.42 8.90
CA UNK A 395 35.21 -26.00 7.50
C UNK A 395 34.65 -24.57 7.46
N UNK A 396 33.45 -24.45 7.99
CA UNK A 396 32.73 -23.18 8.07
C UNK A 396 33.37 -22.25 9.10
N UNK A 397 33.94 -22.83 10.15
CA UNK A 397 34.62 -22.00 11.16
C UNK A 397 35.77 -21.26 10.47
N UNK A 398 36.22 -21.84 9.36
CA UNK A 398 37.29 -21.21 8.59
C UNK A 398 36.70 -19.98 7.90
N UNK A 399 35.60 -20.17 7.16
CA UNK A 399 35.01 -19.03 6.48
C UNK A 399 34.61 -17.94 7.45
N UNK A 400 34.25 -18.25 8.70
CA UNK A 400 33.92 -17.12 9.60
C UNK A 400 35.18 -16.29 9.83
N UNK A 401 36.31 -16.98 10.03
CA UNK A 401 37.55 -16.25 10.24
C UNK A 401 37.93 -15.45 9.02
N UNK A 402 38.02 -16.05 7.83
CA UNK A 402 38.36 -15.22 6.67
C UNK A 402 37.37 -14.04 6.61
N UNK A 403 36.11 -14.38 6.88
CA UNK A 403 35.02 -13.42 6.86
C UNK A 403 35.30 -12.16 7.63
N UNK A 404 35.58 -12.24 8.93
CA UNK A 404 35.81 -11.08 9.76
C UNK A 404 37.10 -10.31 9.46
N UNK A 405 38.13 -11.00 9.01
CA UNK A 405 39.37 -10.31 8.64
C UNK A 405 39.14 -9.59 7.31
N UNK A 406 38.65 -10.32 6.30
CA UNK A 406 38.43 -9.62 5.03
C UNK A 406 37.59 -8.37 5.28
N UNK A 407 36.56 -8.49 6.11
CA UNK A 407 35.68 -7.37 6.44
C UNK A 407 36.42 -6.21 7.09
N UNK A 408 37.36 -6.54 7.96
CA UNK A 408 38.14 -5.49 8.62
C UNK A 408 39.05 -4.79 7.62
N UNK A 409 39.36 -5.48 6.51
CA UNK A 409 40.27 -4.90 5.52
C UNK A 409 39.52 -3.88 4.68
N UNK A 410 38.20 -4.04 4.60
CA UNK A 410 37.39 -3.10 3.82
C UNK A 410 37.12 -1.81 4.55
N UNK A 411 37.42 -1.77 5.86
CA UNK A 411 37.20 -0.55 6.64
C UNK A 411 38.04 0.60 6.15
N UNK A 412 37.70 1.85 6.43
CA UNK A 412 38.51 2.94 5.94
C UNK A 412 38.14 4.29 6.58
N UNK A 413 39.18 5.08 6.86
CA UNK A 413 38.95 6.40 7.44
C UNK A 413 38.69 7.26 6.19
N UNK A 414 38.23 8.44 6.41
CA UNK A 414 37.84 9.43 5.43
C UNK A 414 38.99 10.31 4.96
N UNK A 415 38.84 11.04 3.86
CA UNK A 415 39.88 11.94 3.39
C UNK A 415 41.23 11.29 3.13
N UNK A 416 41.26 9.98 3.01
CA UNK A 416 42.53 9.31 2.74
C UNK A 416 42.30 8.18 1.74
N UNK A 417 42.08 8.55 0.49
CA UNK A 417 41.86 7.63 -0.61
C UNK A 417 43.16 6.92 -1.01
N UNK A 418 43.16 5.61 -1.29
CA UNK A 418 44.43 5.00 -1.66
C UNK A 418 44.67 4.72 -3.14
N UNK A 419 45.97 4.62 -3.44
CA UNK A 419 46.52 4.32 -4.75
C UNK A 419 46.28 2.80 -4.96
N UNK A 420 45.74 2.47 -6.11
CA UNK A 420 45.39 1.10 -6.42
C UNK A 420 46.44 0.10 -5.99
N UNK A 421 47.72 0.45 -6.03
CA UNK A 421 48.81 -0.44 -5.66
C UNK A 421 48.89 -0.73 -4.16
N UNK A 422 48.49 0.25 -3.36
CA UNK A 422 48.46 0.15 -1.92
C UNK A 422 47.28 -0.72 -1.48
N UNK A 423 46.16 -0.58 -2.19
CA UNK A 423 44.98 -1.37 -1.91
C UNK A 423 45.28 -2.86 -2.20
N UNK A 424 45.84 -3.20 -3.37
CA UNK A 424 46.10 -4.61 -3.58
C UNK A 424 47.12 -5.16 -2.61
N UNK A 425 48.14 -4.39 -2.25
CA UNK A 425 49.14 -4.92 -1.31
C UNK A 425 48.47 -5.32 0.00
N UNK A 426 47.58 -4.45 0.52
CA UNK A 426 46.88 -4.77 1.77
C UNK A 426 45.89 -5.90 1.59
N UNK A 427 45.07 -5.86 0.53
CA UNK A 427 44.09 -6.92 0.29
C UNK A 427 44.83 -8.26 0.20
N UNK A 428 45.95 -8.26 -0.52
CA UNK A 428 46.72 -9.49 -0.66
C UNK A 428 46.99 -10.10 0.70
N UNK A 429 47.39 -9.27 1.66
CA UNK A 429 47.72 -9.71 3.00
C UNK A 429 46.67 -10.61 3.65
N UNK A 430 45.41 -10.25 3.69
CA UNK A 430 44.41 -11.11 4.34
C UNK A 430 43.91 -12.21 3.43
N UNK A 431 43.69 -11.85 2.18
CA UNK A 431 43.22 -12.78 1.14
C UNK A 431 44.13 -13.98 1.04
N UNK A 432 45.45 -13.75 1.11
CA UNK A 432 46.42 -14.82 1.05
C UNK A 432 46.40 -15.63 2.34
N UNK A 433 45.80 -15.11 3.40
CA UNK A 433 45.76 -15.83 4.67
C UNK A 433 46.69 -15.28 5.71
N UNK A 434 47.57 -14.34 5.40
CA UNK A 434 48.48 -13.81 6.40
C UNK A 434 47.86 -13.24 7.65
N UNK A 435 46.67 -12.63 7.62
CA UNK A 435 46.12 -12.10 8.87
C UNK A 435 45.18 -13.08 9.54
N UNK A 436 45.08 -14.31 9.04
CA UNK A 436 44.17 -15.29 9.62
C UNK A 436 44.46 -15.62 11.08
N UNK A 437 45.73 -15.54 11.47
CA UNK A 437 46.06 -15.85 12.87
C UNK A 437 46.16 -14.56 13.69
N UNK A 438 46.01 -13.44 13.01
CA UNK A 438 46.02 -12.13 13.66
C UNK A 438 44.67 -11.89 14.32
N UNK A 439 44.61 -11.00 15.30
CA UNK A 439 43.37 -10.68 15.99
C UNK A 439 42.55 -9.66 15.23
N UNK A 440 41.29 -9.93 15.03
CA UNK A 440 40.36 -9.02 14.35
C UNK A 440 40.59 -7.60 14.87
N UNK A 441 40.65 -7.47 16.19
CA UNK A 441 40.86 -6.16 16.79
C UNK A 441 42.12 -5.47 16.31
N UNK A 442 43.10 -6.17 15.74
CA UNK A 442 44.32 -5.57 15.27
C UNK A 442 44.45 -5.30 13.78
N UNK A 443 43.67 -5.91 12.90
CA UNK A 443 43.80 -5.69 11.47
C UNK A 443 43.86 -4.21 11.10
N UNK A 444 43.06 -3.37 11.74
CA UNK A 444 43.07 -1.94 11.41
C UNK A 444 44.43 -1.32 11.68
N UNK A 445 45.07 -1.76 12.75
CA UNK A 445 46.37 -1.28 13.19
C UNK A 445 47.49 -1.86 12.32
N UNK A 446 47.32 -3.12 11.96
CA UNK A 446 48.24 -3.84 11.11
C UNK A 446 48.39 -3.13 9.76
N UNK A 447 47.29 -3.04 9.03
CA UNK A 447 47.23 -2.43 7.72
C UNK A 447 47.92 -1.06 7.70
N UNK A 448 47.47 -0.22 8.60
CA UNK A 448 47.93 1.12 8.78
C UNK A 448 49.45 1.22 8.80
N UNK A 449 50.04 0.44 9.70
CA UNK A 449 51.47 0.35 9.90
C UNK A 449 52.16 -0.44 8.79
N UNK A 450 51.50 -1.50 8.35
CA UNK A 450 52.05 -2.31 7.28
C UNK A 450 52.17 -1.43 6.04
N UNK A 451 51.11 -0.68 5.79
CA UNK A 451 51.08 0.18 4.60
C UNK A 451 52.02 1.35 4.74
N UNK A 452 52.28 1.74 5.97
CA UNK A 452 53.17 2.88 6.24
C UNK A 452 54.59 2.44 5.88
N UNK A 453 54.82 1.18 6.26
CA UNK A 453 56.09 0.54 6.01
C UNK A 453 56.43 0.40 4.54
N UNK A 454 55.55 -0.21 3.73
CA UNK A 454 55.82 -0.39 2.31
C UNK A 454 55.77 0.90 1.52
N UNK A 455 55.06 1.91 2.00
CA UNK A 455 54.99 3.20 1.32
C UNK A 455 56.30 3.91 1.63
N UNK A 456 56.95 3.50 2.69
CA UNK A 456 58.23 4.10 3.12
C UNK A 456 59.43 3.39 2.48
N UNK A 457 59.61 2.16 2.89
CA UNK A 457 60.67 1.28 2.50
C UNK A 457 60.53 0.63 1.14
N UNK A 458 59.36 0.14 0.77
CA UNK A 458 59.15 -0.54 -0.49
C UNK A 458 58.52 0.15 -1.66
N UNK A 459 58.81 1.41 -1.95
CA UNK A 459 58.20 2.05 -3.10
C UNK A 459 58.64 1.51 -4.43
N UNK A 460 59.50 0.52 -4.44
CA UNK A 460 59.96 -0.04 -5.69
C UNK A 460 59.12 -1.24 -6.10
N UNK A 461 58.53 -1.89 -5.11
CA UNK A 461 57.68 -3.05 -5.37
C UNK A 461 56.31 -2.53 -5.83
N UNK A 462 55.86 -1.51 -5.10
CA UNK A 462 54.58 -0.91 -5.42
C UNK A 462 54.68 -0.31 -6.82
N UNK A 463 55.84 0.26 -7.14
CA UNK A 463 56.04 0.85 -8.48
C UNK A 463 55.96 -0.27 -9.52
N UNK A 464 56.40 -1.47 -9.13
CA UNK A 464 56.37 -2.62 -10.03
C UNK A 464 54.89 -2.96 -10.24
N UNK A 465 54.27 -3.40 -9.15
CA UNK A 465 52.85 -3.76 -9.14
C UNK A 465 52.10 -2.76 -10.01
N UNK A 466 52.39 -1.51 -9.73
CA UNK A 466 51.78 -0.41 -10.49
C UNK A 466 52.08 -0.67 -11.96
N UNK A 467 53.31 -0.45 -12.38
CA UNK A 467 53.73 -0.65 -13.75
C UNK A 467 53.30 -1.97 -14.34
N UNK A 468 53.87 -3.09 -13.92
CA UNK A 468 53.49 -4.39 -14.45
C UNK A 468 51.99 -4.60 -14.44
N UNK A 469 51.28 -3.71 -13.76
CA UNK A 469 49.84 -3.78 -13.66
C UNK A 469 49.32 -5.03 -12.98
N UNK A 470 50.18 -5.95 -12.56
CA UNK A 470 49.67 -7.16 -11.89
C UNK A 470 50.64 -7.62 -10.83
N UNK A 471 50.41 -8.77 -10.20
CA UNK A 471 51.37 -9.24 -9.17
C UNK A 471 52.21 -10.35 -9.81
N UNK A 472 53.41 -9.95 -10.25
CA UNK A 472 54.30 -10.95 -10.86
C UNK A 472 54.64 -12.02 -9.85
N UNK A 473 55.08 -13.15 -10.35
CA UNK A 473 55.46 -14.28 -9.48
C UNK A 473 56.54 -13.86 -8.49
N UNK A 474 57.36 -12.90 -8.93
CA UNK A 474 58.45 -12.30 -8.20
C UNK A 474 57.92 -11.45 -7.04
N UNK A 475 57.39 -10.30 -7.44
CA UNK A 475 56.79 -9.35 -6.51
C UNK A 475 55.89 -10.13 -5.54
N UNK A 476 55.39 -11.25 -6.03
CA UNK A 476 54.53 -12.06 -5.16
C UNK A 476 55.36 -12.56 -3.99
N UNK A 477 56.51 -13.13 -4.32
CA UNK A 477 57.45 -13.68 -3.36
C UNK A 477 58.03 -12.63 -2.44
N UNK A 478 58.27 -11.44 -2.99
CA UNK A 478 58.80 -10.34 -2.21
C UNK A 478 57.78 -9.89 -1.17
N UNK A 479 56.52 -9.87 -1.56
CA UNK A 479 55.44 -9.49 -0.64
C UNK A 479 55.35 -10.57 0.43
N UNK A 480 55.45 -11.84 0.03
CA UNK A 480 55.36 -12.90 1.06
C UNK A 480 56.32 -12.60 2.20
N UNK A 481 57.59 -12.39 1.91
CA UNK A 481 58.60 -12.09 2.90
C UNK A 481 58.31 -10.79 3.63
N UNK A 482 58.02 -9.73 2.88
CA UNK A 482 57.71 -8.46 3.52
C UNK A 482 56.61 -8.65 4.56
N UNK A 483 55.56 -9.45 4.31
CA UNK A 483 54.49 -9.56 5.30
C UNK A 483 54.77 -10.58 6.40
N UNK A 484 55.52 -11.62 6.08
CA UNK A 484 55.82 -12.63 7.10
C UNK A 484 56.86 -12.14 8.07
N UNK A 485 57.60 -11.10 7.70
CA UNK A 485 58.64 -10.59 8.62
C UNK A 485 58.07 -9.43 9.40
N UNK A 486 57.18 -8.69 8.73
CA UNK A 486 56.50 -7.56 9.36
C UNK A 486 55.52 -8.09 10.40
N UNK A 487 54.81 -9.17 10.04
CA UNK A 487 53.87 -9.77 10.99
C UNK A 487 54.61 -10.24 12.24
N UNK A 488 55.73 -10.92 12.04
CA UNK A 488 56.56 -11.42 13.14
C UNK A 488 56.92 -10.22 14.02
N UNK A 489 57.40 -9.20 13.32
CA UNK A 489 57.76 -7.97 14.05
C UNK A 489 56.51 -7.58 14.87
N UNK A 490 55.39 -7.44 14.18
CA UNK A 490 54.12 -7.04 14.72
C UNK A 490 53.65 -7.75 15.97
N UNK A 491 53.82 -9.04 16.15
CA UNK A 491 53.36 -9.72 17.36
C UNK A 491 54.45 -10.08 18.36
N UNK A 492 55.37 -9.14 18.56
CA UNK A 492 56.49 -9.27 19.45
C UNK A 492 56.20 -8.57 20.78
N UNK B 14 -26.60 16.72 -45.32
CA UNK B 14 -27.59 16.18 -44.41
C UNK B 14 -26.99 15.75 -43.07
N UNK B 15 -27.22 16.59 -42.06
CA UNK B 15 -26.71 16.26 -40.72
C UNK B 15 -27.75 15.61 -39.83
N UNK B 16 -28.84 15.16 -40.44
CA UNK B 16 -29.91 14.53 -39.66
C UNK B 16 -29.74 13.01 -39.64
N UNK B 17 -29.35 12.44 -40.77
CA UNK B 17 -29.20 10.99 -40.83
C UNK B 17 -27.75 10.61 -41.11
N UNK B 18 -26.94 11.66 -41.28
CA UNK B 18 -25.52 11.42 -41.58
C UNK B 18 -24.63 12.23 -40.65
N UNK B 19 -23.33 11.94 -40.66
CA UNK B 19 -22.36 12.65 -39.87
C UNK B 19 -20.99 12.56 -40.52
N UNK B 20 -20.11 13.53 -40.25
CA UNK B 20 -18.75 13.47 -40.81
C UNK B 20 -17.87 13.27 -39.58
N UNK B 21 -16.92 12.35 -39.62
CA UNK B 21 -16.05 12.08 -38.47
C UNK B 21 -15.24 13.32 -38.07
N UNK B 22 -15.21 13.65 -36.78
CA UNK B 22 -14.46 14.80 -36.31
C UNK B 22 -13.05 14.34 -35.93
N UNK B 23 -12.99 13.12 -35.43
CA UNK B 23 -11.70 12.58 -34.98
C UNK B 23 -11.81 11.10 -34.62
N UNK B 24 -10.85 10.31 -35.06
CA UNK B 24 -10.84 8.88 -34.73
C UNK B 24 -9.51 8.67 -33.97
N UNK B 25 -9.52 7.81 -32.97
CA UNK B 25 -8.37 7.52 -32.13
C UNK B 25 -8.81 6.73 -30.89
N UNK B 26 -8.00 5.69 -30.62
CA UNK B 26 -8.32 4.85 -29.45
C UNK B 26 -9.71 4.28 -29.58
N UNK B 27 -10.06 3.89 -30.82
CA UNK B 27 -11.31 3.27 -31.14
C UNK B 27 -12.59 3.97 -30.74
N UNK B 28 -12.49 5.28 -30.62
CA UNK B 28 -13.72 6.03 -30.31
C UNK B 28 -13.78 7.09 -31.40
N UNK B 29 -14.78 7.03 -32.26
CA UNK B 29 -14.85 8.05 -33.33
C UNK B 29 -15.79 9.14 -32.84
N UNK B 30 -15.36 10.39 -32.98
CA UNK B 30 -16.27 11.45 -32.52
C UNK B 30 -16.91 12.03 -33.77
N UNK B 31 -18.16 11.66 -34.05
CA UNK B 31 -18.87 12.11 -35.23
C UNK B 31 -19.66 13.39 -35.00
N UNK B 32 -19.75 14.20 -36.06
CA UNK B 32 -20.48 15.46 -36.02
C UNK B 32 -21.77 15.28 -36.81
N UNK B 33 -22.93 15.61 -36.27
CA UNK B 33 -24.17 15.40 -37.03
C UNK B 33 -24.92 14.20 -36.46
N UNK B 34 -25.56 13.41 -37.31
CA UNK B 34 -26.31 12.24 -36.81
C UNK B 34 -27.31 12.72 -35.78
N UNK B 35 -27.94 13.88 -36.06
CA UNK B 35 -28.89 14.40 -35.12
C UNK B 35 -30.07 13.47 -34.86
N UNK B 36 -30.24 12.44 -35.67
CA UNK B 36 -31.39 11.56 -35.38
C UNK B 36 -31.01 10.24 -34.79
N UNK B 37 -29.72 9.93 -34.59
CA UNK B 37 -29.40 8.64 -34.02
C UNK B 37 -30.05 8.45 -32.64
N UNK B 38 -30.36 7.18 -32.36
CA UNK B 38 -30.89 6.85 -31.04
C UNK B 38 -29.69 6.35 -30.22
N UNK B 39 -29.82 6.31 -28.90
CA UNK B 39 -28.63 5.79 -28.15
C UNK B 39 -28.52 4.29 -28.41
N UNK B 40 -27.33 3.81 -28.73
CA UNK B 40 -27.05 2.40 -28.97
C UNK B 40 -27.51 1.87 -30.31
N UNK B 41 -27.66 2.77 -31.28
CA UNK B 41 -28.11 2.32 -32.62
C UNK B 41 -26.86 1.98 -33.40
N UNK B 42 -26.90 1.05 -34.33
CA UNK B 42 -25.79 0.71 -35.19
C UNK B 42 -25.58 1.81 -36.25
N UNK B 43 -24.39 2.22 -36.60
CA UNK B 43 -24.27 3.27 -37.64
C UNK B 43 -23.27 2.72 -38.64
N UNK B 44 -23.03 3.30 -39.80
CA UNK B 44 -22.07 2.72 -40.74
C UNK B 44 -21.00 3.69 -41.22
N UNK B 45 -19.76 3.22 -41.32
CA UNK B 45 -18.69 4.12 -41.77
C UNK B 45 -18.44 4.02 -43.25
N UNK B 46 -17.99 5.08 -43.90
CA UNK B 46 -17.71 5.05 -45.34
C UNK B 46 -17.09 3.72 -45.77
N UNK B 47 -16.24 3.17 -44.94
CA UNK B 47 -15.53 1.92 -45.18
C UNK B 47 -16.31 0.68 -44.80
N UNK B 48 -17.62 0.78 -44.74
CA UNK B 48 -18.44 -0.36 -44.38
C UNK B 48 -18.11 -0.89 -43.00
N UNK B 49 -17.49 -0.08 -42.17
CA UNK B 49 -17.16 -0.52 -40.78
C UNK B 49 -18.41 -0.21 -39.93
N UNK B 50 -18.59 -0.92 -38.82
CA UNK B 50 -19.79 -0.62 -38.04
C UNK B 50 -19.49 -0.03 -36.68
N UNK B 51 -20.44 0.64 -36.06
CA UNK B 51 -20.19 1.22 -34.75
C UNK B 51 -21.48 1.31 -33.96
N UNK B 52 -21.34 1.57 -32.66
CA UNK B 52 -22.47 1.71 -31.77
C UNK B 52 -22.48 3.14 -31.20
N UNK B 53 -23.58 3.87 -31.34
CA UNK B 53 -23.68 5.23 -30.79
C UNK B 53 -23.77 5.04 -29.26
N UNK B 54 -22.70 5.41 -28.58
CA UNK B 54 -22.57 5.28 -27.15
C UNK B 54 -23.01 6.50 -26.39
N UNK B 55 -22.34 7.63 -26.69
CA UNK B 55 -22.62 8.89 -26.06
C UNK B 55 -23.35 9.85 -27.00
N UNK B 56 -24.49 10.33 -26.52
CA UNK B 56 -25.22 11.32 -27.32
C UNK B 56 -25.01 12.64 -26.56
N UNK B 57 -24.02 13.38 -27.03
CA UNK B 57 -23.66 14.65 -26.42
C UNK B 57 -24.21 15.80 -27.27
N UNK B 58 -24.45 16.93 -26.63
CA UNK B 58 -24.96 18.12 -27.24
C UNK B 58 -24.31 18.48 -28.54
N UNK B 59 -23.18 17.94 -28.97
CA UNK B 59 -22.67 18.47 -30.26
C UNK B 59 -21.75 17.49 -30.91
N UNK B 60 -22.05 16.22 -30.72
CA UNK B 60 -21.28 15.14 -31.33
C UNK B 60 -21.79 13.82 -30.76
N UNK B 61 -21.47 12.74 -31.44
CA UNK B 61 -21.88 11.41 -31.01
C UNK B 61 -20.63 10.60 -30.76
N UNK B 62 -20.46 10.05 -29.56
CA UNK B 62 -19.23 9.24 -29.40
C UNK B 62 -19.61 7.85 -29.96
N UNK B 63 -18.91 7.40 -30.99
CA UNK B 63 -19.25 6.07 -31.54
C UNK B 63 -18.15 5.06 -31.23
N UNK B 64 -18.52 3.84 -30.90
CA UNK B 64 -17.59 2.75 -30.61
C UNK B 64 -17.45 1.93 -31.89
N UNK B 65 -16.29 1.96 -32.51
CA UNK B 65 -16.02 1.27 -33.77
C UNK B 65 -15.82 -0.22 -33.59
N UNK B 66 -16.59 -1.05 -34.27
CA UNK B 66 -16.49 -2.51 -34.17
C UNK B 66 -15.44 -3.08 -35.09
N UNK B 67 -14.22 -2.57 -35.07
CA UNK B 67 -13.16 -3.08 -35.94
C UNK B 67 -11.97 -2.14 -35.86
N UNK B 68 -10.90 -2.41 -36.62
CA UNK B 68 -9.72 -1.55 -36.61
C UNK B 68 -10.08 -0.11 -36.96
N UNK B 69 -9.64 0.84 -36.17
CA UNK B 69 -9.94 2.24 -36.44
C UNK B 69 -8.94 2.85 -37.40
N UNK B 70 -8.12 2.04 -38.04
CA UNK B 70 -7.16 2.61 -39.00
C UNK B 70 -7.99 3.07 -40.20
N UNK B 71 -9.02 2.30 -40.54
CA UNK B 71 -9.93 2.53 -41.63
C UNK B 71 -10.75 3.80 -41.52
N UNK B 72 -10.89 4.37 -40.33
CA UNK B 72 -11.68 5.60 -40.21
C UNK B 72 -10.76 6.80 -40.20
N UNK B 73 -11.23 7.91 -40.78
CA UNK B 73 -10.40 9.11 -40.81
C UNK B 73 -11.28 10.33 -40.57
N UNK B 74 -10.62 11.42 -40.21
CA UNK B 74 -11.31 12.68 -39.97
C UNK B 74 -12.12 12.99 -41.23
N UNK B 75 -13.38 13.32 -41.12
CA UNK B 75 -14.17 13.64 -42.29
C UNK B 75 -14.94 12.53 -42.95
N UNK B 76 -14.72 11.26 -42.63
CA UNK B 76 -15.47 10.16 -43.24
C UNK B 76 -16.96 10.34 -43.01
N UNK B 77 -17.75 9.68 -43.88
CA UNK B 77 -19.20 9.81 -43.68
C UNK B 77 -19.71 8.67 -42.81
N UNK B 78 -20.59 9.03 -41.89
CA UNK B 78 -21.19 8.04 -40.99
C UNK B 78 -22.70 8.06 -41.26
N UNK B 79 -23.31 6.92 -41.52
CA UNK B 79 -24.75 6.91 -41.77
C UNK B 79 -25.51 6.06 -40.77
N UNK B 80 -26.69 6.54 -40.37
CA UNK B 80 -27.51 5.75 -39.44
C UNK B 80 -27.95 4.46 -40.14
N UNK B 81 -28.67 3.63 -39.41
CA UNK B 81 -29.18 2.38 -39.91
C UNK B 81 -30.55 2.20 -39.22
N UNK B 82 -30.85 3.14 -38.36
CA UNK B 82 -32.07 3.18 -37.59
C UNK B 82 -32.24 1.93 -36.73
N UNK B 83 -31.13 1.23 -36.48
CA UNK B 83 -31.20 0.01 -35.70
C UNK B 83 -30.32 -0.11 -34.47
N UNK B 84 -30.94 -0.39 -33.32
CA UNK B 84 -30.18 -0.60 -32.07
C UNK B 84 -29.39 -1.88 -32.38
N UNK B 85 -28.09 -1.94 -32.06
CA UNK B 85 -27.32 -3.12 -32.35
C UNK B 85 -28.09 -4.41 -32.22
N UNK B 86 -27.55 -5.61 -32.51
CA UNK B 86 -28.13 -6.96 -32.34
C UNK B 86 -27.18 -7.97 -33.00
N UNK B 87 -27.58 -9.23 -33.00
CA UNK B 87 -26.76 -10.23 -33.63
C UNK B 87 -27.54 -11.48 -34.10
N UNK B 88 -26.98 -12.08 -35.13
CA UNK B 88 -27.46 -13.30 -35.73
C UNK B 88 -27.75 -14.30 -34.62
N UNK B 89 -28.89 -14.94 -34.66
CA UNK B 89 -29.24 -15.92 -33.62
C UNK B 89 -29.95 -17.12 -34.20
N UNK B 90 -29.83 -18.31 -33.63
CA UNK B 90 -30.53 -19.46 -34.14
C UNK B 90 -29.62 -20.65 -34.33
N UNK B 91 -30.24 -21.82 -34.47
CA UNK B 91 -29.51 -23.07 -34.63
C UNK B 91 -28.46 -23.14 -35.72
N UNK B 92 -28.44 -22.23 -36.68
CA UNK B 92 -27.43 -22.31 -37.74
C UNK B 92 -26.08 -21.74 -37.37
N UNK B 93 -25.85 -21.44 -36.10
CA UNK B 93 -24.57 -20.90 -35.64
C UNK B 93 -23.77 -22.09 -35.09
N UNK B 94 -24.52 -23.12 -34.66
CA UNK B 94 -23.85 -24.32 -34.15
C UNK B 94 -22.73 -24.74 -35.08
N UNK B 95 -21.55 -25.08 -34.57
CA UNK B 95 -20.46 -25.52 -35.44
C UNK B 95 -19.84 -24.32 -36.12
N UNK B 96 -20.35 -23.12 -35.84
CA UNK B 96 -19.68 -21.97 -36.46
C UNK B 96 -18.75 -21.26 -35.47
N UNK B 97 -17.72 -20.60 -36.01
CA UNK B 97 -16.77 -19.81 -35.24
C UNK B 97 -16.98 -18.35 -35.73
N UNK B 98 -17.69 -17.58 -34.93
CA UNK B 98 -17.99 -16.18 -35.26
C UNK B 98 -17.23 -15.19 -34.39
N UNK B 99 -17.19 -13.95 -34.86
CA UNK B 99 -16.57 -12.86 -34.12
C UNK B 99 -17.62 -12.26 -33.17
N UNK B 100 -17.34 -11.14 -32.51
CA UNK B 100 -18.29 -10.57 -31.56
C UNK B 100 -19.53 -9.97 -32.20
N UNK B 101 -19.54 -9.86 -33.53
CA UNK B 101 -20.68 -9.29 -34.25
C UNK B 101 -21.56 -10.34 -34.90
N UNK B 102 -21.11 -11.60 -34.89
CA UNK B 102 -21.88 -12.66 -35.52
C UNK B 102 -21.24 -13.06 -36.84
N UNK B 103 -20.28 -12.30 -37.36
CA UNK B 103 -19.57 -12.59 -38.58
C UNK B 103 -18.78 -13.89 -38.46
N UNK B 104 -18.81 -14.71 -39.51
CA UNK B 104 -18.11 -16.00 -39.47
C UNK B 104 -16.62 -15.76 -39.57
N UNK B 105 -15.82 -16.54 -38.84
CA UNK B 105 -14.38 -16.35 -38.92
C UNK B 105 -13.70 -17.72 -39.16
N UNK B 106 -14.54 -18.73 -39.42
CA UNK B 106 -14.00 -20.05 -39.72
C UNK B 106 -13.79 -20.11 -41.24
N UNK B 107 -14.16 -18.99 -41.89
CA UNK B 107 -14.02 -18.88 -43.35
C UNK B 107 -14.83 -20.01 -44.02
N UNK B 108 -15.79 -20.60 -43.31
CA UNK B 108 -16.62 -21.66 -43.83
C UNK B 108 -17.93 -21.15 -44.41
N UNK B 109 -17.96 -19.98 -45.03
CA UNK B 109 -19.23 -19.51 -45.60
C UNK B 109 -20.17 -18.87 -44.62
N UNK B 110 -20.95 -17.94 -45.13
CA UNK B 110 -21.94 -17.16 -44.42
C UNK B 110 -22.86 -17.96 -43.51
N UNK B 111 -23.23 -17.33 -42.41
CA UNK B 111 -24.14 -17.98 -41.44
C UNK B 111 -25.55 -17.73 -41.99
N UNK B 112 -26.28 -18.81 -42.24
CA UNK B 112 -27.64 -18.56 -42.81
C UNK B 112 -28.61 -18.28 -41.66
N UNK B 113 -28.53 -17.08 -41.08
CA UNK B 113 -29.44 -16.85 -39.95
C UNK B 113 -30.74 -16.17 -40.29
N UNK B 114 -31.82 -16.69 -39.69
CA UNK B 114 -33.14 -16.11 -39.90
C UNK B 114 -33.44 -15.09 -38.81
N UNK B 115 -33.20 -15.44 -37.55
CA UNK B 115 -33.45 -14.54 -36.45
C UNK B 115 -32.26 -13.63 -36.13
N UNK B 116 -32.62 -12.53 -35.49
CA UNK B 116 -31.70 -11.53 -34.97
C UNK B 116 -32.12 -11.25 -33.51
N UNK B 117 -31.20 -10.74 -32.71
CA UNK B 117 -31.52 -10.47 -31.30
C UNK B 117 -30.63 -9.36 -30.76
N UNK B 118 -31.16 -8.44 -29.98
CA UNK B 118 -30.35 -7.35 -29.41
C UNK B 118 -29.38 -7.96 -28.39
N UNK B 119 -28.18 -7.40 -28.31
CA UNK B 119 -27.15 -7.91 -27.38
C UNK B 119 -27.44 -7.48 -25.95
N UNK B 120 -28.08 -6.32 -25.82
CA UNK B 120 -28.43 -5.77 -24.59
C UNK B 120 -29.74 -6.02 -23.94
N UNK B 121 -30.55 -7.01 -24.20
CA UNK B 121 -31.83 -7.17 -23.50
C UNK B 121 -31.71 -7.42 -21.99
N UNK B 122 -32.74 -7.01 -21.27
CA UNK B 122 -32.75 -7.18 -19.83
C UNK B 122 -33.13 -8.59 -19.44
N UNK B 123 -32.56 -9.15 -18.40
CA UNK B 123 -32.89 -10.51 -18.01
C UNK B 123 -34.33 -10.67 -17.58
N UNK B 124 -34.86 -11.88 -17.75
CA UNK B 124 -36.20 -12.23 -17.32
C UNK B 124 -36.35 -11.94 -15.83
N UNK B 125 -37.52 -11.45 -15.46
CA UNK B 125 -37.93 -11.09 -14.14
C UNK B 125 -38.11 -12.25 -13.19
N UNK B 126 -38.79 -11.99 -12.08
CA UNK B 126 -39.04 -12.99 -11.04
C UNK B 126 -40.04 -14.06 -11.43
N UNK B 127 -41.18 -13.65 -11.98
CA UNK B 127 -42.28 -14.51 -12.34
C UNK B 127 -42.00 -15.61 -13.33
N UNK B 128 -41.39 -15.36 -14.47
CA UNK B 128 -41.10 -16.36 -15.47
C UNK B 128 -40.16 -17.47 -15.06
N UNK B 129 -39.35 -17.38 -14.01
CA UNK B 129 -38.41 -18.41 -13.61
C UNK B 129 -38.94 -19.44 -12.63
N UNK B 130 -38.16 -20.48 -12.39
CA UNK B 130 -38.42 -21.59 -11.49
C UNK B 130 -37.06 -22.12 -10.99
N UNK B 131 -37.02 -22.63 -9.77
CA UNK B 131 -35.84 -23.17 -9.17
C UNK B 131 -35.10 -24.15 -10.06
N UNK B 132 -33.80 -23.99 -10.28
CA UNK B 132 -33.08 -24.96 -11.12
C UNK B 132 -33.33 -26.34 -10.49
N UNK B 133 -33.72 -27.27 -11.35
CA UNK B 133 -34.02 -28.62 -10.85
C UNK B 133 -33.42 -29.70 -11.73
N UNK B 134 -32.89 -29.29 -12.87
CA UNK B 134 -32.29 -30.26 -13.80
C UNK B 134 -30.78 -30.22 -13.70
N UNK B 135 -30.17 -31.38 -13.60
CA UNK B 135 -28.74 -31.48 -13.53
C UNK B 135 -28.10 -30.97 -14.84
N UNK B 136 -26.93 -30.38 -14.72
CA UNK B 136 -26.14 -29.91 -15.86
C UNK B 136 -24.80 -30.66 -15.64
N UNK B 137 -24.73 -31.90 -16.10
CA UNK B 137 -23.55 -32.74 -15.87
C UNK B 137 -22.30 -32.21 -16.54
N UNK B 138 -21.19 -32.28 -15.80
CA UNK B 138 -19.91 -31.82 -16.29
C UNK B 138 -19.12 -33.07 -16.74
N UNK B 139 -19.33 -34.17 -16.01
CA UNK B 139 -18.57 -35.40 -16.35
C UNK B 139 -17.31 -35.45 -15.45
N UNK B 140 -17.10 -34.38 -14.69
CA UNK B 140 -15.99 -34.26 -13.76
C UNK B 140 -16.45 -34.65 -12.35
N UNK B 141 -15.89 -35.73 -11.81
CA UNK B 141 -16.27 -36.24 -10.52
C UNK B 141 -16.36 -35.26 -9.36
N UNK B 142 -15.34 -34.44 -9.16
CA UNK B 142 -15.30 -33.47 -8.07
C UNK B 142 -16.49 -32.51 -8.18
N UNK B 143 -16.65 -32.03 -9.42
CA UNK B 143 -17.73 -31.10 -9.63
C UNK B 143 -19.08 -31.76 -9.50
N UNK B 144 -19.40 -32.81 -10.22
CA UNK B 144 -20.73 -33.44 -10.11
C UNK B 144 -21.00 -34.10 -8.78
N UNK B 145 -20.04 -34.35 -7.91
CA UNK B 145 -20.41 -34.98 -6.64
C UNK B 145 -20.50 -33.92 -5.53
N UNK B 146 -19.53 -32.99 -5.54
CA UNK B 146 -19.50 -31.99 -4.48
C UNK B 146 -19.94 -30.60 -4.87
N UNK B 147 -19.99 -30.28 -6.14
CA UNK B 147 -20.39 -28.92 -6.55
C UNK B 147 -21.34 -28.94 -7.72
N UNK B 148 -22.46 -29.62 -7.50
CA UNK B 148 -23.50 -29.82 -8.44
C UNK B 148 -23.97 -28.56 -9.16
N UNK B 149 -23.92 -28.53 -10.50
CA UNK B 149 -24.46 -27.39 -11.24
C UNK B 149 -25.89 -27.75 -11.71
N UNK B 150 -26.86 -26.86 -11.59
CA UNK B 150 -28.22 -27.15 -12.09
C UNK B 150 -28.34 -26.35 -13.39
N UNK B 151 -29.29 -26.68 -14.25
CA UNK B 151 -29.51 -25.94 -15.50
C UNK B 151 -30.26 -24.64 -15.20
N UNK B 152 -29.59 -23.52 -15.54
CA UNK B 152 -30.17 -22.21 -15.29
C UNK B 152 -29.37 -21.60 -14.14
N UNK B 153 -28.32 -22.28 -13.74
CA UNK B 153 -27.45 -21.79 -12.66
C UNK B 153 -26.33 -20.97 -13.27
N UNK B 154 -25.72 -20.15 -12.43
CA UNK B 154 -24.54 -19.34 -12.81
C UNK B 154 -23.49 -19.87 -11.80
N UNK B 155 -22.49 -20.57 -12.28
CA UNK B 155 -21.49 -21.13 -11.35
C UNK B 155 -20.14 -20.58 -11.81
N UNK B 156 -19.39 -19.96 -10.93
CA UNK B 156 -18.13 -19.33 -11.33
C UNK B 156 -16.94 -20.25 -11.26
N UNK B 157 -16.08 -20.17 -12.28
CA UNK B 157 -14.85 -20.98 -12.28
C UNK B 157 -13.79 -19.90 -11.92
N UNK B 158 -13.15 -20.08 -10.76
CA UNK B 158 -12.17 -19.03 -10.38
C UNK B 158 -10.84 -19.59 -9.93
N UNK B 159 -9.72 -18.98 -10.34
CA UNK B 159 -8.42 -19.46 -9.95
C UNK B 159 -7.29 -18.66 -10.57
N UNK B 160 -6.01 -18.90 -10.24
CA UNK B 160 -4.98 -18.07 -10.87
C UNK B 160 -4.74 -18.53 -12.30
N UNK B 161 -3.76 -17.93 -12.98
CA UNK B 161 -3.46 -18.32 -14.36
C UNK B 161 -2.98 -19.78 -14.39
N UNK B 162 -3.29 -20.48 -15.46
CA UNK B 162 -2.88 -21.86 -15.62
C UNK B 162 -3.30 -22.75 -14.47
N UNK B 163 -4.46 -22.67 -13.87
CA UNK B 163 -4.78 -23.63 -12.79
C UNK B 163 -5.75 -24.69 -13.33
N UNK B 164 -6.06 -24.61 -14.63
CA UNK B 164 -6.97 -25.54 -15.28
C UNK B 164 -8.40 -25.07 -15.30
N UNK B 165 -8.61 -23.76 -15.47
CA UNK B 165 -10.00 -23.23 -15.47
C UNK B 165 -10.69 -23.66 -16.75
N UNK B 166 -10.19 -23.17 -17.89
CA UNK B 166 -10.78 -23.57 -19.16
C UNK B 166 -10.97 -25.07 -19.24
N UNK B 167 -9.98 -25.86 -18.82
CA UNK B 167 -10.16 -27.30 -18.91
C UNK B 167 -11.48 -27.72 -18.28
N UNK B 168 -12.05 -27.05 -17.30
CA UNK B 168 -13.33 -27.56 -16.76
C UNK B 168 -14.46 -27.25 -17.72
N UNK B 169 -14.37 -26.07 -18.37
CA UNK B 169 -15.40 -25.68 -19.33
C UNK B 169 -15.48 -26.74 -20.44
N UNK B 170 -14.32 -27.06 -21.00
CA UNK B 170 -14.19 -28.03 -22.05
C UNK B 170 -14.73 -29.41 -21.68
N UNK B 171 -14.13 -30.14 -20.73
CA UNK B 171 -14.71 -31.43 -20.40
C UNK B 171 -16.21 -31.25 -20.30
N UNK B 172 -16.69 -30.12 -19.81
CA UNK B 172 -18.15 -29.96 -19.73
C UNK B 172 -18.78 -29.97 -21.11
N UNK B 173 -18.20 -29.20 -22.04
CA UNK B 173 -18.78 -29.15 -23.39
C UNK B 173 -18.82 -30.54 -24.00
N UNK B 174 -17.68 -31.22 -23.98
CA UNK B 174 -17.52 -32.57 -24.51
C UNK B 174 -18.45 -33.58 -23.89
N UNK B 175 -18.69 -33.55 -22.60
CA UNK B 175 -19.54 -34.51 -21.90
C UNK B 175 -20.97 -34.42 -22.40
N UNK B 176 -21.31 -33.33 -23.06
CA UNK B 176 -22.68 -33.13 -23.53
C UNK B 176 -23.06 -34.04 -24.69
N UNK B 177 -22.06 -34.41 -25.50
CA UNK B 177 -22.32 -35.28 -26.64
C UNK B 177 -23.14 -36.51 -26.25
N UNK B 178 -22.91 -37.01 -25.04
CA UNK B 178 -23.64 -38.20 -24.61
C UNK B 178 -25.12 -37.97 -24.64
N UNK B 179 -25.60 -36.73 -24.58
CA UNK B 179 -27.06 -36.51 -24.62
C UNK B 179 -27.47 -35.90 -25.95
N UNK B 180 -26.54 -35.11 -26.52
CA UNK B 180 -26.86 -34.48 -27.80
C UNK B 180 -26.99 -35.57 -28.86
N UNK B 181 -26.29 -36.69 -28.72
CA UNK B 181 -26.42 -37.75 -29.72
C UNK B 181 -27.57 -38.68 -29.35
N UNK B 182 -28.33 -38.26 -28.36
CA UNK B 182 -29.46 -39.02 -27.85
C UNK B 182 -30.79 -38.68 -28.48
N UNK B 183 -31.80 -39.35 -27.94
CA UNK B 183 -33.17 -39.24 -28.41
C UNK B 183 -33.96 -38.03 -27.92
N UNK B 184 -34.05 -37.94 -26.60
CA UNK B 184 -34.76 -36.91 -25.88
C UNK B 184 -34.22 -35.50 -26.03
N UNK B 185 -35.02 -34.60 -26.57
CA UNK B 185 -34.60 -33.23 -26.75
C UNK B 185 -34.51 -32.44 -25.43
N UNK B 186 -35.13 -32.90 -24.35
CA UNK B 186 -35.09 -32.16 -23.09
C UNK B 186 -33.87 -32.48 -22.25
N UNK B 187 -33.05 -33.41 -22.71
CA UNK B 187 -31.84 -33.81 -22.01
C UNK B 187 -30.61 -33.30 -22.76
N UNK B 188 -30.81 -32.49 -23.79
CA UNK B 188 -29.69 -31.98 -24.54
C UNK B 188 -29.24 -30.61 -24.03
N UNK B 189 -28.06 -30.21 -24.51
CA UNK B 189 -27.46 -28.95 -24.11
C UNK B 189 -26.58 -28.36 -25.18
N UNK B 190 -26.99 -27.29 -25.85
CA UNK B 190 -26.08 -26.70 -26.86
C UNK B 190 -25.11 -25.80 -26.11
N UNK B 191 -23.83 -25.92 -26.39
CA UNK B 191 -22.83 -25.10 -25.69
C UNK B 191 -22.42 -23.88 -26.48
N UNK B 192 -22.09 -22.80 -25.78
CA UNK B 192 -21.59 -21.59 -26.43
C UNK B 192 -20.28 -21.27 -25.69
N UNK B 193 -19.17 -21.01 -26.36
CA UNK B 193 -17.92 -20.74 -25.67
C UNK B 193 -17.46 -19.36 -26.11
N UNK B 194 -17.49 -18.37 -25.22
CA UNK B 194 -17.06 -17.03 -25.61
C UNK B 194 -15.63 -16.79 -25.17
N UNK B 195 -14.78 -16.34 -26.07
CA UNK B 195 -13.38 -16.11 -25.81
C UNK B 195 -13.14 -14.60 -25.84
N UNK B 196 -12.59 -14.13 -24.74
CA UNK B 196 -12.29 -12.70 -24.56
C UNK B 196 -10.84 -12.55 -24.14
N UNK B 197 -10.05 -11.73 -24.84
CA UNK B 197 -8.70 -11.49 -24.47
C UNK B 197 -7.75 -12.64 -24.63
N UNK B 198 -8.22 -13.84 -24.99
CA UNK B 198 -7.34 -14.98 -25.22
C UNK B 198 -6.47 -14.76 -26.49
N UNK B 199 -5.67 -15.77 -26.74
CA UNK B 199 -4.77 -15.82 -27.89
C UNK B 199 -5.50 -16.63 -28.98
N UNK B 200 -5.49 -16.18 -30.25
CA UNK B 200 -6.20 -16.99 -31.24
C UNK B 200 -5.55 -18.40 -31.27
N UNK B 201 -4.21 -18.43 -31.29
CA UNK B 201 -3.55 -19.74 -31.29
C UNK B 201 -4.32 -20.65 -30.35
N UNK B 202 -4.75 -20.12 -29.20
CA UNK B 202 -5.50 -20.94 -28.26
C UNK B 202 -6.92 -21.30 -28.65
N UNK B 203 -7.68 -20.38 -29.22
CA UNK B 203 -9.06 -20.68 -29.61
C UNK B 203 -9.07 -21.67 -30.78
N UNK B 204 -8.21 -21.38 -31.74
CA UNK B 204 -8.00 -22.20 -32.90
C UNK B 204 -7.59 -23.61 -32.46
N UNK B 205 -6.83 -23.77 -31.38
CA UNK B 205 -6.51 -25.15 -31.00
C UNK B 205 -7.68 -25.71 -30.20
N UNK B 206 -8.45 -24.81 -29.62
CA UNK B 206 -9.60 -25.12 -28.76
C UNK B 206 -10.70 -25.81 -29.57
N UNK B 207 -10.97 -25.19 -30.73
CA UNK B 207 -12.01 -25.77 -31.59
C UNK B 207 -11.46 -27.06 -32.20
N UNK B 208 -10.14 -27.10 -32.46
CA UNK B 208 -9.57 -28.34 -33.01
C UNK B 208 -9.93 -29.49 -32.06
N UNK B 209 -9.69 -29.28 -30.78
CA UNK B 209 -10.00 -30.31 -29.78
C UNK B 209 -11.49 -30.59 -29.78
N UNK B 210 -12.30 -29.52 -29.92
CA UNK B 210 -13.76 -29.68 -29.89
C UNK B 210 -14.23 -30.46 -31.11
N UNK B 211 -13.63 -30.14 -32.24
CA UNK B 211 -13.91 -30.78 -33.53
C UNK B 211 -13.53 -32.25 -33.42
N UNK B 212 -12.29 -32.55 -33.04
CA UNK B 212 -11.98 -33.97 -32.94
C UNK B 212 -12.89 -34.63 -31.92
N UNK B 213 -13.60 -33.93 -31.03
CA UNK B 213 -14.39 -34.75 -30.08
C UNK B 213 -15.82 -34.82 -30.60
N UNK B 214 -16.02 -34.16 -31.74
CA UNK B 214 -17.35 -34.10 -32.33
C UNK B 214 -18.34 -33.48 -31.35
N UNK B 215 -17.92 -32.29 -30.90
CA UNK B 215 -18.65 -31.46 -29.95
C UNK B 215 -18.98 -30.10 -30.59
N UNK B 216 -18.22 -29.78 -31.66
CA UNK B 216 -18.48 -28.53 -32.37
C UNK B 216 -19.88 -28.61 -32.99
N UNK B 217 -20.25 -29.86 -33.32
CA UNK B 217 -21.56 -30.05 -33.92
C UNK B 217 -22.57 -29.38 -33.00
N UNK B 218 -22.30 -29.37 -31.69
CA UNK B 218 -23.30 -28.70 -30.85
C UNK B 218 -22.75 -27.50 -30.11
N UNK B 219 -21.74 -26.82 -30.61
CA UNK B 219 -21.16 -25.66 -29.92
C UNK B 219 -21.10 -24.42 -30.79
N UNK B 220 -21.24 -23.21 -30.27
CA UNK B 220 -21.04 -22.02 -31.12
C UNK B 220 -19.76 -21.38 -30.60
N UNK B 221 -19.01 -20.54 -31.26
CA UNK B 221 -17.80 -20.03 -30.56
C UNK B 221 -17.62 -18.58 -30.92
N UNK B 222 -17.80 -17.68 -29.93
CA UNK B 222 -17.61 -16.26 -30.25
C UNK B 222 -16.20 -15.90 -29.82
N UNK B 223 -15.42 -15.26 -30.67
CA UNK B 223 -14.09 -14.89 -30.33
C UNK B 223 -13.83 -13.39 -30.45
N UNK B 224 -13.36 -12.82 -29.35
CA UNK B 224 -12.92 -11.41 -29.29
C UNK B 224 -11.57 -11.64 -28.60
N UNK B 225 -10.52 -11.84 -29.38
CA UNK B 225 -9.23 -12.17 -28.80
C UNK B 225 -8.30 -11.00 -28.55
N UNK B 226 -7.14 -11.36 -27.99
CA UNK B 226 -6.11 -10.43 -27.59
C UNK B 226 -5.82 -9.32 -28.56
N UNK B 227 -6.17 -9.52 -29.83
CA UNK B 227 -5.87 -8.50 -30.83
C UNK B 227 -7.07 -7.70 -31.31
N UNK B 228 -8.27 -8.03 -30.88
CA UNK B 228 -9.44 -7.25 -31.31
C UNK B 228 -9.66 -6.02 -30.47
N UNK B 229 -10.15 -4.94 -31.07
CA UNK B 229 -10.38 -3.71 -30.30
C UNK B 229 -11.15 -4.01 -29.03
N UNK B 230 -10.82 -3.27 -27.97
CA UNK B 230 -11.46 -3.43 -26.68
C UNK B 230 -12.99 -3.51 -26.78
N UNK B 231 -13.62 -2.66 -27.54
CA UNK B 231 -15.08 -2.66 -27.75
C UNK B 231 -15.59 -4.00 -28.23
N UNK B 232 -14.77 -4.71 -29.03
CA UNK B 232 -15.23 -6.04 -29.45
C UNK B 232 -15.06 -7.01 -28.30
N UNK B 233 -13.97 -6.90 -27.54
CA UNK B 233 -13.81 -7.81 -26.38
C UNK B 233 -14.92 -7.55 -25.35
N UNK B 234 -15.25 -6.27 -25.19
CA UNK B 234 -16.28 -5.83 -24.28
C UNK B 234 -17.61 -6.45 -24.74
N UNK B 235 -17.95 -6.29 -26.02
CA UNK B 235 -19.19 -6.79 -26.58
C UNK B 235 -19.38 -8.30 -26.58
N UNK B 236 -18.38 -9.03 -27.01
CA UNK B 236 -18.39 -10.47 -27.12
C UNK B 236 -19.30 -11.22 -26.18
N UNK B 237 -19.24 -11.12 -24.87
CA UNK B 237 -20.10 -11.87 -23.96
C UNK B 237 -21.58 -11.61 -24.08
N UNK B 238 -21.98 -10.39 -24.44
CA UNK B 238 -23.39 -10.04 -24.60
C UNK B 238 -23.95 -10.74 -25.82
N UNK B 239 -23.19 -10.72 -26.94
CA UNK B 239 -23.56 -11.43 -28.16
C UNK B 239 -23.73 -12.92 -27.86
N UNK B 240 -22.66 -13.57 -27.40
CA UNK B 240 -22.79 -15.00 -27.07
C UNK B 240 -24.02 -15.18 -26.20
N UNK B 241 -24.21 -14.31 -25.21
CA UNK B 241 -25.40 -14.50 -24.35
C UNK B 241 -26.69 -14.48 -25.16
N UNK B 242 -26.86 -13.53 -26.07
CA UNK B 242 -28.08 -13.50 -26.88
C UNK B 242 -28.28 -14.80 -27.64
N UNK B 243 -27.20 -15.38 -28.17
CA UNK B 243 -27.27 -16.66 -28.87
C UNK B 243 -27.72 -17.72 -27.87
N UNK B 244 -27.17 -17.70 -26.66
CA UNK B 244 -27.64 -18.73 -25.71
C UNK B 244 -29.12 -18.52 -25.39
N UNK B 245 -29.56 -17.26 -25.43
CA UNK B 245 -30.95 -16.92 -25.09
C UNK B 245 -31.96 -17.46 -26.07
N UNK B 246 -31.55 -17.59 -27.33
CA UNK B 246 -32.53 -18.20 -28.28
C UNK B 246 -32.93 -19.56 -27.72
N UNK B 247 -31.93 -20.39 -27.43
CA UNK B 247 -32.26 -21.70 -26.86
C UNK B 247 -33.07 -21.57 -25.60
N UNK B 248 -32.69 -20.75 -24.62
CA UNK B 248 -33.44 -20.62 -23.39
C UNK B 248 -34.91 -20.25 -23.68
N UNK B 249 -35.03 -19.29 -24.60
CA UNK B 249 -36.35 -18.84 -24.96
C UNK B 249 -37.19 -19.84 -25.70
N UNK B 250 -36.64 -20.90 -26.32
CA UNK B 250 -37.48 -21.85 -27.01
C UNK B 250 -37.53 -23.21 -26.37
N UNK B 251 -37.86 -23.36 -25.11
CA UNK B 251 -37.93 -24.70 -24.54
C UNK B 251 -36.65 -25.50 -24.67
N UNK B 252 -35.57 -24.93 -25.16
CA UNK B 252 -34.31 -25.65 -25.30
C UNK B 252 -33.36 -25.35 -24.14
N UNK B 253 -32.17 -25.93 -24.10
CA UNK B 253 -31.24 -25.70 -22.99
C UNK B 253 -29.83 -25.36 -23.43
N UNK B 254 -29.29 -24.18 -23.16
CA UNK B 254 -27.93 -23.87 -23.62
C UNK B 254 -26.96 -23.68 -22.46
N UNK B 255 -25.68 -23.74 -22.78
CA UNK B 255 -24.59 -23.55 -21.83
C UNK B 255 -23.65 -22.45 -22.35
N UNK B 256 -23.43 -21.40 -21.56
CA UNK B 256 -22.53 -20.35 -22.05
C UNK B 256 -21.30 -20.30 -21.15
N UNK B 257 -20.13 -20.19 -21.79
CA UNK B 257 -18.86 -20.09 -21.08
C UNK B 257 -18.15 -18.78 -21.44
N UNK B 258 -18.07 -17.92 -20.42
CA UNK B 258 -17.40 -16.62 -20.62
C UNK B 258 -15.96 -16.74 -20.15
N UNK B 259 -15.03 -16.82 -21.10
CA UNK B 259 -13.62 -16.99 -20.68
C UNK B 259 -12.75 -15.87 -21.20
N UNK B 260 -12.34 -14.95 -20.34
CA UNK B 260 -12.60 -14.79 -18.95
C UNK B 260 -13.41 -13.45 -18.81
N UNK B 261 -14.04 -13.25 -17.66
CA UNK B 261 -14.72 -11.98 -17.40
C UNK B 261 -13.68 -10.99 -16.85
N UNK B 262 -12.54 -11.53 -16.41
CA UNK B 262 -11.41 -10.73 -15.97
C UNK B 262 -10.98 -9.79 -17.11
N UNK B 263 -10.65 -10.37 -18.28
CA UNK B 263 -10.20 -9.58 -19.42
C UNK B 263 -11.28 -8.73 -20.02
N UNK B 264 -12.55 -9.15 -19.86
CA UNK B 264 -13.61 -8.29 -20.45
C UNK B 264 -13.60 -6.98 -19.61
N UNK B 265 -13.50 -7.19 -18.29
CA UNK B 265 -13.46 -6.09 -17.34
C UNK B 265 -12.33 -5.11 -17.65
N UNK B 266 -11.13 -5.64 -18.01
CA UNK B 266 -10.07 -4.67 -18.35
C UNK B 266 -10.36 -4.01 -19.69
N UNK B 267 -11.05 -4.69 -20.60
CA UNK B 267 -11.37 -4.07 -21.89
C UNK B 267 -12.33 -2.91 -21.65
N UNK B 268 -13.35 -3.18 -20.80
CA UNK B 268 -14.35 -2.15 -20.49
C UNK B 268 -13.75 -0.94 -19.75
N UNK B 269 -12.78 -1.24 -18.89
CA UNK B 269 -12.06 -0.21 -18.15
C UNK B 269 -11.22 0.58 -19.15
N UNK B 270 -10.60 -0.10 -20.14
CA UNK B 270 -9.83 0.72 -21.09
C UNK B 270 -10.82 1.72 -21.74
N UNK B 271 -11.99 1.19 -22.10
CA UNK B 271 -12.98 2.07 -22.74
C UNK B 271 -13.34 3.24 -21.82
N UNK B 272 -13.71 2.89 -20.57
CA UNK B 272 -14.05 3.89 -19.58
C UNK B 272 -12.97 4.90 -19.30
N UNK B 273 -11.70 4.53 -19.17
CA UNK B 273 -10.68 5.56 -18.94
C UNK B 273 -10.54 6.40 -20.19
N UNK B 274 -10.64 5.78 -21.37
CA UNK B 274 -10.52 6.60 -22.59
C UNK B 274 -11.72 7.50 -22.70
N UNK B 275 -12.89 7.13 -22.19
CA UNK B 275 -14.02 8.09 -22.32
C UNK B 275 -13.92 9.17 -21.24
N UNK B 276 -12.98 9.02 -20.33
CA UNK B 276 -12.70 9.86 -19.19
C UNK B 276 -13.61 9.67 -17.97
N UNK B 277 -14.19 8.50 -17.80
CA UNK B 277 -15.06 8.30 -16.61
C UNK B 277 -14.20 8.06 -15.39
N UNK B 278 -14.54 8.69 -14.26
CA UNK B 278 -13.83 8.61 -13.01
C UNK B 278 -13.38 7.21 -12.70
N UNK B 279 -12.10 6.97 -12.56
CA UNK B 279 -11.55 5.69 -12.19
C UNK B 279 -11.80 5.47 -10.70
N UNK B 280 -12.19 4.30 -10.25
CA UNK B 280 -12.41 4.10 -8.81
C UNK B 280 -11.49 3.00 -8.29
N UNK B 281 -12.02 2.16 -7.41
CA UNK B 281 -11.18 1.06 -6.88
C UNK B 281 -10.47 0.36 -8.03
N UNK B 282 -9.18 0.13 -7.94
CA UNK B 282 -8.34 -0.46 -8.95
C UNK B 282 -8.51 0.23 -10.31
N UNK B 283 -8.83 1.51 -10.32
CA UNK B 283 -9.01 2.28 -11.53
C UNK B 283 -10.23 1.80 -12.31
N UNK B 284 -10.99 0.86 -11.76
CA UNK B 284 -12.18 0.41 -12.49
C UNK B 284 -13.29 1.44 -12.36
N UNK B 285 -14.03 1.66 -13.42
CA UNK B 285 -15.16 2.58 -13.47
C UNK B 285 -16.24 2.07 -12.52
N UNK B 286 -17.06 2.96 -11.98
CA UNK B 286 -18.09 2.69 -11.03
C UNK B 286 -19.10 1.66 -11.41
N UNK B 287 -19.30 1.45 -12.71
CA UNK B 287 -20.30 0.49 -13.15
C UNK B 287 -19.78 -0.86 -13.59
N UNK B 288 -18.53 -1.25 -13.32
CA UNK B 288 -18.12 -2.59 -13.68
C UNK B 288 -18.91 -3.67 -12.95
N UNK B 289 -19.59 -3.44 -11.85
CA UNK B 289 -20.30 -4.58 -11.25
C UNK B 289 -21.49 -4.83 -12.17
N UNK B 290 -22.04 -3.70 -12.66
CA UNK B 290 -23.22 -3.85 -13.54
C UNK B 290 -22.80 -4.45 -14.88
N UNK B 291 -21.59 -4.18 -15.35
CA UNK B 291 -21.10 -4.81 -16.59
C UNK B 291 -21.35 -6.32 -16.43
N UNK B 292 -21.13 -6.80 -15.20
CA UNK B 292 -21.29 -8.21 -14.97
C UNK B 292 -22.65 -8.63 -14.53
N UNK B 293 -23.36 -7.93 -13.63
CA UNK B 293 -24.68 -8.41 -13.19
C UNK B 293 -25.65 -8.50 -14.36
N UNK B 294 -25.62 -7.47 -15.20
CA UNK B 294 -26.57 -7.48 -16.34
C UNK B 294 -26.33 -8.76 -17.14
N UNK B 295 -25.10 -8.99 -17.53
CA UNK B 295 -24.76 -10.20 -18.26
C UNK B 295 -25.22 -11.47 -17.58
N UNK B 296 -24.72 -11.80 -16.40
CA UNK B 296 -25.08 -13.03 -15.72
C UNK B 296 -26.48 -13.18 -15.21
N UNK B 297 -27.30 -12.16 -15.24
CA UNK B 297 -28.70 -12.28 -14.76
C UNK B 297 -29.50 -13.02 -15.84
N UNK B 298 -29.00 -12.92 -17.07
CA UNK B 298 -29.62 -13.55 -18.21
C UNK B 298 -29.49 -15.07 -18.19
N UNK B 299 -28.55 -15.63 -17.44
CA UNK B 299 -28.56 -17.13 -17.41
C UNK B 299 -29.83 -17.36 -16.57
N UNK B 300 -30.63 -18.37 -16.79
CA UNK B 300 -31.86 -18.52 -16.01
C UNK B 300 -32.63 -19.78 -16.39
N UNK B 301 -33.46 -20.24 -15.49
CA UNK B 301 -34.29 -21.42 -15.68
C UNK B 301 -35.76 -20.97 -15.73
N UNK B 302 -36.31 -21.02 -16.94
CA UNK B 302 -37.71 -20.63 -17.13
C UNK B 302 -38.65 -21.72 -16.65
N UNK B 303 -39.92 -21.39 -16.38
CA UNK B 303 -40.82 -22.45 -15.94
C UNK B 303 -41.58 -22.95 -17.17
N UNK B 304 -42.42 -23.94 -16.95
CA UNK B 304 -43.21 -24.49 -18.06
C UNK B 304 -43.99 -23.46 -18.84
N UNK B 305 -44.72 -22.57 -18.16
CA UNK B 305 -45.50 -21.55 -18.85
C UNK B 305 -44.62 -20.72 -19.76
N UNK B 306 -43.29 -20.79 -19.68
CA UNK B 306 -42.44 -20.03 -20.57
C UNK B 306 -41.49 -20.90 -21.38
N UNK B 307 -41.77 -22.20 -21.40
CA UNK B 307 -41.00 -23.13 -22.16
C UNK B 307 -40.21 -24.13 -21.37
N UNK B 308 -39.93 -23.86 -20.09
CA UNK B 308 -39.13 -24.81 -19.30
C UNK B 308 -37.66 -24.72 -19.76
N UNK B 309 -37.35 -23.95 -20.79
CA UNK B 309 -35.99 -23.87 -21.27
C UNK B 309 -35.00 -23.33 -20.27
N UNK B 310 -33.71 -23.15 -20.65
CA UNK B 310 -32.77 -22.62 -19.66
C UNK B 310 -31.44 -22.20 -20.23
N UNK B 311 -30.69 -21.36 -19.51
CA UNK B 311 -29.37 -20.91 -19.93
C UNK B 311 -28.44 -21.09 -18.73
N UNK B 312 -27.33 -21.78 -18.86
CA UNK B 312 -26.42 -22.01 -17.72
C UNK B 312 -25.13 -21.28 -17.94
N UNK B 313 -24.69 -20.40 -17.03
CA UNK B 313 -23.45 -19.68 -17.33
C UNK B 313 -22.30 -20.10 -16.44
N UNK B 314 -21.16 -20.42 -17.03
CA UNK B 314 -19.93 -20.78 -16.31
C UNK B 314 -18.92 -19.69 -16.67
N UNK B 315 -18.98 -18.53 -16.05
CA UNK B 315 -18.09 -17.41 -16.35
C UNK B 315 -16.71 -17.66 -15.76
N UNK B 316 -15.62 -17.22 -16.38
CA UNK B 316 -14.33 -17.50 -15.73
C UNK B 316 -13.71 -16.20 -15.22
N UNK B 317 -13.07 -16.26 -14.05
CA UNK B 317 -12.46 -15.06 -13.45
C UNK B 317 -11.04 -15.45 -13.02
N UNK B 318 -10.05 -14.67 -13.40
CA UNK B 318 -8.68 -15.01 -13.02
C UNK B 318 -8.15 -14.18 -11.84
N UNK B 319 -7.89 -14.82 -10.68
CA UNK B 319 -7.39 -14.12 -9.51
C UNK B 319 -5.86 -14.01 -9.60
N UNK B 320 -5.27 -13.07 -8.87
CA UNK B 320 -3.81 -12.95 -8.83
C UNK B 320 -3.40 -13.51 -7.45
N UNK B 321 -2.37 -14.30 -7.38
CA UNK B 321 -1.88 -14.89 -6.14
C UNK B 321 -2.97 -15.43 -5.24
N UNK B 322 -3.97 -16.11 -5.77
CA UNK B 322 -5.01 -16.71 -4.95
C UNK B 322 -5.78 -15.73 -4.12
N UNK B 323 -5.65 -14.44 -4.43
CA UNK B 323 -6.36 -13.39 -3.71
C UNK B 323 -7.82 -13.37 -4.13
N UNK B 324 -8.70 -14.04 -3.38
CA UNK B 324 -10.11 -14.00 -3.81
C UNK B 324 -10.82 -12.81 -3.21
N UNK B 325 -10.15 -11.80 -2.66
CA UNK B 325 -10.84 -10.66 -2.13
C UNK B 325 -10.80 -9.45 -3.04
N UNK B 326 -10.07 -9.52 -4.11
CA UNK B 326 -9.95 -8.41 -5.04
C UNK B 326 -11.32 -7.91 -5.48
N UNK B 327 -11.30 -6.70 -6.00
CA UNK B 327 -12.54 -6.03 -6.41
C UNK B 327 -13.29 -6.86 -7.42
N UNK B 328 -12.63 -7.24 -8.51
CA UNK B 328 -13.35 -8.01 -9.55
C UNK B 328 -13.79 -9.35 -9.06
N UNK B 329 -12.97 -10.21 -8.53
CA UNK B 329 -13.41 -11.51 -8.04
C UNK B 329 -14.59 -11.33 -7.10
N UNK B 330 -14.48 -10.41 -6.12
CA UNK B 330 -15.62 -10.30 -5.20
C UNK B 330 -16.88 -9.94 -5.95
N UNK B 331 -16.78 -8.94 -6.82
CA UNK B 331 -17.95 -8.55 -7.62
C UNK B 331 -18.62 -9.82 -8.13
N UNK B 332 -17.88 -10.55 -8.96
CA UNK B 332 -18.43 -11.76 -9.55
C UNK B 332 -18.90 -12.77 -8.55
N UNK B 333 -18.29 -12.91 -7.38
CA UNK B 333 -18.80 -13.93 -6.43
C UNK B 333 -20.17 -13.50 -5.95
N UNK B 334 -20.38 -12.18 -5.90
CA UNK B 334 -21.64 -11.62 -5.41
C UNK B 334 -22.74 -11.61 -6.45
N UNK B 335 -22.47 -12.31 -7.56
CA UNK B 335 -23.45 -12.39 -8.64
C UNK B 335 -23.85 -13.84 -8.93
N UNK B 336 -22.88 -14.72 -9.07
CA UNK B 336 -23.16 -16.12 -9.40
C UNK B 336 -23.80 -16.87 -8.26
N UNK B 337 -24.06 -18.16 -8.41
CA UNK B 337 -24.70 -18.98 -7.41
C UNK B 337 -23.79 -20.03 -6.81
N UNK B 338 -22.50 -19.70 -6.74
CA UNK B 338 -21.50 -20.61 -6.17
C UNK B 338 -20.19 -20.34 -6.92
N UNK B 339 -19.12 -20.98 -6.49
CA UNK B 339 -17.85 -20.82 -7.18
C UNK B 339 -17.14 -22.21 -7.12
N UNK B 340 -16.17 -22.35 -8.00
CA UNK B 340 -15.29 -23.51 -8.07
C UNK B 340 -13.88 -22.87 -8.06
N UNK B 341 -13.25 -22.91 -6.87
CA UNK B 341 -11.94 -22.34 -6.79
C UNK B 341 -10.90 -23.48 -6.97
N UNK B 342 -10.05 -23.26 -7.95
CA UNK B 342 -8.93 -24.15 -8.25
C UNK B 342 -7.70 -23.54 -7.57
N UNK B 343 -6.90 -24.30 -6.85
CA UNK B 343 -5.72 -23.80 -6.16
C UNK B 343 -4.38 -24.15 -6.78
N UNK B 344 -3.45 -23.25 -6.94
CA UNK B 344 -2.14 -23.59 -7.51
C UNK B 344 -1.42 -24.65 -6.73
N UNK B 345 -1.51 -24.55 -5.41
CA UNK B 345 -0.85 -25.54 -4.55
C UNK B 345 -1.33 -26.92 -5.01
N UNK B 346 -2.64 -27.11 -4.98
CA UNK B 346 -3.25 -28.40 -5.36
C UNK B 346 -2.71 -28.92 -6.67
N UNK B 347 -2.75 -28.07 -7.68
CA UNK B 347 -2.28 -28.32 -9.03
C UNK B 347 -0.90 -28.93 -9.10
N UNK B 348 0.11 -28.33 -8.48
CA UNK B 348 1.46 -28.87 -8.46
C UNK B 348 1.55 -30.18 -7.67
N UNK B 349 0.98 -30.16 -6.48
CA UNK B 349 0.96 -31.30 -5.58
C UNK B 349 0.34 -32.50 -6.29
N UNK B 350 -0.11 -32.30 -7.54
CA UNK B 350 -0.73 -33.34 -8.32
C UNK B 350 -2.23 -33.53 -8.12
N UNK B 351 -2.95 -32.63 -7.45
CA UNK B 351 -4.39 -32.87 -7.34
C UNK B 351 -5.02 -32.06 -8.47
N UNK B 352 -5.60 -32.74 -9.44
CA UNK B 352 -6.25 -32.10 -10.57
C UNK B 352 -7.49 -32.93 -10.93
N UNK B 353 -8.59 -32.28 -11.14
CA UNK B 353 -8.74 -30.84 -11.08
C UNK B 353 -8.38 -30.24 -9.74
N UNK B 354 -7.58 -29.19 -9.75
CA UNK B 354 -7.13 -28.49 -8.54
C UNK B 354 -8.26 -27.84 -7.76
N UNK B 355 -9.40 -28.52 -7.65
CA UNK B 355 -10.53 -27.96 -6.93
C UNK B 355 -10.25 -27.85 -5.44
N UNK B 356 -10.73 -26.78 -4.79
CA UNK B 356 -10.60 -26.57 -3.36
C UNK B 356 -11.99 -26.94 -2.80
N UNK B 357 -12.15 -28.19 -2.41
CA UNK B 357 -13.45 -28.65 -1.91
C UNK B 357 -14.00 -27.94 -0.72
N UNK B 358 -13.28 -27.29 0.17
CA UNK B 358 -13.94 -26.61 1.30
C UNK B 358 -14.46 -25.23 0.86
N UNK B 359 -13.62 -24.45 0.18
CA UNK B 359 -13.94 -23.14 -0.30
C UNK B 359 -15.01 -23.11 -1.39
N UNK B 360 -14.97 -24.03 -2.35
CA UNK B 360 -15.96 -24.04 -3.44
C UNK B 360 -17.36 -24.31 -2.95
N UNK B 361 -18.39 -23.86 -3.65
CA UNK B 361 -19.76 -24.02 -3.29
C UNK B 361 -20.73 -24.04 -4.51
N UNK B 362 -21.92 -24.57 -4.23
CA UNK B 362 -23.01 -24.57 -5.20
C UNK B 362 -24.27 -24.19 -4.41
N UNK B 363 -24.58 -22.90 -4.38
CA UNK B 363 -25.71 -22.39 -3.64
C UNK B 363 -27.03 -22.98 -4.09
N UNK B 364 -27.26 -23.24 -5.38
CA UNK B 364 -28.53 -23.75 -5.86
C UNK B 364 -28.63 -25.17 -6.38
N UNK B 365 -27.55 -25.86 -6.66
CA UNK B 365 -27.46 -27.16 -7.19
C UNK B 365 -27.80 -28.41 -6.47
N UNK B 366 -28.01 -28.50 -5.15
CA UNK B 366 -28.33 -29.78 -4.53
C UNK B 366 -29.58 -30.39 -5.15
N UNK B 367 -30.59 -29.58 -5.36
CA UNK B 367 -31.85 -30.05 -5.94
C UNK B 367 -31.59 -30.66 -7.32
N UNK B 368 -30.76 -29.96 -8.07
CA UNK B 368 -30.42 -30.42 -9.40
C UNK B 368 -29.70 -31.76 -9.33
N UNK B 369 -29.15 -32.12 -8.17
CA UNK B 369 -28.40 -33.35 -8.07
C UNK B 369 -29.21 -34.63 -8.11
N UNK B 370 -28.80 -34.42 -9.36
CA UNK B 370 -29.50 -35.69 -9.39
C UNK B 370 -29.57 -36.27 -7.99
N UNK B 371 -30.60 -37.02 -7.65
CA UNK B 371 -30.70 -37.58 -6.29
C UNK B 371 -29.62 -38.62 -6.03
N UNK B 372 -29.33 -39.42 -7.05
CA UNK B 372 -28.32 -40.47 -7.00
C UNK B 372 -27.02 -39.89 -6.43
N UNK B 373 -26.60 -38.76 -6.98
CA UNK B 373 -25.39 -38.07 -6.51
C UNK B 373 -25.67 -37.49 -5.12
N UNK B 374 -26.85 -36.88 -4.99
CA UNK B 374 -27.16 -36.34 -3.66
C UNK B 374 -26.79 -37.44 -2.64
N UNK B 375 -27.21 -38.66 -3.00
CA UNK B 375 -27.03 -39.85 -2.19
C UNK B 375 -25.59 -40.18 -1.89
N UNK B 376 -24.70 -40.05 -2.86
CA UNK B 376 -23.29 -40.36 -2.60
C UNK B 376 -22.42 -39.15 -2.39
N UNK B 377 -22.57 -38.15 -3.25
CA UNK B 377 -21.80 -36.91 -3.19
C UNK B 377 -22.14 -36.11 -1.93
N UNK B 378 -23.34 -36.31 -1.39
CA UNK B 378 -23.80 -35.62 -0.21
C UNK B 378 -22.92 -35.80 1.03
N UNK B 379 -22.43 -37.02 1.24
CA UNK B 379 -21.56 -37.33 2.39
C UNK B 379 -20.10 -37.36 1.99
N UNK B 380 -19.83 -36.84 0.79
CA UNK B 380 -18.48 -36.76 0.25
C UNK B 380 -17.83 -35.42 0.63
N UNK B 381 -18.54 -34.29 0.52
CA UNK B 381 -17.83 -33.05 0.94
C UNK B 381 -17.71 -33.13 2.47
N UNK B 382 -18.75 -33.72 3.10
CA UNK B 382 -18.77 -33.88 4.55
C UNK B 382 -17.53 -34.61 5.05
N UNK B 383 -17.21 -35.74 4.43
CA UNK B 383 -16.02 -36.52 4.78
C UNK B 383 -14.77 -35.68 4.48
N UNK B 384 -14.85 -35.07 3.30
CA UNK B 384 -13.81 -34.23 2.75
C UNK B 384 -13.72 -32.91 3.52
N UNK B 385 -14.74 -32.65 4.33
CA UNK B 385 -14.71 -31.41 5.11
C UNK B 385 -13.75 -31.67 6.29
N UNK B 386 -14.00 -32.85 6.88
CA UNK B 386 -13.29 -33.40 8.01
C UNK B 386 -11.87 -33.84 7.70
N UNK B 387 -11.54 -33.80 6.41
CA UNK B 387 -10.21 -34.18 5.95
C UNK B 387 -9.48 -32.89 5.57
N UNK B 388 -10.27 -31.90 5.12
CA UNK B 388 -9.63 -30.66 4.72
C UNK B 388 -8.74 -30.13 5.85
N UNK B 389 -9.26 -30.21 7.07
CA UNK B 389 -8.56 -29.75 8.25
C UNK B 389 -7.21 -30.36 8.57
N UNK B 390 -7.23 -31.61 8.99
CA UNK B 390 -6.03 -32.36 9.35
C UNK B 390 -5.06 -32.57 8.22
N UNK B 391 -5.40 -32.10 7.01
CA UNK B 391 -4.49 -32.27 5.88
C UNK B 391 -3.55 -31.08 5.76
N UNK B 392 -1.97 -38.91 16.07
CA UNK B 392 -2.75 -39.48 17.15
C UNK B 392 -4.27 -39.40 16.87
N UNK B 393 -5.00 -40.01 17.79
CA UNK B 393 -6.45 -40.08 17.75
C UNK B 393 -6.93 -40.93 16.58
N UNK B 394 -7.64 -41.99 16.92
CA UNK B 394 -8.18 -42.91 15.92
C UNK B 394 -9.15 -42.22 14.95
N UNK B 395 -10.08 -41.44 15.50
CA UNK B 395 -11.07 -40.75 14.66
C UNK B 395 -10.33 -39.89 13.62
N UNK B 396 -9.74 -38.80 14.08
CA UNK B 396 -9.00 -37.90 13.19
C UNK B 396 -8.12 -38.73 12.25
N UNK B 397 -7.58 -39.83 12.76
CA UNK B 397 -6.75 -40.69 11.89
C UNK B 397 -7.62 -41.18 10.73
N UNK B 398 -8.74 -41.77 11.12
CA UNK B 398 -9.71 -42.31 10.15
C UNK B 398 -10.15 -41.23 9.18
N UNK B 399 -10.47 -40.04 9.69
CA UNK B 399 -10.87 -38.95 8.80
C UNK B 399 -9.80 -38.71 7.73
N UNK B 400 -8.55 -38.69 8.21
CA UNK B 400 -7.43 -38.47 7.31
C UNK B 400 -7.34 -39.61 6.30
N UNK B 401 -7.84 -40.78 6.67
CA UNK B 401 -7.78 -41.93 5.77
C UNK B 401 -8.80 -41.90 4.66
N UNK B 402 -10.01 -41.39 4.93
CA UNK B 402 -10.98 -41.36 3.83
C UNK B 402 -10.39 -40.38 2.79
N UNK B 403 -10.24 -39.14 3.28
CA UNK B 403 -9.74 -38.03 2.54
C UNK B 403 -8.78 -38.36 1.41
N UNK B 404 -7.76 -39.16 1.69
CA UNK B 404 -6.79 -39.50 0.66
C UNK B 404 -7.36 -40.41 -0.42
N UNK B 405 -8.33 -41.24 -0.02
CA UNK B 405 -8.97 -42.13 -0.99
C UNK B 405 -9.93 -41.27 -1.82
N UNK B 406 -10.84 -40.61 -1.09
CA UNK B 406 -11.81 -39.76 -1.77
C UNK B 406 -11.12 -38.89 -2.81
N UNK B 407 -9.97 -38.34 -2.44
CA UNK B 407 -9.22 -37.51 -3.36
C UNK B 407 -8.72 -38.29 -4.56
N UNK B 408 -8.49 -39.59 -4.41
CA UNK B 408 -7.99 -40.32 -5.60
C UNK B 408 -9.15 -40.55 -6.58
N UNK B 409 -10.35 -40.69 -5.98
CA UNK B 409 -11.57 -40.93 -6.71
C UNK B 409 -11.95 -39.72 -7.60
N UNK B 410 -11.44 -38.54 -7.23
CA UNK B 410 -11.79 -37.33 -7.99
C UNK B 410 -10.80 -37.04 -9.09
N UNK B 411 -9.67 -37.78 -9.08
CA UNK B 411 -8.69 -37.59 -10.17
C UNK B 411 -9.36 -38.20 -11.41
N UNK B 412 -9.19 -37.59 -12.55
CA UNK B 412 -9.79 -38.01 -13.80
C UNK B 412 -8.93 -37.58 -14.98
N UNK B 413 -8.80 -38.44 -15.98
CA UNK B 413 -7.98 -38.06 -17.13
C UNK B 413 -8.87 -37.27 -18.09
N UNK B 414 -8.29 -36.88 -19.21
CA UNK B 414 -9.03 -36.13 -20.21
C UNK B 414 -9.71 -37.00 -21.27
N UNK B 415 -10.76 -36.41 -21.86
CA UNK B 415 -11.49 -37.07 -22.92
C UNK B 415 -12.16 -38.33 -22.43
N UNK B 416 -12.44 -38.43 -21.14
CA UNK B 416 -13.12 -39.67 -20.70
C UNK B 416 -14.26 -39.34 -19.76
N UNK B 417 -15.18 -38.52 -20.22
CA UNK B 417 -16.31 -38.09 -19.40
C UNK B 417 -17.11 -39.31 -18.96
N UNK B 418 -17.57 -39.38 -17.73
CA UNK B 418 -18.34 -40.50 -17.24
C UNK B 418 -19.86 -40.29 -17.18
N UNK B 419 -20.61 -41.38 -17.24
CA UNK B 419 -22.08 -41.35 -17.18
C UNK B 419 -22.51 -41.16 -15.72
N UNK B 420 -23.39 -40.19 -15.43
CA UNK B 420 -23.76 -39.94 -14.04
C UNK B 420 -23.86 -41.21 -13.22
N UNK B 421 -24.46 -42.25 -13.80
CA UNK B 421 -24.63 -43.50 -13.08
C UNK B 421 -23.28 -44.16 -12.86
N UNK B 422 -22.30 -43.92 -13.73
CA UNK B 422 -20.96 -44.50 -13.51
C UNK B 422 -20.26 -43.83 -12.31
N UNK B 423 -20.40 -42.50 -12.20
CA UNK B 423 -19.84 -41.68 -11.15
C UNK B 423 -20.44 -42.06 -9.79
N UNK B 424 -21.77 -42.18 -9.69
CA UNK B 424 -22.33 -42.54 -8.39
C UNK B 424 -21.77 -43.91 -8.00
N UNK B 425 -21.57 -44.77 -9.01
CA UNK B 425 -21.06 -46.13 -8.74
C UNK B 425 -19.73 -46.09 -7.99
N UNK B 426 -18.70 -45.58 -8.66
CA UNK B 426 -17.39 -45.44 -8.01
C UNK B 426 -17.46 -44.60 -6.74
N UNK B 427 -18.13 -43.45 -6.74
CA UNK B 427 -18.19 -42.62 -5.53
C UNK B 427 -18.76 -43.47 -4.38
N UNK B 428 -19.73 -44.32 -4.72
CA UNK B 428 -20.36 -45.18 -3.71
C UNK B 428 -19.26 -45.97 -2.97
N UNK B 429 -18.38 -46.55 -3.77
CA UNK B 429 -17.26 -47.35 -3.28
C UNK B 429 -16.43 -46.66 -2.22
N UNK B 430 -16.03 -45.40 -2.40
CA UNK B 430 -15.21 -44.69 -1.43
C UNK B 430 -15.97 -44.13 -0.24
N UNK B 431 -17.11 -43.52 -0.52
CA UNK B 431 -17.95 -42.92 0.53
C UNK B 431 -18.60 -43.96 1.42
N UNK B 432 -18.70 -45.22 0.97
CA UNK B 432 -19.33 -46.26 1.82
C UNK B 432 -18.30 -47.02 2.64
N UNK B 433 -17.02 -46.85 2.29
CA UNK B 433 -15.95 -47.47 3.04
C UNK B 433 -15.24 -48.59 2.34
N UNK B 434 -15.82 -49.07 1.24
CA UNK B 434 -15.22 -50.18 0.51
C UNK B 434 -13.81 -49.95 0.03
N UNK B 435 -13.18 -48.84 0.37
CA UNK B 435 -11.79 -48.62 -0.07
C UNK B 435 -10.90 -48.24 1.11
N UNK B 436 -11.52 -48.22 2.29
CA UNK B 436 -10.83 -47.87 3.53
C UNK B 436 -9.67 -48.83 3.79
N UNK B 437 -9.96 -50.11 3.59
CA UNK B 437 -8.99 -51.16 3.87
C UNK B 437 -7.90 -51.23 2.81
N UNK B 438 -7.95 -50.28 1.89
CA UNK B 438 -7.01 -50.25 0.77
C UNK B 438 -6.05 -49.10 0.74
N UNK B 439 -4.97 -49.28 -0.04
CA UNK B 439 -3.90 -48.34 -0.18
C UNK B 439 -4.05 -47.31 -1.28
N UNK B 440 -4.03 -46.06 -0.89
CA UNK B 440 -4.15 -44.90 -1.76
C UNK B 440 -3.55 -45.06 -3.13
N UNK B 441 -2.47 -45.82 -3.26
CA UNK B 441 -1.90 -45.98 -4.61
C UNK B 441 -2.74 -46.90 -5.47
N UNK B 442 -3.63 -47.72 -4.89
CA UNK B 442 -4.44 -48.60 -5.72
C UNK B 442 -5.77 -48.02 -6.16
N UNK B 443 -6.20 -46.92 -5.54
CA UNK B 443 -7.49 -46.32 -5.87
C UNK B 443 -7.67 -46.10 -7.37
N UNK B 444 -6.70 -45.49 -8.04
CA UNK B 444 -6.87 -45.26 -9.49
C UNK B 444 -7.24 -46.55 -10.23
N UNK B 445 -6.34 -47.53 -10.05
CA UNK B 445 -6.38 -48.86 -10.61
C UNK B 445 -7.63 -49.63 -10.23
N UNK B 446 -8.14 -49.38 -9.02
CA UNK B 446 -9.37 -50.06 -8.60
C UNK B 446 -10.52 -49.52 -9.48
N UNK B 447 -10.52 -48.19 -9.62
CA UNK B 447 -11.53 -47.50 -10.39
C UNK B 447 -11.70 -48.02 -11.81
N UNK B 448 -10.64 -48.05 -12.62
CA UNK B 448 -10.80 -48.53 -14.00
C UNK B 448 -11.31 -49.98 -14.04
N UNK B 449 -10.63 -50.83 -13.27
CA UNK B 449 -10.92 -52.24 -13.11
C UNK B 449 -12.31 -52.55 -12.58
N UNK B 450 -12.76 -51.83 -11.56
CA UNK B 450 -14.08 -52.07 -10.97
C UNK B 450 -15.16 -51.46 -11.87
N UNK B 451 -14.76 -50.43 -12.62
CA UNK B 451 -15.70 -49.73 -13.49
C UNK B 451 -15.99 -50.54 -14.74
N UNK B 452 -14.92 -51.01 -15.41
CA UNK B 452 -15.12 -51.82 -16.63
C UNK B 452 -15.98 -53.05 -16.29
N UNK B 453 -15.69 -53.60 -15.11
CA UNK B 453 -16.39 -54.75 -14.57
C UNK B 453 -17.89 -54.56 -14.52
N UNK B 454 -18.39 -53.53 -13.83
CA UNK B 454 -19.83 -53.30 -13.74
C UNK B 454 -20.37 -52.76 -15.05
N UNK B 455 -19.47 -52.29 -15.92
CA UNK B 455 -19.95 -51.75 -17.20
C UNK B 455 -20.23 -52.92 -18.13
N UNK B 456 -19.30 -53.88 -18.07
CA UNK B 456 -19.42 -55.10 -18.89
C UNK B 456 -20.57 -55.97 -18.35
N UNK B 457 -20.34 -56.45 -17.12
CA UNK B 457 -21.27 -57.29 -16.43
C UNK B 457 -22.55 -56.72 -15.91
N UNK B 458 -22.64 -55.53 -15.31
CA UNK B 458 -23.91 -55.05 -14.79
C UNK B 458 -24.59 -53.87 -15.42
N UNK B 459 -24.81 -53.86 -16.73
CA UNK B 459 -25.50 -52.70 -17.32
C UNK B 459 -26.91 -52.61 -16.74
N UNK B 460 -27.37 -53.70 -16.17
CA UNK B 460 -28.66 -53.91 -15.57
C UNK B 460 -28.98 -53.09 -14.33
N UNK B 461 -27.97 -52.87 -13.51
CA UNK B 461 -28.19 -52.10 -12.26
C UNK B 461 -27.99 -50.63 -12.65
N UNK B 462 -26.93 -50.46 -13.47
CA UNK B 462 -26.63 -49.09 -13.92
C UNK B 462 -27.89 -48.47 -14.49
N UNK B 463 -28.46 -49.10 -15.51
CA UNK B 463 -29.69 -48.63 -16.13
C UNK B 463 -30.77 -48.32 -15.11
N UNK B 464 -30.92 -49.13 -14.05
CA UNK B 464 -31.97 -48.78 -13.08
C UNK B 464 -31.58 -47.42 -12.45
N UNK B 465 -30.39 -47.43 -11.83
CA UNK B 465 -29.86 -46.22 -11.18
C UNK B 465 -30.16 -45.00 -12.08
N UNK B 466 -29.61 -45.09 -13.29
CA UNK B 466 -29.74 -44.07 -14.28
C UNK B 466 -31.20 -43.79 -14.60
N UNK B 467 -31.98 -44.83 -14.83
CA UNK B 467 -33.41 -44.61 -15.14
C UNK B 467 -34.17 -44.17 -13.91
N UNK B 468 -34.14 -44.97 -12.85
CA UNK B 468 -34.82 -44.51 -11.62
C UNK B 468 -34.38 -43.06 -11.36
N UNK B 469 -33.07 -42.84 -11.36
CA UNK B 469 -32.52 -41.50 -11.14
C UNK B 469 -32.21 -41.35 -9.63
N UNK B 470 -32.43 -42.46 -8.95
CA UNK B 470 -32.22 -42.53 -7.50
C UNK B 470 -31.59 -43.88 -7.17
N UNK B 471 -31.23 -44.13 -5.91
CA UNK B 471 -30.63 -45.42 -5.56
C UNK B 471 -31.61 -46.16 -4.64
N UNK B 472 -32.44 -47.00 -5.24
CA UNK B 472 -33.43 -47.75 -4.48
C UNK B 472 -32.75 -48.79 -3.59
N UNK B 473 -33.52 -49.25 -2.59
CA UNK B 473 -33.03 -50.20 -1.62
C UNK B 473 -32.41 -51.45 -2.23
N UNK B 474 -33.03 -51.89 -3.32
CA UNK B 474 -32.53 -53.10 -3.99
C UNK B 474 -31.24 -52.77 -4.76
N UNK B 475 -31.27 -51.65 -5.47
CA UNK B 475 -30.12 -51.18 -6.24
C UNK B 475 -28.92 -50.99 -5.31
N UNK B 476 -29.22 -50.32 -4.19
CA UNK B 476 -28.15 -50.07 -3.22
C UNK B 476 -27.68 -51.40 -2.62
N UNK B 477 -28.65 -52.27 -2.32
CA UNK B 477 -28.36 -53.59 -1.75
C UNK B 477 -27.50 -54.40 -2.73
N UNK B 478 -27.92 -54.34 -3.99
CA UNK B 478 -27.26 -55.00 -5.11
C UNK B 478 -25.85 -54.45 -5.34
N UNK B 479 -25.76 -53.12 -5.27
CA UNK B 479 -24.48 -52.45 -5.45
C UNK B 479 -23.51 -52.88 -4.33
N UNK B 480 -23.98 -52.83 -3.08
CA UNK B 480 -23.14 -53.20 -1.95
C UNK B 480 -22.42 -54.53 -2.12
N UNK B 481 -23.17 -55.55 -2.54
CA UNK B 481 -22.56 -56.86 -2.74
C UNK B 481 -21.56 -56.77 -3.90
N UNK B 482 -21.97 -56.00 -4.91
CA UNK B 482 -21.12 -55.84 -6.09
C UNK B 482 -19.77 -55.24 -5.71
N UNK B 483 -19.75 -54.25 -4.81
CA UNK B 483 -18.41 -53.72 -4.45
C UNK B 483 -17.70 -54.81 -3.63
N UNK B 484 -18.53 -55.43 -2.80
CA UNK B 484 -18.11 -56.49 -1.89
C UNK B 484 -17.29 -57.58 -2.57
N UNK B 485 -17.95 -58.23 -3.52
CA UNK B 485 -17.30 -59.32 -4.24
C UNK B 485 -16.13 -58.83 -5.06
N UNK B 486 -16.31 -57.80 -5.89
CA UNK B 486 -15.21 -57.31 -6.70
C UNK B 486 -13.98 -57.11 -5.82
N UNK B 487 -14.24 -56.51 -4.65
CA UNK B 487 -13.14 -56.27 -3.72
C UNK B 487 -12.40 -57.57 -3.40
N UNK B 488 -13.23 -58.47 -2.85
CA UNK B 488 -12.79 -59.79 -2.45
C UNK B 488 -11.94 -60.50 -3.49
N UNK B 489 -12.02 -60.11 -4.75
CA UNK B 489 -11.21 -60.76 -5.78
C UNK B 489 -10.11 -59.83 -6.29
N UNK B 490 -10.12 -58.56 -5.85
CA UNK B 490 -9.13 -57.61 -6.34
C UNK B 490 -7.70 -57.96 -5.99
N UNK B 491 -6.90 -58.04 -7.06
CA UNK B 491 -5.47 -58.35 -6.90
C UNK B 491 -4.74 -57.05 -6.58
N UNK B 492 -3.94 -57.12 -5.53
CA UNK B 492 -3.17 -55.98 -5.07
C UNK B 492 -2.18 -55.53 -6.16
N UNK C 1 -40.96 52.81 -12.74
CA UNK C 1 -39.58 52.41 -12.51
C UNK C 1 -39.46 51.49 -11.29
N UNK C 2 -39.96 50.27 -11.50
CA UNK C 2 -39.86 49.31 -10.39
C UNK C 2 -38.36 49.13 -10.20
N UNK C 3 -37.82 49.52 -9.05
CA UNK C 3 -36.39 49.41 -8.83
C UNK C 3 -36.08 48.54 -7.62
N UNK C 4 -36.92 47.54 -7.38
CA UNK C 4 -36.71 46.68 -6.23
C UNK C 4 -35.73 45.56 -6.52
N UNK C 5 -35.54 45.23 -7.78
CA UNK C 5 -34.66 44.12 -8.17
C UNK C 5 -33.47 44.51 -9.01
N UNK C 6 -32.64 45.44 -8.58
CA UNK C 6 -31.42 45.91 -9.18
C UNK C 6 -30.37 44.84 -8.95
N UNK C 7 -29.37 44.70 -9.78
CA UNK C 7 -28.44 43.59 -9.49
C UNK C 7 -27.38 43.89 -8.47
N UNK C 8 -27.61 44.83 -7.55
CA UNK C 8 -26.55 45.11 -6.58
C UNK C 8 -26.86 44.54 -5.22
N UNK C 9 -28.15 44.48 -4.91
CA UNK C 9 -28.54 43.93 -3.59
C UNK C 9 -29.38 42.68 -3.78
N UNK C 10 -29.62 42.34 -5.04
CA UNK C 10 -30.39 41.15 -5.36
C UNK C 10 -29.74 40.42 -6.53
N UNK C 11 -30.15 39.17 -6.75
CA UNK C 11 -29.58 38.44 -7.89
C UNK C 11 -30.64 37.45 -8.35
N UNK C 12 -30.33 36.65 -9.35
CA UNK C 12 -31.33 35.65 -9.79
C UNK C 12 -30.60 34.34 -10.01
N UNK C 13 -31.18 33.26 -9.54
CA UNK C 13 -30.56 31.93 -9.68
C UNK C 13 -30.31 31.56 -11.13
N UNK C 14 -29.03 31.38 -11.50
CA UNK C 14 -28.66 30.94 -12.83
C UNK C 14 -28.88 29.41 -12.91
N UNK C 15 -28.56 28.70 -11.84
CA UNK C 15 -28.78 27.26 -11.86
C UNK C 15 -28.75 26.76 -10.43
N UNK C 16 -29.35 25.62 -10.16
CA UNK C 16 -29.36 25.06 -8.80
C UNK C 16 -29.31 23.54 -8.92
N UNK C 17 -28.51 22.90 -8.07
CA UNK C 17 -28.39 21.47 -8.05
C UNK C 17 -27.53 21.06 -6.85
N UNK C 18 -27.92 19.96 -6.23
CA UNK C 18 -27.14 19.43 -5.11
C UNK C 18 -26.81 20.42 -4.04
N UNK C 19 -27.72 21.34 -3.77
CA UNK C 19 -27.50 22.31 -2.71
C UNK C 19 -26.59 23.45 -3.03
N UNK C 20 -26.23 23.65 -4.30
CA UNK C 20 -25.36 24.78 -4.63
C UNK C 20 -26.09 25.67 -5.63
N UNK C 21 -26.31 26.93 -5.29
CA UNK C 21 -26.97 27.86 -6.18
C UNK C 21 -25.91 28.71 -6.86
N UNK C 22 -26.00 28.93 -8.15
CA UNK C 22 -25.05 29.83 -8.82
C UNK C 22 -25.89 31.08 -9.16
N UNK C 23 -25.94 32.02 -8.23
CA UNK C 23 -26.66 33.27 -8.30
C UNK C 23 -26.01 34.34 -9.17
N UNK C 24 -26.78 34.99 -10.00
CA UNK C 24 -26.28 36.05 -10.90
C UNK C 24 -26.54 37.39 -10.24
N UNK C 25 -25.78 38.45 -10.43
CA UNK C 25 -26.13 39.68 -9.68
C UNK C 25 -25.42 39.68 -8.32
N UNK C 26 -26.11 40.00 -7.24
CA UNK C 26 -25.51 40.06 -5.91
C UNK C 26 -24.16 40.77 -5.93
N UNK C 27 -24.10 41.85 -6.72
CA UNK C 27 -22.88 42.61 -6.83
C UNK C 27 -22.26 43.16 -5.58
N UNK C 28 -23.04 43.40 -4.53
CA UNK C 28 -22.50 43.94 -3.31
C UNK C 28 -22.44 42.92 -2.19
N UNK C 29 -22.59 41.61 -2.44
CA UNK C 29 -22.53 40.66 -1.33
C UNK C 29 -21.08 40.59 -0.83
N UNK C 30 -20.96 40.19 0.43
CA UNK C 30 -19.60 40.08 1.01
C UNK C 30 -19.26 38.60 1.08
N UNK C 31 -18.02 38.19 0.98
CA UNK C 31 -17.77 36.76 1.14
C UNK C 31 -18.35 36.34 2.50
N UNK C 32 -18.98 35.17 2.59
CA UNK C 32 -19.53 34.64 3.80
C UNK C 32 -20.76 35.31 4.31
N UNK C 33 -21.44 36.10 3.48
CA UNK C 33 -22.66 36.76 3.98
C UNK C 33 -23.85 35.86 3.78
N UNK C 34 -24.89 36.08 4.56
CA UNK C 34 -26.11 35.29 4.36
C UNK C 34 -27.04 35.98 3.35
N UNK C 35 -27.67 35.18 2.51
CA UNK C 35 -28.59 35.69 1.50
C UNK C 35 -29.94 34.99 1.68
N UNK C 36 -31.01 35.50 1.07
CA UNK C 36 -32.29 34.84 1.22
C UNK C 36 -32.83 34.47 -0.17
N UNK C 37 -33.53 33.34 -0.21
CA UNK C 37 -34.14 32.80 -1.42
C UNK C 37 -35.62 33.12 -1.44
N UNK C 38 -36.28 33.28 -2.58
CA UNK C 38 -37.71 33.59 -2.61
C UNK C 38 -38.49 32.73 -1.60
N UNK C 39 -38.09 31.45 -1.53
CA UNK C 39 -38.70 30.48 -0.65
C UNK C 39 -38.39 30.60 0.83
N UNK C 40 -37.87 31.74 1.30
CA UNK C 40 -37.60 31.84 2.75
C UNK C 40 -36.41 31.01 3.17
N UNK C 41 -35.79 30.35 2.21
CA UNK C 41 -34.60 29.53 2.46
C UNK C 41 -33.37 30.44 2.47
N UNK C 42 -32.56 30.30 3.50
CA UNK C 42 -31.31 31.02 3.67
C UNK C 42 -30.14 30.21 3.10
N UNK C 43 -29.12 30.91 2.63
CA UNK C 43 -27.92 30.31 2.03
C UNK C 43 -26.72 31.14 2.45
N UNK C 44 -25.53 30.75 2.05
CA UNK C 44 -24.34 31.51 2.44
C UNK C 44 -23.41 31.69 1.27
N UNK C 45 -22.94 32.90 1.04
CA UNK C 45 -22.08 33.27 -0.06
C UNK C 45 -20.65 32.81 0.08
N UNK C 46 -20.29 31.66 -0.48
CA UNK C 46 -18.93 31.14 -0.37
C UNK C 46 -18.01 31.49 -1.50
N UNK C 47 -18.38 31.33 -2.76
CA UNK C 47 -17.47 31.68 -3.86
C UNK C 47 -17.84 33.01 -4.49
N UNK C 48 -17.05 34.06 -4.40
CA UNK C 48 -17.50 35.28 -5.10
C UNK C 48 -16.68 35.30 -6.39
N UNK C 49 -17.26 34.83 -7.47
CA UNK C 49 -16.62 34.79 -8.78
C UNK C 49 -16.94 35.98 -9.65
N UNK C 50 -16.13 36.20 -10.66
CA UNK C 50 -16.30 37.29 -11.59
C UNK C 50 -17.73 37.41 -12.06
N UNK C 51 -18.28 36.32 -12.57
CA UNK C 51 -19.63 36.34 -13.11
C UNK C 51 -20.69 35.66 -12.27
N UNK C 52 -20.41 35.17 -11.07
CA UNK C 52 -21.54 34.56 -10.36
C UNK C 52 -21.18 34.46 -8.88
N UNK C 53 -22.08 34.13 -7.99
CA UNK C 53 -21.79 33.97 -6.57
C UNK C 53 -22.11 32.50 -6.27
N UNK C 54 -21.18 31.72 -5.72
CA UNK C 54 -21.55 30.31 -5.43
C UNK C 54 -22.22 30.31 -4.03
N UNK C 55 -23.50 30.00 -3.94
CA UNK C 55 -24.21 30.02 -2.68
C UNK C 55 -24.53 28.60 -2.20
N UNK C 56 -24.12 28.38 -0.98
CA UNK C 56 -24.36 27.08 -0.29
C UNK C 56 -25.73 27.22 0.32
N UNK C 57 -26.64 26.28 0.21
CA UNK C 57 -28.00 26.39 0.71
C UNK C 57 -28.27 25.66 2.02
N UNK C 58 -28.75 26.42 3.00
CA UNK C 58 -29.11 25.88 4.31
C UNK C 58 -30.48 25.24 4.28
N UNK C 59 -30.66 24.21 3.44
CA UNK C 59 -31.97 23.54 3.39
C UNK C 59 -32.19 22.79 2.10
N UNK C 60 -33.40 22.24 1.91
CA UNK C 60 -33.67 21.47 0.69
C UNK C 60 -33.67 22.35 -0.54
N UNK C 61 -32.73 22.16 -1.47
CA UNK C 61 -32.75 22.97 -2.68
C UNK C 61 -33.92 22.63 -3.58
N UNK C 62 -34.82 21.74 -3.21
CA UNK C 62 -35.94 21.44 -4.11
C UNK C 62 -36.84 22.64 -4.31
N UNK C 63 -36.86 23.56 -3.35
CA UNK C 63 -37.73 24.73 -3.52
C UNK C 63 -37.07 25.82 -4.32
N UNK C 64 -35.85 25.60 -4.81
CA UNK C 64 -35.17 26.66 -5.56
C UNK C 64 -35.12 26.33 -7.03
N UNK C 65 -35.42 27.30 -7.89
CA UNK C 65 -35.41 27.04 -9.32
C UNK C 65 -34.61 28.13 -10.05
N UNK C 66 -34.21 27.81 -11.27
CA UNK C 66 -33.46 28.82 -12.03
C UNK C 66 -34.32 30.09 -12.09
N UNK C 67 -33.77 31.28 -11.97
CA UNK C 67 -34.59 32.47 -12.05
C UNK C 67 -34.96 33.02 -10.71
N UNK C 68 -35.11 32.24 -9.66
CA UNK C 68 -35.48 32.79 -8.36
C UNK C 68 -34.72 34.04 -7.98
N UNK C 69 -35.37 34.89 -7.17
CA UNK C 69 -34.72 36.12 -6.70
C UNK C 69 -34.00 35.74 -5.41
N UNK C 70 -32.80 36.23 -5.26
CA UNK C 70 -31.96 36.02 -4.07
C UNK C 70 -31.67 37.44 -3.53
N UNK C 71 -31.83 37.63 -2.25
CA UNK C 71 -31.65 38.93 -1.64
C UNK C 71 -30.54 38.94 -0.59
N UNK C 72 -29.71 39.99 -0.59
CA UNK C 72 -28.68 40.08 0.43
C UNK C 72 -29.38 40.19 1.79
N UNK C 73 -28.58 40.12 2.84
CA UNK C 73 -29.09 40.24 4.21
C UNK C 73 -28.24 41.28 4.91
N UNK C 74 -27.12 41.54 4.26
CA UNK C 74 -26.13 42.49 4.68
C UNK C 74 -25.38 41.93 5.87
N UNK C 75 -25.81 40.75 6.33
CA UNK C 75 -25.15 40.20 7.49
C UNK C 75 -24.33 38.95 7.30
N UNK C 76 -23.13 38.98 7.86
CA UNK C 76 -22.28 37.77 7.83
C UNK C 76 -23.01 36.81 8.80
N UNK C 77 -23.10 35.55 8.44
CA UNK C 77 -23.78 34.51 9.18
C UNK C 77 -23.61 34.58 10.68
N UNK C 78 -24.81 34.64 11.55
CA UNK C 78 -24.65 34.70 13.01
C UNK C 78 -25.69 33.78 13.66
N UNK C 79 -25.79 33.84 14.98
CA UNK C 79 -26.74 33.03 15.71
C UNK C 79 -27.02 33.51 17.13
N UNK C 80 -28.18 33.14 17.63
CA UNK C 80 -28.62 33.43 18.97
C UNK C 80 -27.51 33.09 19.93
N UNK C 81 -27.36 33.78 21.04
CA UNK C 81 -26.27 33.42 21.99
C UNK C 81 -26.74 33.77 23.37
N UNK C 82 -26.16 33.20 24.43
CA UNK C 82 -26.58 33.56 25.78
C UNK C 82 -27.24 32.50 26.61
N UNK C 83 -27.47 32.84 27.88
CA UNK C 83 -28.05 31.98 28.87
C UNK C 83 -29.40 31.40 28.54
N UNK C 84 -30.14 32.01 27.62
CA UNK C 84 -31.45 31.49 27.28
C UNK C 84 -31.36 30.09 26.69
N UNK C 85 -30.29 29.80 25.99
CA UNK C 85 -30.13 28.51 25.34
C UNK C 85 -29.89 27.36 26.29
N UNK C 86 -29.36 27.57 27.48
CA UNK C 86 -29.11 26.44 28.40
C UNK C 86 -30.30 25.52 28.51
N UNK C 87 -30.07 24.21 28.59
CA UNK C 87 -31.18 23.27 28.71
C UNK C 87 -31.97 23.13 27.44
N UNK C 88 -31.52 23.73 26.34
CA UNK C 88 -32.27 23.59 25.09
C UNK C 88 -31.52 22.90 23.99
N UNK C 89 -32.23 22.26 23.07
CA UNK C 89 -31.65 21.57 21.94
C UNK C 89 -31.86 22.37 20.66
N UNK C 90 -30.81 22.99 20.14
CA UNK C 90 -30.95 23.78 18.92
C UNK C 90 -30.30 23.15 17.70
N UNK C 91 -30.70 23.58 16.50
CA UNK C 91 -30.13 23.06 15.25
C UNK C 91 -28.88 23.86 14.94
N UNK C 92 -28.24 23.69 13.78
CA UNK C 92 -27.02 24.47 13.54
C UNK C 92 -27.22 25.96 13.42
N UNK C 93 -28.46 26.47 13.33
CA UNK C 93 -28.64 27.93 13.20
C UNK C 93 -29.18 28.58 14.46
N UNK C 94 -29.56 27.78 15.47
CA UNK C 94 -30.08 28.39 16.70
C UNK C 94 -31.53 28.01 16.94
N UNK C 95 -32.28 27.68 15.92
CA UNK C 95 -33.68 27.30 16.04
C UNK C 95 -33.83 26.15 17.01
N UNK C 96 -34.84 26.16 17.85
CA UNK C 96 -35.06 25.07 18.80
C UNK C 96 -35.52 23.82 18.05
N UNK C 97 -35.22 22.64 18.60
CA UNK C 97 -35.67 21.41 17.96
C UNK C 97 -36.25 20.49 19.01
N UNK C 98 -36.40 21.03 20.22
CA UNK C 98 -36.98 20.27 21.33
C UNK C 98 -38.46 20.67 21.42
N UNK C 99 -38.94 21.37 20.39
CA UNK C 99 -40.31 21.80 20.36
C UNK C 99 -40.79 22.25 21.74
N UNK C 100 -39.94 22.94 22.49
CA UNK C 100 -40.20 23.48 23.79
C UNK C 100 -40.28 25.01 23.69
N UNK C 101 -40.69 25.54 22.54
CA UNK C 101 -40.81 26.98 22.45
C UNK C 101 -39.59 27.73 21.95
N UNK C 102 -39.79 28.95 21.54
CA UNK C 102 -38.77 29.83 21.02
C UNK C 102 -37.76 30.09 22.14
N UNK C 103 -36.55 30.43 21.76
CA UNK C 103 -35.45 30.74 22.68
C UNK C 103 -35.63 32.19 23.06
N UNK C 104 -35.48 32.64 24.29
CA UNK C 104 -35.70 34.12 24.47
C UNK C 104 -34.45 34.90 24.25
N UNK C 105 -33.80 34.78 23.11
CA UNK C 105 -32.53 35.42 22.86
C UNK C 105 -32.52 36.91 22.62
N UNK C 106 -31.60 37.57 23.31
CA UNK C 106 -31.46 39.02 23.16
C UNK C 106 -30.13 39.35 22.49
N UNK C 107 -29.21 38.38 22.47
CA UNK C 107 -27.90 38.63 21.87
C UNK C 107 -27.70 37.72 20.66
N UNK C 108 -26.87 38.17 19.77
CA UNK C 108 -26.52 37.40 18.59
C UNK C 108 -25.00 37.44 18.45
N UNK C 109 -24.44 36.56 17.66
CA UNK C 109 -22.98 36.50 17.52
C UNK C 109 -22.62 35.89 16.18
N UNK C 110 -21.63 36.43 15.50
CA UNK C 110 -21.21 35.87 14.21
C UNK C 110 -20.61 34.49 14.44
N UNK C 111 -20.98 33.48 13.67
CA UNK C 111 -20.44 32.13 13.87
C UNK C 111 -18.95 32.08 13.60
N UNK C 112 -18.48 32.90 12.66
CA UNK C 112 -17.09 32.93 12.33
C UNK C 112 -16.26 34.10 12.78
N UNK C 113 -15.79 34.11 14.01
CA UNK C 113 -14.95 35.20 14.51
C UNK C 113 -13.55 34.68 14.84
N UNK C 114 -12.53 35.45 14.48
CA UNK C 114 -11.16 35.01 14.75
C UNK C 114 -10.99 34.87 16.25
N UNK C 115 -10.11 33.97 16.66
CA UNK C 115 -9.82 33.74 18.06
C UNK C 115 -9.02 34.93 18.61
N UNK C 116 -9.28 35.25 19.85
CA UNK C 116 -8.56 36.29 20.56
C UNK C 116 -7.05 36.05 20.39
N UNK C 117 -6.31 37.12 20.18
CA UNK C 117 -4.89 37.11 20.02
C UNK C 117 -4.07 36.77 21.23
N UNK C 118 -2.81 37.16 21.16
CA UNK C 118 -1.81 36.93 22.19
C UNK C 118 -2.06 37.64 23.51
N UNK C 119 -2.26 38.98 23.37
CA UNK C 119 -2.47 39.89 24.48
C UNK C 119 -3.65 39.63 25.38
N UNK C 120 -4.83 39.36 24.89
CA UNK C 120 -6.00 39.09 25.69
C UNK C 120 -5.97 37.79 26.45
N UNK C 121 -4.95 36.93 26.44
CA UNK C 121 -5.10 35.68 27.21
C UNK C 121 -4.08 35.56 28.33
N UNK C 122 -4.25 34.56 29.18
CA UNK C 122 -3.37 34.25 30.29
C UNK C 122 -3.19 32.72 30.38
N UNK C 123 -2.01 32.23 30.73
CA UNK C 123 -1.73 30.80 30.81
C UNK C 123 -2.85 30.04 31.48
N UNK C 124 -3.18 28.86 31.00
CA UNK C 124 -4.23 28.00 31.57
C UNK C 124 -3.78 27.60 32.95
N UNK C 125 -4.55 27.86 34.00
CA UNK C 125 -4.10 27.43 35.32
C UNK C 125 -5.15 26.73 36.16
N UNK C 126 -6.40 26.96 35.89
CA UNK C 126 -7.47 26.33 36.65
C UNK C 126 -7.84 24.98 36.07
N UNK C 127 -7.89 23.96 36.88
CA UNK C 127 -8.27 22.62 36.44
C UNK C 127 -9.69 22.63 35.87
N UNK C 128 -9.95 21.65 35.06
CA UNK C 128 -11.25 21.34 34.41
C UNK C 128 -11.30 19.83 34.75
N UNK C 129 -11.97 19.48 35.84
CA UNK C 129 -12.01 18.11 36.28
C UNK C 129 -13.02 17.29 35.49
N UNK C 130 -12.52 16.18 34.95
CA UNK C 130 -13.35 15.29 34.18
C UNK C 130 -14.11 14.35 35.12
N UNK C 131 -13.45 13.86 36.13
CA UNK C 131 -14.18 12.94 37.07
C UNK C 131 -13.55 11.55 36.83
N UNK C 132 -12.66 11.56 35.84
CA UNK C 132 -11.97 10.34 35.44
C UNK C 132 -10.52 10.32 35.88
N UNK C 133 -10.20 9.43 36.80
CA UNK C 133 -8.84 9.35 37.32
C UNK C 133 -7.79 9.41 36.24
N UNK C 134 -7.85 8.40 35.37
CA UNK C 134 -6.91 8.26 34.25
C UNK C 134 -6.61 9.59 33.58
N UNK C 135 -7.66 10.35 33.31
CA UNK C 135 -7.54 11.64 32.65
C UNK C 135 -7.03 12.70 33.60
N UNK C 136 -7.79 12.96 34.67
CA UNK C 136 -7.39 13.98 35.63
C UNK C 136 -6.04 13.74 36.28
N UNK C 137 -5.45 12.54 36.27
CA UNK C 137 -4.18 12.26 36.86
C UNK C 137 -3.03 12.22 35.86
N UNK C 138 -3.25 11.63 34.69
CA UNK C 138 -2.22 11.49 33.67
C UNK C 138 -2.30 12.54 32.56
N UNK C 139 -3.47 12.95 32.08
CA UNK C 139 -3.51 13.98 31.00
C UNK C 139 -4.49 15.08 31.43
N UNK C 140 -4.06 15.84 32.42
CA UNK C 140 -4.81 16.90 33.07
C UNK C 140 -5.40 17.90 32.11
N UNK C 141 -6.61 18.38 32.35
CA UNK C 141 -7.19 19.39 31.43
C UNK C 141 -7.48 20.63 32.27
N UNK C 142 -6.99 21.77 31.84
CA UNK C 142 -7.15 23.08 32.47
C UNK C 142 -8.18 23.89 31.70
N UNK C 143 -8.67 25.01 32.23
CA UNK C 143 -9.70 25.78 31.53
C UNK C 143 -9.07 26.66 30.48
N UNK C 144 -9.61 26.66 29.27
CA UNK C 144 -9.05 27.44 28.17
C UNK C 144 -8.23 26.47 27.28
N UNK C 145 -8.11 25.23 27.76
CA UNK C 145 -7.39 24.19 27.09
C UNK C 145 -8.26 23.43 26.07
N UNK C 146 -7.58 22.94 25.01
CA UNK C 146 -8.22 22.12 24.00
C UNK C 146 -7.62 20.71 24.12
N UNK C 147 -8.39 19.73 24.48
CA UNK C 147 -7.81 18.38 24.59
C UNK C 147 -8.66 17.48 23.70
N UNK C 148 -8.04 16.74 22.81
CA UNK C 148 -8.74 15.87 21.84
C UNK C 148 -9.06 14.48 22.34
N UNK C 149 -10.25 14.01 22.02
CA UNK C 149 -10.59 12.59 22.41
C UNK C 149 -10.49 11.84 21.08
N UNK C 150 -9.58 10.90 20.87
CA UNK C 150 -9.46 10.28 19.53
C UNK C 150 -9.37 8.78 19.65
N UNK C 151 -9.95 8.01 18.73
CA UNK C 151 -9.91 6.54 18.79
C UNK C 151 -10.85 5.93 17.75
N UNK C 152 -10.84 4.60 17.52
CA UNK C 152 -11.71 4.03 16.50
C UNK C 152 -13.18 4.04 16.87
N UNK C 153 -14.07 3.56 16.01
CA UNK C 153 -15.49 3.56 16.36
C UNK C 153 -15.72 2.74 17.63
N UNK C 154 -16.65 3.13 18.48
CA UNK C 154 -16.91 2.39 19.70
C UNK C 154 -15.78 2.20 20.67
N UNK C 155 -14.77 3.06 20.80
CA UNK C 155 -13.73 2.76 21.80
C UNK C 155 -14.10 3.53 23.08
N UNK C 156 -15.20 4.29 23.04
CA UNK C 156 -15.63 5.04 24.20
C UNK C 156 -15.41 6.53 24.17
N UNK C 157 -15.11 7.16 23.05
CA UNK C 157 -14.84 8.58 22.98
C UNK C 157 -15.98 9.41 23.56
N UNK C 158 -17.24 9.22 23.21
CA UNK C 158 -18.31 10.06 23.75
C UNK C 158 -18.44 9.95 25.24
N UNK C 159 -18.25 8.74 25.73
CA UNK C 159 -18.39 8.54 27.18
C UNK C 159 -17.50 9.54 27.90
N UNK C 160 -16.23 9.67 27.53
CA UNK C 160 -15.35 10.62 28.21
C UNK C 160 -16.08 11.96 28.31
N UNK C 161 -16.65 12.44 27.23
CA UNK C 161 -17.37 13.69 27.18
C UNK C 161 -18.59 13.72 28.08
N UNK C 162 -19.42 12.67 28.08
CA UNK C 162 -20.61 12.67 28.93
C UNK C 162 -20.18 12.72 30.38
N UNK C 163 -19.38 11.76 30.82
CA UNK C 163 -18.91 11.79 32.20
C UNK C 163 -18.44 13.18 32.60
N UNK C 164 -17.75 13.91 31.73
CA UNK C 164 -17.23 15.24 32.01
C UNK C 164 -18.37 16.23 32.25
N UNK C 165 -19.38 16.21 31.38
CA UNK C 165 -20.52 17.12 31.49
C UNK C 165 -21.26 16.86 32.80
N UNK C 166 -21.41 15.58 33.10
CA UNK C 166 -22.10 15.14 34.32
C UNK C 166 -21.32 15.49 35.56
N UNK C 167 -20.00 15.40 35.51
CA UNK C 167 -19.17 15.71 36.67
C UNK C 167 -19.31 17.16 37.09
N UNK C 168 -19.72 18.06 36.20
CA UNK C 168 -19.82 19.48 36.50
C UNK C 168 -20.97 19.86 37.42
N UNK C 169 -21.85 18.94 37.80
CA UNK C 169 -22.97 19.34 38.67
C UNK C 169 -22.37 19.81 40.00
N UNK C 170 -21.39 19.07 40.47
CA UNK C 170 -20.65 19.36 41.69
C UNK C 170 -20.52 20.88 41.89
N UNK C 171 -19.92 21.53 40.92
CA UNK C 171 -19.71 22.96 41.06
C UNK C 171 -20.93 23.77 40.69
N UNK C 172 -21.71 23.34 39.72
CA UNK C 172 -22.86 24.12 39.25
C UNK C 172 -23.97 24.19 40.27
N UNK C 173 -24.04 23.14 41.08
CA UNK C 173 -25.07 23.11 42.12
C UNK C 173 -24.55 23.88 43.31
N UNK C 174 -23.26 24.17 43.29
CA UNK C 174 -22.60 24.92 44.34
C UNK C 174 -22.88 26.44 44.25
N UNK C 175 -22.21 27.12 45.16
CA UNK C 175 -22.27 28.56 45.36
C UNK C 175 -21.38 29.38 44.43
N UNK C 176 -20.08 29.07 44.51
CA UNK C 176 -19.04 29.73 43.74
C UNK C 176 -19.37 29.81 42.25
N UNK C 177 -19.38 31.03 41.71
CA UNK C 177 -19.68 31.16 40.29
C UNK C 177 -18.44 31.00 39.40
N UNK C 178 -17.25 31.10 40.00
CA UNK C 178 -16.02 30.96 39.23
C UNK C 178 -15.73 29.50 38.93
N UNK C 179 -16.21 28.62 39.80
CA UNK C 179 -15.95 27.20 39.58
C UNK C 179 -16.99 26.60 38.64
N UNK C 180 -18.08 27.30 38.37
CA UNK C 180 -19.10 26.74 37.48
C UNK C 180 -18.65 26.64 36.03
N UNK C 181 -19.17 25.60 35.37
CA UNK C 181 -18.87 25.33 33.96
C UNK C 181 -20.10 25.00 33.14
N UNK C 182 -20.44 25.91 32.24
CA UNK C 182 -21.60 25.67 31.35
C UNK C 182 -21.10 24.80 30.21
N UNK C 183 -21.86 23.81 29.80
CA UNK C 183 -21.41 22.93 28.74
C UNK C 183 -22.19 23.06 27.46
N UNK C 184 -21.51 22.75 26.36
CA UNK C 184 -22.14 22.78 25.03
C UNK C 184 -21.76 21.46 24.37
N UNK C 185 -22.74 20.81 23.81
CA UNK C 185 -22.53 19.52 23.14
C UNK C 185 -23.02 19.60 21.70
N UNK C 186 -22.09 19.62 20.76
CA UNK C 186 -22.41 19.69 19.35
C UNK C 186 -22.36 18.32 18.67
N UNK C 187 -23.50 17.82 18.25
CA UNK C 187 -23.54 16.53 17.55
C UNK C 187 -23.34 16.80 16.07
N UNK C 188 -22.46 16.07 15.37
CA UNK C 188 -22.33 16.36 13.93
C UNK C 188 -22.34 15.08 13.12
N UNK C 189 -23.26 14.93 12.17
CA UNK C 189 -23.28 13.75 11.31
C UNK C 189 -23.84 12.56 12.07
N UNK C 190 -24.02 12.73 13.34
CA UNK C 190 -24.58 11.67 14.22
C UNK C 190 -26.00 11.34 13.80
N UNK C 191 -26.65 10.44 14.49
CA UNK C 191 -28.04 10.01 14.22
C UNK C 191 -29.02 10.57 15.24
N UNK C 192 -30.16 11.10 14.83
CA UNK C 192 -31.13 11.66 15.75
C UNK C 192 -31.51 10.80 16.94
N UNK C 193 -31.69 9.48 16.74
CA UNK C 193 -32.06 8.67 17.88
C UNK C 193 -30.93 8.62 18.89
N UNK C 194 -29.67 8.68 18.53
CA UNK C 194 -28.51 8.64 19.41
C UNK C 194 -28.44 9.91 20.25
N UNK C 195 -28.67 11.03 19.56
CA UNK C 195 -28.69 12.35 20.23
C UNK C 195 -29.86 12.31 21.21
N UNK C 196 -31.06 11.95 20.77
CA UNK C 196 -32.21 11.84 21.64
C UNK C 196 -31.88 10.96 22.84
N UNK C 197 -31.10 9.91 22.65
CA UNK C 197 -30.70 9.03 23.73
C UNK C 197 -29.80 9.87 24.65
N UNK C 198 -28.91 10.61 24.06
CA UNK C 198 -27.91 11.45 24.73
C UNK C 198 -28.55 12.52 25.62
N UNK C 199 -29.51 13.26 25.05
CA UNK C 199 -30.14 14.31 25.84
C UNK C 199 -31.01 13.69 26.89
N UNK C 200 -31.41 12.43 26.70
CA UNK C 200 -32.22 11.81 27.77
C UNK C 200 -31.33 11.62 28.99
N UNK C 201 -30.26 10.86 28.88
CA UNK C 201 -29.29 10.64 29.92
C UNK C 201 -28.87 11.93 30.62
N UNK C 202 -28.57 12.97 29.83
CA UNK C 202 -28.19 14.25 30.43
C UNK C 202 -29.36 14.72 31.31
N UNK C 203 -30.58 14.63 30.79
CA UNK C 203 -31.72 15.02 31.61
C UNK C 203 -31.78 14.16 32.86
N UNK C 204 -31.71 12.84 32.71
CA UNK C 204 -31.76 11.97 33.86
C UNK C 204 -30.65 12.25 34.86
N UNK C 205 -29.59 12.92 34.53
CA UNK C 205 -28.47 13.20 35.43
C UNK C 205 -28.56 14.62 35.99
N UNK C 206 -29.61 15.31 35.53
CA UNK C 206 -29.85 16.68 35.94
C UNK C 206 -28.70 17.57 35.51
N UNK C 207 -28.29 17.38 34.26
CA UNK C 207 -27.22 18.12 33.63
C UNK C 207 -27.72 19.01 32.50
N UNK C 208 -28.93 18.78 31.99
CA UNK C 208 -29.40 19.63 30.89
C UNK C 208 -29.45 21.10 31.30
N UNK C 209 -29.82 21.32 32.54
CA UNK C 209 -29.94 22.66 33.10
C UNK C 209 -28.74 23.48 32.70
N UNK C 210 -27.53 22.91 32.73
CA UNK C 210 -26.37 23.74 32.33
C UNK C 210 -25.78 23.37 30.98
N UNK C 211 -26.50 22.66 30.13
CA UNK C 211 -25.97 22.26 28.83
C UNK C 211 -26.89 22.82 27.74
N UNK C 212 -26.30 23.13 26.61
CA UNK C 212 -26.95 23.58 25.38
C UNK C 212 -26.64 22.42 24.41
N UNK C 213 -27.52 22.02 23.53
CA UNK C 213 -27.07 20.89 22.65
C UNK C 213 -27.27 21.39 21.23
N UNK C 214 -26.20 21.59 20.47
CA UNK C 214 -26.43 22.07 19.08
C UNK C 214 -26.46 20.80 18.24
N UNK C 215 -27.51 20.49 17.52
CA UNK C 215 -27.53 19.22 16.80
C UNK C 215 -27.51 19.44 15.30
N UNK C 216 -26.60 18.78 14.60
CA UNK C 216 -26.53 18.90 13.13
C UNK C 216 -26.33 17.45 12.68
N UNK C 217 -27.38 16.67 12.64
CA UNK C 217 -27.39 15.25 12.33
C UNK C 217 -27.37 14.82 10.89
N UNK C 218 -27.15 13.51 10.73
CA UNK C 218 -27.00 12.74 9.52
C UNK C 218 -27.81 13.17 8.32
N UNK C 219 -29.08 13.54 8.51
CA UNK C 219 -29.87 14.00 7.35
C UNK C 219 -29.76 15.52 7.21
N UNK C 220 -29.20 16.29 8.14
CA UNK C 220 -29.13 17.73 7.91
C UNK C 220 -28.19 18.02 6.74
N UNK C 221 -28.47 19.06 5.98
CA UNK C 221 -27.67 19.43 4.82
C UNK C 221 -26.20 19.54 5.17
N UNK C 222 -25.34 19.26 4.22
CA UNK C 222 -23.93 19.37 4.48
C UNK C 222 -23.56 20.67 5.14
N UNK C 223 -24.01 21.82 4.66
CA UNK C 223 -23.68 23.13 5.21
C UNK C 223 -24.17 23.26 6.63
N UNK C 224 -25.24 22.57 7.03
CA UNK C 224 -25.60 22.74 8.45
C UNK C 224 -24.52 22.03 9.28
N UNK C 225 -24.19 20.79 8.93
CA UNK C 225 -23.18 20.00 9.61
C UNK C 225 -21.84 20.72 9.68
N UNK C 226 -21.52 21.39 8.58
CA UNK C 226 -20.30 22.16 8.47
C UNK C 226 -20.27 23.31 9.48
N UNK C 227 -21.31 24.14 9.51
CA UNK C 227 -21.47 25.29 10.37
C UNK C 227 -21.57 24.92 11.83
N UNK C 228 -22.36 23.89 12.10
CA UNK C 228 -22.62 23.45 13.47
C UNK C 228 -21.49 23.74 14.41
N UNK C 229 -20.27 23.35 14.23
CA UNK C 229 -19.19 23.63 15.16
C UNK C 229 -19.02 25.12 15.38
N UNK C 230 -18.91 25.94 14.35
CA UNK C 230 -18.75 27.39 14.55
C UNK C 230 -19.95 27.94 15.32
N UNK C 231 -21.15 27.46 14.98
CA UNK C 231 -22.34 27.93 15.69
C UNK C 231 -22.16 27.70 17.19
N UNK C 232 -21.98 26.45 17.58
CA UNK C 232 -21.81 26.06 18.96
C UNK C 232 -20.66 26.81 19.63
N UNK C 233 -19.59 27.07 18.89
CA UNK C 233 -18.45 27.78 19.45
C UNK C 233 -18.85 29.17 19.95
N UNK C 234 -19.55 29.91 19.10
CA UNK C 234 -20.03 31.24 19.32
C UNK C 234 -20.93 31.31 20.55
N UNK C 235 -21.69 30.25 20.77
CA UNK C 235 -22.56 30.24 21.94
C UNK C 235 -21.66 30.06 23.16
N UNK C 236 -20.49 29.47 22.96
CA UNK C 236 -19.60 29.25 24.09
C UNK C 236 -18.79 30.50 24.37
N UNK C 237 -18.57 31.33 23.35
CA UNK C 237 -17.76 32.52 23.59
C UNK C 237 -18.52 33.54 24.42
N UNK C 238 -19.85 33.46 24.33
CA UNK C 238 -20.69 34.38 25.14
C UNK C 238 -20.25 34.25 26.59
N UNK C 239 -20.18 33.02 27.09
CA UNK C 239 -19.73 32.76 28.43
C UNK C 239 -18.26 33.14 28.58
N UNK C 240 -17.44 32.84 27.57
CA UNK C 240 -16.00 33.09 27.68
C UNK C 240 -15.70 34.58 27.77
N UNK C 241 -16.40 35.38 26.99
CA UNK C 241 -16.17 36.81 27.00
C UNK C 241 -16.81 37.53 28.17
N UNK C 242 -17.61 36.86 28.97
CA UNK C 242 -18.27 37.51 30.09
C UNK C 242 -17.81 36.97 31.40
N UNK C 243 -16.53 36.70 31.56
CA UNK C 243 -16.00 36.18 32.81
C UNK C 243 -16.66 34.94 33.31
N UNK C 244 -17.42 34.23 32.49
CA UNK C 244 -18.02 32.94 32.88
C UNK C 244 -17.17 31.83 32.25
N UNK C 245 -17.47 30.59 32.55
CA UNK C 245 -16.70 29.46 32.04
C UNK C 245 -17.54 28.50 31.22
N UNK C 246 -17.07 28.10 30.04
CA UNK C 246 -17.81 27.19 29.17
C UNK C 246 -16.94 26.01 28.75
N UNK C 247 -17.56 24.90 28.44
CA UNK C 247 -16.94 23.66 27.97
C UNK C 247 -17.65 23.19 26.69
N UNK C 248 -16.98 23.06 25.56
CA UNK C 248 -17.70 22.61 24.35
C UNK C 248 -17.18 21.29 23.82
N UNK C 249 -18.05 20.35 23.46
CA UNK C 249 -17.61 19.04 22.94
C UNK C 249 -17.94 19.05 21.43
N UNK C 250 -16.99 18.84 20.55
CA UNK C 250 -17.30 18.81 19.10
C UNK C 250 -17.37 17.33 18.72
N UNK C 251 -18.54 16.75 18.73
CA UNK C 251 -18.63 15.31 18.46
C UNK C 251 -19.27 14.94 17.15
N UNK C 252 -18.52 14.63 16.11
CA UNK C 252 -17.09 14.60 16.02
C UNK C 252 -16.64 15.51 14.83
N UNK C 253 -15.35 15.80 14.78
CA UNK C 253 -14.79 16.68 13.77
C UNK C 253 -14.43 16.01 12.45
N UNK C 254 -14.68 14.71 12.47
CA UNK C 254 -14.45 13.83 11.33
C UNK C 254 -15.61 13.96 10.34
N UNK C 255 -16.82 13.82 10.91
CA UNK C 255 -18.00 13.98 10.06
C UNK C 255 -18.12 15.41 9.56
N UNK C 256 -17.59 16.38 10.32
CA UNK C 256 -17.69 17.75 9.81
C UNK C 256 -16.79 17.86 8.58
N UNK C 257 -15.58 17.31 8.70
CA UNK C 257 -14.61 17.40 7.58
C UNK C 257 -15.24 16.84 6.31
N UNK C 258 -15.95 15.72 6.47
CA UNK C 258 -16.63 15.11 5.32
C UNK C 258 -17.63 16.11 4.75
N UNK C 259 -18.43 16.71 5.63
CA UNK C 259 -19.40 17.72 5.22
C UNK C 259 -18.64 18.84 4.49
N UNK C 260 -17.56 19.27 5.12
CA UNK C 260 -16.83 20.36 4.45
C UNK C 260 -16.40 19.88 3.06
N UNK C 261 -15.77 18.71 2.98
CA UNK C 261 -15.30 18.13 1.74
C UNK C 261 -16.41 18.09 0.67
N UNK C 262 -17.59 17.64 1.05
CA UNK C 262 -18.74 17.58 0.17
C UNK C 262 -19.11 19.01 -0.28
N UNK C 263 -19.39 19.87 0.71
CA UNK C 263 -19.81 21.22 0.33
C UNK C 263 -18.82 21.81 -0.65
N UNK C 264 -17.56 21.67 -0.26
CA UNK C 264 -16.47 22.21 -1.06
C UNK C 264 -16.33 21.64 -2.45
N UNK C 265 -16.48 20.33 -2.65
CA UNK C 265 -16.32 19.73 -3.97
C UNK C 265 -17.49 20.17 -4.86
N UNK C 266 -18.69 20.20 -4.26
CA UNK C 266 -19.87 20.63 -5.00
C UNK C 266 -19.72 22.08 -5.41
N UNK C 267 -18.75 22.82 -4.88
CA UNK C 267 -18.62 24.22 -5.32
C UNK C 267 -17.58 24.22 -6.45
N UNK C 268 -17.11 23.02 -6.77
CA UNK C 268 -16.10 22.80 -7.77
C UNK C 268 -14.71 23.26 -7.32
N UNK C 269 -14.43 23.26 -6.01
CA UNK C 269 -13.07 23.67 -5.56
C UNK C 269 -12.22 22.42 -5.66
N UNK C 270 -11.12 22.42 -6.37
CA UNK C 270 -10.29 21.25 -6.59
C UNK C 270 -9.99 20.50 -5.32
N UNK C 271 -10.19 19.21 -5.34
CA UNK C 271 -9.96 18.35 -4.20
C UNK C 271 -8.47 18.34 -3.92
N UNK C 272 -8.10 18.03 -2.70
CA UNK C 272 -6.65 17.99 -2.37
C UNK C 272 -6.35 16.63 -1.74
N UNK C 273 -5.34 16.62 -0.88
CA UNK C 273 -4.92 15.38 -0.23
C UNK C 273 -6.11 14.62 0.29
N UNK C 274 -6.13 13.32 0.04
CA UNK C 274 -7.25 12.50 0.48
C UNK C 274 -8.64 12.95 0.05
N UNK C 275 -8.73 13.83 -0.93
CA UNK C 275 -9.99 14.29 -1.46
C UNK C 275 -10.49 15.51 -0.70
N UNK C 276 -9.94 15.83 0.47
CA UNK C 276 -10.39 17.01 1.21
C UNK C 276 -9.80 18.30 0.61
N UNK C 277 -10.45 19.40 0.93
CA UNK C 277 -10.04 20.72 0.50
C UNK C 277 -8.61 20.93 0.96
N UNK C 278 -7.84 21.74 0.25
CA UNK C 278 -6.46 21.92 0.69
C UNK C 278 -6.46 22.62 2.04
N UNK C 279 -7.59 23.14 2.51
CA UNK C 279 -7.54 23.83 3.79
C UNK C 279 -8.27 23.12 4.90
N UNK C 280 -8.31 21.78 4.96
CA UNK C 280 -9.01 21.18 6.10
C UNK C 280 -8.24 21.49 7.40
N UNK C 281 -6.93 21.62 7.38
CA UNK C 281 -6.24 21.95 8.67
C UNK C 281 -6.89 23.25 9.14
N UNK C 282 -6.77 24.24 8.23
CA UNK C 282 -7.36 25.51 8.55
C UNK C 282 -8.79 25.34 9.04
N UNK C 283 -9.61 24.51 8.43
CA UNK C 283 -11.02 24.35 8.86
C UNK C 283 -11.08 24.12 10.36
N UNK C 284 -10.26 23.23 10.90
CA UNK C 284 -10.28 22.99 12.33
C UNK C 284 -9.44 23.93 13.17
N UNK C 285 -8.32 24.47 12.71
CA UNK C 285 -7.49 25.37 13.51
C UNK C 285 -8.28 26.61 13.93
N UNK C 286 -8.84 27.31 12.99
CA UNK C 286 -9.71 28.45 13.10
C UNK C 286 -10.73 28.24 14.23
N UNK C 287 -11.34 27.05 14.25
CA UNK C 287 -12.36 26.73 15.23
C UNK C 287 -11.80 26.55 16.61
N UNK C 288 -10.91 25.59 16.79
CA UNK C 288 -10.29 25.28 18.07
C UNK C 288 -9.41 26.38 18.63
N UNK C 289 -8.95 27.34 17.86
CA UNK C 289 -8.12 28.41 18.45
C UNK C 289 -9.04 29.26 19.35
N UNK C 290 -10.33 29.22 19.04
CA UNK C 290 -11.31 29.98 19.78
C UNK C 290 -11.44 29.51 21.21
N UNK C 291 -11.20 28.24 21.50
CA UNK C 291 -11.25 27.79 22.93
C UNK C 291 -10.07 28.53 23.54
N UNK C 292 -10.24 29.26 24.62
CA UNK C 292 -9.15 30.05 25.19
C UNK C 292 -9.40 30.55 26.60
N UNK C 293 -8.31 30.97 27.26
CA UNK C 293 -8.40 31.51 28.62
C UNK C 293 -8.16 33.01 28.58
N UNK C 294 -9.13 33.84 28.86
CA UNK C 294 -8.92 35.30 28.80
C UNK C 294 -8.33 35.86 30.08
N UNK C 295 -7.53 36.91 30.03
CA UNK C 295 -6.95 37.43 31.27
C UNK C 295 -7.99 38.21 32.06
N UNK C 296 -7.67 38.55 33.31
CA UNK C 296 -8.61 39.29 34.14
C UNK C 296 -9.00 40.57 33.42
N UNK C 297 -8.07 41.11 32.61
CA UNK C 297 -8.40 42.32 31.87
C UNK C 297 -9.59 42.09 30.95
N UNK C 298 -9.86 40.82 30.59
CA UNK C 298 -10.99 40.53 29.71
C UNK C 298 -12.07 39.68 30.36
N UNK C 299 -12.07 39.63 31.69
CA UNK C 299 -13.11 38.91 32.40
C UNK C 299 -12.61 37.64 33.02
N UNK C 300 -11.43 37.18 32.63
CA UNK C 300 -10.91 35.92 33.19
C UNK C 300 -11.77 34.71 32.81
N UNK C 301 -12.76 34.93 31.93
CA UNK C 301 -13.60 33.79 31.53
C UNK C 301 -12.74 32.89 30.65
N UNK C 302 -13.34 31.77 30.21
CA UNK C 302 -12.64 30.82 29.35
C UNK C 302 -13.59 29.92 28.56
N UNK C 303 -13.02 29.25 27.58
CA UNK C 303 -13.71 28.28 26.72
C UNK C 303 -12.76 27.07 26.62
N UNK C 304 -13.20 25.91 26.98
CA UNK C 304 -12.42 24.68 26.94
C UNK C 304 -13.00 23.79 25.86
N UNK C 305 -12.19 23.26 24.95
CA UNK C 305 -12.82 22.40 23.93
C UNK C 305 -12.35 20.96 23.98
N UNK C 306 -13.30 20.06 23.76
CA UNK C 306 -13.03 18.63 23.70
C UNK C 306 -13.57 18.14 22.34
N UNK C 307 -12.80 18.31 21.29
CA UNK C 307 -13.15 17.84 19.96
C UNK C 307 -12.92 16.33 19.90
N UNK C 308 -13.71 15.63 19.12
CA UNK C 308 -13.59 14.19 18.95
C UNK C 308 -13.22 13.92 17.48
N UNK C 309 -12.37 12.96 17.25
CA UNK C 309 -11.94 12.55 15.93
C UNK C 309 -11.93 11.01 15.91
N UNK C 310 -12.44 10.45 14.83
CA UNK C 310 -12.45 8.99 14.70
C UNK C 310 -11.31 8.41 13.89
N UNK C 311 -10.46 7.56 14.47
CA UNK C 311 -9.38 6.98 13.67
C UNK C 311 -9.91 5.69 13.02
N UNK C 312 -9.12 5.10 12.12
CA UNK C 312 -9.51 3.84 11.48
C UNK C 312 -8.32 2.90 11.76
N UNK C 313 -8.66 1.68 12.14
CA UNK C 313 -7.59 0.72 12.44
C UNK C 313 -6.58 1.40 13.38
N UNK C 314 -7.11 1.92 14.48
CA UNK C 314 -6.29 2.60 15.46
C UNK C 314 -5.12 3.36 14.88
N UNK C 315 -5.16 3.83 13.65
CA UNK C 315 -4.01 4.54 13.11
C UNK C 315 -4.05 6.04 13.37
N UNK C 316 -3.34 6.45 14.42
CA UNK C 316 -3.25 7.85 14.81
C UNK C 316 -2.26 8.62 13.92
N UNK C 317 -1.44 7.91 13.17
CA UNK C 317 -0.53 8.73 12.36
C UNK C 317 -1.32 9.30 11.21
N UNK C 318 -2.44 8.73 10.84
CA UNK C 318 -3.23 9.30 9.74
C UNK C 318 -3.31 10.82 9.62
N UNK C 319 -3.22 11.34 8.41
CA UNK C 319 -3.25 12.74 8.05
C UNK C 319 -4.27 13.55 8.83
N UNK C 320 -5.56 13.22 8.80
CA UNK C 320 -6.52 14.03 9.58
C UNK C 320 -6.17 13.91 11.04
N UNK C 321 -6.14 12.73 11.60
CA UNK C 321 -5.80 12.57 13.01
C UNK C 321 -4.63 13.46 13.37
N UNK C 322 -3.51 13.42 12.64
CA UNK C 322 -2.39 14.28 13.07
C UNK C 322 -2.71 15.73 12.81
N UNK C 323 -3.47 16.06 11.76
CA UNK C 323 -3.79 17.46 11.54
C UNK C 323 -4.39 18.03 12.84
N UNK C 324 -5.38 17.35 13.40
CA UNK C 324 -6.04 17.82 14.60
C UNK C 324 -5.17 17.64 15.83
N UNK C 325 -4.37 16.57 15.92
CA UNK C 325 -3.52 16.44 17.12
C UNK C 325 -2.57 17.63 17.14
N UNK C 326 -2.28 18.25 16.00
CA UNK C 326 -1.32 19.37 15.99
C UNK C 326 -1.91 20.74 16.23
N UNK C 327 -3.13 20.74 16.72
CA UNK C 327 -3.82 22.00 16.98
C UNK C 327 -4.15 22.03 18.47
N UNK C 328 -4.65 20.92 19.00
CA UNK C 328 -5.04 20.91 20.40
C UNK C 328 -3.87 20.84 21.36
N UNK C 329 -4.18 21.03 22.63
CA UNK C 329 -3.23 21.02 23.73
C UNK C 329 -3.11 19.65 24.34
N UNK C 330 -3.15 18.61 23.50
CA UNK C 330 -3.02 17.23 24.00
C UNK C 330 -4.08 16.34 23.38
N UNK C 331 -4.02 15.04 23.67
CA UNK C 331 -4.95 14.06 23.17
C UNK C 331 -5.11 12.89 24.18
N UNK C 332 -6.29 12.32 24.10
CA UNK C 332 -6.63 11.14 24.90
C UNK C 332 -6.85 10.04 23.88
N UNK C 333 -5.91 9.10 23.77
CA UNK C 333 -6.10 8.07 22.73
C UNK C 333 -6.63 6.80 23.31
N UNK C 334 -7.79 6.37 22.82
CA UNK C 334 -8.45 5.16 23.29
C UNK C 334 -8.21 3.98 22.38
N UNK C 335 -7.77 2.82 22.85
CA UNK C 335 -7.51 1.69 21.95
C UNK C 335 -8.53 0.57 22.17
N UNK C 336 -8.91 -0.10 21.08
CA UNK C 336 -9.90 -1.17 21.23
C UNK C 336 -9.24 -2.37 21.90
N UNK C 337 -7.92 -2.48 21.69
CA UNK C 337 -7.21 -3.61 22.31
C UNK C 337 -7.32 -3.53 23.82
N UNK C 338 -7.01 -2.36 24.37
CA UNK C 338 -7.09 -2.09 25.82
C UNK C 338 -8.52 -2.30 26.30
N UNK C 339 -9.48 -1.74 25.57
CA UNK C 339 -10.88 -1.86 25.88
C UNK C 339 -11.31 -3.31 26.04
N UNK C 340 -11.01 -4.16 25.05
CA UNK C 340 -11.43 -5.55 25.11
C UNK C 340 -10.71 -6.23 26.25
N UNK C 341 -9.44 -5.86 26.41
CA UNK C 341 -8.63 -6.42 27.49
C UNK C 341 -9.14 -6.10 28.87
N UNK C 342 -10.09 -5.20 29.02
CA UNK C 342 -10.62 -4.87 30.34
C UNK C 342 -10.23 -3.46 30.78
N UNK C 343 -9.23 -2.89 30.13
CA UNK C 343 -8.79 -1.54 30.44
C UNK C 343 -9.75 -0.46 29.93
N UNK C 344 -10.74 -0.11 30.75
CA UNK C 344 -11.69 0.95 30.42
C UNK C 344 -11.69 1.99 31.54
N UNK C 345 -11.49 3.25 31.17
CA UNK C 345 -11.28 3.75 29.84
C UNK C 345 -10.14 3.12 29.09
N UNK C 346 -10.21 2.98 27.77
CA UNK C 346 -9.08 2.39 27.03
C UNK C 346 -8.00 3.42 26.81
N UNK C 347 -7.74 4.30 27.80
CA UNK C 347 -6.71 5.33 27.59
C UNK C 347 -5.35 4.66 27.42
N UNK C 348 -4.66 5.05 26.37
CA UNK C 348 -3.29 4.61 26.08
C UNK C 348 -2.32 5.66 26.65
N UNK C 349 -1.82 5.38 27.85
CA UNK C 349 -0.94 6.22 28.63
C UNK C 349 0.14 6.83 27.79
N UNK C 350 0.91 5.98 27.16
CA UNK C 350 2.05 6.34 26.33
C UNK C 350 1.74 7.33 25.25
N UNK C 351 0.70 7.11 24.44
CA UNK C 351 0.32 7.97 23.34
C UNK C 351 -0.52 9.19 23.68
N UNK C 352 -1.12 9.30 24.84
CA UNK C 352 -1.91 10.47 25.21
C UNK C 352 -1.02 11.52 25.85
N UNK C 353 -1.35 12.79 25.71
CA UNK C 353 -0.53 13.82 26.34
C UNK C 353 -1.42 15.02 26.71
N UNK C 354 -0.85 15.90 27.52
CA UNK C 354 -1.52 17.12 27.94
C UNK C 354 -0.39 18.16 27.85
N UNK C 355 -0.55 19.13 26.98
CA UNK C 355 0.54 20.10 26.84
C UNK C 355 0.51 21.14 27.95
N UNK C 356 -0.44 21.03 28.85
CA UNK C 356 -0.56 21.97 29.97
C UNK C 356 0.19 21.41 31.18
N UNK C 357 0.31 20.09 31.24
CA UNK C 357 1.08 19.51 32.36
C UNK C 357 0.29 19.76 33.65
N UNK C 358 1.01 19.73 34.77
CA UNK C 358 0.49 19.88 36.10
C UNK C 358 -0.03 21.27 36.37
N UNK C 359 0.35 22.29 35.59
CA UNK C 359 -0.27 23.59 35.81
C UNK C 359 -1.79 23.48 35.76
N UNK C 360 -2.39 22.39 35.33
CA UNK C 360 -3.85 22.37 35.28
C UNK C 360 -4.36 21.47 36.40
N UNK C 361 -3.46 21.08 37.30
CA UNK C 361 -3.76 20.22 38.42
C UNK C 361 -3.70 20.79 39.83
N UNK C 362 -4.47 19.87 40.21
CA UNK C 362 -4.38 20.39 41.59
C UNK C 362 -3.07 19.86 42.19
N UNK C 363 -2.47 20.47 43.20
CA UNK C 363 -1.23 19.97 43.76
C UNK C 363 -1.44 18.59 44.36
N UNK C 364 -2.63 18.34 44.92
CA UNK C 364 -2.89 17.02 45.51
C UNK C 364 -2.63 15.97 44.43
N UNK C 365 -3.25 16.18 43.26
CA UNK C 365 -3.08 15.25 42.17
C UNK C 365 -1.65 15.22 41.64
N UNK C 366 -1.07 16.38 41.39
CA UNK C 366 0.32 16.44 40.90
C UNK C 366 1.22 15.65 41.83
N UNK C 367 0.96 15.81 43.13
CA UNK C 367 1.75 15.15 44.15
C UNK C 367 1.70 13.64 43.92
N UNK C 368 0.51 13.07 43.81
CA UNK C 368 0.42 11.62 43.62
C UNK C 368 0.75 11.13 42.23
N UNK C 369 0.32 11.79 41.17
CA UNK C 369 0.57 11.28 39.83
C UNK C 369 1.65 11.97 39.05
N UNK C 370 2.56 12.70 39.67
CA UNK C 370 3.61 13.41 38.97
C UNK C 370 4.48 12.58 38.05
N UNK C 371 4.87 11.36 38.41
CA UNK C 371 5.72 10.60 37.50
C UNK C 371 5.06 9.35 36.99
N UNK C 372 3.88 9.02 37.46
CA UNK C 372 3.14 7.83 37.07
C UNK C 372 3.03 7.54 35.59
N UNK C 373 2.76 8.59 34.79
CA UNK C 373 2.61 8.40 33.36
C UNK C 373 3.82 7.76 32.74
N UNK C 374 5.00 8.31 32.83
CA UNK C 374 6.17 7.66 32.23
C UNK C 374 6.51 6.35 32.91
N UNK C 375 5.96 6.10 34.07
CA UNK C 375 6.26 4.87 34.82
C UNK C 375 5.48 3.75 34.16
N UNK C 376 4.21 4.00 33.89
CA UNK C 376 3.34 3.06 33.22
C UNK C 376 3.77 2.81 31.79
N UNK C 377 4.33 3.82 31.12
CA UNK C 377 4.84 3.67 29.77
C UNK C 377 5.97 2.63 29.84
N UNK C 378 6.94 2.91 30.70
CA UNK C 378 8.07 2.03 30.92
C UNK C 378 7.65 0.66 31.44
N UNK C 379 6.47 0.55 32.00
CA UNK C 379 5.98 -0.71 32.53
C UNK C 379 5.46 -1.60 31.41
N UNK C 380 4.75 -0.97 30.50
CA UNK C 380 4.16 -1.67 29.36
C UNK C 380 5.26 -2.28 28.53
N UNK C 381 6.36 -1.55 28.37
CA UNK C 381 7.51 -2.09 27.62
C UNK C 381 8.02 -3.35 28.30
N UNK C 382 8.66 -3.28 29.48
CA UNK C 382 9.15 -4.46 30.15
C UNK C 382 8.08 -5.54 30.30
N UNK C 383 6.82 -5.15 30.51
CA UNK C 383 5.81 -6.22 30.61
C UNK C 383 5.87 -7.01 29.31
N UNK C 384 6.21 -6.32 28.22
CA UNK C 384 6.29 -7.06 26.95
C UNK C 384 7.62 -7.79 26.94
N UNK C 385 8.73 -7.12 27.16
CA UNK C 385 10.04 -7.74 27.17
C UNK C 385 10.21 -8.96 28.05
N UNK C 386 9.26 -9.32 28.88
CA UNK C 386 9.44 -10.51 29.73
C UNK C 386 8.26 -11.47 29.55
N UNK C 387 7.57 -11.37 28.40
CA UNK C 387 6.43 -12.26 28.12
C UNK C 387 7.08 -13.66 27.91
N UNK C 388 8.19 -13.71 28.62
CA UNK C 388 9.19 -14.72 28.77
C UNK C 388 10.09 -14.24 29.92
N UNK C 389 9.81 -14.67 31.14
CA UNK C 389 10.54 -14.26 32.33
C UNK C 389 12.06 -14.35 32.24
N UNK C 390 12.65 -13.59 31.33
CA UNK C 390 14.07 -13.56 31.06
C UNK C 390 14.96 -13.16 32.21
N UNK C 391 15.33 -14.12 33.07
CA UNK C 391 16.20 -13.83 34.22
C UNK C 391 16.09 -12.36 34.63
N UNK C 392 14.89 -12.02 35.13
CA UNK C 392 14.57 -10.67 35.54
C UNK C 392 14.97 -10.29 36.95
N UNK C 393 15.70 -9.17 37.04
CA UNK C 393 16.18 -8.64 38.30
C UNK C 393 15.07 -8.24 39.26
N UNK C 394 15.38 -7.31 40.17
CA UNK C 394 14.36 -6.90 41.13
C UNK C 394 13.74 -5.59 40.68
N UNK C 395 14.59 -4.62 40.36
CA UNK C 395 14.07 -3.32 39.92
C UNK C 395 12.97 -3.46 38.88
N UNK C 396 13.00 -4.55 38.10
CA UNK C 396 12.00 -4.76 37.06
C UNK C 396 10.84 -5.61 37.56
N UNK C 397 11.10 -6.38 38.60
CA UNK C 397 10.05 -7.24 39.21
C UNK C 397 9.15 -6.28 40.01
N UNK C 398 9.81 -5.27 40.56
CA UNK C 398 9.13 -4.23 41.31
C UNK C 398 8.34 -3.36 40.33
N UNK C 399 8.96 -3.15 39.17
CA UNK C 399 8.35 -2.36 38.10
C UNK C 399 7.10 -3.05 37.59
N UNK C 400 7.16 -4.37 37.47
CA UNK C 400 5.99 -5.11 36.97
C UNK C 400 4.93 -5.21 38.06
N UNK C 401 5.34 -5.24 39.33
CA UNK C 401 4.42 -5.34 40.46
C UNK C 401 3.64 -4.06 40.69
N UNK C 402 4.27 -2.91 40.48
CA UNK C 402 3.58 -1.64 40.58
C UNK C 402 2.69 -1.47 39.33
N UNK C 403 3.31 -1.64 38.16
CA UNK C 403 2.61 -1.53 36.91
C UNK C 403 1.26 -2.23 36.97
N UNK C 404 1.21 -3.51 37.29
CA UNK C 404 -0.07 -4.18 37.34
C UNK C 404 -1.06 -3.59 38.35
N UNK C 405 -0.61 -3.30 39.57
CA UNK C 405 -1.50 -2.77 40.61
C UNK C 405 -2.05 -1.41 40.19
N UNK C 406 -1.19 -0.55 39.66
CA UNK C 406 -1.61 0.78 39.24
C UNK C 406 -2.61 0.72 38.08
N UNK C 407 -2.45 -0.26 37.22
CA UNK C 407 -3.32 -0.46 36.06
C UNK C 407 -4.74 -0.80 36.48
N UNK C 408 -4.84 -1.52 37.58
CA UNK C 408 -6.14 -1.91 38.10
C UNK C 408 -6.85 -0.71 38.69
N UNK C 409 -6.13 0.21 39.32
CA UNK C 409 -6.72 1.37 39.96
C UNK C 409 -7.27 2.41 38.99
N UNK C 410 -6.62 2.47 37.82
CA UNK C 410 -7.06 3.40 36.79
C UNK C 410 -8.32 2.88 36.11
N UNK C 411 -8.76 1.67 36.44
CA UNK C 411 -9.96 1.12 35.82
C UNK C 411 -11.17 1.90 36.33
N UNK C 412 -12.31 1.93 35.70
CA UNK C 412 -13.41 2.71 36.26
C UNK C 412 -14.70 2.35 35.55
N UNK C 413 -15.82 2.44 36.25
CA UNK C 413 -17.11 2.10 35.64
C UNK C 413 -17.69 3.36 35.00
N UNK C 414 -18.95 3.30 34.59
CA UNK C 414 -19.60 4.44 33.95
C UNK C 414 -20.56 5.24 34.81
N UNK C 415 -20.74 6.53 34.47
CA UNK C 415 -21.65 7.37 35.21
C UNK C 415 -21.27 7.65 36.65
N UNK C 416 -20.10 7.30 37.14
CA UNK C 416 -19.76 7.59 38.54
C UNK C 416 -18.50 8.43 38.66
N UNK C 417 -18.53 9.61 38.11
CA UNK C 417 -17.39 10.52 38.12
C UNK C 417 -16.88 10.72 39.52
N UNK C 418 -15.62 10.53 39.85
CA UNK C 418 -15.17 10.72 41.22
C UNK C 418 -14.72 12.15 41.51
N UNK C 419 -14.78 12.51 42.80
CA UNK C 419 -14.33 13.85 43.21
C UNK C 419 -12.81 13.82 43.32
N UNK C 420 -12.17 14.95 43.01
CA UNK C 420 -10.72 15.00 43.05
C UNK C 420 -10.07 14.39 44.25
N UNK C 421 -10.50 14.69 45.47
CA UNK C 421 -9.91 14.13 46.67
C UNK C 421 -10.09 12.61 46.74
N UNK C 422 -11.16 12.11 46.13
CA UNK C 422 -11.41 10.67 46.08
C UNK C 422 -10.36 9.98 45.21
N UNK C 423 -10.04 10.62 44.08
CA UNK C 423 -9.00 10.11 43.19
C UNK C 423 -7.69 10.09 43.95
N UNK C 424 -7.30 11.25 44.48
CA UNK C 424 -6.05 11.31 45.27
C UNK C 424 -6.00 10.24 46.33
N UNK C 425 -7.06 10.00 47.10
CA UNK C 425 -6.99 8.95 48.12
C UNK C 425 -6.59 7.59 47.55
N UNK C 426 -7.32 7.09 46.54
CA UNK C 426 -7.07 5.80 45.91
C UNK C 426 -5.77 5.70 45.12
N UNK C 427 -5.36 6.72 44.34
CA UNK C 427 -4.11 6.61 43.60
C UNK C 427 -2.98 6.48 44.64
N UNK C 428 -3.09 7.34 45.66
CA UNK C 428 -2.16 7.43 46.77
C UNK C 428 -1.78 6.04 47.27
N UNK C 429 -2.85 5.30 47.61
CA UNK C 429 -2.69 3.94 48.10
C UNK C 429 -1.78 3.13 47.20
N UNK C 430 -1.95 3.23 45.88
CA UNK C 430 -1.16 2.47 44.93
C UNK C 430 0.25 2.93 44.70
N UNK C 431 0.39 4.19 44.36
CA UNK C 431 1.61 4.90 44.09
C UNK C 431 2.59 4.84 45.24
N UNK C 432 2.07 4.65 46.45
CA UNK C 432 2.91 4.61 47.63
C UNK C 432 3.38 3.21 47.95
N UNK C 433 2.92 2.24 47.20
CA UNK C 433 3.38 0.88 47.46
C UNK C 433 2.52 0.21 48.50
N UNK C 434 1.57 0.88 49.14
CA UNK C 434 0.81 0.10 50.13
C UNK C 434 0.07 -1.07 49.50
N UNK C 435 -0.15 -1.11 48.18
CA UNK C 435 -0.87 -2.22 47.58
C UNK C 435 0.02 -3.22 46.88
N UNK C 436 1.33 -3.04 46.90
CA UNK C 436 2.24 -3.97 46.22
C UNK C 436 2.15 -5.41 46.67
N UNK C 437 1.45 -5.67 47.78
CA UNK C 437 1.37 -7.08 48.23
C UNK C 437 -0.04 -7.60 48.14
N UNK C 438 -0.96 -6.76 47.69
CA UNK C 438 -2.36 -7.19 47.54
C UNK C 438 -2.38 -7.93 46.19
N UNK C 439 -3.39 -8.76 45.95
CA UNK C 439 -3.47 -9.52 44.71
C UNK C 439 -4.22 -8.67 43.68
N UNK C 440 -3.65 -8.50 42.52
CA UNK C 440 -4.25 -7.71 41.47
C UNK C 440 -5.76 -7.87 41.45
N UNK C 441 -6.25 -9.09 41.43
CA UNK C 441 -7.68 -9.36 41.39
C UNK C 441 -8.44 -8.68 42.52
N UNK C 442 -7.77 -8.46 43.63
CA UNK C 442 -8.38 -7.83 44.79
C UNK C 442 -8.58 -6.33 44.64
N UNK C 443 -7.64 -5.62 44.07
CA UNK C 443 -7.59 -4.21 43.88
C UNK C 443 -8.87 -3.45 43.60
N UNK C 444 -9.68 -3.91 42.69
CA UNK C 444 -10.93 -3.23 42.38
C UNK C 444 -11.83 -3.25 43.60
N UNK C 445 -11.98 -4.41 44.22
CA UNK C 445 -12.84 -4.60 45.41
C UNK C 445 -12.34 -3.76 46.59
N UNK C 446 -11.03 -3.76 46.77
CA UNK C 446 -10.39 -2.97 47.80
C UNK C 446 -10.76 -1.50 47.58
N UNK C 447 -10.55 -0.98 46.37
CA UNK C 447 -10.87 0.42 46.17
C UNK C 447 -12.31 0.74 46.53
N UNK C 448 -13.25 -0.17 46.36
CA UNK C 448 -14.64 0.18 46.70
C UNK C 448 -14.83 0.20 48.20
N UNK C 449 -14.16 -0.71 48.90
CA UNK C 449 -14.19 -0.83 50.36
C UNK C 449 -13.52 0.37 51.03
N UNK C 450 -12.26 0.59 50.63
CA UNK C 450 -11.45 1.70 51.12
C UNK C 450 -12.17 3.03 50.92
N UNK C 451 -12.54 3.36 49.69
CA UNK C 451 -13.22 4.63 49.40
C UNK C 451 -14.46 4.77 50.26
N UNK C 452 -15.10 3.63 50.52
CA UNK C 452 -16.31 3.66 51.32
C UNK C 452 -15.97 4.17 52.72
N UNK C 453 -14.96 3.50 53.26
CA UNK C 453 -14.48 3.83 54.60
C UNK C 453 -14.18 5.31 54.70
N UNK C 454 -13.18 5.83 53.99
CA UNK C 454 -12.84 7.24 54.07
C UNK C 454 -13.98 8.19 53.81
N UNK C 455 -14.87 7.95 52.87
CA UNK C 455 -15.97 8.86 52.57
C UNK C 455 -16.92 9.02 53.75
N UNK C 456 -17.24 7.90 54.37
CA UNK C 456 -18.15 7.81 55.50
C UNK C 456 -17.52 8.28 56.79
N UNK C 457 -16.51 7.52 57.22
CA UNK C 457 -15.81 7.90 58.44
C UNK C 457 -15.05 9.20 58.19
N UNK C 458 -13.89 9.21 57.61
CA UNK C 458 -13.02 10.32 57.34
C UNK C 458 -13.29 11.49 56.45
N UNK C 459 -14.49 12.04 56.30
CA UNK C 459 -14.62 13.18 55.41
C UNK C 459 -13.83 14.39 55.90
N UNK C 460 -13.13 14.29 57.01
CA UNK C 460 -12.38 15.46 57.49
C UNK C 460 -11.08 15.56 56.69
N UNK C 461 -10.57 14.39 56.32
CA UNK C 461 -9.31 14.31 55.58
C UNK C 461 -9.58 14.56 54.10
N UNK C 462 -10.78 14.16 53.70
CA UNK C 462 -11.19 14.36 52.31
C UNK C 462 -11.45 15.86 52.13
N UNK C 463 -12.21 16.48 53.03
CA UNK C 463 -12.49 17.90 52.96
C UNK C 463 -11.24 18.78 53.09
N UNK C 464 -10.18 18.29 53.72
CA UNK C 464 -8.95 19.08 53.90
C UNK C 464 -8.09 19.00 52.64
N UNK C 465 -7.92 17.78 52.13
CA UNK C 465 -7.16 17.49 50.90
C UNK C 465 -7.86 18.29 49.79
N UNK C 466 -9.18 18.17 49.81
CA UNK C 466 -10.01 18.85 48.84
C UNK C 466 -9.81 20.36 48.98
N UNK C 467 -9.97 20.85 50.20
CA UNK C 467 -9.82 22.28 50.52
C UNK C 467 -8.41 22.77 50.38
N UNK C 468 -7.48 22.36 51.23
CA UNK C 468 -6.11 22.83 51.07
C UNK C 468 -5.73 22.68 49.58
N UNK C 469 -6.31 21.67 48.97
CA UNK C 469 -6.04 21.37 47.56
C UNK C 469 -4.72 20.62 47.42
N UNK C 470 -4.02 20.44 48.52
CA UNK C 470 -2.73 19.78 48.58
C UNK C 470 -2.75 18.63 49.59
N UNK C 471 -1.64 17.93 49.70
CA UNK C 471 -1.52 16.86 50.67
C UNK C 471 -0.42 17.37 51.62
N UNK C 472 -0.89 17.91 52.74
CA UNK C 472 0.02 18.41 53.78
C UNK C 472 0.79 17.24 54.39
N UNK C 473 1.69 17.53 55.33
CA UNK C 473 2.49 16.47 55.95
C UNK C 473 1.64 15.64 56.92
N UNK C 474 0.68 16.25 57.58
CA UNK C 474 -0.14 15.49 58.49
C UNK C 474 -1.20 14.71 57.74
N UNK C 475 -1.75 15.28 56.68
CA UNK C 475 -2.79 14.59 55.89
C UNK C 475 -2.14 13.33 55.31
N UNK C 476 -0.93 13.58 54.81
CA UNK C 476 -0.16 12.47 54.26
C UNK C 476 0.06 11.44 55.36
N UNK C 477 0.16 11.83 56.62
CA UNK C 477 0.38 10.89 57.73
C UNK C 477 -0.94 10.26 58.17
N UNK C 478 -2.02 11.04 58.15
CA UNK C 478 -3.31 10.45 58.52
C UNK C 478 -3.68 9.41 57.45
N UNK C 479 -3.35 9.67 56.19
CA UNK C 479 -3.62 8.75 55.11
C UNK C 479 -2.79 7.49 55.23
N UNK C 480 -1.47 7.60 55.44
CA UNK C 480 -0.66 6.39 55.54
C UNK C 480 -1.27 5.43 56.56
N UNK C 481 -1.69 6.02 57.68
CA UNK C 481 -2.27 5.32 58.81
C UNK C 481 -3.54 4.58 58.41
N UNK C 482 -4.47 5.28 57.80
CA UNK C 482 -5.71 4.67 57.36
C UNK C 482 -5.43 3.52 56.41
N UNK C 483 -4.74 3.76 55.28
CA UNK C 483 -4.57 2.68 54.30
C UNK C 483 -3.95 1.44 54.88
N UNK C 484 -2.77 1.53 55.45
CA UNK C 484 -2.08 0.38 56.03
C UNK C 484 -2.94 -0.42 57.00
N UNK C 485 -3.64 0.25 57.91
CA UNK C 485 -4.47 -0.48 58.85
C UNK C 485 -5.69 -1.08 58.19
N UNK C 486 -6.45 -0.29 57.45
CA UNK C 486 -7.62 -0.83 56.76
C UNK C 486 -7.19 -1.98 55.86
N UNK C 487 -6.09 -1.76 55.14
CA UNK C 487 -5.60 -2.81 54.27
C UNK C 487 -5.45 -4.13 55.02
N UNK C 488 -4.82 -4.12 56.19
CA UNK C 488 -4.62 -5.32 56.99
C UNK C 488 -5.93 -5.98 57.38
N UNK C 489 -6.82 -5.18 57.94
CA UNK C 489 -8.12 -5.73 58.36
C UNK C 489 -8.77 -6.28 57.09
N UNK C 490 -8.55 -5.59 55.99
CA UNK C 490 -9.11 -6.01 54.71
C UNK C 490 -8.56 -7.34 54.26
N UNK C 491 -7.27 -7.62 54.49
CA UNK C 491 -6.73 -8.90 54.05
C UNK C 491 -6.78 -9.97 55.12
N UNK C 492 -7.77 -9.91 56.03
CA UNK C 492 -7.89 -10.88 57.10
C UNK C 492 -8.28 -12.26 56.56
N UNK D 1 -1.01 53.47 -8.61
CA UNK D 1 -2.07 52.87 -9.43
C UNK D 1 -3.24 52.42 -8.56
N UNK D 2 -4.39 52.27 -9.21
CA UNK D 2 -5.63 51.85 -8.55
C UNK D 2 -6.22 50.69 -9.36
N UNK D 3 -6.42 49.54 -8.74
CA UNK D 3 -7.01 48.42 -9.51
C UNK D 3 -8.38 48.16 -8.92
N UNK D 4 -9.13 47.23 -9.49
CA UNK D 4 -10.44 46.89 -8.95
C UNK D 4 -10.46 45.39 -8.64
N UNK D 5 -11.27 44.95 -7.72
CA UNK D 5 -11.31 43.50 -7.45
C UNK D 5 -12.19 42.84 -8.49
N UNK D 6 -11.80 41.77 -9.16
CA UNK D 6 -12.72 41.23 -10.18
C UNK D 6 -13.28 39.89 -9.75
N UNK D 7 -12.56 39.19 -8.89
CA UNK D 7 -12.94 37.90 -8.38
C UNK D 7 -12.37 37.64 -6.98
N UNK D 8 -13.19 37.03 -6.15
CA UNK D 8 -12.83 36.67 -4.80
C UNK D 8 -13.21 35.18 -4.59
N UNK D 9 -12.22 34.38 -4.21
CA UNK D 9 -12.46 32.97 -3.93
C UNK D 9 -11.53 32.62 -2.77
N UNK D 10 -12.03 32.76 -1.56
CA UNK D 10 -11.16 32.44 -0.42
C UNK D 10 -10.07 33.50 -0.25
N UNK D 11 -8.88 33.05 0.09
CA UNK D 11 -7.74 33.90 0.32
C UNK D 11 -7.16 34.44 -0.98
N UNK D 12 -7.70 34.00 -2.10
CA UNK D 12 -7.14 34.46 -3.40
C UNK D 12 -8.02 35.54 -3.99
N UNK D 13 -7.45 36.68 -4.34
CA UNK D 13 -8.24 37.77 -4.93
C UNK D 13 -7.59 38.21 -6.22
N UNK D 14 -8.36 38.33 -7.31
CA UNK D 14 -7.80 38.74 -8.60
C UNK D 14 -8.08 40.24 -8.73
N UNK D 15 -7.10 41.01 -9.18
CA UNK D 15 -7.31 42.45 -9.32
C UNK D 15 -7.00 42.89 -10.75
N UNK D 16 -7.82 43.81 -11.26
CA UNK D 16 -7.62 44.35 -12.59
C UNK D 16 -7.17 45.82 -12.57
N UNK D 17 -5.98 46.10 -13.07
CA UNK D 17 -5.47 47.47 -13.10
C UNK D 17 -5.67 48.03 -14.51
N UNK D 18 -6.06 49.29 -14.63
CA UNK D 18 -6.31 49.93 -15.93
C UNK D 18 -5.01 50.41 -16.54
N UNK D 19 -4.21 51.05 -15.71
CA UNK D 19 -2.90 51.55 -16.11
C UNK D 19 -1.92 51.11 -15.03
N UNK D 20 -0.70 50.77 -15.39
CA UNK D 20 0.27 50.39 -14.38
C UNK D 20 -0.05 49.21 -13.49
N UNK D 21 0.51 48.08 -13.93
CA UNK D 21 0.41 46.78 -13.30
C UNK D 21 1.48 46.59 -12.24
N UNK D 22 1.12 46.46 -10.99
CA UNK D 22 2.04 46.27 -9.88
C UNK D 22 2.81 44.97 -10.09
N UNK D 23 4.10 45.07 -9.88
CA UNK D 23 5.01 43.95 -10.04
C UNK D 23 4.66 42.82 -9.08
N UNK D 24 5.17 41.62 -9.33
CA UNK D 24 4.93 40.48 -8.46
C UNK D 24 5.61 40.76 -7.11
N UNK D 25 4.98 40.39 -6.00
CA UNK D 25 5.46 40.58 -4.66
C UNK D 25 5.01 41.89 -4.04
N UNK D 26 4.55 42.82 -4.91
CA UNK D 26 4.06 44.10 -4.42
C UNK D 26 2.87 43.93 -3.48
N UNK D 27 2.73 44.79 -2.48
CA UNK D 27 1.59 44.70 -1.56
C UNK D 27 0.58 45.76 -1.99
N UNK D 28 -0.70 45.40 -2.01
CA UNK D 28 -1.75 46.33 -2.41
C UNK D 28 -2.67 46.51 -1.21
N UNK D 29 -3.27 47.65 -1.03
CA UNK D 29 -4.18 47.82 0.12
C UNK D 29 -5.60 47.99 -0.43
N UNK D 30 -6.51 47.20 0.17
CA UNK D 30 -7.92 47.25 -0.26
C UNK D 30 -8.55 48.49 0.34
N UNK D 31 -9.19 49.30 -0.50
CA UNK D 31 -9.83 50.52 0.01
C UNK D 31 -11.19 50.21 0.57
N UNK D 32 -11.67 51.00 1.51
CA UNK D 32 -12.97 50.85 2.11
C UNK D 32 -13.09 49.84 3.23
N UNK D 33 -12.06 49.61 4.05
CA UNK D 33 -12.17 48.62 5.11
C UNK D 33 -11.84 49.08 6.50
N UNK D 34 -12.63 48.67 7.49
CA UNK D 34 -12.37 49.07 8.86
C UNK D 34 -10.95 48.74 9.26
N UNK D 35 -10.44 47.62 8.76
CA UNK D 35 -9.08 47.20 9.08
C UNK D 35 -8.24 47.09 7.81
N UNK D 36 -6.95 47.22 7.98
CA UNK D 36 -6.01 47.17 6.88
C UNK D 36 -5.91 45.83 6.20
N UNK D 37 -6.33 45.70 4.95
CA UNK D 37 -6.21 44.43 4.24
C UNK D 37 -5.14 44.54 3.16
N UNK D 38 -4.08 43.76 3.29
CA UNK D 38 -2.99 43.78 2.31
C UNK D 38 -3.13 42.50 1.45
N UNK D 39 -2.95 42.65 0.16
CA UNK D 39 -2.98 41.60 -0.84
C UNK D 39 -1.56 41.48 -1.43
N UNK D 40 -0.93 40.32 -1.40
CA UNK D 40 0.40 40.30 -2.01
C UNK D 40 0.24 39.82 -3.45
N UNK D 41 0.79 40.54 -4.42
CA UNK D 41 0.64 40.09 -5.81
C UNK D 41 1.37 38.78 -6.02
N UNK D 42 0.66 37.78 -6.57
CA UNK D 42 1.30 36.47 -6.76
C UNK D 42 1.62 36.17 -8.19
N UNK D 43 0.74 36.61 -9.09
CA UNK D 43 0.95 36.31 -10.50
C UNK D 43 0.35 37.35 -11.43
N UNK D 44 0.86 37.33 -12.65
CA UNK D 44 0.36 38.20 -13.73
C UNK D 44 -0.42 37.26 -14.62
N UNK D 45 -1.74 37.27 -14.52
CA UNK D 45 -2.59 36.38 -15.30
C UNK D 45 -2.67 36.83 -16.74
N UNK D 46 -2.38 38.10 -16.97
CA UNK D 46 -2.43 38.69 -18.31
C UNK D 46 -3.73 39.49 -18.44
N UNK D 47 -3.77 40.45 -19.35
CA UNK D 47 -5.01 41.23 -19.48
C UNK D 47 -5.10 42.21 -18.32
N UNK D 48 -3.89 42.59 -17.90
CA UNK D 48 -3.75 43.55 -16.82
C UNK D 48 -4.56 43.13 -15.61
N UNK D 49 -4.42 41.85 -15.29
CA UNK D 49 -5.10 41.30 -14.12
C UNK D 49 -4.01 40.54 -13.35
N UNK D 50 -3.96 40.78 -12.05
CA UNK D 50 -2.98 40.11 -11.21
C UNK D 50 -3.72 39.19 -10.23
N UNK D 51 -3.14 38.03 -9.94
CA UNK D 51 -3.73 37.12 -8.95
C UNK D 51 -2.93 37.36 -7.66
N UNK D 52 -3.65 37.52 -6.56
CA UNK D 52 -3.00 37.82 -5.28
C UNK D 52 -3.49 36.98 -4.11
N UNK D 53 -2.66 36.94 -3.04
CA UNK D 53 -3.01 36.21 -1.83
C UNK D 53 -3.36 37.21 -0.72
N UNK D 54 -4.53 37.12 -0.12
CA UNK D 54 -4.93 38.03 0.95
C UNK D 54 -4.16 37.91 2.25
N UNK D 55 -3.76 39.00 2.94
CA UNK D 55 -3.04 38.83 4.21
C UNK D 55 -4.06 38.75 5.37
N UNK D 56 -5.35 38.66 5.02
CA UNK D 56 -6.34 38.57 6.10
C UNK D 56 -7.65 38.10 5.49
N UNK D 57 -8.69 38.09 6.28
CA UNK D 57 -10.01 37.69 5.84
C UNK D 57 -10.52 38.42 4.62
N UNK D 58 -11.20 37.67 3.76
CA UNK D 58 -11.76 38.22 2.53
C UNK D 58 -13.27 38.43 2.65
N UNK D 59 -13.83 38.27 3.86
CA UNK D 59 -15.25 38.49 4.00
C UNK D 59 -15.59 39.97 3.70
N UNK D 60 -16.77 40.15 3.11
CA UNK D 60 -17.26 41.47 2.82
C UNK D 60 -16.57 42.13 1.65
N UNK D 61 -15.61 41.48 1.01
CA UNK D 61 -15.03 42.17 -0.16
C UNK D 61 -16.11 42.09 -1.27
N UNK D 62 -16.05 43.04 -2.21
CA UNK D 62 -17.02 43.09 -3.28
C UNK D 62 -16.34 43.19 -4.63
N UNK D 63 -16.99 42.56 -5.62
CA UNK D 63 -16.42 42.66 -6.97
C UNK D 63 -16.46 44.15 -7.31
N UNK D 64 -15.39 44.70 -7.85
CA UNK D 64 -15.38 46.11 -8.21
C UNK D 64 -14.69 46.91 -7.11
N UNK D 65 -14.52 46.36 -5.91
CA UNK D 65 -13.86 47.14 -4.86
C UNK D 65 -12.52 47.69 -5.27
N UNK D 66 -12.17 48.88 -4.75
CA UNK D 66 -10.93 49.53 -5.12
C UNK D 66 -9.73 49.00 -4.38
N UNK D 67 -8.58 49.03 -5.04
CA UNK D 67 -7.30 48.54 -4.51
C UNK D 67 -6.16 49.40 -5.03
N UNK D 68 -5.35 49.96 -4.14
CA UNK D 68 -4.23 50.80 -4.53
C UNK D 68 -2.88 50.10 -4.54
N UNK D 69 -2.08 50.19 -5.61
CA UNK D 69 -0.77 49.50 -5.49
C UNK D 69 0.11 50.24 -4.48
N UNK D 70 0.58 49.63 -3.40
CA UNK D 70 1.45 50.37 -2.49
C UNK D 70 2.80 50.64 -3.14
N UNK D 71 3.12 50.11 -4.29
CA UNK D 71 4.42 50.34 -4.88
C UNK D 71 5.55 49.58 -4.25
N UNK D 72 5.40 48.60 -3.38
CA UNK D 72 6.52 47.83 -2.82
C UNK D 72 6.05 46.61 -2.04
N UNK D 73 6.87 45.58 -1.89
CA UNK D 73 6.52 44.39 -1.14
C UNK D 73 6.22 44.77 0.30
N UNK D 74 5.60 43.88 1.06
CA UNK D 74 5.31 44.18 2.47
C UNK D 74 6.62 44.62 3.13
N UNK D 75 7.01 45.73 3.72
CA UNK D 75 8.20 46.30 4.35
C UNK D 75 7.99 46.42 5.85
N UNK D 76 8.89 45.99 6.68
CA UNK D 76 8.64 46.12 8.13
C UNK D 76 9.66 46.94 8.89
N UNK D 77 9.28 47.45 10.05
CA UNK D 77 10.19 48.18 10.91
C UNK D 77 11.37 47.27 11.27
N UNK D 78 12.58 47.55 10.85
CA UNK D 78 13.73 46.71 11.24
C UNK D 78 14.69 47.62 12.01
N UNK D 79 15.47 47.11 12.93
CA UNK D 79 16.41 47.86 13.74
C UNK D 79 16.34 47.42 15.20
N UNK D 80 17.16 48.01 16.05
CA UNK D 80 17.21 47.70 17.47
C UNK D 80 15.91 48.00 18.20
N UNK D 81 15.08 48.92 17.75
CA UNK D 81 13.86 49.18 18.48
C UNK D 81 12.78 48.12 18.25
N UNK D 82 13.16 46.99 17.69
CA UNK D 82 12.28 45.85 17.49
C UNK D 82 12.45 44.88 18.68
N UNK D 83 13.61 44.94 19.32
CA UNK D 83 13.94 44.11 20.47
C UNK D 83 12.96 44.32 21.61
N UNK D 84 12.58 43.24 22.26
CA UNK D 84 11.62 43.32 23.35
C UNK D 84 10.21 43.56 22.80
N UNK D 85 10.05 43.64 21.47
CA UNK D 85 8.70 43.85 20.94
C UNK D 85 8.14 42.62 20.24
N UNK D 86 6.85 42.65 19.98
CA UNK D 86 6.05 41.64 19.29
C UNK D 86 5.41 42.28 18.05
N UNK D 87 5.74 41.71 16.91
CA UNK D 87 5.32 42.14 15.59
C UNK D 87 4.48 41.08 14.86
N UNK D 88 3.77 41.50 13.87
CA UNK D 88 2.92 40.96 12.89
C UNK D 88 3.61 40.50 11.61
N UNK D 89 2.85 39.92 10.67
CA UNK D 89 3.48 39.53 9.40
C UNK D 89 3.89 40.86 8.70
N UNK D 90 2.97 41.82 8.85
CA UNK D 90 3.13 43.09 8.21
C UNK D 90 3.81 44.14 9.07
N UNK D 91 4.53 43.73 10.11
CA UNK D 91 5.26 44.69 10.90
C UNK D 91 4.46 45.54 11.83
N UNK D 92 3.28 45.15 12.30
CA UNK D 92 2.57 46.04 13.26
C UNK D 92 2.77 45.51 14.65
N UNK D 93 2.97 46.35 15.64
CA UNK D 93 3.13 45.87 17.01
C UNK D 93 1.80 45.17 17.33
N UNK D 94 1.90 44.15 18.13
CA UNK D 94 0.71 43.40 18.54
C UNK D 94 0.80 43.18 20.04
N UNK D 95 1.68 44.01 20.66
CA UNK D 95 1.86 43.91 22.10
C UNK D 95 1.21 45.09 22.78
N UNK D 96 0.45 45.92 22.08
CA UNK D 96 -0.20 47.05 22.73
C UNK D 96 0.77 48.03 23.39
N UNK D 97 2.01 48.14 22.97
CA UNK D 97 2.94 49.06 23.59
C UNK D 97 3.27 50.23 22.69
N UNK D 98 2.43 50.53 21.70
CA UNK D 98 2.71 51.66 20.81
C UNK D 98 3.54 51.32 19.60
N UNK D 99 3.70 52.28 18.71
CA UNK D 99 4.44 52.18 17.49
C UNK D 99 5.85 51.66 17.75
N UNK D 100 6.44 51.22 16.67
CA UNK D 100 7.85 50.71 16.73
C UNK D 100 8.60 51.79 15.93
N UNK D 101 9.27 52.68 16.66
CA UNK D 101 9.92 53.80 15.97
C UNK D 101 11.29 53.52 15.47
N UNK D 102 11.35 52.80 14.35
CA UNK D 102 12.62 52.45 13.73
C UNK D 102 13.06 53.53 12.73
N UNK D 103 14.39 53.60 12.53
CA UNK D 103 14.91 54.60 11.59
C UNK D 103 14.58 54.13 10.17
N UNK D 104 14.71 52.82 9.98
CA UNK D 104 14.49 52.20 8.69
C UNK D 104 13.38 51.13 8.71
N UNK D 105 13.02 50.78 7.49
CA UNK D 105 12.06 49.79 7.11
C UNK D 105 12.65 48.87 6.04
N UNK D 106 12.31 47.59 6.14
CA UNK D 106 12.84 46.62 5.19
C UNK D 106 11.72 45.78 4.57
N UNK D 107 11.93 45.44 3.31
CA UNK D 107 10.98 44.59 2.58
C UNK D 107 11.38 43.14 2.94
N UNK D 108 10.36 42.37 3.29
CA UNK D 108 10.50 40.99 3.71
C UNK D 108 10.99 40.10 2.60
N UNK D 109 10.90 40.58 1.35
CA UNK D 109 11.38 39.78 0.23
C UNK D 109 12.77 40.27 -0.16
N UNK D 110 13.78 39.43 -0.28
CA UNK D 110 15.12 39.85 -0.65
C UNK D 110 15.93 38.67 -1.19
N UNK D 111 16.98 38.84 -1.96
CA UNK D 111 17.80 37.80 -2.52
C UNK D 111 18.71 37.14 -1.48
N UNK D 112 19.04 35.88 -1.59
CA UNK D 112 19.93 35.28 -0.60
C UNK D 112 21.40 35.61 -0.86
N UNK D 113 22.23 35.66 0.16
CA UNK D 113 23.63 35.93 0.10
C UNK D 113 24.31 35.14 -1.02
N UNK D 114 25.24 35.81 -1.70
CA UNK D 114 25.95 35.17 -2.78
C UNK D 114 26.92 34.12 -2.28
N UNK D 115 27.39 33.28 -3.17
CA UNK D 115 28.33 32.21 -2.87
C UNK D 115 29.61 32.78 -2.27
N UNK D 116 30.10 33.90 -2.80
CA UNK D 116 31.32 34.50 -2.27
C UNK D 116 31.08 35.21 -0.93
N UNK D 117 29.93 35.09 -0.34
CA UNK D 117 29.62 35.71 0.94
C UNK D 117 29.60 34.64 2.03
N UNK D 118 29.71 33.37 1.63
CA UNK D 118 29.67 32.28 2.59
C UNK D 118 30.89 32.22 3.48
N UNK D 119 30.67 31.62 4.64
CA UNK D 119 31.69 31.41 5.67
C UNK D 119 31.84 29.92 5.96
N UNK D 120 33.00 29.49 6.42
CA UNK D 120 33.16 28.05 6.68
C UNK D 120 33.82 27.76 8.00
N UNK D 121 33.63 28.63 8.98
CA UNK D 121 34.21 28.39 10.31
C UNK D 121 33.29 27.34 10.95
N UNK D 122 33.80 26.44 11.76
CA UNK D 122 32.94 25.42 12.34
C UNK D 122 33.28 25.21 13.81
N UNK D 123 32.57 25.91 14.68
CA UNK D 123 32.80 25.78 16.11
C UNK D 123 31.69 25.07 16.85
N UNK D 124 32.01 23.99 17.58
CA UNK D 124 30.94 23.31 18.31
C UNK D 124 30.22 24.29 19.24
N UNK D 125 28.90 24.19 19.39
CA UNK D 125 28.11 25.06 20.27
C UNK D 125 27.55 24.20 21.40
N UNK D 126 28.25 23.97 22.52
CA UNK D 126 27.72 23.10 23.58
C UNK D 126 26.39 23.51 24.17
N UNK D 127 25.47 22.57 24.30
CA UNK D 127 24.13 22.86 24.81
C UNK D 127 23.77 22.35 26.19
N UNK D 128 24.45 21.34 26.71
CA UNK D 128 24.12 20.83 28.02
C UNK D 128 23.21 19.62 27.93
N UNK D 129 22.80 19.31 26.68
CA UNK D 129 21.93 18.14 26.43
C UNK D 129 22.81 16.94 26.08
N UNK D 130 22.82 15.88 26.88
CA UNK D 130 23.67 14.73 26.60
C UNK D 130 23.65 14.24 25.18
N UNK D 131 22.51 13.77 24.68
CA UNK D 131 22.34 13.26 23.34
C UNK D 131 22.88 14.22 22.26
N UNK D 132 22.31 15.42 22.20
CA UNK D 132 22.76 16.29 21.13
C UNK D 132 24.28 16.39 21.12
N UNK D 133 24.79 16.86 22.26
CA UNK D 133 26.23 17.06 22.37
C UNK D 133 27.04 15.83 22.01
N UNK D 134 26.71 14.72 22.64
CA UNK D 134 27.48 13.54 22.36
C UNK D 134 27.55 13.12 20.91
N UNK D 135 26.38 12.94 20.31
CA UNK D 135 26.20 12.43 18.97
C UNK D 135 25.94 13.36 17.85
N UNK D 136 25.32 14.51 18.04
CA UNK D 136 25.03 15.42 16.91
C UNK D 136 25.19 16.87 17.36
N UNK D 137 26.41 17.23 17.71
CA UNK D 137 26.80 18.52 18.20
C UNK D 137 26.28 19.68 17.35
N UNK D 138 25.82 20.76 17.97
CA UNK D 138 25.36 21.90 17.19
C UNK D 138 26.61 22.72 16.89
N UNK D 139 26.58 23.57 15.89
CA UNK D 139 27.70 24.39 15.54
C UNK D 139 27.25 25.87 15.50
N UNK D 140 28.14 26.62 16.15
CA UNK D 140 27.93 28.07 16.22
C UNK D 140 27.77 28.57 14.79
N UNK D 141 26.79 29.41 14.51
CA UNK D 141 26.61 29.96 13.17
C UNK D 141 26.09 28.94 12.19
N UNK D 142 25.88 27.71 12.61
CA UNK D 142 25.38 26.67 11.71
C UNK D 142 23.86 26.62 11.63
N UNK D 143 23.33 25.77 10.75
CA UNK D 143 21.87 25.65 10.57
C UNK D 143 21.44 24.39 11.31
N UNK D 144 20.55 24.48 12.28
CA UNK D 144 20.15 23.30 13.07
C UNK D 144 18.71 22.97 12.81
N UNK D 145 18.35 21.67 12.79
CA UNK D 145 16.95 21.34 12.55
C UNK D 145 16.42 20.29 13.52
N UNK D 146 15.28 20.58 14.13
CA UNK D 146 14.70 19.61 15.05
C UNK D 146 13.52 18.97 14.34
N UNK D 147 13.64 17.72 13.91
CA UNK D 147 12.54 17.04 13.21
C UNK D 147 11.65 16.23 14.13
N UNK D 148 10.32 16.29 13.98
CA UNK D 148 9.44 15.52 14.83
C UNK D 148 7.99 15.58 14.43
N UNK D 149 7.26 14.50 14.59
CA UNK D 149 5.84 14.41 14.29
C UNK D 149 5.08 15.13 15.40
N UNK D 150 3.76 15.14 15.44
CA UNK D 150 3.04 15.88 16.45
C UNK D 150 3.24 15.38 17.85
N UNK D 151 3.63 16.32 18.72
CA UNK D 151 3.81 16.06 20.10
C UNK D 151 4.96 15.17 20.51
N UNK D 152 6.15 15.29 19.92
CA UNK D 152 7.28 14.45 20.33
C UNK D 152 8.37 15.25 21.02
N UNK D 153 8.31 16.59 21.06
CA UNK D 153 9.33 17.34 21.79
C UNK D 153 10.00 18.44 21.03
N UNK D 154 9.57 18.73 19.79
CA UNK D 154 10.23 19.80 19.06
C UNK D 154 10.30 21.07 19.89
N UNK D 155 9.16 21.61 20.31
CA UNK D 155 9.15 22.88 21.05
C UNK D 155 9.82 22.90 22.40
N UNK D 156 9.60 21.85 23.20
CA UNK D 156 10.24 21.81 24.52
C UNK D 156 11.74 21.85 24.24
N UNK D 157 12.23 21.05 23.30
CA UNK D 157 13.65 21.08 22.99
C UNK D 157 14.02 22.51 22.59
N UNK D 158 13.12 23.21 21.91
CA UNK D 158 13.55 24.58 21.51
C UNK D 158 13.55 25.47 22.75
N UNK D 159 12.71 25.07 23.70
CA UNK D 159 12.55 25.80 24.95
C UNK D 159 13.77 25.67 25.85
N UNK D 160 14.34 24.48 25.95
CA UNK D 160 15.50 24.27 26.80
C UNK D 160 16.74 24.85 26.13
N UNK D 161 16.75 25.02 24.83
CA UNK D 161 17.92 25.58 24.16
C UNK D 161 17.92 27.11 24.37
N UNK D 162 16.70 27.65 24.45
CA UNK D 162 16.62 29.12 24.65
C UNK D 162 17.21 29.37 26.05
N UNK D 163 16.87 28.47 26.97
CA UNK D 163 17.36 28.56 28.35
C UNK D 163 18.84 28.31 28.42
N UNK D 164 19.35 27.16 28.03
CA UNK D 164 20.76 26.82 28.06
C UNK D 164 21.67 27.57 27.10
N UNK D 165 21.19 28.37 26.19
CA UNK D 165 22.04 29.07 25.23
C UNK D 165 21.63 30.50 24.95
N UNK D 166 20.35 30.67 24.60
CA UNK D 166 19.88 32.01 24.28
C UNK D 166 20.14 32.85 25.52
N UNK D 167 19.78 32.34 26.69
CA UNK D 167 19.96 33.16 27.88
C UNK D 167 21.34 33.69 28.14
N UNK D 168 22.43 32.98 27.89
CA UNK D 168 23.73 33.59 28.14
C UNK D 168 24.20 34.33 26.90
N UNK D 169 23.74 34.02 25.73
CA UNK D 169 24.17 34.65 24.49
C UNK D 169 24.29 36.16 24.50
N UNK D 170 25.49 36.61 24.13
CA UNK D 170 25.74 38.08 24.08
C UNK D 170 25.52 38.45 22.61
N UNK D 171 24.31 38.84 22.29
CA UNK D 171 24.01 39.21 20.88
C UNK D 171 22.48 39.19 20.82
N UNK D 172 21.89 39.47 19.67
CA UNK D 172 20.43 39.40 19.72
C UNK D 172 19.91 38.00 19.45
N UNK D 173 18.62 37.83 19.54
CA UNK D 173 17.86 36.63 19.31
C UNK D 173 16.54 37.10 18.68
N UNK D 174 16.07 36.31 17.75
CA UNK D 174 14.80 36.63 17.07
C UNK D 174 14.06 35.31 17.13
N UNK D 175 12.88 35.30 17.69
CA UNK D 175 12.08 34.08 17.77
C UNK D 175 10.83 34.35 16.91
N UNK D 176 10.69 33.64 15.82
CA UNK D 176 9.57 33.82 14.90
C UNK D 176 8.61 32.65 15.07
N UNK D 177 7.41 32.88 15.52
CA UNK D 177 6.46 31.74 15.68
C UNK D 177 5.68 31.72 14.36
N UNK D 178 5.87 30.62 13.61
CA UNK D 178 5.17 30.46 12.34
C UNK D 178 4.14 29.35 12.40
N UNK D 179 2.88 29.72 12.36
CA UNK D 179 1.79 28.79 12.38
C UNK D 179 1.73 27.88 13.58
N UNK D 180 2.24 28.31 14.73
CA UNK D 180 2.16 27.45 15.92
C UNK D 180 1.06 27.88 16.87
N UNK D 181 1.09 27.42 18.11
CA UNK D 181 0.03 27.73 19.07
C UNK D 181 0.09 29.09 19.75
N UNK D 182 -1.03 29.82 19.69
CA UNK D 182 -1.05 31.15 20.30
C UNK D 182 -0.71 31.02 21.78
N UNK D 183 -1.34 30.04 22.46
CA UNK D 183 -1.04 29.87 23.87
C UNK D 183 0.48 29.96 24.10
N UNK D 184 1.27 29.33 23.26
CA UNK D 184 2.70 29.28 23.34
C UNK D 184 3.42 30.59 23.21
N UNK D 185 2.97 31.53 22.39
CA UNK D 185 3.67 32.82 22.26
C UNK D 185 3.47 33.60 23.56
N UNK D 186 2.32 33.39 24.21
CA UNK D 186 2.01 34.03 25.47
C UNK D 186 2.84 33.36 26.55
N UNK D 187 3.09 32.06 26.49
CA UNK D 187 3.92 31.45 27.53
C UNK D 187 5.34 32.00 27.41
N UNK D 188 5.92 32.01 26.24
CA UNK D 188 7.27 32.50 26.00
C UNK D 188 7.43 33.99 26.29
N UNK D 189 6.58 34.85 25.76
CA UNK D 189 6.69 36.29 26.04
C UNK D 189 6.81 36.53 27.55
N UNK D 190 5.80 36.05 28.29
CA UNK D 190 5.84 36.24 29.72
C UNK D 190 7.01 35.58 30.38
N UNK D 191 7.62 34.58 29.77
CA UNK D 191 8.80 33.94 30.38
C UNK D 191 10.02 34.81 30.09
N UNK D 192 10.10 35.35 28.87
CA UNK D 192 11.19 36.22 28.49
C UNK D 192 11.25 37.38 29.51
N UNK D 193 10.07 37.94 29.79
CA UNK D 193 9.96 39.05 30.73
C UNK D 193 10.38 38.62 32.14
N UNK D 194 9.70 37.63 32.71
CA UNK D 194 10.07 37.20 34.03
C UNK D 194 11.55 36.91 34.14
N UNK D 195 12.31 36.75 33.07
CA UNK D 195 13.75 36.45 33.16
C UNK D 195 14.59 37.57 32.57
N UNK D 196 13.97 38.73 32.41
CA UNK D 196 14.65 39.86 31.89
C UNK D 196 15.19 39.72 30.51
N UNK D 197 14.92 38.68 29.73
CA UNK D 197 15.49 38.74 28.34
C UNK D 197 14.73 39.83 27.55
N UNK D 198 13.51 40.06 28.01
CA UNK D 198 12.65 41.11 27.48
C UNK D 198 12.54 42.08 28.67
N UNK D 199 12.76 43.35 28.41
CA UNK D 199 12.67 44.39 29.42
C UNK D 199 11.63 45.41 28.97
N UNK D 200 10.53 45.56 29.70
CA UNK D 200 9.51 46.51 29.25
C UNK D 200 9.74 47.95 29.68
N UNK D 201 10.70 48.17 30.58
CA UNK D 201 10.97 49.50 31.10
C UNK D 201 12.13 50.19 30.44
N UNK D 202 13.12 49.39 30.05
CA UNK D 202 14.30 49.97 29.41
C UNK D 202 14.65 49.32 28.09
N UNK D 203 15.82 49.70 27.61
CA UNK D 203 16.30 49.17 26.33
C UNK D 203 17.27 48.02 26.54
N UNK D 204 17.03 47.18 27.54
CA UNK D 204 17.95 46.06 27.74
C UNK D 204 17.42 44.78 27.06
N UNK D 205 16.39 44.93 26.21
CA UNK D 205 15.83 43.74 25.56
C UNK D 205 16.81 43.12 24.59
N UNK D 206 16.92 41.81 24.72
CA UNK D 206 17.86 41.09 23.87
C UNK D 206 17.16 40.12 22.93
N UNK D 207 15.87 40.26 22.71
CA UNK D 207 15.12 39.37 21.86
C UNK D 207 13.96 40.07 21.17
N UNK D 208 13.87 40.05 19.86
CA UNK D 208 12.68 40.63 19.19
C UNK D 208 11.70 39.47 18.89
N UNK D 209 10.39 39.66 18.91
CA UNK D 209 9.53 38.50 18.62
C UNK D 209 8.60 38.77 17.44
N UNK D 210 8.33 37.79 16.59
CA UNK D 210 7.41 38.00 15.45
C UNK D 210 6.46 36.80 15.44
N UNK D 211 5.16 37.01 15.28
CA UNK D 211 4.21 35.93 15.32
C UNK D 211 3.14 35.90 14.27
N UNK D 212 2.88 34.72 13.72
CA UNK D 212 1.85 34.45 12.71
C UNK D 212 1.32 33.04 13.00
N UNK D 213 0.63 32.90 14.11
CA UNK D 213 0.09 31.62 14.57
C UNK D 213 -1.00 30.97 13.74
N UNK D 214 -1.33 29.73 14.16
CA UNK D 214 -2.29 28.84 13.61
C UNK D 214 -3.71 29.36 13.45
N UNK D 215 -4.00 30.48 14.07
CA UNK D 215 -5.33 31.06 13.96
C UNK D 215 -5.32 32.04 12.79
N UNK D 216 -4.25 32.12 12.02
CA UNK D 216 -4.17 33.00 10.87
C UNK D 216 -4.48 32.31 9.54
N UNK D 217 -4.85 33.12 8.57
CA UNK D 217 -5.15 32.66 7.21
C UNK D 217 -3.85 32.26 6.55
N UNK D 218 -3.84 31.28 5.67
CA UNK D 218 -2.69 30.77 4.96
C UNK D 218 -1.70 31.87 4.64
N UNK D 219 -2.18 32.94 4.03
CA UNK D 219 -1.30 34.04 3.66
C UNK D 219 -0.37 34.51 4.74
N UNK D 220 -0.91 34.78 5.93
CA UNK D 220 -0.05 35.26 7.01
C UNK D 220 1.00 34.19 7.29
N UNK D 221 0.52 32.95 7.27
CA UNK D 221 1.44 31.84 7.58
C UNK D 221 2.51 31.64 6.55
N UNK D 222 2.25 32.03 5.31
CA UNK D 222 3.24 31.87 4.25
C UNK D 222 4.28 32.98 4.30
N UNK D 223 4.03 34.00 5.13
CA UNK D 223 5.00 35.10 5.26
C UNK D 223 5.62 35.38 6.60
N UNK D 224 5.02 35.14 7.79
CA UNK D 224 5.70 35.47 9.02
C UNK D 224 7.18 35.06 9.04
N UNK D 225 7.50 33.86 8.58
CA UNK D 225 8.92 33.45 8.61
C UNK D 225 9.73 34.51 7.90
N UNK D 226 9.16 35.05 6.83
CA UNK D 226 9.93 36.06 6.08
C UNK D 226 10.14 37.25 7.00
N UNK D 227 9.04 37.71 7.60
CA UNK D 227 9.18 38.87 8.51
C UNK D 227 10.23 38.58 9.58
N UNK D 228 10.12 37.43 10.23
CA UNK D 228 11.04 37.01 11.28
C UNK D 228 12.49 37.02 10.78
N UNK D 229 12.65 36.32 9.68
CA UNK D 229 13.98 36.23 9.09
C UNK D 229 14.47 37.62 8.73
N UNK D 230 13.59 38.48 8.23
CA UNK D 230 14.07 39.83 7.85
C UNK D 230 14.62 40.61 9.04
N UNK D 231 13.90 40.50 10.17
CA UNK D 231 14.37 41.19 11.39
C UNK D 231 15.76 40.69 11.67
N UNK D 232 15.93 39.36 11.71
CA UNK D 232 17.24 38.77 11.96
C UNK D 232 18.29 39.20 10.96
N UNK D 233 17.99 39.30 9.66
CA UNK D 233 19.08 39.69 8.75
C UNK D 233 19.64 41.06 9.05
N UNK D 234 18.82 41.96 9.62
CA UNK D 234 19.29 43.31 9.94
C UNK D 234 20.41 43.23 10.97
N UNK D 235 20.14 42.55 12.07
CA UNK D 235 21.20 42.48 13.07
C UNK D 235 22.43 41.78 12.51
N UNK D 236 22.30 40.99 11.45
CA UNK D 236 23.45 40.29 10.92
C UNK D 236 24.33 41.19 10.05
N UNK D 237 23.68 41.92 9.17
CA UNK D 237 24.35 42.77 8.22
C UNK D 237 24.55 44.20 8.66
N UNK D 238 23.48 44.96 8.91
CA UNK D 238 23.57 46.34 9.35
C UNK D 238 24.21 46.52 10.72
N UNK D 239 24.31 45.52 11.58
CA UNK D 239 24.97 45.71 12.86
C UNK D 239 26.17 44.78 12.88
N UNK D 240 26.12 43.66 12.19
CA UNK D 240 27.24 42.74 12.12
C UNK D 240 27.30 41.83 13.32
N UNK D 241 26.21 41.75 14.09
CA UNK D 241 26.22 40.93 15.28
C UNK D 241 26.03 39.44 15.15
N UNK D 242 26.17 38.74 16.29
CA UNK D 242 25.98 37.30 16.35
C UNK D 242 24.51 37.06 16.66
N UNK D 243 23.74 36.61 15.69
CA UNK D 243 22.31 36.41 15.95
C UNK D 243 21.97 34.97 16.26
N UNK D 244 20.90 34.77 17.00
CA UNK D 244 20.41 33.44 17.34
C UNK D 244 19.00 33.50 16.73
N UNK D 245 18.67 32.62 15.79
CA UNK D 245 17.33 32.65 15.18
C UNK D 245 16.49 31.45 15.56
N UNK D 246 15.34 31.61 16.16
CA UNK D 246 14.54 30.43 16.49
C UNK D 246 13.26 30.49 15.66
N UNK D 247 12.92 29.41 14.98
CA UNK D 247 11.70 29.39 14.17
C UNK D 247 10.95 28.13 14.58
N UNK D 248 9.71 28.30 14.91
CA UNK D 248 8.91 27.14 15.32
C UNK D 248 7.53 27.46 14.79
N UNK D 249 7.10 26.81 13.74
CA UNK D 249 7.77 25.68 13.07
C UNK D 249 7.85 25.98 11.58
N UNK D 250 8.99 25.89 10.95
CA UNK D 250 9.16 26.21 9.53
C UNK D 250 8.31 25.37 8.61
N UNK D 251 7.86 24.18 9.01
CA UNK D 251 6.98 23.37 8.16
C UNK D 251 5.76 24.24 7.83
N UNK D 252 5.26 24.97 8.83
CA UNK D 252 4.09 25.84 8.61
C UNK D 252 4.21 26.76 7.41
N UNK D 253 5.42 27.18 7.05
CA UNK D 253 5.58 28.06 5.88
C UNK D 253 5.16 27.30 4.61
N UNK D 254 5.59 26.05 4.54
CA UNK D 254 5.31 25.18 3.43
C UNK D 254 3.87 24.69 3.46
N UNK D 255 3.31 24.54 4.65
CA UNK D 255 1.91 24.05 4.63
C UNK D 255 1.04 25.24 4.19
N UNK D 256 1.50 26.43 4.58
CA UNK D 256 0.75 27.61 4.19
C UNK D 256 0.58 27.66 2.68
N UNK D 257 1.70 27.52 1.96
CA UNK D 257 1.70 27.53 0.52
C UNK D 257 0.84 26.42 -0.06
N UNK D 258 0.97 25.21 0.49
CA UNK D 258 0.14 24.15 -0.09
C UNK D 258 -1.33 24.48 0.10
N UNK D 259 -1.71 25.23 1.12
CA UNK D 259 -3.11 25.53 1.35
C UNK D 259 -3.71 26.48 0.31
N UNK D 260 -2.94 27.29 -0.38
CA UNK D 260 -3.60 28.20 -1.35
C UNK D 260 -3.30 27.75 -2.77
N UNK D 261 -2.28 26.88 -2.84
CA UNK D 261 -1.81 26.38 -4.10
C UNK D 261 -2.90 26.07 -5.10
N UNK D 262 -3.88 25.26 -4.73
CA UNK D 262 -4.91 24.93 -5.71
C UNK D 262 -5.61 26.21 -6.13
N UNK D 263 -5.98 27.07 -5.17
CA UNK D 263 -6.62 28.31 -5.61
C UNK D 263 -5.70 29.13 -6.50
N UNK D 264 -4.44 28.79 -6.68
CA UNK D 264 -3.53 29.54 -7.56
C UNK D 264 -3.49 28.88 -8.92
N UNK D 265 -4.31 27.85 -9.08
CA UNK D 265 -4.46 27.12 -10.30
C UNK D 265 -3.30 26.25 -10.68
N UNK D 266 -2.86 25.39 -9.76
CA UNK D 266 -1.70 24.56 -10.09
C UNK D 266 -1.96 23.08 -10.05
N UNK D 267 -1.38 22.28 -10.94
CA UNK D 267 -1.57 20.81 -10.79
C UNK D 267 -0.71 20.45 -9.55
N UNK D 268 -1.25 19.66 -8.65
CA UNK D 268 -0.57 19.27 -7.42
C UNK D 268 0.65 18.43 -7.72
N UNK D 269 1.71 18.52 -6.95
CA UNK D 269 2.86 17.64 -7.15
C UNK D 269 2.60 16.38 -6.31
N UNK D 270 3.54 15.56 -5.88
CA UNK D 270 3.11 14.40 -5.07
C UNK D 270 2.76 14.80 -3.64
N UNK D 271 2.07 13.89 -2.94
CA UNK D 271 1.56 14.06 -1.60
C UNK D 271 0.74 15.33 -1.44
N UNK D 272 0.20 15.94 -2.48
CA UNK D 272 -0.68 17.10 -2.31
C UNK D 272 0.07 18.37 -2.34
N UNK D 273 1.39 18.32 -2.13
CA UNK D 273 2.17 19.55 -2.12
C UNK D 273 2.08 20.33 -3.40
N UNK D 274 2.46 21.58 -3.36
CA UNK D 274 2.47 22.44 -4.57
C UNK D 274 3.71 22.05 -5.37
N UNK D 275 3.77 22.24 -6.66
CA UNK D 275 4.90 21.89 -7.49
C UNK D 275 6.10 22.76 -7.21
N UNK D 276 5.95 23.89 -6.51
CA UNK D 276 7.12 24.76 -6.28
C UNK D 276 7.71 24.64 -4.88
N UNK D 277 7.33 23.61 -4.15
CA UNK D 277 7.81 23.39 -2.79
C UNK D 277 9.29 23.61 -2.62
N UNK D 278 10.12 22.84 -3.32
CA UNK D 278 11.57 22.96 -3.12
C UNK D 278 12.12 24.34 -3.44
N UNK D 279 11.71 24.91 -4.56
CA UNK D 279 12.25 26.26 -4.88
C UNK D 279 11.73 27.28 -3.88
N UNK D 280 10.46 27.15 -3.50
CA UNK D 280 9.86 28.05 -2.51
C UNK D 280 10.67 27.96 -1.21
N UNK D 281 11.10 26.78 -0.87
CA UNK D 281 11.85 26.56 0.34
C UNK D 281 13.27 27.06 0.12
N UNK D 282 13.80 26.85 -1.07
CA UNK D 282 15.17 27.27 -1.35
C UNK D 282 15.41 28.76 -1.25
N UNK D 283 14.61 29.58 -1.94
CA UNK D 283 14.83 31.02 -1.88
C UNK D 283 14.63 31.52 -0.46
N UNK D 284 14.03 30.73 0.40
CA UNK D 284 13.88 31.23 1.76
C UNK D 284 15.05 30.72 2.61
N UNK D 285 15.15 29.40 2.70
CA UNK D 285 16.24 28.82 3.48
C UNK D 285 17.59 29.45 3.13
N UNK D 286 17.80 29.91 1.90
CA UNK D 286 19.12 30.44 1.57
C UNK D 286 19.44 31.78 2.19
N UNK D 287 18.50 32.50 2.80
CA UNK D 287 18.74 33.78 3.47
C UNK D 287 19.08 33.52 4.96
N UNK D 288 18.49 32.45 5.50
CA UNK D 288 18.74 32.07 6.88
C UNK D 288 20.18 31.51 6.85
N UNK D 289 21.16 32.40 6.92
CA UNK D 289 22.53 31.93 6.88
C UNK D 289 23.58 32.88 7.43
N UNK D 290 24.69 32.30 7.88
CA UNK D 290 25.80 33.07 8.41
C UNK D 290 26.57 33.58 7.18
N UNK D 291 27.08 34.78 7.26
CA UNK D 291 27.88 35.35 6.16
C UNK D 291 29.18 35.86 6.75
N UNK D 292 29.92 36.62 5.95
CA UNK D 292 31.18 37.16 6.48
C UNK D 292 30.82 38.40 7.31
N UNK D 293 29.69 39.04 7.00
CA UNK D 293 29.27 40.19 7.75
C UNK D 293 28.84 39.86 9.16
N UNK D 294 27.92 38.90 9.29
CA UNK D 294 27.39 38.54 10.61
C UNK D 294 27.20 37.03 10.69
N UNK D 295 26.73 36.57 11.83
CA UNK D 295 26.54 35.13 12.02
C UNK D 295 25.13 34.84 12.49
N UNK D 296 24.50 33.82 11.91
CA UNK D 296 23.15 33.47 12.36
C UNK D 296 23.25 32.03 12.90
N UNK D 297 22.63 31.72 13.99
CA UNK D 297 22.60 30.37 14.55
C UNK D 297 21.08 30.11 14.63
N UNK D 298 20.59 29.49 13.56
CA UNK D 298 19.20 29.18 13.41
C UNK D 298 18.83 27.81 13.95
N UNK D 299 17.80 27.76 14.77
CA UNK D 299 17.29 26.50 15.32
C UNK D 299 15.84 26.45 14.78
N UNK D 300 15.57 25.56 13.83
CA UNK D 300 14.27 25.50 13.22
C UNK D 300 13.54 24.23 13.60
N UNK D 301 12.31 24.37 14.07
CA UNK D 301 11.52 23.19 14.41
C UNK D 301 10.92 22.74 13.07
N UNK D 302 10.90 21.44 12.80
CA UNK D 302 10.37 20.94 11.54
C UNK D 302 9.39 19.83 11.79
N UNK D 303 8.12 20.13 11.52
CA UNK D 303 7.00 19.19 11.69
C UNK D 303 7.09 18.09 10.63
N UNK D 304 6.69 16.91 10.98
CA UNK D 304 6.73 15.74 10.11
C UNK D 304 5.34 15.12 10.02
N UNK D 305 4.64 15.48 8.97
CA UNK D 305 3.27 15.02 8.70
C UNK D 305 3.15 13.51 8.75
N UNK D 306 2.10 13.01 9.42
CA UNK D 306 1.90 11.57 9.52
C UNK D 306 3.14 10.88 10.06
N UNK D 307 4.07 11.55 10.69
CA UNK D 307 5.25 10.91 11.23
C UNK D 307 6.15 10.34 10.14
N UNK D 308 5.83 10.63 8.88
CA UNK D 308 6.66 10.12 7.79
C UNK D 308 7.83 10.96 7.38
N UNK D 309 9.05 10.67 7.81
CA UNK D 309 10.19 11.50 7.40
C UNK D 309 10.38 11.59 5.90
N UNK D 310 9.72 10.76 5.07
CA UNK D 310 9.97 10.91 3.63
C UNK D 310 9.02 11.91 3.00
N UNK D 311 8.03 12.37 3.74
CA UNK D 311 7.08 13.38 3.22
C UNK D 311 7.84 14.48 2.49
N UNK D 312 7.43 14.84 1.31
CA UNK D 312 8.11 15.87 0.55
C UNK D 312 8.58 17.02 1.41
N UNK D 313 7.89 17.50 2.45
CA UNK D 313 8.42 18.67 3.18
C UNK D 313 9.61 18.42 4.08
N UNK D 314 9.49 17.56 5.07
CA UNK D 314 10.58 17.26 5.98
C UNK D 314 11.73 16.78 5.11
N UNK D 315 11.41 15.89 4.19
CA UNK D 315 12.36 15.33 3.24
C UNK D 315 13.15 16.40 2.49
N UNK D 316 12.47 17.41 1.94
CA UNK D 316 13.14 18.49 1.23
C UNK D 316 13.98 19.36 2.15
N UNK D 317 13.78 19.42 3.46
CA UNK D 317 14.54 20.31 4.34
C UNK D 317 15.88 19.83 4.86
N UNK D 318 16.14 18.52 4.86
CA UNK D 318 17.40 18.03 5.37
C UNK D 318 18.59 18.73 4.75
N UNK D 319 18.60 18.92 3.43
CA UNK D 319 19.68 19.53 2.72
C UNK D 319 20.00 20.93 3.19
N UNK D 320 19.07 21.61 3.85
CA UNK D 320 19.38 22.97 4.31
C UNK D 320 20.02 23.01 5.69
N UNK D 321 20.35 21.85 6.26
CA UNK D 321 20.89 21.89 7.61
C UNK D 321 22.30 21.41 7.78
N UNK D 322 22.99 21.89 8.84
CA UNK D 322 24.34 21.44 9.12
C UNK D 322 24.28 20.42 10.24
N UNK D 323 23.20 20.45 11.01
CA UNK D 323 23.04 19.49 12.11
C UNK D 323 21.55 19.17 12.21
N UNK D 324 21.23 17.91 12.52
CA UNK D 324 19.80 17.57 12.60
C UNK D 324 19.56 16.70 13.83
N UNK D 325 18.50 17.06 14.55
CA UNK D 325 18.09 16.31 15.74
C UNK D 325 16.74 15.66 15.37
N UNK D 326 16.75 14.36 15.12
CA UNK D 326 15.48 13.72 14.73
C UNK D 326 14.76 13.13 15.92
N UNK D 327 13.58 13.59 16.28
CA UNK D 327 12.86 13.05 17.46
C UNK D 327 11.92 11.95 17.03
N UNK D 328 11.62 10.96 17.85
CA UNK D 328 10.77 9.87 17.43
C UNK D 328 9.72 9.48 18.46
N UNK D 329 8.47 9.32 18.01
CA UNK D 329 7.38 8.94 18.88
C UNK D 329 7.62 7.54 19.42
N UNK D 330 8.43 6.75 18.74
CA UNK D 330 8.70 5.38 19.24
C UNK D 330 9.59 5.46 20.47
N UNK D 331 10.48 6.45 20.46
CA UNK D 331 11.36 6.61 21.62
C UNK D 331 10.53 7.27 22.73
N UNK D 332 9.92 8.41 22.44
CA UNK D 332 9.07 9.12 23.39
C UNK D 332 8.09 8.18 24.10
N UNK D 333 7.51 7.31 23.29
CA UNK D 333 6.52 6.37 23.81
C UNK D 333 7.09 5.57 24.97
N UNK D 334 8.38 5.36 25.01
CA UNK D 334 8.98 4.58 26.09
C UNK D 334 9.24 5.43 27.32
N UNK D 335 9.02 6.72 27.25
CA UNK D 335 9.27 7.62 28.37
C UNK D 335 10.71 8.15 28.27
N UNK D 336 11.37 8.05 27.13
CA UNK D 336 12.74 8.54 27.05
C UNK D 336 12.73 9.94 26.46
N UNK D 337 12.88 10.95 27.31
CA UNK D 337 12.92 12.34 26.82
C UNK D 337 14.29 12.95 27.13
N UNK D 338 14.85 13.78 26.28
CA UNK D 338 14.29 14.13 24.98
C UNK D 338 14.26 12.87 24.09
N UNK D 339 13.22 12.68 23.31
CA UNK D 339 13.09 11.53 22.44
C UNK D 339 13.94 11.59 21.19
N UNK D 340 15.21 11.97 21.26
CA UNK D 340 16.04 12.01 20.05
C UNK D 340 16.36 10.58 19.61
N UNK D 341 16.39 10.37 18.29
CA UNK D 341 16.74 9.07 17.72
C UNK D 341 18.26 9.10 17.50
N UNK D 342 19.03 8.41 18.30
CA UNK D 342 20.48 8.32 18.27
C UNK D 342 21.11 7.84 16.98
N UNK D 343 20.33 7.12 16.18
CA UNK D 343 20.77 6.60 14.91
C UNK D 343 20.17 7.36 13.75
N UNK D 344 19.55 8.49 13.94
CA UNK D 344 19.00 9.22 12.80
C UNK D 344 19.28 10.70 12.96
N UNK D 345 20.17 11.01 13.91
CA UNK D 345 20.53 12.41 14.17
C UNK D 345 21.92 12.68 13.69
N UNK D 346 22.19 13.81 13.03
CA UNK D 346 23.57 13.95 12.57
C UNK D 346 24.02 15.40 12.67
N UNK D 347 25.32 15.61 12.59
CA UNK D 347 25.94 16.90 12.69
C UNK D 347 27.14 16.95 11.74
N UNK D 348 27.35 18.06 11.06
CA UNK D 348 28.47 18.13 10.14
C UNK D 348 29.80 18.24 10.83
N UNK D 349 29.78 18.50 12.15
CA UNK D 349 31.02 18.60 12.90
C UNK D 349 31.35 17.28 13.61
N UNK D 350 30.61 16.20 13.38
CA UNK D 350 30.98 14.93 14.01
C UNK D 350 32.16 14.39 13.19
N UNK D 351 33.25 15.09 13.39
CA UNK D 351 34.49 14.79 12.71
C UNK D 351 35.62 14.76 13.72
N UNK D 352 36.45 13.74 13.71
CA UNK D 352 37.58 13.62 14.63
C UNK D 352 38.42 14.88 14.51
N UNK D 353 38.54 15.41 13.31
CA UNK D 353 39.31 16.63 13.13
C UNK D 353 38.67 17.83 13.79
N UNK D 354 37.43 17.74 14.21
CA UNK D 354 36.79 18.91 14.80
C UNK D 354 36.41 18.78 16.25
N UNK D 355 35.89 17.62 16.67
CA UNK D 355 35.53 17.44 18.07
C UNK D 355 36.55 16.64 18.84
N UNK D 356 37.72 15.91 18.44
CA UNK D 356 38.70 15.03 19.06
C UNK D 356 38.24 13.57 19.00
N UNK D 357 39.20 12.67 19.08
CA UNK D 357 38.94 11.24 19.02
C UNK D 357 38.26 10.72 20.26
N UNK D 358 38.43 11.36 21.42
CA UNK D 358 37.72 10.78 22.60
C UNK D 358 36.22 11.05 22.42
N UNK D 359 35.95 12.28 21.98
CA UNK D 359 34.58 12.68 21.74
C UNK D 359 34.00 11.76 20.66
N UNK D 360 34.76 11.68 19.58
CA UNK D 360 34.37 10.89 18.42
C UNK D 360 34.22 9.39 18.61
N UNK D 361 35.14 8.76 19.35
CA UNK D 361 35.07 7.32 19.52
C UNK D 361 33.94 6.92 20.43
N UNK D 362 33.59 7.81 21.35
CA UNK D 362 32.50 7.56 22.31
C UNK D 362 31.16 7.61 21.57
N UNK D 363 31.00 8.71 20.84
CA UNK D 363 29.79 8.97 20.06
C UNK D 363 29.54 7.76 19.17
N UNK D 364 30.51 7.50 18.29
CA UNK D 364 30.36 6.35 17.39
C UNK D 364 30.21 5.06 18.17
N UNK D 365 30.81 5.00 19.37
CA UNK D 365 30.74 3.80 20.20
C UNK D 365 29.32 3.60 20.69
N UNK D 366 28.71 4.73 21.04
CA UNK D 366 27.34 4.69 21.53
C UNK D 366 26.37 4.35 20.43
N UNK D 367 26.64 4.86 19.22
CA UNK D 367 25.80 4.61 18.06
C UNK D 367 25.90 3.18 17.60
N UNK D 368 27.09 2.60 17.60
CA UNK D 368 27.19 1.21 17.18
C UNK D 368 26.30 0.33 18.04
N UNK D 369 26.42 0.41 19.35
CA UNK D 369 25.66 -0.39 20.30
C UNK D 369 24.16 -0.19 20.21
N UNK D 370 23.68 1.01 19.93
CA UNK D 370 22.25 1.29 19.79
C UNK D 370 21.77 0.68 18.48
N UNK D 371 22.60 0.72 17.45
CA UNK D 371 22.31 0.10 16.17
C UNK D 371 22.29 -1.42 16.37
N UNK D 372 23.36 -1.94 16.98
CA UNK D 372 23.47 -3.35 17.29
C UNK D 372 22.20 -3.83 18.00
N UNK D 373 21.71 -3.07 18.94
CA UNK D 373 20.51 -3.40 19.71
C UNK D 373 19.24 -3.24 18.88
N UNK D 374 19.22 -2.23 18.01
CA UNK D 374 18.04 -2.03 17.15
C UNK D 374 17.82 -3.30 16.33
N UNK D 375 18.85 -3.77 15.65
CA UNK D 375 18.79 -5.00 14.88
C UNK D 375 18.29 -6.17 15.70
N UNK D 376 18.77 -6.40 16.91
CA UNK D 376 18.29 -7.52 17.70
C UNK D 376 16.87 -7.34 18.19
N UNK D 377 16.40 -6.14 18.45
CA UNK D 377 15.08 -5.90 18.99
C UNK D 377 13.97 -6.77 18.42
N UNK D 378 13.79 -6.74 17.11
CA UNK D 378 12.71 -7.47 16.46
C UNK D 378 12.82 -8.98 16.61
N UNK D 379 14.06 -9.41 16.76
CA UNK D 379 14.33 -10.84 16.87
C UNK D 379 14.19 -11.36 18.27
N UNK D 380 14.74 -10.75 19.32
CA UNK D 380 14.54 -11.35 20.65
C UNK D 380 13.04 -11.19 20.99
N UNK D 381 12.37 -10.37 20.20
CA UNK D 381 10.95 -10.11 20.38
C UNK D 381 10.18 -11.44 20.32
N UNK D 382 10.46 -12.17 19.27
CA UNK D 382 9.83 -13.47 19.00
C UNK D 382 10.62 -14.64 19.54
N UNK D 383 11.85 -14.84 19.08
CA UNK D 383 12.68 -15.93 19.51
C UNK D 383 13.18 -15.78 20.94
N UNK D 384 12.83 -14.73 21.67
CA UNK D 384 13.30 -14.60 23.05
C UNK D 384 14.79 -14.38 23.19
N UNK D 385 15.26 -14.31 24.43
CA UNK D 385 16.65 -14.04 24.74
C UNK D 385 17.61 -15.13 25.16
N UNK D 386 17.14 -16.30 25.54
CA UNK D 386 18.02 -17.38 26.01
C UNK D 386 19.13 -17.73 25.05
N UNK D 387 18.81 -18.01 23.79
CA UNK D 387 19.79 -18.40 22.80
C UNK D 387 20.89 -17.39 22.52
N UNK D 388 20.72 -16.15 22.95
CA UNK D 388 21.71 -15.11 22.73
C UNK D 388 23.02 -15.35 23.48
N UNK D 389 24.10 -15.01 22.82
CA UNK D 389 25.45 -15.13 23.40
C UNK D 389 25.68 -14.14 24.52
N UNK D 390 26.23 -14.57 25.65
CA UNK D 390 26.45 -13.58 26.73
C UNK D 390 27.08 -12.32 26.16
N UNK D 391 27.82 -12.46 25.06
CA UNK D 391 28.44 -11.32 24.41
C UNK D 391 27.36 -10.36 23.91
N UNK D 392 26.28 -10.90 23.38
CA UNK D 392 25.15 -10.18 22.84
C UNK D 392 24.10 -9.76 23.85
N UNK D 393 24.04 -10.33 25.04
CA UNK D 393 23.01 -9.95 26.00
C UNK D 393 23.54 -8.88 26.95
N UNK D 394 24.78 -8.53 26.69
CA UNK D 394 25.47 -7.48 27.45
C UNK D 394 25.26 -6.19 26.65
N UNK D 395 25.20 -6.35 25.31
CA UNK D 395 24.99 -5.16 24.50
C UNK D 395 23.52 -4.78 24.61
N UNK D 396 22.68 -5.77 24.90
CA UNK D 396 21.26 -5.44 25.08
C UNK D 396 21.19 -4.60 26.38
N UNK D 397 21.92 -5.06 27.39
CA UNK D 397 22.02 -4.38 28.66
C UNK D 397 22.48 -2.93 28.49
N UNK D 398 23.74 -2.79 28.16
CA UNK D 398 24.38 -1.50 27.96
C UNK D 398 23.58 -0.58 27.08
N UNK D 399 23.01 -1.12 26.01
CA UNK D 399 22.20 -0.30 25.12
C UNK D 399 21.01 0.27 25.88
N UNK D 400 20.25 -0.59 26.55
CA UNK D 400 19.08 -0.13 27.30
C UNK D 400 19.45 0.91 28.35
N UNK D 401 20.63 0.86 28.93
CA UNK D 401 21.06 1.84 29.92
C UNK D 401 21.45 3.12 29.20
N UNK D 402 22.16 3.05 28.10
CA UNK D 402 22.55 4.23 27.32
C UNK D 402 21.32 5.00 26.83
N UNK D 403 20.37 4.21 26.37
CA UNK D 403 19.09 4.69 25.84
C UNK D 403 18.46 5.62 26.87
N UNK D 404 18.69 5.26 28.12
CA UNK D 404 18.17 6.03 29.24
C UNK D 404 19.12 7.17 29.59
N UNK D 405 20.40 6.83 29.72
CA UNK D 405 21.35 7.87 30.09
C UNK D 405 21.23 8.99 29.07
N UNK D 406 20.60 8.74 27.92
CA UNK D 406 20.51 9.84 26.94
C UNK D 406 19.34 10.74 27.26
N UNK D 407 18.43 10.28 28.10
CA UNK D 407 17.31 11.19 28.43
C UNK D 407 17.87 12.20 29.43
N UNK D 408 17.15 13.28 29.65
CA UNK D 408 17.56 14.32 30.59
C UNK D 408 16.36 15.20 30.93
N UNK D 409 16.22 15.58 32.18
CA UNK D 409 15.19 16.46 32.69
C UNK D 409 15.54 17.90 32.29
N UNK D 410 14.76 18.50 31.44
CA UNK D 410 15.03 19.86 30.98
C UNK D 410 14.53 20.86 32.03
N UNK D 411 15.16 22.02 32.07
CA UNK D 411 14.76 23.04 33.03
C UNK D 411 13.49 23.77 32.63
N UNK D 412 13.00 23.53 31.45
CA UNK D 412 11.82 24.17 30.85
C UNK D 412 10.65 23.22 30.74
N UNK D 413 10.84 22.02 31.29
CA UNK D 413 9.86 20.95 31.28
C UNK D 413 9.68 20.33 32.65
N UNK D 414 9.91 21.13 33.71
CA UNK D 414 9.66 20.53 35.04
C UNK D 414 8.13 20.35 35.11
N UNK D 415 7.39 21.27 34.47
CA UNK D 415 5.94 21.13 34.50
C UNK D 415 5.58 19.80 33.84
N UNK D 416 6.53 19.23 33.09
CA UNK D 416 6.22 18.00 32.38
C UNK D 416 6.76 16.77 33.05
N UNK D 417 8.04 16.82 33.41
CA UNK D 417 8.67 15.65 33.98
C UNK D 417 8.55 15.52 35.49
N UNK D 418 8.26 16.59 36.21
CA UNK D 418 8.21 16.49 37.68
C UNK D 418 9.65 16.30 38.19
N UNK D 419 10.66 16.79 37.47
CA UNK D 419 12.06 16.65 37.82
C UNK D 419 12.81 17.96 37.57
N UNK D 420 13.75 18.24 38.45
CA UNK D 420 14.52 19.48 38.32
C UNK D 420 15.39 19.37 37.09
N UNK D 421 15.45 20.45 36.32
CA UNK D 421 16.24 20.45 35.09
C UNK D 421 17.72 20.38 35.32
N UNK D 422 18.44 19.56 34.58
CA UNK D 422 19.88 19.43 34.72
C UNK D 422 20.59 19.85 33.44
N UNK D 423 21.71 20.53 33.55
CA UNK D 423 22.48 20.96 32.35
C UNK D 423 23.81 20.22 32.52
N UNK D 424 24.18 19.37 31.59
CA UNK D 424 25.44 18.64 31.77
C UNK D 424 26.50 19.20 30.84
N UNK D 425 27.68 19.39 31.38
CA UNK D 425 28.85 19.89 30.67
C UNK D 425 29.44 18.83 29.75
N UNK D 426 29.99 19.26 28.62
CA UNK D 426 30.52 18.34 27.64
C UNK D 426 31.40 17.25 28.17
N UNK D 427 32.25 17.50 29.16
CA UNK D 427 33.12 16.45 29.67
C UNK D 427 32.40 15.49 30.58
N UNK D 428 31.36 15.95 31.24
CA UNK D 428 30.61 15.05 32.12
C UNK D 428 29.85 14.06 31.23
N UNK D 429 29.48 14.52 30.04
CA UNK D 429 28.76 13.70 29.07
C UNK D 429 29.71 12.62 28.52
N UNK D 430 30.75 13.06 27.81
CA UNK D 430 31.71 12.13 27.21
C UNK D 430 32.14 11.03 28.17
N UNK D 431 32.45 11.42 29.39
CA UNK D 431 32.90 10.51 30.43
C UNK D 431 31.80 9.54 30.83
N UNK D 432 30.63 10.05 31.14
CA UNK D 432 29.52 9.18 31.56
C UNK D 432 29.30 8.05 30.58
N UNK D 433 29.27 8.40 29.28
CA UNK D 433 29.03 7.38 28.26
C UNK D 433 30.23 6.45 28.15
N UNK D 434 31.42 7.02 28.17
CA UNK D 434 32.68 6.26 28.11
C UNK D 434 32.65 5.14 29.13
N UNK D 435 32.22 5.43 30.35
CA UNK D 435 32.17 4.45 31.41
C UNK D 435 31.08 3.42 31.17
N UNK D 436 29.89 3.84 30.71
CA UNK D 436 28.84 2.83 30.49
C UNK D 436 29.35 1.84 29.45
N UNK D 437 29.93 2.38 28.38
CA UNK D 437 30.49 1.59 27.31
C UNK D 437 31.62 0.68 27.77
N UNK D 438 32.34 1.13 28.79
CA UNK D 438 33.45 0.42 29.38
C UNK D 438 33.03 -0.69 30.33
N UNK D 439 31.76 -0.86 30.63
CA UNK D 439 31.32 -1.90 31.53
C UNK D 439 31.36 -1.48 32.98
N UNK D 440 31.76 -0.24 33.25
CA UNK D 440 31.85 0.29 34.60
C UNK D 440 30.55 0.48 35.34
N UNK D 441 29.39 0.04 34.90
CA UNK D 441 28.14 0.21 35.63
C UNK D 441 27.15 -0.90 35.34
N UNK D 442 27.68 -1.99 34.79
CA UNK D 442 26.86 -3.15 34.44
C UNK D 442 26.14 -3.69 35.66
N UNK D 443 26.48 -3.14 36.82
CA UNK D 443 25.84 -3.61 38.06
C UNK D 443 24.63 -2.74 38.36
N UNK D 444 24.67 -1.42 38.15
CA UNK D 444 23.50 -0.59 38.44
C UNK D 444 22.34 -1.00 37.50
N UNK D 445 21.14 -0.71 37.95
CA UNK D 445 19.91 -0.98 37.23
C UNK D 445 19.62 0.06 36.17
N UNK D 446 18.94 -0.29 35.07
CA UNK D 446 18.64 0.64 34.00
C UNK D 446 17.96 1.91 34.59
N UNK D 447 16.86 1.65 35.29
CA UNK D 447 16.10 2.75 35.87
C UNK D 447 16.97 3.79 36.54
N UNK D 448 18.12 3.40 37.06
CA UNK D 448 18.98 4.37 37.72
C UNK D 448 19.48 5.39 36.71
N UNK D 449 19.54 4.99 35.44
CA UNK D 449 20.03 5.87 34.38
C UNK D 449 18.98 6.76 33.75
N UNK D 450 17.70 6.53 34.01
CA UNK D 450 16.62 7.31 33.46
C UNK D 450 16.36 8.64 34.16
N UNK D 451 16.17 9.71 33.45
CA UNK D 451 15.92 11.06 33.86
C UNK D 451 16.88 11.52 34.96
N UNK D 452 18.14 11.69 34.58
CA UNK D 452 19.18 12.14 35.49
C UNK D 452 20.12 13.04 34.69
N UNK D 453 20.96 13.83 35.34
CA UNK D 453 21.91 14.67 34.62
C UNK D 453 23.18 13.84 34.45
N UNK D 454 24.19 14.17 35.21
CA UNK D 454 25.51 13.53 35.18
C UNK D 454 25.51 12.12 35.73
N UNK D 455 26.44 11.29 35.31
CA UNK D 455 26.55 9.90 35.71
C UNK D 455 26.51 9.67 37.21
N UNK D 456 26.97 10.62 38.02
CA UNK D 456 26.94 10.44 39.46
C UNK D 456 25.51 10.36 39.98
N UNK D 457 24.59 11.05 39.31
CA UNK D 457 23.19 10.99 39.75
C UNK D 457 22.60 9.61 39.48
N UNK D 458 23.16 8.91 38.49
CA UNK D 458 22.71 7.56 38.13
C UNK D 458 23.16 6.58 39.23
N UNK D 459 24.34 6.84 39.76
CA UNK D 459 24.90 6.03 40.84
C UNK D 459 24.10 6.31 42.12
N UNK D 460 23.88 7.58 42.42
CA UNK D 460 23.09 7.91 43.61
C UNK D 460 21.70 7.30 43.48
N UNK D 461 21.03 7.52 42.36
CA UNK D 461 19.70 7.01 42.10
C UNK D 461 19.67 5.49 42.26
N UNK D 462 20.77 4.80 41.99
CA UNK D 462 20.78 3.34 42.14
C UNK D 462 20.51 3.01 43.60
N UNK D 463 21.26 3.65 44.51
CA UNK D 463 21.09 3.45 45.95
C UNK D 463 19.65 3.78 46.32
N UNK D 464 19.24 5.01 46.03
CA UNK D 464 17.85 5.38 46.38
C UNK D 464 16.92 4.28 45.93
N UNK D 465 17.20 3.68 44.77
CA UNK D 465 16.34 2.60 44.28
C UNK D 465 16.72 1.31 45.01
N UNK D 466 17.94 1.25 45.51
CA UNK D 466 18.40 0.04 46.16
C UNK D 466 17.36 -0.44 47.16
N UNK D 467 16.39 0.38 47.43
CA UNK D 467 15.23 0.35 48.25
C UNK D 467 14.75 1.75 48.73
N UNK E 2 -0.76 15.31 -49.13
CA UNK E 2 -1.19 16.44 -48.31
C UNK E 2 -0.04 17.16 -47.61
N UNK E 3 -0.20 18.48 -47.48
CA UNK E 3 0.81 19.29 -46.81
C UNK E 3 0.21 19.97 -45.58
N UNK E 4 0.62 19.59 -44.36
CA UNK E 4 0.05 20.26 -43.20
C UNK E 4 1.05 21.27 -42.63
N UNK E 5 0.58 22.03 -41.65
CA UNK E 5 1.46 22.96 -40.96
C UNK E 5 1.61 22.46 -39.50
N UNK E 6 2.62 22.92 -38.82
CA UNK E 6 2.75 22.56 -37.40
C UNK E 6 1.97 23.61 -36.63
N UNK E 7 1.04 23.21 -35.77
CA UNK E 7 0.29 24.20 -35.01
C UNK E 7 0.88 24.27 -33.60
N UNK E 8 1.47 23.17 -33.12
CA UNK E 8 2.03 23.25 -31.76
C UNK E 8 3.13 22.22 -31.58
N UNK E 9 4.09 22.55 -30.72
CA UNK E 9 5.19 21.65 -30.40
C UNK E 9 5.35 21.70 -28.86
N UNK E 10 5.08 20.56 -28.23
CA UNK E 10 5.22 20.46 -26.79
C UNK E 10 6.06 19.24 -26.48
N UNK E 11 7.39 19.43 -26.44
CA UNK E 11 8.22 18.25 -26.11
C UNK E 11 8.18 17.34 -27.32
N UNK E 12 7.98 16.05 -27.11
CA UNK E 12 7.98 15.15 -28.27
C UNK E 12 6.57 14.91 -28.78
N UNK E 13 5.73 15.94 -28.72
CA UNK E 13 4.36 15.77 -29.22
C UNK E 13 4.08 16.97 -30.11
N UNK E 14 3.97 16.68 -31.39
CA UNK E 14 3.71 17.72 -32.39
C UNK E 14 2.29 17.67 -32.93
N UNK E 15 1.64 18.85 -32.94
CA UNK E 15 0.26 18.84 -33.44
C UNK E 15 0.37 19.45 -34.85
N UNK E 16 -0.31 18.83 -35.80
CA UNK E 16 -0.23 19.28 -37.19
C UNK E 16 -1.63 19.48 -37.72
N UNK E 17 -1.85 20.63 -38.37
CA UNK E 17 -3.14 20.96 -38.94
C UNK E 17 -3.11 20.89 -40.47
N UNK E 18 -4.03 20.11 -41.00
CA UNK E 18 -4.18 19.93 -42.44
C UNK E 18 -5.35 20.74 -43.00
N UNK E 19 -5.15 21.38 -44.16
CA UNK E 19 -6.24 22.21 -44.73
C UNK E 19 -7.17 21.29 -45.49
N UNK E 20 -6.61 20.56 -46.46
CA UNK E 20 -7.45 19.60 -47.20
C UNK E 20 -6.85 18.22 -46.94
N UNK E 21 -7.62 17.20 -46.59
CA UNK E 21 -7.07 15.89 -46.37
C UNK E 21 -6.22 15.60 -45.15
N UNK E 22 -6.85 14.93 -44.19
CA UNK E 22 -6.26 14.53 -42.91
C UNK E 22 -5.75 13.10 -42.88
N UNK E 23 -4.47 12.89 -42.59
CA UNK E 23 -3.89 11.58 -42.51
C UNK E 23 -4.58 10.73 -41.45
N UNK E 24 -4.84 9.48 -41.73
CA UNK E 24 -5.45 8.56 -40.78
C UNK E 24 -4.46 8.34 -39.61
N UNK E 25 -4.93 7.73 -38.55
CA UNK E 25 -4.07 7.44 -37.40
C UNK E 25 -3.03 6.37 -37.75
N UNK E 26 -1.79 6.57 -37.41
CA UNK E 26 -0.67 5.68 -37.62
C UNK E 26 0.19 6.05 -38.81
N UNK E 27 -0.35 6.95 -39.63
CA UNK E 27 0.45 7.37 -40.78
C UNK E 27 1.72 8.07 -40.28
N UNK E 28 2.75 8.08 -41.12
CA UNK E 28 4.01 8.75 -40.81
C UNK E 28 4.06 10.06 -41.60
N UNK E 29 4.37 11.16 -40.97
CA UNK E 29 4.42 12.46 -41.66
C UNK E 29 5.88 12.88 -41.69
N UNK E 30 6.37 13.57 -42.69
CA UNK E 30 7.76 13.99 -42.75
C UNK E 30 7.78 15.50 -42.53
N UNK E 31 8.67 15.96 -41.67
CA UNK E 31 8.71 17.43 -41.40
C UNK E 31 9.60 18.04 -42.48
N UNK E 32 9.14 19.12 -43.11
CA UNK E 32 9.91 19.75 -44.18
C UNK E 32 10.94 20.76 -43.76
N UNK E 33 12.15 20.73 -44.34
CA UNK E 33 13.20 21.68 -44.01
C UNK E 33 14.05 21.35 -42.81
N UNK E 34 14.54 20.11 -42.70
CA UNK E 34 15.35 19.76 -41.54
C UNK E 34 16.61 18.96 -41.88
N UNK E 35 17.75 19.43 -41.39
CA UNK E 35 19.02 18.74 -41.61
C UNK E 35 18.83 17.23 -41.76
N UNK E 36 18.02 16.67 -40.85
CA UNK E 36 17.79 15.23 -40.91
C UNK E 36 16.30 14.92 -40.94
N UNK E 37 16.05 13.64 -41.18
CA UNK E 37 14.69 13.15 -41.28
C UNK E 37 13.94 13.11 -39.96
N UNK E 38 12.82 13.82 -39.91
CA UNK E 38 11.98 13.85 -38.72
C UNK E 38 10.63 13.23 -39.10
N UNK E 39 10.38 12.04 -38.57
CA UNK E 39 9.12 11.36 -38.83
C UNK E 39 8.24 11.50 -37.60
N UNK E 40 7.03 12.01 -37.81
CA UNK E 40 6.00 12.22 -36.81
C UNK E 40 4.95 11.13 -36.95
N UNK E 41 4.76 10.18 -36.07
CA UNK E 41 3.68 9.23 -36.32
C UNK E 41 2.36 9.82 -35.89
N UNK E 42 1.26 9.60 -36.58
CA UNK E 42 -0.03 10.15 -36.13
C UNK E 42 -0.65 9.32 -35.01
N UNK E 43 -1.26 10.00 -34.02
CA UNK E 43 -1.84 9.24 -32.92
C UNK E 43 -3.30 9.53 -32.66
N UNK E 44 -3.78 10.71 -33.03
CA UNK E 44 -5.17 11.04 -32.77
C UNK E 44 -5.68 12.13 -33.71
N UNK E 45 -6.98 12.19 -33.84
CA UNK E 45 -7.69 13.19 -34.64
C UNK E 45 -8.42 14.14 -33.68
N UNK E 46 -7.68 15.16 -33.21
CA UNK E 46 -8.22 16.11 -32.29
C UNK E 46 -9.43 16.85 -32.85
N UNK E 47 -9.78 16.68 -34.11
CA UNK E 47 -10.97 17.44 -34.60
C UNK E 47 -10.48 18.83 -35.04
N UNK E 48 -11.15 19.41 -36.01
CA UNK E 48 -10.82 20.71 -36.57
C UNK E 48 -9.63 20.57 -37.49
N UNK E 49 -9.57 19.47 -38.23
CA UNK E 49 -8.45 19.28 -39.15
C UNK E 49 -7.10 19.23 -38.48
N UNK E 50 -7.03 18.83 -37.20
CA UNK E 50 -5.68 18.81 -36.63
C UNK E 50 -5.40 17.40 -36.12
N UNK E 51 -4.19 16.94 -36.33
CA UNK E 51 -3.75 15.63 -35.85
C UNK E 51 -2.77 15.85 -34.68
N UNK E 52 -2.72 14.86 -33.78
CA UNK E 52 -1.78 14.90 -32.68
C UNK E 52 -0.80 13.75 -32.95
N UNK E 53 0.46 14.11 -33.12
CA UNK E 53 1.47 13.09 -33.42
C UNK E 53 2.60 13.01 -32.41
N UNK E 54 3.39 11.95 -32.47
CA UNK E 54 4.54 11.82 -31.60
C UNK E 54 5.81 11.79 -32.45
N UNK E 55 6.77 12.67 -32.21
CA UNK E 55 8.00 12.76 -33.00
C UNK E 55 8.89 11.55 -32.89
N UNK E 56 9.60 11.10 -33.94
CA UNK E 56 10.45 9.92 -33.73
C UNK E 56 11.89 10.35 -33.42
N UNK E 57 12.09 11.66 -33.27
CA UNK E 57 13.40 12.21 -32.92
C UNK E 57 13.25 13.63 -32.42
N UNK E 58 14.26 14.28 -31.87
CA UNK E 58 14.20 15.61 -31.34
C UNK E 58 13.41 16.63 -32.11
N UNK E 59 12.50 17.32 -31.43
CA UNK E 59 11.66 18.35 -32.05
C UNK E 59 12.32 19.72 -31.89
N UNK E 60 13.56 19.69 -31.43
CA UNK E 60 14.35 20.90 -31.16
C UNK E 60 14.31 21.80 -32.37
N UNK E 61 13.98 23.08 -32.25
CA UNK E 61 14.02 23.89 -33.48
C UNK E 61 12.76 23.98 -34.29
N UNK E 62 11.82 23.05 -34.18
CA UNK E 62 10.59 23.15 -34.96
C UNK E 62 9.97 24.53 -34.78
N UNK E 63 9.18 24.91 -35.78
CA UNK E 63 8.51 26.19 -35.79
C UNK E 63 7.05 26.10 -36.12
N UNK E 64 6.25 26.81 -35.30
CA UNK E 64 4.80 26.76 -35.58
C UNK E 64 4.69 27.26 -37.01
N UNK E 65 3.93 26.53 -37.81
CA UNK E 65 3.78 26.94 -39.22
C UNK E 65 4.69 26.06 -40.07
N UNK E 66 5.73 25.45 -39.53
CA UNK E 66 6.60 24.59 -40.35
C UNK E 66 5.75 23.67 -41.21
N UNK E 67 6.27 23.23 -42.34
CA UNK E 67 5.52 22.35 -43.25
C UNK E 67 5.73 20.87 -42.97
N UNK E 68 4.63 20.14 -43.11
CA UNK E 68 4.60 18.70 -42.87
C UNK E 68 3.86 17.99 -44.03
N UNK E 69 4.53 16.98 -44.56
CA UNK E 69 4.02 16.21 -45.66
C UNK E 69 3.54 14.82 -45.29
N UNK E 70 2.24 14.59 -45.42
CA UNK E 70 1.71 13.27 -45.10
C UNK E 70 2.34 12.21 -45.98
N UNK E 71 3.12 11.27 -45.46
CA UNK E 71 3.67 10.27 -46.39
C UNK E 71 2.55 9.31 -46.79
N UNK E 72 1.32 9.62 -46.41
CA UNK E 72 0.18 8.79 -46.72
C UNK E 72 0.29 7.34 -46.30
N UNK E 73 1.07 7.01 -45.27
CA UNK E 73 1.22 5.65 -44.78
C UNK E 73 2.06 5.62 -43.51
N UNK E 74 1.93 4.55 -42.75
CA UNK E 74 2.70 4.36 -41.54
C UNK E 74 4.18 4.23 -41.95
N UNK E 75 5.01 4.23 -40.94
CA UNK E 75 6.46 4.04 -41.12
C UNK E 75 6.67 2.75 -41.91
N UNK E 76 7.76 2.67 -42.66
CA UNK E 76 8.09 1.53 -43.52
C UNK E 76 9.60 1.33 -43.48
N UNK E 77 10.02 0.08 -43.56
CA UNK E 77 11.46 -0.18 -43.48
C UNK E 77 11.94 -1.20 -44.49
N UNK E 78 13.22 -1.13 -44.81
CA UNK E 78 13.85 -2.07 -45.72
C UNK E 78 13.71 -3.43 -45.03
N UNK E 79 13.16 -4.40 -45.70
CA UNK E 79 12.96 -5.77 -45.24
C UNK E 79 13.64 -6.74 -46.23
N UNK E 80 14.00 -7.93 -45.77
CA UNK E 80 14.64 -8.87 -46.69
C UNK E 80 16.01 -9.28 -46.22
N UNK E 81 16.73 -10.02 -47.04
CA UNK E 81 18.04 -10.55 -46.79
C UNK E 81 19.14 -9.55 -46.54
N UNK E 82 19.16 -8.46 -47.31
CA UNK E 82 20.21 -7.47 -47.17
C UNK E 82 20.15 -6.67 -45.87
N UNK E 83 19.31 -7.14 -44.95
CA UNK E 83 19.16 -6.52 -43.65
C UNK E 83 19.99 -7.38 -42.67
N UNK E 84 20.08 -8.66 -43.01
CA UNK E 84 20.83 -9.57 -42.14
C UNK E 84 22.22 -9.00 -41.93
N UNK E 85 22.69 -8.94 -40.70
CA UNK E 85 23.98 -8.42 -40.32
C UNK E 85 24.13 -6.91 -40.23
N UNK E 86 23.08 -6.21 -40.61
CA UNK E 86 23.12 -4.76 -40.52
C UNK E 86 22.47 -4.32 -39.21
N UNK E 87 22.77 -3.07 -38.80
CA UNK E 87 22.15 -2.55 -37.58
C UNK E 87 21.18 -1.46 -38.05
N UNK E 88 19.95 -1.55 -37.52
CA UNK E 88 18.99 -0.54 -37.97
C UNK E 88 18.16 0.12 -36.89
N UNK E 89 17.89 1.35 -37.23
CA UNK E 89 17.13 2.38 -36.58
C UNK E 89 15.68 1.92 -36.51
N UNK E 90 14.79 2.73 -35.99
CA UNK E 90 13.37 2.49 -35.79
C UNK E 90 12.59 2.65 -37.10
N UNK E 91 13.09 3.56 -37.91
CA UNK E 91 12.50 3.90 -39.21
C UNK E 91 13.36 3.34 -40.34
N UNK E 92 13.95 2.17 -40.03
CA UNK E 92 14.78 1.42 -40.90
C UNK E 92 15.96 2.18 -41.47
N UNK E 93 16.77 2.81 -40.63
CA UNK E 93 17.97 3.48 -41.12
C UNK E 93 19.18 2.72 -40.56
N UNK E 94 20.27 2.85 -41.26
CA UNK E 94 21.51 2.20 -40.89
C UNK E 94 22.21 3.01 -39.82
N UNK E 95 22.66 2.31 -38.80
CA UNK E 95 23.37 2.96 -37.69
C UNK E 95 24.68 2.23 -37.40
N UNK E 96 25.22 1.55 -38.41
CA UNK E 96 26.46 0.79 -38.35
C UNK E 96 27.44 1.38 -39.36
N UNK E 97 26.95 2.38 -40.08
CA UNK E 97 27.77 3.09 -41.04
C UNK E 97 28.31 2.26 -42.18
N UNK E 98 27.59 1.24 -42.61
CA UNK E 98 27.97 0.38 -43.71
C UNK E 98 27.14 0.76 -44.94
N UNK E 99 26.79 2.04 -45.05
CA UNK E 99 26.02 2.49 -46.21
C UNK E 99 24.58 2.05 -46.12
N UNK E 100 23.81 2.36 -47.16
CA UNK E 100 22.41 2.09 -47.28
C UNK E 100 21.94 0.66 -47.23
N UNK E 101 20.81 0.49 -46.53
CA UNK E 101 20.25 -0.89 -46.50
C UNK E 101 19.44 -0.93 -47.79
N UNK E 102 20.02 -1.62 -48.79
CA UNK E 102 19.37 -1.69 -50.09
C UNK E 102 18.60 -2.98 -50.31
N UNK E 103 17.31 -2.94 -50.02
CA UNK E 103 16.48 -4.13 -50.23
C UNK E 103 15.51 -3.80 -51.37
N UNK E 104 14.69 -4.77 -51.78
CA UNK E 104 13.71 -4.51 -52.83
C UNK E 104 12.40 -4.07 -52.16
N UNK E 105 12.02 -4.78 -51.10
CA UNK E 105 10.81 -4.46 -50.40
C UNK E 105 11.03 -3.61 -49.13
N UNK E 106 9.99 -2.82 -48.87
CA UNK E 106 9.85 -1.96 -47.71
C UNK E 106 8.63 -2.51 -46.96
N UNK E 107 8.61 -2.52 -45.64
CA UNK E 107 7.44 -3.11 -44.96
C UNK E 107 6.93 -2.19 -43.86
N UNK E 108 5.68 -1.72 -43.97
CA UNK E 108 5.14 -0.85 -42.93
C UNK E 108 5.16 -1.64 -41.61
N UNK E 109 5.57 -0.99 -40.54
CA UNK E 109 5.68 -1.65 -39.25
C UNK E 109 4.36 -1.94 -38.56
N UNK E 110 3.36 -1.08 -38.77
CA UNK E 110 2.08 -1.35 -38.12
C UNK E 110 1.28 -2.34 -38.97
N UNK E 111 1.29 -3.61 -38.64
CA UNK E 111 0.60 -4.65 -39.38
C UNK E 111 -0.38 -5.40 -38.49
N UNK E 112 -1.46 -5.91 -39.07
CA UNK E 112 -2.42 -6.65 -38.21
C UNK E 112 -1.92 -8.07 -38.03
N UNK E 113 -2.59 -8.91 -37.26
CA UNK E 113 -2.07 -10.26 -37.06
C UNK E 113 -2.85 -11.35 -37.77
N UNK E 114 -2.16 -12.45 -38.03
CA UNK E 114 -2.63 -13.64 -38.69
C UNK E 114 -4.05 -14.08 -38.39
N UNK E 115 -4.99 -13.74 -39.25
CA UNK E 115 -6.37 -14.11 -39.14
C UNK E 115 -6.48 -15.55 -38.62
N UNK E 116 -7.58 -15.84 -37.94
CA UNK E 116 -7.84 -17.15 -37.38
C UNK E 116 -7.60 -18.31 -38.32
N UNK E 117 -8.00 -18.09 -39.57
CA UNK E 117 -7.89 -19.10 -40.61
C UNK E 117 -6.46 -19.26 -41.10
N UNK E 118 -5.52 -18.52 -40.54
CA UNK E 118 -4.11 -18.64 -40.94
C UNK E 118 -3.41 -19.37 -39.79
N UNK E 119 -4.12 -19.34 -38.65
CA UNK E 119 -3.57 -19.98 -37.47
C UNK E 119 -3.21 -21.43 -37.73
N UNK E 120 -2.15 -21.89 -37.10
CA UNK E 120 -1.83 -23.33 -37.20
C UNK E 120 -2.70 -23.93 -36.07
N UNK E 121 -3.14 -25.15 -36.23
CA UNK E 121 -3.99 -25.72 -35.20
C UNK E 121 -3.19 -26.60 -34.26
N UNK E 122 -1.86 -26.68 -34.49
CA UNK E 122 -1.11 -27.57 -33.62
C UNK E 122 0.23 -27.15 -33.08
N UNK E 123 0.47 -27.71 -31.90
CA UNK E 123 1.61 -27.56 -31.06
C UNK E 123 2.77 -28.49 -31.43
N UNK E 124 3.87 -27.89 -31.85
CA UNK E 124 5.08 -28.59 -32.24
C UNK E 124 6.28 -28.00 -31.49
N UNK E 125 7.15 -28.85 -30.97
CA UNK E 125 8.31 -28.28 -30.28
C UNK E 125 9.30 -27.76 -31.32
N UNK E 126 9.95 -26.64 -31.06
CA UNK E 126 10.98 -26.17 -32.01
C UNK E 126 12.29 -26.64 -31.35
N UNK E 127 13.11 -27.44 -32.01
CA UNK E 127 14.35 -27.91 -31.39
C UNK E 127 15.50 -26.93 -31.61
N UNK E 128 16.27 -26.73 -30.53
CA UNK E 128 17.40 -25.80 -30.56
C UNK E 128 18.70 -26.57 -30.46
N UNK E 129 18.57 -27.83 -30.01
CA UNK E 129 19.77 -28.66 -29.87
C UNK E 129 20.40 -28.49 -28.49
N UNK E 130 19.71 -27.77 -27.59
CA UNK E 130 20.23 -27.57 -26.23
C UNK E 130 19.54 -28.53 -25.27
N UNK E 131 20.36 -29.46 -24.78
CA UNK E 131 19.91 -30.49 -23.87
C UNK E 131 18.96 -30.08 -22.77
N UNK E 132 19.23 -29.00 -22.03
CA UNK E 132 18.30 -28.62 -20.94
C UNK E 132 17.01 -28.10 -21.59
N UNK E 133 17.22 -27.12 -22.45
CA UNK E 133 16.11 -26.46 -23.11
C UNK E 133 15.19 -27.47 -23.77
N UNK E 134 15.78 -28.29 -24.65
CA UNK E 134 14.97 -29.27 -25.38
C UNK E 134 14.45 -30.38 -24.47
N UNK E 135 15.13 -30.72 -23.37
CA UNK E 135 14.59 -31.80 -22.55
C UNK E 135 13.59 -31.38 -21.50
N UNK E 136 13.82 -30.30 -20.77
CA UNK E 136 12.94 -29.89 -19.70
C UNK E 136 12.05 -28.70 -19.93
N UNK E 137 12.43 -27.78 -20.81
CA UNK E 137 11.60 -26.59 -21.07
C UNK E 137 11.54 -26.30 -22.57
N UNK E 138 11.00 -27.22 -23.33
CA UNK E 138 10.89 -27.14 -24.76
C UNK E 138 10.23 -25.88 -25.29
N UNK E 139 10.98 -25.23 -26.19
CA UNK E 139 10.44 -24.02 -26.83
C UNK E 139 9.25 -24.46 -27.66
N UNK E 140 8.41 -23.59 -28.16
CA UNK E 140 7.26 -24.00 -28.96
C UNK E 140 7.33 -23.24 -30.28
N UNK E 141 6.96 -23.89 -31.38
CA UNK E 141 7.07 -23.12 -32.65
C UNK E 141 6.13 -21.93 -32.59
N UNK E 142 6.54 -20.72 -32.88
CA UNK E 142 5.60 -19.60 -32.91
C UNK E 142 5.27 -19.05 -31.53
N UNK E 143 5.69 -19.75 -30.48
CA UNK E 143 5.50 -19.39 -29.10
C UNK E 143 6.42 -18.28 -28.61
N UNK E 144 6.22 -17.89 -27.34
CA UNK E 144 7.02 -16.83 -26.73
C UNK E 144 7.71 -17.35 -25.47
N UNK E 145 9.00 -17.04 -25.39
CA UNK E 145 9.77 -17.54 -24.24
C UNK E 145 10.30 -16.40 -23.38
N UNK E 146 10.11 -16.58 -22.08
CA UNK E 146 10.58 -15.62 -21.10
C UNK E 146 11.98 -16.01 -20.63
N UNK E 147 12.96 -15.24 -21.07
CA UNK E 147 14.34 -15.48 -20.69
C UNK E 147 14.71 -14.60 -19.48
N UNK E 148 14.84 -15.26 -18.34
CA UNK E 148 15.19 -14.68 -17.07
C UNK E 148 16.69 -14.85 -16.80
N UNK E 149 17.20 -14.07 -15.86
CA UNK E 149 18.64 -14.11 -15.51
C UNK E 149 19.29 -13.01 -16.37
N UNK E 150 20.39 -12.44 -15.92
CA UNK E 150 21.03 -11.38 -16.70
C UNK E 150 22.50 -11.64 -16.99
N UNK E 151 23.34 -10.87 -16.29
CA UNK E 151 24.77 -10.93 -16.48
C UNK E 151 25.53 -11.99 -15.68
N UNK E 152 26.71 -12.22 -16.27
CA UNK E 152 27.64 -13.18 -15.66
C UNK E 152 27.14 -14.58 -16.03
N UNK E 153 25.82 -14.67 -16.02
CA UNK E 153 25.21 -15.97 -16.44
C UNK E 153 25.17 -15.72 -17.96
N UNK E 154 25.61 -16.66 -18.76
CA UNK E 154 25.73 -16.60 -20.17
C UNK E 154 24.67 -16.09 -21.10
N UNK E 155 23.84 -15.16 -20.68
CA UNK E 155 22.79 -14.63 -21.50
C UNK E 155 23.23 -14.41 -22.94
N UNK E 156 24.25 -13.61 -23.24
CA UNK E 156 24.56 -13.35 -24.64
C UNK E 156 25.12 -14.49 -25.45
N UNK E 157 25.69 -15.46 -24.76
CA UNK E 157 26.26 -16.61 -25.50
C UNK E 157 25.14 -17.56 -25.85
N UNK E 158 24.12 -17.62 -25.00
CA UNK E 158 22.95 -18.46 -25.20
C UNK E 158 22.08 -17.85 -26.31
N UNK E 159 22.04 -16.53 -26.33
CA UNK E 159 21.24 -15.89 -27.39
C UNK E 159 21.90 -16.16 -28.73
N UNK E 160 23.24 -16.22 -28.70
CA UNK E 160 24.01 -16.45 -29.91
C UNK E 160 24.07 -17.90 -30.35
N UNK E 161 23.98 -18.86 -29.43
CA UNK E 161 23.97 -20.26 -29.86
C UNK E 161 22.61 -20.53 -30.50
N UNK E 162 21.52 -20.08 -29.86
CA UNK E 162 20.18 -20.27 -30.41
C UNK E 162 20.22 -19.78 -31.86
N UNK E 163 20.70 -18.56 -32.07
CA UNK E 163 20.78 -18.01 -33.42
C UNK E 163 21.39 -19.06 -34.37
N UNK E 164 22.65 -19.38 -34.09
CA UNK E 164 23.39 -20.35 -34.86
C UNK E 164 22.55 -21.60 -35.04
N UNK E 165 22.19 -22.27 -33.95
CA UNK E 165 21.37 -23.48 -34.07
C UNK E 165 20.08 -23.29 -34.84
N UNK E 166 19.58 -22.05 -34.97
CA UNK E 166 18.32 -21.91 -35.77
C UNK E 166 18.76 -21.95 -37.23
N UNK E 167 19.84 -21.25 -37.56
CA UNK E 167 20.36 -21.27 -38.91
C UNK E 167 20.66 -22.72 -39.31
N UNK E 168 21.43 -23.41 -38.48
CA UNK E 168 21.79 -24.78 -38.73
C UNK E 168 20.61 -25.74 -38.91
N UNK E 169 19.91 -26.05 -37.83
CA UNK E 169 18.84 -27.01 -37.90
C UNK E 169 17.57 -26.56 -38.56
N UNK E 170 17.34 -25.29 -38.88
CA UNK E 170 16.02 -25.01 -39.48
C UNK E 170 16.18 -24.07 -40.64
N UNK E 171 17.42 -23.78 -40.96
CA UNK E 171 17.65 -22.86 -42.10
C UNK E 171 16.87 -21.56 -41.89
N UNK E 172 16.53 -21.30 -40.63
CA UNK E 172 15.79 -20.05 -40.33
C UNK E 172 16.82 -19.01 -39.84
N UNK E 173 16.54 -17.78 -40.13
CA UNK E 173 17.33 -16.63 -39.71
C UNK E 173 16.73 -16.00 -38.44
N UNK E 174 17.46 -15.06 -37.82
CA UNK E 174 16.96 -14.39 -36.63
C UNK E 174 17.17 -12.87 -36.66
N UNK E 175 16.28 -12.20 -35.92
CA UNK E 175 16.32 -10.75 -35.74
C UNK E 175 16.59 -10.40 -34.28
N UNK E 176 17.18 -9.23 -34.11
CA UNK E 176 17.46 -8.82 -32.72
C UNK E 176 16.98 -7.37 -32.57
N UNK E 177 15.98 -7.29 -31.70
CA UNK E 177 15.40 -5.97 -31.41
C UNK E 177 15.80 -5.58 -29.99
N UNK E 178 16.60 -4.50 -29.89
CA UNK E 178 17.04 -4.04 -28.56
C UNK E 178 16.08 -2.89 -28.22
N UNK E 179 15.12 -3.14 -27.33
CA UNK E 179 14.13 -2.09 -26.95
C UNK E 179 14.71 -1.36 -25.72
N UNK E 180 15.12 -0.12 -25.91
CA UNK E 180 15.74 0.61 -24.80
C UNK E 180 17.10 -0.01 -24.47
N UNK E 181 17.95 -0.20 -25.47
CA UNK E 181 19.27 -0.79 -25.29
C UNK E 181 20.27 0.26 -24.81
N UNK E 182 21.21 -0.13 -23.95
CA UNK E 182 22.21 0.88 -23.53
C UNK E 182 23.24 0.99 -24.66
N UNK E 183 23.38 2.12 -25.34
CA UNK E 183 24.35 2.23 -26.42
C UNK E 183 25.64 1.47 -26.18
N UNK E 184 26.18 1.50 -24.98
CA UNK E 184 27.39 0.78 -24.65
C UNK E 184 27.20 -0.72 -24.92
N UNK E 185 26.12 -1.26 -24.37
CA UNK E 185 25.80 -2.66 -24.49
C UNK E 185 25.42 -3.08 -25.91
N UNK E 186 24.96 -2.21 -26.78
CA UNK E 186 24.61 -2.70 -28.13
C UNK E 186 25.92 -2.97 -28.89
N UNK E 187 26.75 -1.92 -28.89
CA UNK E 187 28.04 -1.94 -29.58
C UNK E 187 28.85 -3.14 -29.10
N UNK E 188 28.65 -3.50 -27.85
CA UNK E 188 29.35 -4.65 -27.28
C UNK E 188 28.70 -5.96 -27.73
N UNK E 189 27.42 -5.88 -28.07
CA UNK E 189 26.70 -7.07 -28.54
C UNK E 189 27.12 -7.25 -29.99
N UNK E 190 27.21 -6.13 -30.68
CA UNK E 190 27.61 -6.12 -32.09
C UNK E 190 28.92 -6.86 -32.29
N UNK E 191 30.02 -6.33 -31.77
CA UNK E 191 31.33 -6.94 -31.89
C UNK E 191 31.39 -8.36 -31.35
N UNK E 192 30.53 -8.73 -30.42
CA UNK E 192 30.56 -10.07 -29.87
C UNK E 192 29.94 -11.10 -30.79
N UNK E 193 28.99 -10.67 -31.59
CA UNK E 193 28.32 -11.58 -32.55
C UNK E 193 29.33 -11.77 -33.69
N UNK E 194 29.91 -10.62 -34.06
CA UNK E 194 30.91 -10.56 -35.11
C UNK E 194 32.04 -11.54 -34.83
N UNK E 195 32.70 -11.41 -33.69
CA UNK E 195 33.78 -12.30 -33.32
C UNK E 195 33.36 -13.76 -33.30
N UNK E 196 32.08 -14.05 -33.10
CA UNK E 196 31.60 -15.44 -33.07
C UNK E 196 30.98 -15.81 -34.42
N UNK E 197 31.12 -14.90 -35.38
CA UNK E 197 30.60 -15.11 -36.69
C UNK E 197 29.15 -14.84 -36.99
N UNK E 198 28.19 -15.11 -36.11
CA UNK E 198 26.78 -14.87 -36.45
C UNK E 198 26.61 -13.65 -37.33
N UNK E 199 27.54 -12.71 -37.24
CA UNK E 199 27.52 -11.55 -38.13
C UNK E 199 28.81 -11.63 -38.95
N UNK E 200 28.69 -11.32 -40.23
CA UNK E 200 29.86 -11.35 -41.12
C UNK E 200 29.91 -10.06 -41.93
N UNK E 201 30.93 -9.24 -41.72
CA UNK E 201 31.02 -7.97 -42.44
C UNK E 201 31.61 -8.07 -43.82
N UNK E 202 32.34 -9.15 -44.05
CA UNK E 202 33.00 -9.45 -45.30
C UNK E 202 32.10 -10.13 -46.33
N UNK E 203 31.36 -11.15 -45.89
CA UNK E 203 30.53 -11.85 -46.88
C UNK E 203 29.04 -11.59 -46.76
N UNK E 204 28.26 -12.66 -46.97
CA UNK E 204 26.81 -12.64 -46.89
C UNK E 204 26.31 -13.88 -46.14
N UNK E 205 27.01 -14.16 -45.04
CA UNK E 205 26.66 -15.29 -44.20
C UNK E 205 26.16 -14.87 -42.83
N UNK E 206 25.79 -13.60 -42.70
CA UNK E 206 25.27 -13.09 -41.41
C UNK E 206 23.95 -13.79 -41.11
N UNK E 207 23.73 -14.29 -39.88
CA UNK E 207 22.47 -14.97 -39.61
C UNK E 207 21.58 -14.11 -38.71
N UNK E 208 21.93 -12.82 -38.56
CA UNK E 208 21.12 -11.96 -37.70
C UNK E 208 21.02 -10.54 -38.27
N UNK E 209 19.87 -9.93 -38.09
CA UNK E 209 19.71 -8.52 -38.49
C UNK E 209 19.54 -7.80 -37.13
N UNK E 210 20.24 -6.69 -36.89
CA UNK E 210 20.02 -6.08 -35.56
C UNK E 210 19.17 -4.82 -35.66
N UNK E 211 18.14 -4.72 -34.82
CA UNK E 211 17.31 -3.51 -34.83
C UNK E 211 17.48 -2.85 -33.45
N UNK E 212 17.86 -1.56 -33.42
CA UNK E 212 18.07 -0.96 -32.12
C UNK E 212 17.23 0.22 -31.71
N UNK E 213 16.76 0.25 -30.46
CA UNK E 213 15.99 1.39 -29.91
C UNK E 213 16.77 1.79 -28.63
N UNK E 214 17.83 2.58 -28.79
CA UNK E 214 18.67 3.00 -27.68
C UNK E 214 17.92 3.81 -26.62
N UNK E 215 18.46 3.79 -25.42
CA UNK E 215 17.85 4.47 -24.28
C UNK E 215 17.73 5.97 -24.40
N UNK E 216 18.47 6.63 -25.25
CA UNK E 216 18.36 8.06 -25.39
C UNK E 216 17.15 8.41 -26.26
N UNK E 217 16.69 7.44 -27.04
CA UNK E 217 15.59 7.75 -28.00
C UNK E 217 14.35 8.11 -27.22
N UNK E 218 13.48 8.93 -27.77
CA UNK E 218 12.26 9.38 -27.13
C UNK E 218 11.31 8.20 -26.99
N UNK E 219 10.36 8.30 -26.08
CA UNK E 219 9.38 7.27 -25.80
C UNK E 219 8.85 6.57 -27.04
N UNK E 220 8.30 7.32 -27.99
CA UNK E 220 7.75 6.84 -29.24
C UNK E 220 8.66 5.91 -30.02
N UNK E 221 9.97 6.16 -30.06
CA UNK E 221 10.96 5.34 -30.75
C UNK E 221 11.20 4.02 -30.02
N UNK E 222 11.41 4.11 -28.71
CA UNK E 222 11.67 2.86 -27.96
C UNK E 222 10.35 2.13 -27.90
N UNK E 223 9.29 2.85 -28.32
CA UNK E 223 7.94 2.26 -28.29
C UNK E 223 7.72 1.33 -29.48
N UNK E 224 8.12 1.86 -30.65
CA UNK E 224 7.98 1.16 -31.91
C UNK E 224 9.11 0.23 -32.30
N UNK E 225 10.38 0.50 -31.99
CA UNK E 225 11.42 -0.41 -32.43
C UNK E 225 11.08 -1.88 -32.23
N UNK E 226 10.22 -2.30 -31.32
CA UNK E 226 10.07 -3.78 -31.27
C UNK E 226 9.20 -4.18 -32.44
N UNK E 227 8.36 -3.27 -32.91
CA UNK E 227 7.49 -3.57 -34.06
C UNK E 227 8.40 -3.66 -35.29
N UNK E 228 9.26 -2.68 -35.49
CA UNK E 228 10.20 -2.71 -36.60
C UNK E 228 10.90 -4.06 -36.68
N UNK E 229 11.44 -4.51 -35.56
CA UNK E 229 12.16 -5.80 -35.53
C UNK E 229 11.16 -6.86 -35.96
N UNK E 230 9.92 -6.71 -35.49
CA UNK E 230 8.88 -7.67 -35.81
C UNK E 230 8.70 -7.72 -37.33
N UNK E 231 8.61 -6.55 -37.95
CA UNK E 231 8.39 -6.42 -39.39
C UNK E 231 9.39 -7.26 -40.17
N UNK E 232 10.64 -7.03 -39.81
CA UNK E 232 11.76 -7.76 -40.42
C UNK E 232 11.48 -9.24 -40.29
N UNK E 233 11.35 -9.75 -39.07
CA UNK E 233 11.09 -11.19 -38.90
C UNK E 233 9.91 -11.69 -39.70
N UNK E 234 8.79 -10.97 -39.74
CA UNK E 234 7.62 -11.44 -40.48
C UNK E 234 8.00 -11.70 -41.93
N UNK E 235 8.96 -10.94 -42.46
CA UNK E 235 9.35 -11.21 -43.85
C UNK E 235 9.92 -12.62 -44.01
N UNK E 236 10.92 -12.99 -43.22
CA UNK E 236 11.50 -14.34 -43.37
C UNK E 236 10.49 -15.42 -43.11
N UNK E 237 9.23 -15.07 -42.92
CA UNK E 237 8.17 -16.06 -42.68
C UNK E 237 7.05 -15.96 -43.73
N UNK E 238 6.60 -14.74 -43.99
CA UNK E 238 5.52 -14.49 -44.93
C UNK E 238 5.98 -14.36 -46.36
N UNK E 239 7.27 -14.22 -46.58
CA UNK E 239 7.86 -14.06 -47.88
C UNK E 239 8.78 -15.21 -48.28
N UNK E 240 9.33 -15.90 -47.32
CA UNK E 240 10.27 -16.98 -47.49
C UNK E 240 9.98 -18.19 -46.63
N UNK E 241 8.84 -18.16 -45.98
CA UNK E 241 8.35 -19.20 -45.13
C UNK E 241 9.34 -19.98 -44.32
N UNK E 242 10.21 -19.23 -43.62
CA UNK E 242 11.18 -19.89 -42.74
C UNK E 242 10.57 -19.95 -41.33
N UNK E 243 11.42 -20.35 -40.44
CA UNK E 243 11.18 -20.37 -39.01
C UNK E 243 12.17 -19.33 -38.45
N UNK E 244 11.69 -18.10 -38.32
CA UNK E 244 12.51 -17.00 -37.84
C UNK E 244 12.50 -17.04 -36.30
N UNK E 245 13.45 -16.37 -35.71
CA UNK E 245 13.65 -16.20 -34.29
C UNK E 245 13.55 -14.69 -33.97
N UNK E 246 12.69 -14.34 -33.02
CA UNK E 246 12.61 -12.91 -32.67
C UNK E 246 13.10 -12.75 -31.23
N UNK E 247 14.03 -11.81 -31.04
CA UNK E 247 14.60 -11.53 -29.73
C UNK E 247 14.24 -10.08 -29.36
N UNK E 248 13.47 -9.94 -28.29
CA UNK E 248 13.10 -8.60 -27.83
C UNK E 248 13.80 -8.47 -26.46
N UNK E 249 14.78 -7.58 -26.40
CA UNK E 249 15.53 -7.31 -25.19
C UNK E 249 15.38 -5.82 -24.84
N UNK E 250 14.65 -5.48 -23.78
CA UNK E 250 13.97 -6.49 -22.96
C UNK E 250 12.48 -6.13 -22.97
N UNK E 251 11.64 -7.14 -22.87
CA UNK E 251 10.19 -6.94 -22.96
C UNK E 251 9.60 -5.92 -22.00
N UNK E 252 10.25 -5.60 -20.88
CA UNK E 252 9.76 -4.63 -19.93
C UNK E 252 9.92 -3.19 -20.46
N UNK E 253 11.02 -2.92 -21.12
CA UNK E 253 11.23 -1.57 -21.64
C UNK E 253 10.27 -1.24 -22.76
N UNK E 254 9.60 -2.28 -23.25
CA UNK E 254 8.61 -2.10 -24.33
C UNK E 254 7.38 -1.40 -23.75
N UNK E 255 6.89 -2.01 -22.68
CA UNK E 255 5.80 -1.63 -21.84
C UNK E 255 6.00 -0.24 -21.24
N UNK E 256 7.21 -0.05 -20.70
CA UNK E 256 7.55 1.27 -20.13
C UNK E 256 7.47 2.30 -21.23
N UNK E 257 8.02 1.96 -22.42
CA UNK E 257 7.97 2.97 -23.50
C UNK E 257 6.51 3.32 -23.77
N UNK E 258 5.66 2.28 -23.65
CA UNK E 258 4.22 2.42 -23.86
C UNK E 258 3.64 3.44 -22.91
N UNK E 259 3.90 3.27 -21.60
CA UNK E 259 3.44 4.22 -20.61
C UNK E 259 3.95 5.63 -20.89
N UNK E 260 5.23 5.78 -21.22
CA UNK E 260 5.71 7.15 -21.45
C UNK E 260 4.87 7.78 -22.54
N UNK E 261 4.72 7.05 -23.65
CA UNK E 261 3.94 7.59 -24.76
C UNK E 261 2.53 7.91 -24.25
N UNK E 262 1.97 6.97 -23.50
CA UNK E 262 0.59 7.20 -23.04
C UNK E 262 0.46 8.49 -22.25
N UNK E 263 1.29 8.68 -21.23
CA UNK E 263 1.31 9.84 -20.38
C UNK E 263 1.43 11.13 -21.20
N UNK E 264 2.31 11.05 -22.21
CA UNK E 264 2.53 12.23 -23.05
C UNK E 264 1.25 12.60 -23.80
N UNK E 265 0.46 11.56 -24.13
CA UNK E 265 -0.77 11.85 -24.86
C UNK E 265 -1.83 12.20 -23.82
N UNK E 266 -1.40 12.56 -22.61
CA UNK E 266 -2.34 12.92 -21.58
C UNK E 266 -3.39 11.92 -21.23
N UNK E 267 -3.20 10.61 -21.36
CA UNK E 267 -4.26 9.72 -20.90
C UNK E 267 -4.03 9.27 -19.45
N UNK E 268 -5.10 9.22 -18.68
CA UNK E 268 -5.08 8.79 -17.28
C UNK E 268 -4.46 7.41 -17.13
N UNK E 269 -3.45 7.29 -16.31
CA UNK E 269 -2.72 6.03 -16.15
C UNK E 269 -3.61 4.99 -15.54
N UNK E 270 -3.35 3.69 -15.55
CA UNK E 270 -4.30 2.84 -14.78
C UNK E 270 -3.53 2.32 -13.55
N UNK E 271 -3.93 1.21 -12.95
CA UNK E 271 -3.29 0.65 -11.78
C UNK E 271 -1.76 0.67 -11.91
N UNK E 272 -1.08 1.09 -10.86
CA UNK E 272 0.35 1.16 -10.76
C UNK E 272 0.98 2.14 -11.73
N UNK E 273 0.17 3.03 -12.34
CA UNK E 273 0.78 4.02 -13.22
C UNK E 273 0.99 3.63 -14.65
N UNK E 274 0.73 2.36 -15.02
CA UNK E 274 0.88 1.95 -16.42
C UNK E 274 -0.21 2.58 -17.27
N UNK E 275 -0.12 2.27 -18.57
CA UNK E 275 -1.12 2.75 -19.52
C UNK E 275 -2.44 1.99 -19.40
N UNK E 276 -3.53 2.69 -19.70
CA UNK E 276 -4.89 2.18 -19.70
C UNK E 276 -4.94 1.03 -20.71
N UNK E 277 -4.17 1.21 -21.78
CA UNK E 277 -4.09 0.23 -22.85
C UNK E 277 -2.95 -0.77 -22.71
N UNK E 278 -2.51 -1.01 -21.51
CA UNK E 278 -1.39 -1.94 -21.32
C UNK E 278 -1.63 -3.26 -22.05
N UNK E 279 -2.78 -3.90 -21.89
CA UNK E 279 -3.10 -5.20 -22.44
C UNK E 279 -3.25 -5.23 -23.94
N UNK E 280 -3.68 -4.12 -24.50
CA UNK E 280 -3.86 -4.09 -25.97
C UNK E 280 -2.53 -3.73 -26.63
N UNK E 281 -1.79 -2.80 -26.02
CA UNK E 281 -0.49 -2.43 -26.55
C UNK E 281 0.37 -3.69 -26.71
N UNK E 282 0.21 -4.63 -25.81
CA UNK E 282 0.98 -5.86 -25.75
C UNK E 282 0.45 -6.89 -26.73
N UNK E 283 -0.88 -7.06 -26.66
CA UNK E 283 -1.57 -8.00 -27.53
C UNK E 283 -1.38 -7.63 -29.01
N UNK E 284 -1.52 -6.36 -29.37
CA UNK E 284 -1.35 -6.08 -30.80
C UNK E 284 0.02 -6.45 -31.27
N UNK E 285 0.99 -6.60 -30.38
CA UNK E 285 2.36 -6.96 -30.81
C UNK E 285 2.58 -8.44 -30.65
N UNK E 286 2.39 -9.00 -29.45
CA UNK E 286 2.59 -10.40 -29.20
C UNK E 286 1.91 -11.32 -30.20
N UNK E 287 0.69 -10.98 -30.61
CA UNK E 287 -0.10 -11.82 -31.48
C UNK E 287 0.38 -12.02 -32.89
N UNK E 288 1.24 -11.13 -33.35
CA UNK E 288 1.84 -11.19 -34.68
C UNK E 288 2.97 -12.25 -34.65
N UNK E 289 3.22 -12.81 -33.47
CA UNK E 289 4.25 -13.80 -33.27
C UNK E 289 3.55 -15.15 -33.08
N UNK E 290 3.62 -15.90 -34.17
CA UNK E 290 3.04 -17.22 -34.28
C UNK E 290 3.48 -17.98 -35.53
N UNK E 291 2.92 -19.19 -35.56
CA UNK E 291 3.10 -20.11 -36.65
C UNK E 291 1.92 -20.01 -37.62
N UNK E 292 2.12 -19.33 -38.73
CA UNK E 292 1.02 -19.28 -39.72
C UNK E 292 1.25 -20.42 -40.70
N UNK E 293 0.41 -20.58 -41.69
CA UNK E 293 0.61 -21.69 -42.65
C UNK E 293 1.91 -21.50 -43.42
N UNK E 294 2.32 -20.26 -43.68
CA UNK E 294 3.54 -19.96 -44.38
C UNK E 294 4.80 -20.29 -43.58
N UNK E 295 4.86 -20.03 -42.29
CA UNK E 295 6.04 -20.34 -41.48
C UNK E 295 5.76 -20.01 -40.02
N UNK E 296 6.75 -19.51 -39.29
CA UNK E 296 6.53 -19.14 -37.89
C UNK E 296 7.63 -18.24 -37.34
N UNK E 297 7.23 -17.34 -36.43
CA UNK E 297 8.20 -16.51 -35.73
C UNK E 297 8.19 -17.01 -34.29
N UNK E 298 9.36 -17.24 -33.73
CA UNK E 298 9.47 -17.68 -32.32
C UNK E 298 10.20 -16.57 -31.57
N UNK E 299 9.60 -16.10 -30.46
CA UNK E 299 10.27 -15.01 -29.76
C UNK E 299 10.87 -15.25 -28.40
N UNK E 300 12.16 -14.89 -28.30
CA UNK E 300 12.84 -14.98 -27.00
C UNK E 300 12.87 -13.52 -26.48
N UNK E 301 12.11 -13.42 -25.38
CA UNK E 301 11.91 -12.14 -24.73
C UNK E 301 12.58 -12.01 -23.38
N UNK E 302 13.46 -11.00 -23.30
CA UNK E 302 14.15 -10.81 -21.99
C UNK E 302 13.19 -10.05 -21.09
N UNK E 303 12.89 -10.68 -19.94
CA UNK E 303 11.99 -10.10 -18.97
C UNK E 303 12.65 -9.51 -17.74
N UNK E 304 12.25 -8.29 -17.41
CA UNK E 304 12.69 -7.60 -16.20
C UNK E 304 11.49 -7.56 -15.26
N UNK E 305 11.52 -8.06 -14.07
CA UNK E 305 10.34 -8.01 -13.18
C UNK E 305 10.49 -6.89 -12.18
N UNK E 306 9.66 -5.89 -12.24
CA UNK E 306 9.74 -4.75 -11.35
C UNK E 306 9.47 -5.12 -9.91
N UNK E 307 10.21 -4.49 -9.01
CA UNK E 307 10.07 -4.72 -7.58
C UNK E 307 10.07 -6.19 -7.24
N UNK E 308 10.61 -7.05 -8.11
CA UNK E 308 10.58 -8.48 -7.80
C UNK E 308 9.12 -8.89 -7.55
N UNK E 309 8.21 -8.10 -8.08
CA UNK E 309 6.78 -8.35 -7.96
C UNK E 309 6.20 -9.06 -9.18
N UNK E 310 6.02 -10.37 -9.11
CA UNK E 310 5.47 -11.08 -10.26
C UNK E 310 4.01 -10.79 -10.52
N UNK E 311 3.34 -10.11 -9.60
CA UNK E 311 1.94 -9.76 -9.85
C UNK E 311 1.88 -8.28 -10.26
N UNK E 312 3.03 -7.68 -10.52
CA UNK E 312 3.01 -6.28 -10.95
C UNK E 312 2.36 -6.30 -12.34
N UNK E 313 1.51 -5.37 -12.64
CA UNK E 313 0.83 -5.30 -13.93
C UNK E 313 1.72 -5.51 -15.14
N UNK E 314 2.98 -5.02 -15.14
CA UNK E 314 3.81 -5.21 -16.33
C UNK E 314 4.04 -6.71 -16.55
N UNK E 315 4.69 -7.34 -15.60
CA UNK E 315 5.01 -8.76 -15.67
C UNK E 315 3.75 -9.62 -15.82
N UNK E 316 2.75 -9.50 -14.98
CA UNK E 316 1.51 -10.23 -15.01
C UNK E 316 0.88 -10.27 -16.40
N UNK E 317 0.81 -9.09 -17.00
CA UNK E 317 0.25 -8.99 -18.36
C UNK E 317 1.11 -9.88 -19.25
N UNK E 318 2.42 -9.64 -19.21
CA UNK E 318 3.34 -10.40 -20.05
C UNK E 318 3.19 -11.90 -19.98
N UNK E 319 3.02 -12.50 -18.81
CA UNK E 319 2.95 -13.96 -18.79
C UNK E 319 1.75 -14.48 -19.54
N UNK E 320 0.79 -13.60 -19.84
CA UNK E 320 -0.42 -14.05 -20.51
C UNK E 320 -0.08 -14.69 -21.85
N UNK E 321 1.03 -14.23 -22.41
CA UNK E 321 1.48 -14.69 -23.69
C UNK E 321 2.59 -15.72 -23.71
N UNK E 322 3.36 -15.91 -22.65
CA UNK E 322 4.48 -16.82 -22.63
C UNK E 322 4.13 -18.30 -22.59
N UNK E 323 4.86 -19.08 -23.39
CA UNK E 323 4.66 -20.52 -23.48
C UNK E 323 5.76 -21.31 -22.79
N UNK E 324 6.74 -20.53 -22.31
CA UNK E 324 7.89 -21.08 -21.62
C UNK E 324 8.85 -19.98 -21.15
N UNK E 325 9.54 -20.36 -20.10
CA UNK E 325 10.55 -19.58 -19.44
C UNK E 325 11.87 -20.37 -19.43
N UNK E 326 12.89 -19.59 -19.67
CA UNK E 326 14.30 -20.07 -19.65
C UNK E 326 14.95 -19.26 -18.54
N UNK E 327 15.10 -19.87 -17.38
CA UNK E 327 15.69 -19.17 -16.25
C UNK E 327 17.21 -19.33 -16.17
N UNK E 328 17.97 -18.30 -16.53
CA UNK E 328 19.45 -18.49 -16.39
C UNK E 328 19.82 -18.36 -14.93
N UNK E 329 20.63 -19.23 -14.34
CA UNK E 329 20.96 -19.16 -12.93
C UNK E 329 22.43 -19.04 -12.55
N UNK E 330 22.78 -18.02 -11.78
CA UNK E 330 24.13 -17.78 -11.30
C UNK E 330 24.63 -18.93 -10.43
N UNK E 331 23.71 -19.56 -9.73
CA UNK E 331 24.06 -20.66 -8.85
C UNK E 331 24.57 -21.85 -9.69
N UNK E 332 23.79 -22.16 -10.73
CA UNK E 332 24.13 -23.28 -11.61
C UNK E 332 25.51 -22.99 -12.22
N UNK E 333 25.67 -21.75 -12.70
CA UNK E 333 26.95 -21.35 -13.33
C UNK E 333 28.10 -21.71 -12.40
N UNK E 334 27.92 -21.39 -11.12
CA UNK E 334 28.91 -21.66 -10.11
C UNK E 334 29.27 -23.11 -10.02
N UNK E 335 28.39 -23.98 -10.53
CA UNK E 335 28.74 -25.41 -10.52
C UNK E 335 29.64 -25.63 -11.75
N UNK E 336 29.84 -24.56 -12.50
CA UNK E 336 30.66 -24.65 -13.72
C UNK E 336 29.70 -25.03 -14.87
N UNK E 337 28.55 -25.56 -14.48
CA UNK E 337 27.53 -25.99 -15.42
C UNK E 337 27.06 -24.90 -16.35
N UNK E 338 27.15 -25.21 -17.64
CA UNK E 338 26.77 -24.27 -18.70
C UNK E 338 26.35 -25.05 -19.96
N UNK E 339 25.30 -24.60 -20.59
CA UNK E 339 24.50 -23.46 -20.19
C UNK E 339 23.95 -23.62 -18.77
N UNK E 340 24.02 -22.49 -18.06
CA UNK E 340 23.60 -22.30 -16.70
C UNK E 340 22.09 -22.22 -16.49
N UNK E 341 21.33 -22.89 -17.35
CA UNK E 341 19.87 -22.94 -17.27
C UNK E 341 19.47 -23.73 -16.03
N UNK E 342 18.42 -23.33 -15.32
CA UNK E 342 17.97 -24.08 -14.12
C UNK E 342 16.93 -25.12 -14.55
N UNK E 343 17.24 -26.39 -14.42
CA UNK E 343 16.41 -27.51 -14.79
C UNK E 343 15.12 -27.67 -13.98
N UNK E 344 15.01 -26.99 -12.84
CA UNK E 344 13.81 -27.11 -12.03
C UNK E 344 13.02 -25.81 -12.05
N UNK E 345 13.66 -24.69 -12.32
CA UNK E 345 12.92 -23.43 -12.33
C UNK E 345 12.43 -23.08 -13.71
N UNK E 346 13.14 -23.51 -14.75
CA UNK E 346 12.70 -23.19 -16.12
C UNK E 346 11.44 -23.94 -16.50
N UNK E 347 10.51 -23.32 -17.24
CA UNK E 347 9.29 -24.09 -17.53
C UNK E 347 8.78 -24.00 -18.95
N UNK E 348 7.78 -24.81 -19.29
CA UNK E 348 7.18 -24.83 -20.61
C UNK E 348 5.74 -25.32 -20.64
N UNK E 349 4.94 -24.63 -21.45
CA UNK E 349 3.54 -25.02 -21.55
C UNK E 349 3.38 -26.36 -22.26
N UNK E 350 4.20 -26.61 -23.27
CA UNK E 350 4.12 -27.83 -24.05
C UNK E 350 4.69 -29.08 -23.41
N UNK E 351 5.04 -29.04 -22.11
CA UNK E 351 5.53 -30.25 -21.47
C UNK E 351 4.30 -31.04 -20.95
N UNK E 352 3.61 -31.55 -21.97
CA UNK E 352 2.40 -32.34 -21.81
C UNK E 352 2.55 -33.56 -22.71
N UNK E 353 2.40 -34.73 -22.13
CA UNK E 353 2.50 -36.01 -22.83
C UNK E 353 1.58 -35.95 -24.05
N UNK E 354 0.48 -35.21 -23.91
CA UNK E 354 -0.43 -35.06 -25.02
C UNK E 354 0.19 -34.18 -26.09
N UNK E 355 1.41 -33.70 -25.84
CA UNK E 355 2.07 -32.81 -26.81
C UNK E 355 3.49 -33.24 -27.11
N UNK E 356 4.22 -33.68 -26.08
CA UNK E 356 5.60 -34.08 -26.34
C UNK E 356 5.71 -35.60 -26.40
N UNK E 357 4.32 -35.73 -26.76
CA UNK E 357 4.24 -37.20 -26.81
C UNK E 357 4.76 -37.78 -25.51
N UNK E 358 4.06 -38.79 -25.06
CA UNK E 358 4.33 -39.51 -23.83
C UNK E 358 5.80 -39.80 -23.55
N UNK E 359 6.48 -40.32 -24.57
CA UNK E 359 7.91 -40.65 -24.39
C UNK E 359 8.60 -39.36 -23.93
N UNK E 360 8.67 -38.38 -24.85
CA UNK E 360 9.30 -37.12 -24.49
C UNK E 360 8.86 -36.65 -23.09
N UNK E 361 7.54 -36.58 -22.90
CA UNK E 361 6.97 -36.15 -21.64
C UNK E 361 7.43 -36.98 -20.46
N UNK E 362 7.52 -38.31 -20.61
CA UNK E 362 7.94 -39.11 -19.47
C UNK E 362 9.41 -38.98 -19.14
N UNK E 363 10.24 -38.87 -20.16
CA UNK E 363 11.70 -38.78 -19.90
C UNK E 363 11.95 -37.51 -19.08
N UNK E 364 11.41 -36.43 -19.63
CA UNK E 364 11.51 -35.10 -19.03
C UNK E 364 11.07 -35.16 -17.57
N UNK E 365 9.87 -35.70 -17.35
CA UNK E 365 9.35 -35.80 -15.99
C UNK E 365 10.24 -36.77 -15.19
N UNK E 366 11.06 -37.56 -15.89
CA UNK E 366 11.90 -38.55 -15.16
C UNK E 366 13.16 -37.85 -14.66
N UNK E 367 13.72 -37.06 -15.59
CA UNK E 367 14.92 -36.26 -15.35
C UNK E 367 14.70 -35.31 -14.17
N UNK E 368 13.56 -34.61 -14.17
CA UNK E 368 13.28 -33.65 -13.11
C UNK E 368 13.06 -34.27 -11.73
N UNK E 369 12.26 -35.35 -11.67
CA UNK E 369 12.03 -35.94 -10.36
C UNK E 369 13.37 -36.35 -9.74
N UNK E 370 14.14 -37.09 -10.53
CA UNK E 370 15.45 -37.58 -10.04
C UNK E 370 16.24 -36.36 -9.55
N UNK E 371 16.25 -35.30 -10.37
CA UNK E 371 16.96 -34.08 -10.01
C UNK E 371 16.37 -33.47 -8.72
N UNK E 372 15.07 -33.71 -8.54
CA UNK E 372 14.41 -33.20 -7.35
C UNK E 372 14.83 -34.03 -6.14
N UNK E 373 14.70 -35.34 -6.29
CA UNK E 373 15.03 -36.25 -5.19
C UNK E 373 16.44 -36.00 -4.67
N UNK E 374 17.36 -35.97 -5.64
CA UNK E 374 18.76 -35.73 -5.27
C UNK E 374 18.83 -34.45 -4.45
N UNK E 375 18.08 -33.43 -4.89
CA UNK E 375 18.07 -32.15 -4.17
C UNK E 375 17.77 -32.39 -2.69
N UNK E 376 16.80 -33.25 -2.40
CA UNK E 376 16.43 -33.58 -1.04
C UNK E 376 17.64 -34.09 -0.26
N UNK E 377 18.18 -35.18 -0.79
CA UNK E 377 19.34 -35.83 -0.18
C UNK E 377 20.52 -34.90 0.04
N UNK E 378 20.65 -33.91 -0.83
CA UNK E 378 21.75 -32.96 -0.74
C UNK E 378 22.00 -32.48 0.67
N UNK E 379 20.92 -32.21 1.40
CA UNK E 379 21.05 -31.71 2.77
C UNK E 379 21.68 -32.73 3.71
N UNK E 380 21.19 -33.98 3.58
CA UNK E 380 21.63 -35.11 4.40
C UNK E 380 23.11 -35.39 4.21
N UNK E 381 23.49 -35.66 2.98
CA UNK E 381 24.85 -35.96 2.58
C UNK E 381 25.90 -35.14 3.31
N UNK E 382 25.76 -33.82 3.25
CA UNK E 382 26.68 -32.89 3.87
C UNK E 382 26.75 -32.97 5.39
N UNK E 383 25.58 -33.22 6.00
CA UNK E 383 25.57 -33.24 7.47
C UNK E 383 25.90 -34.56 8.08
N UNK E 384 24.97 -35.49 7.92
CA UNK E 384 25.10 -36.84 8.46
C UNK E 384 26.01 -37.71 7.64
N UNK E 385 26.66 -37.15 6.60
CA UNK E 385 27.57 -37.93 5.78
C UNK E 385 26.85 -38.89 4.85
N UNK E 386 27.37 -38.99 3.65
CA UNK E 386 26.93 -39.79 2.55
C UNK E 386 26.69 -41.26 2.67
N UNK E 387 26.33 -41.85 3.82
CA UNK E 387 26.14 -43.29 3.82
C UNK E 387 24.94 -43.97 4.37
N UNK E 388 24.01 -43.37 5.10
CA UNK E 388 22.87 -44.25 5.53
C UNK E 388 22.11 -44.58 4.24
N UNK E 389 22.70 -44.03 3.18
CA UNK E 389 22.27 -44.12 1.80
C UNK E 389 22.05 -45.55 1.33
N UNK E 390 20.83 -45.78 0.84
CA UNK E 390 20.41 -47.08 0.38
C UNK E 390 20.87 -47.50 -1.01
N UNK E 391 20.89 -48.84 -1.18
CA UNK E 391 21.27 -49.41 -2.48
C UNK E 391 20.48 -48.60 -3.53
N UNK E 392 19.37 -48.06 -3.02
CA UNK E 392 18.45 -47.25 -3.79
C UNK E 392 18.83 -45.76 -3.75
N UNK E 393 19.02 -45.23 -2.54
CA UNK E 393 19.35 -43.83 -2.39
C UNK E 393 20.68 -43.44 -2.98
N UNK E 394 21.53 -44.45 -3.14
CA UNK E 394 22.87 -44.26 -3.69
C UNK E 394 22.88 -44.29 -5.22
N UNK E 395 21.79 -44.82 -5.78
CA UNK E 395 21.63 -44.89 -7.21
C UNK E 395 20.99 -43.63 -7.78
N UNK E 396 20.01 -43.11 -7.05
CA UNK E 396 19.34 -41.87 -7.46
C UNK E 396 20.39 -40.75 -7.54
N UNK E 397 21.29 -40.79 -6.55
CA UNK E 397 22.35 -39.79 -6.51
C UNK E 397 23.26 -39.97 -7.73
N UNK E 398 23.89 -41.12 -7.83
CA UNK E 398 24.80 -41.43 -8.92
C UNK E 398 24.27 -40.94 -10.27
N UNK E 399 23.11 -41.47 -10.64
CA UNK E 399 22.44 -41.12 -11.87
C UNK E 399 22.18 -39.61 -11.96
N UNK E 400 21.58 -39.05 -10.90
CA UNK E 400 21.29 -37.62 -10.85
C UNK E 400 22.52 -36.77 -11.21
N UNK E 401 23.64 -37.17 -10.61
CA UNK E 401 24.91 -36.51 -10.80
C UNK E 401 25.41 -36.75 -12.23
N UNK E 402 25.00 -37.87 -12.82
CA UNK E 402 25.42 -38.17 -14.20
C UNK E 402 24.59 -37.28 -15.14
N UNK E 403 23.30 -37.24 -14.77
CA UNK E 403 22.29 -36.45 -15.47
C UNK E 403 22.67 -34.97 -15.48
N UNK E 404 22.89 -34.44 -14.27
CA UNK E 404 23.26 -33.03 -14.13
C UNK E 404 24.32 -32.68 -15.16
N UNK E 405 25.30 -33.57 -15.30
CA UNK E 405 26.38 -33.35 -16.24
C UNK E 405 25.95 -33.52 -17.68
N UNK E 406 25.20 -34.61 -17.92
CA UNK E 406 24.73 -34.87 -19.28
C UNK E 406 23.89 -33.69 -19.80
N UNK E 407 23.33 -32.89 -18.88
CA UNK E 407 22.57 -31.72 -19.23
C UNK E 407 23.48 -30.54 -19.62
N UNK E 408 24.79 -30.63 -19.43
CA UNK E 408 25.69 -29.53 -19.82
C UNK E 408 26.11 -29.73 -21.27
N UNK E 409 26.74 -28.75 -21.91
CA UNK E 409 27.12 -29.00 -23.32
C UNK E 409 27.93 -27.89 -23.93
N UNK E 410 28.85 -28.27 -24.81
CA UNK E 410 29.76 -27.41 -25.54
C UNK E 410 29.10 -26.65 -26.68
N UNK E 411 29.25 -25.33 -26.74
CA UNK E 411 28.60 -24.59 -27.81
C UNK E 411 29.56 -24.30 -28.95
N UNK E 412 29.05 -24.39 -30.16
CA UNK E 412 29.90 -24.07 -31.32
C UNK E 412 30.21 -22.58 -31.23
N UNK E 413 29.36 -21.82 -30.55
CA UNK E 413 29.69 -20.37 -30.50
C UNK E 413 30.98 -20.14 -29.73
N UNK E 414 31.24 -20.98 -28.73
CA UNK E 414 32.42 -20.86 -27.89
C UNK E 414 33.49 -21.88 -28.28
N UNK E 415 33.97 -21.74 -29.51
CA UNK E 415 35.01 -22.66 -30.00
C UNK E 415 36.29 -21.84 -30.12
N UNK E 416 36.08 -20.60 -30.55
CA UNK E 416 37.19 -19.65 -30.65
C UNK E 416 37.80 -19.53 -29.23
N UNK E 417 37.07 -20.01 -28.23
CA UNK E 417 37.51 -19.91 -26.87
C UNK E 417 37.69 -21.20 -26.08
N UNK E 418 36.72 -22.12 -26.10
CA UNK E 418 36.90 -23.31 -25.26
C UNK E 418 37.89 -24.31 -25.85
N UNK E 419 38.42 -24.01 -27.03
CA UNK E 419 39.39 -24.95 -27.61
C UNK E 419 38.71 -26.32 -27.75
N UNK E 420 37.39 -26.29 -27.63
CA UNK E 420 36.62 -27.52 -27.77
C UNK E 420 35.56 -27.35 -28.86
N UNK E 421 35.16 -28.49 -29.40
CA UNK E 421 34.20 -28.55 -30.49
C UNK E 421 32.76 -28.50 -30.03
N UNK E 422 32.00 -27.58 -30.66
CA UNK E 422 30.59 -27.40 -30.31
C UNK E 422 29.72 -28.57 -30.74
N UNK E 423 28.69 -28.88 -29.98
CA UNK E 423 27.74 -29.94 -30.26
C UNK E 423 26.30 -29.44 -30.39
N UNK E 424 25.60 -29.87 -31.44
CA UNK E 424 24.18 -29.53 -31.63
C UNK E 424 23.35 -30.81 -31.52
N UNK E 425 23.20 -31.40 -30.34
CA UNK E 425 22.43 -32.61 -30.17
C UNK E 425 21.00 -32.50 -30.67
N UNK E 426 20.53 -33.52 -31.36
CA UNK E 426 19.20 -33.66 -31.92
C UNK E 426 18.21 -34.15 -30.86
N UNK E 427 16.94 -33.76 -31.04
CA UNK E 427 15.90 -34.09 -30.08
C UNK E 427 15.81 -35.56 -29.73
N UNK E 428 15.96 -36.40 -30.73
CA UNK E 428 15.90 -37.85 -30.67
C UNK E 428 17.02 -38.44 -29.80
N UNK E 429 18.17 -37.81 -30.06
CA UNK E 429 19.39 -38.16 -29.36
C UNK E 429 19.33 -37.75 -27.90
N UNK E 430 18.63 -36.64 -27.68
CA UNK E 430 18.42 -36.04 -26.38
C UNK E 430 17.54 -36.97 -25.54
N UNK E 431 16.36 -37.32 -26.06
CA UNK E 431 15.48 -38.18 -25.28
C UNK E 431 16.12 -39.55 -25.02
N UNK E 432 16.83 -40.08 -26.01
CA UNK E 432 17.47 -41.40 -25.81
C UNK E 432 18.51 -41.31 -24.70
N UNK E 433 19.37 -40.30 -24.92
CA UNK E 433 20.44 -40.07 -23.96
C UNK E 433 19.90 -40.27 -22.55
N UNK E 434 19.10 -39.31 -22.11
CA UNK E 434 18.53 -39.33 -20.77
C UNK E 434 17.72 -40.57 -20.47
N UNK E 435 17.06 -41.09 -21.49
CA UNK E 435 16.26 -42.31 -21.32
C UNK E 435 17.07 -43.42 -20.66
N UNK E 436 18.21 -43.71 -21.27
CA UNK E 436 19.15 -44.73 -20.85
C UNK E 436 19.78 -44.48 -19.49
N UNK E 437 20.19 -43.23 -19.23
CA UNK E 437 20.78 -42.97 -17.89
C UNK E 437 19.72 -43.33 -16.84
N UNK E 438 18.49 -42.89 -17.15
CA UNK E 438 17.40 -43.20 -16.21
C UNK E 438 17.29 -44.71 -16.09
N UNK E 439 17.29 -45.31 -17.28
CA UNK E 439 17.20 -46.73 -17.51
C UNK E 439 18.22 -47.53 -16.69
N UNK E 440 19.43 -47.00 -16.60
CA UNK E 440 20.48 -47.67 -15.83
C UNK E 440 21.52 -48.26 -16.78
N UNK E 441 21.40 -47.92 -18.06
CA UNK E 441 22.35 -48.43 -19.06
C UNK E 441 23.77 -47.96 -18.85
N UNK E 442 24.06 -46.80 -18.26
CA UNK E 442 25.45 -46.39 -18.06
C UNK E 442 25.82 -46.20 -16.61
N UNK E 443 25.13 -46.89 -15.71
CA UNK E 443 25.45 -46.74 -14.28
C UNK E 443 26.91 -47.04 -13.99
N UNK E 444 27.49 -47.90 -14.84
CA UNK E 444 28.91 -48.23 -14.65
C UNK E 444 29.76 -47.05 -15.08
N UNK E 445 29.37 -46.34 -16.13
CA UNK E 445 30.14 -45.18 -16.55
C UNK E 445 30.31 -44.22 -15.36
N UNK E 446 31.33 -43.45 -15.43
CA UNK E 446 31.71 -42.47 -14.41
C UNK E 446 31.20 -41.08 -14.76
N UNK E 447 30.94 -40.28 -13.73
CA UNK E 447 30.43 -38.94 -13.87
C UNK E 447 31.09 -38.16 -15.00
N UNK E 448 32.35 -37.80 -14.78
CA UNK E 448 33.10 -37.01 -15.74
C UNK E 448 33.07 -37.51 -17.17
N UNK E 449 32.47 -38.68 -17.38
CA UNK E 449 32.39 -39.16 -18.77
C UNK E 449 31.33 -38.34 -19.52
N UNK E 450 30.36 -37.85 -18.75
CA UNK E 450 29.25 -37.08 -19.27
C UNK E 450 29.42 -35.58 -19.30
N UNK E 451 30.43 -35.05 -18.62
CA UNK E 451 30.64 -33.60 -18.61
C UNK E 451 31.05 -33.07 -19.99
N UNK E 452 30.34 -32.03 -20.42
CA UNK E 452 30.59 -31.34 -21.68
C UNK E 452 30.80 -32.24 -22.88
N UNK E 453 29.73 -32.87 -23.33
CA UNK E 453 29.75 -33.76 -24.50
C UNK E 453 28.45 -33.52 -25.27
N UNK E 454 28.28 -34.21 -26.40
CA UNK E 454 27.00 -34.03 -27.15
C UNK E 454 26.10 -35.23 -26.83
N UNK E 455 25.99 -36.13 -27.78
CA UNK E 455 25.21 -37.34 -27.71
C UNK E 455 25.83 -38.37 -26.80
N UNK E 456 25.00 -39.18 -26.16
CA UNK E 456 25.44 -40.21 -25.21
C UNK E 456 26.65 -40.98 -25.73
N UNK E 457 26.71 -41.19 -27.05
CA UNK E 457 27.81 -41.95 -27.64
C UNK E 457 29.15 -41.35 -27.16
N UNK E 458 29.13 -40.03 -27.04
CA UNK E 458 30.36 -39.34 -26.62
C UNK E 458 30.62 -39.59 -25.14
N UNK E 459 29.56 -39.88 -24.39
CA UNK E 459 29.75 -40.15 -22.96
C UNK E 459 30.53 -41.45 -22.77
N UNK E 460 30.30 -42.33 -23.73
CA UNK E 460 30.88 -43.67 -23.79
C UNK E 460 32.36 -43.62 -24.15
N UNK E 461 32.60 -42.91 -25.25
CA UNK E 461 33.95 -42.73 -25.74
C UNK E 461 34.83 -41.94 -24.75
N UNK E 462 34.28 -40.92 -24.08
CA UNK E 462 35.06 -40.14 -23.13
C UNK E 462 35.52 -41.06 -21.99
N UNK E 463 34.62 -42.00 -21.68
CA UNK E 463 34.90 -42.95 -20.59
C UNK E 463 36.14 -43.78 -20.93
N UNK E 464 36.22 -44.17 -22.19
CA UNK E 464 37.32 -44.96 -22.75
C UNK E 464 38.65 -44.22 -22.57
N UNK E 465 38.62 -42.95 -23.02
CA UNK E 465 39.82 -42.13 -22.89
C UNK E 465 40.05 -41.82 -21.40
N UNK E 466 39.05 -42.12 -20.57
CA UNK E 466 39.27 -41.83 -19.14
C UNK E 466 39.49 -43.18 -18.45
N UNK E 467 40.01 -44.11 -19.26
CA UNK E 467 40.32 -45.43 -18.79
C UNK E 467 39.16 -46.06 -18.01
N UNK F 2 -46.69 19.85 -18.98
CA UNK F 2 -45.63 20.48 -19.76
C UNK F 2 -44.89 19.44 -20.61
N UNK F 3 -44.49 19.86 -21.81
CA UNK F 3 -43.73 18.99 -22.70
C UNK F 3 -42.31 19.52 -22.98
N UNK F 4 -41.32 18.72 -22.60
CA UNK F 4 -39.93 19.12 -22.83
C UNK F 4 -39.40 18.23 -23.96
N UNK F 5 -38.17 18.40 -24.35
CA UNK F 5 -37.54 17.63 -25.39
C UNK F 5 -36.21 17.04 -24.97
N UNK F 6 -35.94 15.80 -25.30
CA UNK F 6 -34.66 15.22 -24.89
C UNK F 6 -33.52 15.90 -25.64
N UNK F 7 -32.61 16.56 -24.91
CA UNK F 7 -31.49 17.23 -25.55
C UNK F 7 -30.27 16.33 -25.56
N UNK F 8 -30.00 15.62 -24.46
CA UNK F 8 -28.82 14.76 -24.44
C UNK F 8 -29.07 13.46 -23.74
N UNK F 9 -28.32 12.43 -24.06
CA UNK F 9 -28.49 11.12 -23.44
C UNK F 9 -27.12 10.49 -23.22
N UNK F 10 -26.89 10.13 -21.96
CA UNK F 10 -25.66 9.45 -21.57
C UNK F 10 -26.03 8.37 -20.55
N UNK F 11 -26.07 7.12 -20.96
CA UNK F 11 -26.45 6.14 -19.93
C UNK F 11 -27.79 6.52 -19.30
N UNK F 12 -27.82 6.63 -17.97
CA UNK F 12 -29.07 6.91 -17.27
C UNK F 12 -29.27 8.39 -17.01
N UNK F 13 -28.43 9.21 -17.61
CA UNK F 13 -28.61 10.64 -17.34
C UNK F 13 -29.14 11.27 -18.62
N UNK F 14 -30.42 11.61 -18.55
CA UNK F 14 -31.12 12.23 -19.67
C UNK F 14 -31.34 13.71 -19.39
N UNK F 15 -30.89 14.59 -20.26
CA UNK F 15 -31.07 16.02 -20.09
C UNK F 15 -32.26 16.46 -20.98
N UNK F 16 -33.27 17.06 -20.40
CA UNK F 16 -34.45 17.51 -21.09
C UNK F 16 -34.68 19.01 -20.94
N UNK F 17 -34.97 19.65 -22.08
CA UNK F 17 -35.20 21.08 -22.11
C UNK F 17 -36.69 21.43 -22.17
N UNK F 18 -37.14 22.42 -21.44
CA UNK F 18 -38.55 22.80 -21.46
C UNK F 18 -38.67 24.25 -21.94
N UNK F 19 -39.76 24.57 -22.63
CA UNK F 19 -39.97 25.94 -23.12
C UNK F 19 -40.83 26.73 -22.16
N UNK F 20 -41.92 26.17 -21.73
CA UNK F 20 -42.79 26.88 -20.78
C UNK F 20 -42.96 25.98 -19.56
N UNK F 21 -42.65 26.43 -18.36
CA UNK F 21 -42.88 25.51 -17.23
C UNK F 21 -41.86 24.37 -17.08
N UNK F 22 -40.83 24.69 -16.32
CA UNK F 22 -39.72 23.86 -15.92
C UNK F 22 -40.15 23.11 -14.66
N UNK F 23 -40.06 21.82 -14.67
CA UNK F 23 -40.48 21.01 -13.55
C UNK F 23 -39.52 21.14 -12.40
N UNK F 24 -40.03 21.17 -11.19
CA UNK F 24 -39.21 21.23 -10.00
C UNK F 24 -38.41 19.93 -9.87
N UNK F 25 -37.34 20.01 -9.09
CA UNK F 25 -36.48 18.87 -8.80
C UNK F 25 -37.25 17.79 -8.04
N UNK F 26 -37.04 16.54 -8.46
CA UNK F 26 -37.65 15.35 -7.91
C UNK F 26 -38.92 14.94 -8.65
N UNK F 27 -39.40 15.81 -9.51
CA UNK F 27 -40.60 15.52 -10.30
C UNK F 27 -40.36 14.40 -11.31
N UNK F 28 -41.33 13.50 -11.51
CA UNK F 28 -41.18 12.40 -12.47
C UNK F 28 -41.74 12.78 -13.84
N UNK F 29 -40.98 12.66 -14.91
CA UNK F 29 -41.43 12.95 -16.26
C UNK F 29 -41.64 11.65 -17.04
N UNK F 30 -42.57 11.61 -17.97
CA UNK F 30 -42.77 10.38 -18.74
C UNK F 30 -42.28 10.65 -20.16
N UNK F 31 -41.36 9.84 -20.63
CA UNK F 31 -40.83 10.01 -21.99
C UNK F 31 -41.94 9.57 -22.95
N UNK F 32 -42.13 10.31 -24.05
CA UNK F 32 -43.17 9.94 -24.98
C UNK F 32 -42.66 9.14 -26.16
N UNK F 33 -43.48 8.24 -26.69
CA UNK F 33 -43.17 7.43 -27.82
C UNK F 33 -42.44 6.14 -27.50
N UNK F 34 -42.83 5.41 -26.47
CA UNK F 34 -42.18 4.18 -26.08
C UNK F 34 -43.06 3.00 -25.78
N UNK F 35 -42.61 1.79 -26.13
CA UNK F 35 -43.45 0.62 -25.84
C UNK F 35 -43.74 0.52 -24.35
N UNK F 36 -42.80 0.80 -23.46
CA UNK F 36 -43.16 0.73 -22.04
C UNK F 36 -42.85 2.03 -21.31
N UNK F 37 -43.40 2.11 -20.10
CA UNK F 37 -43.20 3.30 -19.30
C UNK F 37 -41.75 3.63 -19.02
N UNK F 38 -41.31 4.86 -19.26
CA UNK F 38 -39.95 5.27 -18.93
C UNK F 38 -40.06 6.60 -18.14
N UNK F 39 -39.92 6.41 -16.83
CA UNK F 39 -39.99 7.55 -15.93
C UNK F 39 -38.58 8.11 -15.71
N UNK F 40 -38.44 9.42 -15.78
CA UNK F 40 -37.27 10.23 -15.58
C UNK F 40 -37.43 11.05 -14.29
N UNK F 41 -36.53 10.97 -13.34
CA UNK F 41 -36.70 11.78 -12.13
C UNK F 41 -35.81 13.01 -12.21
N UNK F 42 -36.34 14.21 -12.17
CA UNK F 42 -35.52 15.41 -12.25
C UNK F 42 -34.54 15.46 -11.08
N UNK F 43 -33.29 15.85 -11.38
CA UNK F 43 -32.25 15.91 -10.40
C UNK F 43 -31.72 17.31 -10.22
N UNK F 44 -31.75 18.14 -11.25
CA UNK F 44 -31.22 19.49 -11.01
C UNK F 44 -31.53 20.43 -12.14
N UNK F 45 -31.51 21.74 -11.89
CA UNK F 45 -31.77 22.72 -12.92
C UNK F 45 -30.42 23.24 -13.41
N UNK F 46 -30.00 22.83 -14.59
CA UNK F 46 -28.73 23.26 -15.16
C UNK F 46 -28.83 24.70 -15.68
N UNK F 47 -30.00 25.31 -15.59
CA UNK F 47 -30.17 26.66 -16.15
C UNK F 47 -30.45 26.54 -17.66
N UNK F 48 -30.88 27.64 -18.29
CA UNK F 48 -31.19 27.61 -19.71
C UNK F 48 -32.40 26.70 -19.93
N UNK F 49 -33.34 26.76 -18.98
CA UNK F 49 -34.54 25.96 -19.13
C UNK F 49 -34.24 24.49 -19.36
N UNK F 50 -33.09 24.00 -18.89
CA UNK F 50 -32.80 22.58 -19.04
C UNK F 50 -32.79 21.92 -17.65
N UNK F 51 -33.22 20.67 -17.63
CA UNK F 51 -33.23 19.92 -16.37
C UNK F 51 -32.42 18.64 -16.59
N UNK F 52 -31.59 18.29 -15.62
CA UNK F 52 -30.84 17.04 -15.77
C UNK F 52 -31.60 16.02 -14.93
N UNK F 53 -31.86 14.86 -15.51
CA UNK F 53 -32.67 13.82 -14.90
C UNK F 53 -32.02 12.45 -14.87
N UNK F 54 -32.60 11.53 -14.11
CA UNK F 54 -32.05 10.18 -13.98
C UNK F 54 -33.05 9.17 -14.53
N UNK F 55 -32.82 8.43 -15.60
CA UNK F 55 -33.86 7.50 -16.06
C UNK F 55 -34.22 6.39 -15.11
N UNK F 56 -35.44 5.86 -15.07
CA UNK F 56 -35.72 4.76 -14.17
C UNK F 56 -35.63 3.39 -14.86
N UNK F 57 -35.29 3.38 -16.14
CA UNK F 57 -35.14 2.15 -16.89
C UNK F 57 -34.13 2.33 -18.01
N UNK F 58 -33.73 1.32 -18.75
CA UNK F 58 -32.77 1.49 -19.83
C UNK F 58 -33.16 2.62 -20.77
N UNK F 59 -32.20 3.39 -21.24
CA UNK F 59 -32.41 4.54 -22.08
C UNK F 59 -32.12 4.27 -23.55
N UNK F 60 -31.87 3.01 -23.91
CA UNK F 60 -31.60 2.72 -25.32
C UNK F 60 -32.79 3.11 -26.20
N UNK F 61 -32.50 3.63 -27.40
CA UNK F 61 -33.64 3.98 -28.25
C UNK F 61 -34.04 5.42 -28.13
N UNK F 62 -33.82 6.06 -26.98
CA UNK F 62 -34.20 7.48 -26.89
C UNK F 62 -33.49 8.24 -28.02
N UNK F 63 -34.06 9.37 -28.40
CA UNK F 63 -33.52 10.21 -29.46
C UNK F 63 -33.53 11.69 -29.09
N UNK F 64 -32.46 12.40 -29.45
CA UNK F 64 -32.46 13.83 -29.09
C UNK F 64 -33.69 14.43 -29.76
N UNK F 65 -34.30 15.42 -29.12
CA UNK F 65 -35.50 16.04 -29.62
C UNK F 65 -36.74 15.26 -29.22
N UNK F 66 -36.63 14.08 -28.62
CA UNK F 66 -37.83 13.32 -28.26
C UNK F 66 -38.68 14.04 -27.24
N UNK F 67 -40.01 13.90 -27.25
CA UNK F 67 -40.86 14.59 -26.29
C UNK F 67 -40.98 13.86 -24.96
N UNK F 68 -40.95 14.65 -23.91
CA UNK F 68 -41.04 14.29 -22.51
C UNK F 68 -42.16 15.15 -21.86
N UNK F 69 -42.96 14.54 -21.02
CA UNK F 69 -44.06 15.16 -20.33
C UNK F 69 -43.96 15.26 -18.83
N UNK F 70 -44.05 16.46 -18.27
CA UNK F 70 -43.97 16.56 -16.79
C UNK F 70 -45.10 15.82 -16.12
N UNK F 71 -44.88 14.81 -15.28
CA UNK F 71 -46.01 14.16 -14.64
C UNK F 71 -46.63 15.11 -13.63
N UNK F 72 -45.90 16.17 -13.31
CA UNK F 72 -46.48 17.09 -12.32
C UNK F 72 -46.12 16.67 -10.90
N UNK F 73 -45.64 15.48 -10.61
CA UNK F 73 -45.24 15.13 -9.23
C UNK F 73 -44.05 14.17 -9.26
N UNK F 74 -43.54 13.74 -8.15
CA UNK F 74 -42.45 12.78 -8.02
C UNK F 74 -42.98 11.35 -8.19
N UNK F 75 -42.12 10.35 -8.40
CA UNK F 75 -42.64 8.99 -8.53
C UNK F 75 -43.60 8.74 -7.38
N UNK F 76 -44.93 8.48 -7.51
CA UNK F 76 -45.95 8.17 -6.49
C UNK F 76 -46.35 6.71 -6.56
N UNK F 77 -46.59 6.04 -5.45
CA UNK F 77 -46.90 4.62 -5.54
C UNK F 77 -48.06 4.20 -4.68
N UNK F 78 -48.77 3.16 -5.07
CA UNK F 78 -49.87 2.63 -4.31
C UNK F 78 -49.40 2.30 -2.90
N UNK F 79 -50.09 2.88 -1.92
CA UNK F 79 -49.78 2.57 -0.51
C UNK F 79 -51.12 2.23 0.17
N UNK F 80 -51.06 1.30 1.09
CA UNK F 80 -52.19 0.79 1.86
C UNK F 80 -52.02 -0.73 2.04
N UNK F 81 -52.99 -1.39 2.63
CA UNK F 81 -52.99 -2.81 2.89
C UNK F 81 -53.14 -3.64 1.64
N UNK F 82 -53.59 -3.06 0.52
CA UNK F 82 -53.72 -3.83 -0.70
C UNK F 82 -52.37 -4.09 -1.38
N UNK F 83 -51.27 -3.69 -0.79
CA UNK F 83 -49.94 -3.91 -1.32
C UNK F 83 -49.38 -5.18 -0.65
N UNK F 84 -50.07 -5.58 0.42
CA UNK F 84 -49.67 -6.74 1.18
C UNK F 84 -49.75 -8.00 0.35
N UNK F 85 -48.71 -8.79 0.18
CA UNK F 85 -48.86 -9.99 -0.65
C UNK F 85 -48.66 -9.71 -2.13
N UNK F 86 -48.32 -8.46 -2.45
CA UNK F 86 -48.08 -8.11 -3.86
C UNK F 86 -46.61 -7.77 -4.08
N UNK F 87 -46.14 -7.96 -5.32
CA UNK F 87 -44.75 -7.65 -5.67
C UNK F 87 -44.84 -6.36 -6.52
N UNK F 88 -44.03 -5.35 -6.23
CA UNK F 88 -44.15 -4.09 -7.03
C UNK F 88 -42.80 -3.56 -7.43
N UNK F 89 -42.69 -2.74 -8.40
CA UNK F 89 -41.67 -2.01 -9.07
C UNK F 89 -41.11 -0.76 -8.38
N UNK F 90 -40.07 -0.15 -8.93
CA UNK F 90 -39.61 1.11 -8.35
C UNK F 90 -40.75 2.17 -8.43
N UNK F 91 -41.40 2.22 -9.59
CA UNK F 91 -42.46 3.11 -9.93
C UNK F 91 -43.83 2.57 -9.52
N UNK F 92 -43.89 1.65 -8.58
CA UNK F 92 -45.09 1.10 -8.08
C UNK F 92 -45.99 0.29 -8.94
N UNK F 93 -45.57 -0.25 -10.07
CA UNK F 93 -46.55 -1.08 -10.83
C UNK F 93 -46.39 -2.52 -10.41
N UNK F 94 -47.44 -3.30 -10.34
CA UNK F 94 -47.36 -4.70 -9.95
C UNK F 94 -46.51 -5.45 -10.98
N UNK F 95 -45.79 -6.46 -10.53
CA UNK F 95 -44.96 -7.27 -11.39
C UNK F 95 -45.16 -8.73 -10.99
N UNK F 96 -46.33 -9.02 -10.44
CA UNK F 96 -46.66 -10.38 -10.02
C UNK F 96 -47.79 -10.94 -10.87
N UNK F 97 -48.08 -10.26 -11.97
CA UNK F 97 -49.12 -10.67 -12.89
C UNK F 97 -50.43 -11.02 -12.20
N UNK F 98 -50.82 -10.24 -11.20
CA UNK F 98 -52.05 -10.45 -10.49
C UNK F 98 -52.96 -9.23 -10.57
N UNK F 99 -52.83 -8.41 -11.61
CA UNK F 99 -53.69 -7.25 -11.71
C UNK F 99 -53.20 -6.00 -11.04
N UNK F 100 -54.00 -4.96 -11.06
CA UNK F 100 -53.68 -3.68 -10.49
C UNK F 100 -53.79 -3.77 -8.97
N UNK F 101 -52.98 -2.94 -8.35
CA UNK F 101 -52.97 -2.82 -6.89
C UNK F 101 -54.00 -1.70 -6.68
N UNK F 102 -55.21 -2.09 -6.24
CA UNK F 102 -56.25 -1.07 -6.09
C UNK F 102 -56.31 -0.52 -4.66
N UNK F 103 -55.63 0.62 -4.52
CA UNK F 103 -55.47 1.37 -3.32
C UNK F 103 -56.24 2.70 -3.39
N UNK F 104 -56.57 3.12 -2.17
CA UNK F 104 -57.29 4.38 -1.97
C UNK F 104 -56.32 5.55 -2.15
N UNK F 105 -55.16 5.45 -1.50
CA UNK F 105 -54.13 6.46 -1.57
C UNK F 105 -52.87 6.01 -2.30
N UNK F 106 -52.16 7.04 -2.71
CA UNK F 106 -50.88 6.97 -3.37
C UNK F 106 -49.86 7.80 -2.60
N UNK F 107 -48.64 7.34 -2.39
CA UNK F 107 -47.64 8.13 -1.69
C UNK F 107 -46.45 8.39 -2.60
N UNK F 108 -45.79 9.53 -2.45
CA UNK F 108 -44.61 9.86 -3.25
C UNK F 108 -43.39 9.30 -2.53
N UNK F 109 -42.46 8.73 -3.27
CA UNK F 109 -41.29 8.09 -2.68
C UNK F 109 -40.33 9.05 -2.02
N UNK F 110 -40.47 10.34 -2.22
CA UNK F 110 -39.55 11.31 -1.59
C UNK F 110 -40.33 12.06 -0.52
N UNK F 111 -39.95 11.88 0.72
CA UNK F 111 -40.57 12.48 1.89
C UNK F 111 -39.52 13.07 2.82
N UNK F 112 -39.84 13.87 3.83
CA UNK F 112 -38.71 14.36 4.66
C UNK F 112 -38.57 13.43 5.85
N UNK F 113 -37.47 13.41 6.58
CA UNK F 113 -37.38 12.45 7.71
C UNK F 113 -38.09 12.97 8.93
N UNK F 114 -38.63 12.09 9.74
CA UNK F 114 -39.35 12.46 10.97
C UNK F 114 -38.50 13.46 11.76
N UNK F 115 -39.15 14.41 12.39
CA UNK F 115 -38.48 15.44 13.14
C UNK F 115 -37.95 14.93 14.46
N UNK F 116 -37.03 15.72 15.03
CA UNK F 116 -36.39 15.44 16.31
C UNK F 116 -37.43 15.12 17.37
N UNK F 117 -38.39 16.02 17.57
CA UNK F 117 -39.45 15.85 18.53
C UNK F 117 -40.27 14.58 18.27
N UNK F 118 -40.18 14.03 17.07
CA UNK F 118 -40.94 12.84 16.74
C UNK F 118 -40.20 11.56 17.13
N UNK F 119 -38.91 11.66 17.42
CA UNK F 119 -38.10 10.51 17.80
C UNK F 119 -38.59 9.80 19.07
N UNK F 120 -38.13 8.56 19.17
CA UNK F 120 -38.40 7.65 20.26
C UNK F 120 -37.10 7.19 20.91
N UNK F 121 -37.16 6.75 22.15
CA UNK F 121 -35.97 6.33 22.86
C UNK F 121 -36.27 5.10 23.71
N UNK F 122 -37.31 4.36 23.36
CA UNK F 122 -37.56 3.14 24.18
C UNK F 122 -36.55 2.10 23.73
N UNK F 123 -35.89 1.35 24.60
CA UNK F 123 -34.93 0.37 24.09
C UNK F 123 -35.30 -1.03 24.58
N UNK F 124 -35.90 -1.84 23.70
CA UNK F 124 -36.31 -3.20 24.09
C UNK F 124 -35.46 -4.21 23.35
N UNK F 125 -34.99 -5.26 24.03
CA UNK F 125 -34.16 -6.24 23.32
C UNK F 125 -35.04 -7.09 22.41
N UNK F 126 -34.55 -7.43 21.22
CA UNK F 126 -35.29 -8.29 20.29
C UNK F 126 -34.52 -9.61 20.26
N UNK F 127 -34.98 -10.66 20.91
CA UNK F 127 -34.25 -11.94 20.89
C UNK F 127 -34.48 -12.63 19.56
N UNK F 128 -33.42 -13.19 18.96
CA UNK F 128 -33.54 -13.83 17.66
C UNK F 128 -33.30 -15.32 17.68
N UNK F 129 -32.73 -15.85 18.75
CA UNK F 129 -32.50 -17.30 18.80
C UNK F 129 -31.14 -17.66 18.25
N UNK F 130 -30.42 -16.64 17.79
CA UNK F 130 -29.07 -16.83 17.25
C UNK F 130 -28.12 -16.59 18.41
N UNK F 131 -27.32 -17.57 18.83
CA UNK F 131 -26.41 -17.37 19.98
C UNK F 131 -25.52 -16.15 19.96
N UNK F 132 -24.62 -15.99 18.98
CA UNK F 132 -23.73 -14.88 18.89
C UNK F 132 -24.43 -13.52 18.94
N UNK F 133 -25.49 -13.42 18.14
CA UNK F 133 -26.21 -12.13 18.06
C UNK F 133 -26.77 -11.83 19.44
N UNK F 134 -27.66 -12.68 19.92
CA UNK F 134 -28.25 -12.48 21.24
C UNK F 134 -27.24 -12.20 22.35
N UNK F 135 -26.19 -13.03 22.50
CA UNK F 135 -25.25 -12.80 23.56
C UNK F 135 -24.44 -11.52 23.47
N UNK F 136 -23.73 -11.29 22.38
CA UNK F 136 -22.85 -10.20 22.14
C UNK F 136 -23.34 -8.93 21.47
N UNK F 137 -24.27 -8.94 20.56
CA UNK F 137 -24.69 -7.66 19.93
C UNK F 137 -26.19 -7.74 19.67
N UNK F 138 -26.96 -7.91 20.72
CA UNK F 138 -28.38 -8.07 20.71
C UNK F 138 -29.13 -7.06 19.89
N UNK F 139 -30.13 -7.45 19.12
CA UNK F 139 -30.89 -6.45 18.35
C UNK F 139 -31.91 -5.78 19.28
N UNK F 140 -32.71 -4.85 18.80
CA UNK F 140 -33.70 -4.16 19.61
C UNK F 140 -34.97 -3.81 18.84
N UNK F 141 -36.11 -4.05 19.49
CA UNK F 141 -37.38 -3.73 18.84
C UNK F 141 -37.36 -2.26 18.39
N UNK F 142 -37.85 -2.03 17.20
CA UNK F 142 -37.94 -0.72 16.59
C UNK F 142 -36.55 -0.15 16.33
N UNK F 143 -35.53 -0.97 16.53
CA UNK F 143 -34.17 -0.51 16.28
C UNK F 143 -33.70 -0.70 14.86
N UNK F 144 -32.51 -0.21 14.56
CA UNK F 144 -31.90 -0.35 13.25
C UNK F 144 -30.71 -1.32 13.28
N UNK F 145 -30.85 -2.46 12.62
CA UNK F 145 -29.81 -3.48 12.57
C UNK F 145 -29.11 -3.54 11.22
N UNK F 146 -27.83 -3.87 11.20
CA UNK F 146 -27.11 -3.94 9.92
C UNK F 146 -26.20 -5.18 9.92
N UNK F 147 -26.22 -5.93 8.85
CA UNK F 147 -25.39 -7.14 8.74
C UNK F 147 -24.33 -6.83 7.68
N UNK F 148 -23.09 -6.58 8.06
CA UNK F 148 -22.03 -6.25 7.10
C UNK F 148 -21.39 -7.53 6.55
N UNK F 149 -21.22 -7.64 5.22
CA UNK F 149 -20.61 -8.88 4.75
C UNK F 149 -19.98 -8.80 3.39
N UNK F 150 -18.78 -9.34 3.19
CA UNK F 150 -18.15 -9.29 1.84
C UNK F 150 -18.90 -10.30 0.97
N UNK F 151 -18.55 -10.49 -0.29
CA UNK F 151 -19.33 -11.45 -1.08
C UNK F 151 -19.36 -12.87 -0.54
N UNK F 152 -20.52 -13.50 -0.58
CA UNK F 152 -20.82 -14.83 -0.19
C UNK F 152 -20.51 -15.23 1.22
N UNK F 153 -20.64 -14.32 2.18
CA UNK F 153 -20.31 -14.63 3.59
C UNK F 153 -21.46 -15.01 4.47
N UNK F 154 -22.71 -14.65 4.15
CA UNK F 154 -23.83 -15.05 5.02
C UNK F 154 -24.86 -13.95 5.20
N UNK F 155 -24.73 -12.82 4.51
CA UNK F 155 -25.73 -11.77 4.73
C UNK F 155 -27.15 -12.25 4.47
N UNK F 156 -27.43 -12.81 3.30
CA UNK F 156 -28.75 -13.25 2.91
C UNK F 156 -29.26 -14.44 3.73
N UNK F 157 -28.39 -15.39 4.00
CA UNK F 157 -28.81 -16.55 4.79
C UNK F 157 -29.24 -16.04 6.17
N UNK F 158 -28.49 -15.07 6.71
CA UNK F 158 -28.84 -14.51 8.03
C UNK F 158 -30.15 -13.75 7.94
N UNK F 159 -30.41 -13.04 6.85
CA UNK F 159 -31.71 -12.35 6.75
C UNK F 159 -32.84 -13.37 6.70
N UNK F 160 -32.60 -14.47 5.96
CA UNK F 160 -33.60 -15.51 5.82
C UNK F 160 -33.91 -16.14 7.17
N UNK F 161 -32.85 -16.56 7.86
CA UNK F 161 -33.05 -17.16 9.19
C UNK F 161 -33.81 -16.21 10.12
N UNK F 162 -33.53 -14.91 10.08
CA UNK F 162 -34.21 -13.92 10.89
C UNK F 162 -35.67 -13.78 10.45
N UNK F 163 -35.87 -13.82 9.12
CA UNK F 163 -37.25 -13.73 8.63
C UNK F 163 -38.00 -14.91 9.26
N UNK F 164 -37.35 -16.07 9.24
CA UNK F 164 -37.93 -17.29 9.81
C UNK F 164 -38.17 -17.16 11.30
N UNK F 165 -37.15 -16.95 12.10
CA UNK F 165 -37.18 -16.80 13.53
C UNK F 165 -37.91 -15.59 14.09
N UNK F 166 -38.08 -14.51 13.32
CA UNK F 166 -38.73 -13.30 13.84
C UNK F 166 -39.95 -12.89 13.03
N UNK F 167 -39.77 -12.70 11.74
CA UNK F 167 -40.87 -12.24 10.90
C UNK F 167 -42.05 -13.19 10.97
N UNK F 168 -41.77 -14.51 10.89
CA UNK F 168 -42.83 -15.50 10.90
C UNK F 168 -43.80 -15.40 12.06
N UNK F 169 -43.32 -15.13 13.27
CA UNK F 169 -44.31 -15.00 14.37
C UNK F 169 -44.39 -13.55 14.79
N UNK F 170 -44.58 -12.65 13.82
CA UNK F 170 -44.66 -11.23 14.20
C UNK F 170 -46.09 -10.76 14.01
N UNK F 171 -46.61 -10.13 15.07
CA UNK F 171 -48.00 -9.61 14.88
C UNK F 171 -47.75 -8.23 14.23
N UNK F 172 -48.26 -8.00 13.02
CA UNK F 172 -47.91 -6.66 12.45
C UNK F 172 -47.37 -6.99 11.05
N UNK F 173 -47.06 -5.99 10.28
CA UNK F 173 -46.59 -6.22 8.92
C UNK F 173 -45.09 -6.28 8.74
N UNK F 174 -44.69 -6.64 7.54
CA UNK F 174 -43.32 -6.77 7.13
C UNK F 174 -43.19 -6.23 5.69
N UNK F 175 -42.03 -5.70 5.39
CA UNK F 175 -41.80 -5.21 4.05
C UNK F 175 -40.42 -5.71 3.64
N UNK F 176 -40.34 -6.45 2.54
CA UNK F 176 -39.04 -6.92 2.09
C UNK F 176 -38.72 -6.08 0.85
N UNK F 177 -37.60 -5.38 0.82
CA UNK F 177 -37.22 -4.57 -0.33
C UNK F 177 -35.92 -5.18 -0.88
N UNK F 178 -36.05 -5.72 -2.11
CA UNK F 178 -34.87 -6.34 -2.74
C UNK F 178 -34.25 -5.21 -3.57
N UNK F 179 -33.08 -4.72 -3.21
CA UNK F 179 -32.38 -3.67 -3.90
C UNK F 179 -31.07 -4.24 -4.51
N UNK F 180 -30.95 -4.14 -5.84
CA UNK F 180 -29.78 -4.57 -6.55
C UNK F 180 -29.32 -5.98 -6.30
N UNK F 181 -30.20 -6.90 -5.87
CA UNK F 181 -29.72 -8.27 -5.66
C UNK F 181 -30.14 -9.23 -6.74
N UNK F 182 -30.12 -10.53 -6.46
CA UNK F 182 -30.44 -11.49 -7.52
C UNK F 182 -31.92 -11.66 -7.77
N UNK F 183 -32.36 -11.74 -9.01
CA UNK F 183 -33.78 -11.96 -9.28
C UNK F 183 -34.26 -13.33 -8.77
N UNK F 184 -33.46 -14.35 -8.96
CA UNK F 184 -33.82 -15.70 -8.49
C UNK F 184 -34.15 -15.66 -7.02
N UNK F 185 -33.48 -14.75 -6.31
CA UNK F 185 -33.69 -14.69 -4.85
C UNK F 185 -35.07 -14.15 -4.60
N UNK F 186 -35.49 -13.15 -5.38
CA UNK F 186 -36.84 -12.57 -5.19
C UNK F 186 -37.80 -13.75 -5.41
N UNK F 187 -37.50 -14.48 -6.49
CA UNK F 187 -38.36 -15.63 -6.81
C UNK F 187 -38.29 -16.70 -5.75
N UNK F 188 -37.13 -16.97 -5.19
CA UNK F 188 -37.01 -17.99 -4.16
C UNK F 188 -37.84 -17.66 -2.93
N UNK F 189 -37.85 -16.39 -2.55
CA UNK F 189 -38.52 -15.85 -1.41
C UNK F 189 -40.03 -15.76 -1.55
N UNK F 190 -40.48 -15.20 -2.64
CA UNK F 190 -41.89 -15.02 -2.97
C UNK F 190 -42.65 -16.34 -2.81
N UNK F 191 -42.16 -17.34 -3.56
CA UNK F 191 -42.74 -18.67 -3.51
C UNK F 191 -42.63 -19.29 -2.15
N UNK F 192 -41.57 -18.99 -1.41
CA UNK F 192 -41.43 -19.54 -0.06
C UNK F 192 -42.42 -18.91 0.92
N UNK F 193 -42.66 -17.64 0.71
CA UNK F 193 -43.56 -16.82 1.50
C UNK F 193 -44.98 -17.32 1.28
N UNK F 194 -45.22 -17.68 0.00
CA UNK F 194 -46.53 -18.22 -0.37
C UNK F 194 -46.73 -19.52 0.41
N UNK F 195 -45.76 -20.41 0.32
CA UNK F 195 -45.78 -21.70 0.95
C UNK F 195 -46.02 -21.72 2.44
N UNK F 196 -45.38 -20.84 3.20
CA UNK F 196 -45.56 -20.80 4.65
C UNK F 196 -46.75 -19.93 5.03
N UNK F 197 -47.45 -19.47 3.98
CA UNK F 197 -48.60 -18.66 4.09
C UNK F 197 -48.45 -17.24 4.52
N UNK F 198 -47.27 -16.63 4.39
CA UNK F 198 -47.23 -15.21 4.83
C UNK F 198 -47.76 -14.38 3.66
N UNK F 199 -47.70 -14.98 2.47
CA UNK F 199 -48.26 -14.40 1.26
C UNK F 199 -49.45 -15.39 0.97
N UNK F 200 -50.65 -14.90 0.89
CA UNK F 200 -51.82 -15.74 0.60
C UNK F 200 -52.46 -15.16 -0.65
N UNK F 201 -52.52 -15.96 -1.72
CA UNK F 201 -53.07 -15.44 -2.97
C UNK F 201 -54.58 -15.66 -3.04
N UNK F 202 -55.12 -16.19 -1.94
CA UNK F 202 -56.55 -16.48 -1.87
C UNK F 202 -57.31 -15.48 -1.03
N UNK F 203 -56.83 -15.24 0.20
CA UNK F 203 -57.45 -14.30 1.09
C UNK F 203 -56.54 -13.04 1.22
N UNK F 204 -57.09 -12.16 2.04
CA UNK F 204 -56.41 -10.91 2.40
C UNK F 204 -55.84 -11.21 3.80
N UNK F 205 -54.80 -12.01 3.85
CA UNK F 205 -54.21 -12.38 5.15
C UNK F 205 -52.71 -12.31 5.05
N UNK F 206 -52.27 -11.80 3.89
CA UNK F 206 -50.83 -11.69 3.68
C UNK F 206 -50.27 -10.66 4.66
N UNK F 207 -49.11 -10.98 5.19
CA UNK F 207 -48.49 -10.04 6.12
C UNK F 207 -47.24 -9.41 5.56
N UNK F 208 -46.94 -9.62 4.27
CA UNK F 208 -45.74 -9.07 3.66
C UNK F 208 -45.94 -8.33 2.36
N UNK F 209 -45.38 -7.16 2.16
CA UNK F 209 -45.51 -6.46 0.85
C UNK F 209 -44.11 -6.58 0.20
N UNK F 210 -43.96 -6.88 -1.06
CA UNK F 210 -42.63 -7.05 -1.65
C UNK F 210 -42.34 -5.97 -2.68
N UNK F 211 -41.15 -5.37 -2.61
CA UNK F 211 -40.76 -4.33 -3.60
C UNK F 211 -39.42 -4.81 -4.14
N UNK F 212 -39.16 -4.74 -5.44
CA UNK F 212 -37.91 -5.23 -6.00
C UNK F 212 -37.39 -4.35 -7.13
N UNK F 213 -36.08 -4.18 -7.21
CA UNK F 213 -35.34 -3.42 -8.20
C UNK F 213 -33.96 -4.10 -8.20
N UNK F 214 -33.87 -5.28 -8.83
CA UNK F 214 -32.67 -6.07 -8.84
C UNK F 214 -31.51 -5.71 -9.75
N UNK F 215 -30.49 -6.58 -9.69
CA UNK F 215 -29.24 -6.57 -10.37
C UNK F 215 -29.28 -6.40 -11.88
N UNK F 216 -30.44 -6.61 -12.44
CA UNK F 216 -30.64 -6.43 -13.87
C UNK F 216 -31.18 -5.04 -14.20
N UNK F 217 -31.56 -4.20 -13.24
CA UNK F 217 -32.09 -2.89 -13.62
C UNK F 217 -31.00 -1.87 -13.91
N UNK F 218 -31.35 -0.84 -14.65
CA UNK F 218 -30.41 0.26 -14.95
C UNK F 218 -30.22 0.96 -13.59
N UNK F 219 -29.13 1.66 -13.37
CA UNK F 219 -28.75 2.35 -12.17
C UNK F 219 -29.84 3.13 -11.48
N UNK F 220 -30.56 4.00 -12.17
CA UNK F 220 -31.61 4.80 -11.58
C UNK F 220 -32.66 3.98 -10.84
N UNK F 221 -32.99 2.78 -11.32
CA UNK F 221 -34.02 1.97 -10.67
C UNK F 221 -33.47 1.49 -9.33
N UNK F 222 -32.21 1.06 -9.36
CA UNK F 222 -31.55 0.54 -8.16
C UNK F 222 -31.33 1.69 -7.18
N UNK F 223 -31.19 2.89 -7.71
CA UNK F 223 -30.98 4.06 -6.88
C UNK F 223 -32.26 4.45 -6.18
N UNK F 224 -33.44 4.09 -6.67
CA UNK F 224 -34.71 4.45 -6.04
C UNK F 224 -35.51 3.30 -5.44
N UNK F 225 -35.43 2.03 -5.80
CA UNK F 225 -36.28 1.05 -5.15
C UNK F 225 -36.24 1.12 -3.62
N UNK F 226 -35.11 1.45 -3.01
CA UNK F 226 -35.06 1.47 -1.53
C UNK F 226 -36.11 2.48 -1.05
N UNK F 227 -36.00 3.68 -1.68
CA UNK F 227 -37.00 4.68 -1.33
C UNK F 227 -38.40 4.08 -1.46
N UNK F 228 -38.66 3.30 -2.51
CA UNK F 228 -39.98 2.72 -2.73
C UNK F 228 -40.36 1.73 -1.66
N UNK F 229 -39.48 0.80 -1.27
CA UNK F 229 -39.87 -0.17 -0.24
C UNK F 229 -40.10 0.64 1.03
N UNK F 230 -39.22 1.60 1.19
CA UNK F 230 -39.26 2.47 2.37
C UNK F 230 -40.61 3.13 2.53
N UNK F 231 -41.11 3.74 1.47
CA UNK F 231 -42.41 4.42 1.50
C UNK F 231 -43.51 3.47 1.93
N UNK F 232 -43.53 2.27 1.33
CA UNK F 232 -44.57 1.31 1.70
C UNK F 232 -44.57 1.15 3.22
N UNK F 233 -43.40 0.92 3.80
CA UNK F 233 -43.25 0.75 5.24
C UNK F 233 -43.72 1.98 5.98
N UNK F 234 -43.31 3.18 5.55
CA UNK F 234 -43.76 4.40 6.23
C UNK F 234 -45.29 4.43 6.33
N UNK F 235 -46.03 4.03 5.29
CA UNK F 235 -47.49 4.02 5.43
C UNK F 235 -47.97 3.23 6.63
N UNK F 236 -47.53 1.99 6.78
CA UNK F 236 -48.01 1.20 7.91
C UNK F 236 -47.62 1.85 9.23
N UNK F 237 -46.43 2.43 9.29
CA UNK F 237 -46.00 3.06 10.53
C UNK F 237 -46.88 4.22 10.99
N UNK F 238 -47.01 5.24 10.16
CA UNK F 238 -47.74 6.44 10.49
C UNK F 238 -49.22 6.47 10.22
N UNK F 239 -49.68 5.86 9.13
CA UNK F 239 -51.09 5.85 8.78
C UNK F 239 -51.85 4.75 9.49
N UNK F 240 -51.18 3.84 10.14
CA UNK F 240 -51.90 2.76 10.85
C UNK F 240 -51.24 2.49 12.19
N UNK F 241 -50.28 3.34 12.58
CA UNK F 241 -49.58 3.17 13.85
C UNK F 241 -49.11 1.75 14.08
N UNK F 242 -48.85 1.01 13.01
CA UNK F 242 -48.42 -0.36 13.00
C UNK F 242 -46.96 -0.64 13.34
N UNK F 243 -46.74 -1.84 13.87
CA UNK F 243 -45.37 -2.24 14.19
C UNK F 243 -44.88 -3.01 12.95
N UNK F 244 -43.96 -2.36 12.25
CA UNK F 244 -43.38 -2.88 11.04
C UNK F 244 -42.02 -3.54 11.25
N UNK F 245 -41.70 -4.38 10.29
CA UNK F 245 -40.48 -5.12 10.10
C UNK F 245 -40.07 -4.74 8.66
N UNK F 246 -38.85 -4.29 8.50
CA UNK F 246 -38.40 -3.89 7.18
C UNK F 246 -37.07 -4.54 6.85
N UNK F 247 -37.05 -5.42 5.88
CA UNK F 247 -35.86 -6.16 5.45
C UNK F 247 -35.41 -5.58 4.12
N UNK F 248 -34.12 -5.32 3.97
CA UNK F 248 -33.61 -4.76 2.72
C UNK F 248 -32.38 -5.59 2.37
N UNK F 249 -32.28 -6.06 1.15
CA UNK F 249 -31.08 -6.80 0.71
C UNK F 249 -30.87 -6.18 -0.67
N UNK F 250 -29.87 -5.41 -0.92
CA UNK F 250 -28.77 -5.03 -0.04
C UNK F 250 -28.73 -3.51 -0.09
N UNK F 251 -28.56 -2.78 0.99
CA UNK F 251 -28.61 -1.31 0.90
C UNK F 251 -27.37 -0.68 0.34
N UNK F 252 -26.33 -1.52 0.21
CA UNK F 252 -25.07 -1.06 -0.36
C UNK F 252 -25.35 -0.78 -1.85
N UNK F 253 -26.23 -1.57 -2.45
CA UNK F 253 -26.55 -1.40 -3.87
C UNK F 253 -27.12 -0.04 -4.21
N UNK F 254 -27.84 0.60 -3.30
CA UNK F 254 -28.41 1.96 -3.53
C UNK F 254 -27.29 2.96 -3.73
N UNK F 255 -26.26 2.85 -2.87
CA UNK F 255 -25.09 3.75 -2.91
C UNK F 255 -24.33 3.46 -4.18
N UNK F 256 -24.10 2.20 -4.48
CA UNK F 256 -23.39 1.82 -5.71
C UNK F 256 -24.13 2.42 -6.91
N UNK F 257 -25.48 2.25 -6.90
CA UNK F 257 -26.25 2.80 -8.01
C UNK F 257 -25.96 4.28 -8.19
N UNK F 258 -25.87 4.96 -7.03
CA UNK F 258 -25.58 6.40 -7.05
C UNK F 258 -24.23 6.70 -7.70
N UNK F 259 -23.27 5.82 -7.38
CA UNK F 259 -21.96 6.05 -7.94
C UNK F 259 -22.01 5.80 -9.45
N UNK F 260 -22.97 4.96 -9.87
CA UNK F 260 -23.00 4.70 -11.33
C UNK F 260 -23.42 5.92 -12.09
N UNK F 261 -24.43 6.66 -11.66
CA UNK F 261 -24.90 7.83 -12.43
C UNK F 261 -24.13 9.11 -12.15
N UNK F 262 -23.56 9.19 -10.95
CA UNK F 262 -22.85 10.40 -10.55
C UNK F 262 -21.94 11.01 -11.59
N UNK F 263 -21.11 10.24 -12.30
CA UNK F 263 -20.24 10.93 -13.29
C UNK F 263 -21.16 11.54 -14.34
N UNK F 264 -22.11 10.69 -14.78
CA UNK F 264 -23.05 11.22 -15.77
C UNK F 264 -23.67 12.51 -15.27
N UNK F 265 -23.98 12.67 -13.98
CA UNK F 265 -24.58 13.97 -13.60
C UNK F 265 -23.52 15.05 -13.71
N UNK F 266 -22.29 14.67 -14.05
CA UNK F 266 -21.22 15.65 -14.18
C UNK F 266 -20.55 16.07 -12.88
N UNK F 267 -20.44 15.18 -11.89
CA UNK F 267 -19.80 15.60 -10.65
C UNK F 267 -18.35 15.18 -10.48
N UNK F 268 -17.57 16.07 -9.86
CA UNK F 268 -16.16 15.67 -9.59
C UNK F 268 -16.32 14.53 -8.58
N UNK F 269 -15.65 13.44 -8.75
CA UNK F 269 -15.78 12.30 -7.85
C UNK F 269 -15.10 12.62 -6.52
N UNK F 270 -15.52 11.94 -5.48
CA UNK F 270 -14.92 12.05 -4.14
C UNK F 270 -13.93 10.90 -4.00
N UNK F 271 -13.59 10.39 -2.86
CA UNK F 271 -12.65 9.28 -2.75
C UNK F 271 -13.16 7.94 -3.26
N UNK F 272 -12.30 7.16 -3.89
CA UNK F 272 -12.59 5.83 -4.41
C UNK F 272 -13.60 5.89 -5.56
N UNK F 273 -13.67 7.02 -6.23
CA UNK F 273 -14.59 7.23 -7.34
C UNK F 273 -16.05 7.44 -6.97
N UNK F 274 -16.33 7.45 -5.66
CA UNK F 274 -17.75 7.61 -5.26
C UNK F 274 -18.09 9.09 -5.47
N UNK F 275 -19.35 9.32 -5.51
CA UNK F 275 -20.03 10.60 -5.62
C UNK F 275 -19.78 11.42 -4.36
N UNK F 276 -19.55 12.71 -4.50
CA UNK F 276 -19.33 13.61 -3.38
C UNK F 276 -20.57 13.67 -2.49
N UNK F 277 -21.73 13.23 -2.96
CA UNK F 277 -22.95 13.33 -2.17
C UNK F 277 -23.32 12.06 -1.43
N UNK F 278 -22.33 11.16 -1.41
CA UNK F 278 -22.57 9.87 -0.76
C UNK F 278 -23.22 9.95 0.60
N UNK F 279 -22.64 10.64 1.57
CA UNK F 279 -23.20 10.69 2.93
C UNK F 279 -24.58 11.32 3.01
N UNK F 280 -24.76 12.46 2.35
CA UNK F 280 -26.09 13.09 2.42
C UNK F 280 -27.10 12.16 1.74
N UNK F 281 -26.77 11.50 0.63
CA UNK F 281 -27.71 10.59 0.00
C UNK F 281 -28.07 9.43 0.94
N UNK F 282 -27.08 8.90 1.65
CA UNK F 282 -27.38 7.82 2.59
C UNK F 282 -28.27 8.40 3.69
N UNK F 283 -27.89 9.58 4.19
CA UNK F 283 -28.58 10.28 5.22
C UNK F 283 -30.05 10.61 5.05
N UNK F 284 -30.42 11.35 4.00
CA UNK F 284 -31.85 11.68 3.88
C UNK F 284 -32.68 10.46 3.61
N UNK F 285 -32.03 9.35 3.28
CA UNK F 285 -32.73 8.09 3.03
C UNK F 285 -32.76 7.25 4.32
N UNK F 286 -31.58 7.04 4.94
CA UNK F 286 -31.52 6.29 6.17
C UNK F 286 -32.39 6.90 7.26
N UNK F 287 -32.50 8.21 7.34
CA UNK F 287 -33.30 8.91 8.35
C UNK F 287 -34.79 8.74 8.28
N UNK F 288 -35.34 8.08 7.27
CA UNK F 288 -36.78 7.81 7.21
C UNK F 288 -37.01 6.37 7.70
N UNK F 289 -35.93 5.58 7.71
CA UNK F 289 -36.03 4.21 8.20
C UNK F 289 -35.85 4.34 9.72
N UNK F 290 -36.97 4.62 10.39
CA UNK F 290 -36.85 4.78 11.84
C UNK F 290 -38.19 4.65 12.55
N UNK F 291 -38.08 4.27 13.82
CA UNK F 291 -39.23 4.15 14.70
C UNK F 291 -39.58 5.57 15.11
N UNK F 292 -40.82 5.83 15.45
CA UNK F 292 -41.25 7.15 15.90
C UNK F 292 -42.35 6.97 16.95
N UNK F 293 -42.94 8.08 17.37
CA UNK F 293 -44.00 8.05 18.38
C UNK F 293 -45.29 7.47 17.81
N UNK F 294 -45.44 7.53 16.51
CA UNK F 294 -46.59 7.04 15.80
C UNK F 294 -46.48 5.55 15.53
N UNK F 295 -45.31 5.11 15.14
CA UNK F 295 -45.16 3.69 14.83
C UNK F 295 -43.72 3.18 14.97
N UNK F 296 -43.59 1.87 14.96
CA UNK F 296 -42.30 1.21 15.13
C UNK F 296 -41.77 0.57 13.87
N UNK F 297 -40.50 0.77 13.52
CA UNK F 297 -39.98 0.09 12.33
C UNK F 297 -38.76 -0.72 12.76
N UNK F 298 -38.85 -2.04 12.86
CA UNK F 298 -37.60 -2.79 13.17
C UNK F 298 -37.03 -3.05 11.75
N UNK F 299 -35.83 -2.57 11.44
CA UNK F 299 -35.28 -2.77 10.11
C UNK F 299 -33.94 -3.48 10.17
N UNK F 300 -33.82 -4.47 9.31
CA UNK F 300 -32.65 -5.30 9.16
C UNK F 300 -32.19 -5.04 7.71
N UNK F 301 -30.98 -4.53 7.53
CA UNK F 301 -30.43 -4.19 6.25
C UNK F 301 -29.12 -4.93 5.97
N UNK F 302 -29.00 -5.64 4.86
CA UNK F 302 -27.76 -6.34 4.52
C UNK F 302 -26.85 -5.30 3.85
N UNK F 303 -25.61 -5.23 4.26
CA UNK F 303 -24.65 -4.30 3.73
C UNK F 303 -23.41 -4.99 3.15
N UNK F 304 -23.43 -5.11 1.83
CA UNK F 304 -22.36 -5.68 1.04
C UNK F 304 -21.11 -4.79 1.11
N UNK F 305 -20.01 -5.39 1.48
CA UNK F 305 -18.71 -4.76 1.65
C UNK F 305 -17.79 -5.14 0.50
N UNK F 306 -17.51 -4.20 -0.39
CA UNK F 306 -16.69 -4.34 -1.56
C UNK F 306 -15.24 -4.70 -1.31
N UNK F 307 -14.78 -5.75 -1.98
CA UNK F 307 -13.44 -6.27 -1.85
C UNK F 307 -13.18 -6.65 -0.40
N UNK F 308 -14.24 -6.75 0.41
CA UNK F 308 -14.09 -7.11 1.83
C UNK F 308 -13.54 -5.91 2.61
N UNK F 309 -13.42 -4.73 2.00
CA UNK F 309 -12.89 -3.59 2.68
C UNK F 309 -13.92 -2.79 3.47
N UNK F 310 -13.94 -2.93 4.80
CA UNK F 310 -14.90 -2.17 5.62
C UNK F 310 -14.51 -0.70 5.71
N UNK F 311 -13.36 -0.32 5.13
CA UNK F 311 -13.01 1.08 5.18
C UNK F 311 -13.53 1.81 3.93
N UNK F 312 -14.23 1.03 3.09
CA UNK F 312 -14.83 1.57 1.88
C UNK F 312 -15.86 2.62 2.23
N UNK F 313 -15.80 3.77 1.60
CA UNK F 313 -16.77 4.82 1.83
C UNK F 313 -18.16 4.29 2.03
N UNK F 314 -18.66 3.34 1.22
CA UNK F 314 -20.05 2.91 1.40
C UNK F 314 -20.37 2.36 2.78
N UNK F 315 -19.77 1.23 3.14
CA UNK F 315 -20.01 0.57 4.42
C UNK F 315 -19.53 1.48 5.55
N UNK F 316 -18.36 2.09 5.33
CA UNK F 316 -17.79 2.97 6.33
C UNK F 316 -18.79 4.00 6.81
N UNK F 317 -19.53 4.65 5.94
CA UNK F 317 -20.51 5.65 6.22
C UNK F 317 -21.82 5.12 6.77
N UNK F 318 -21.95 3.80 6.82
CA UNK F 318 -23.24 3.22 7.25
C UNK F 318 -23.28 2.89 8.73
N UNK F 319 -22.11 2.66 9.33
CA UNK F 319 -22.05 2.30 10.74
C UNK F 319 -22.86 3.27 11.57
N UNK F 320 -22.59 4.57 11.46
CA UNK F 320 -23.28 5.61 12.16
C UNK F 320 -24.79 5.55 12.07
N UNK F 321 -25.43 4.72 11.30
CA UNK F 321 -26.90 4.76 11.24
C UNK F 321 -27.55 3.58 11.94
N UNK F 322 -26.73 2.72 12.52
CA UNK F 322 -27.32 1.54 13.11
C UNK F 322 -27.27 1.57 14.62
N UNK F 323 -28.08 0.77 15.25
CA UNK F 323 -28.15 0.62 16.66
C UNK F 323 -27.43 -0.66 17.00
N UNK F 324 -27.41 -1.62 16.06
CA UNK F 324 -26.75 -2.92 16.30
C UNK F 324 -26.08 -3.36 15.01
N UNK F 325 -24.87 -3.90 15.09
CA UNK F 325 -24.26 -4.31 13.81
C UNK F 325 -23.71 -5.72 13.91
N UNK F 326 -23.94 -6.51 12.85
CA UNK F 326 -23.44 -7.90 12.79
C UNK F 326 -22.39 -7.96 11.68
N UNK F 327 -21.11 -7.79 11.98
CA UNK F 327 -20.06 -7.78 10.97
C UNK F 327 -19.61 -9.19 10.65
N UNK F 328 -19.91 -9.71 9.46
CA UNK F 328 -19.53 -11.04 9.03
C UNK F 328 -18.10 -11.05 8.48
N UNK F 329 -17.41 -12.17 8.70
CA UNK F 329 -16.03 -12.32 8.33
C UNK F 329 -15.71 -13.48 7.42
N UNK F 330 -14.93 -13.24 6.37
CA UNK F 330 -14.54 -14.32 5.49
C UNK F 330 -13.63 -15.25 6.30
N UNK F 331 -12.69 -14.68 7.04
CA UNK F 331 -11.76 -15.51 7.84
C UNK F 331 -12.51 -16.51 8.71
N UNK F 332 -13.50 -16.03 9.46
CA UNK F 332 -14.26 -16.95 10.29
C UNK F 332 -15.00 -17.97 9.45
N UNK F 333 -15.68 -17.54 8.39
CA UNK F 333 -16.47 -18.41 7.50
C UNK F 333 -15.57 -19.55 7.00
N UNK F 334 -14.37 -19.14 6.61
CA UNK F 334 -13.41 -20.13 6.11
C UNK F 334 -13.00 -21.12 7.18
N UNK F 335 -13.18 -20.78 8.44
CA UNK F 335 -12.83 -21.74 9.50
C UNK F 335 -14.03 -22.72 9.60
N UNK F 336 -15.13 -22.41 8.93
CA UNK F 336 -16.29 -23.29 9.07
C UNK F 336 -17.19 -22.78 10.17
N UNK F 337 -16.96 -21.58 10.72
CA UNK F 337 -17.89 -21.12 11.77
C UNK F 337 -19.07 -20.33 11.17
N UNK F 338 -20.29 -20.82 11.28
CA UNK F 338 -21.44 -20.06 10.74
C UNK F 338 -22.47 -19.89 11.84
N UNK F 339 -23.06 -18.71 11.92
CA UNK F 339 -22.79 -17.58 11.04
C UNK F 339 -21.40 -17.02 11.28
N UNK F 340 -20.72 -16.58 10.22
CA UNK F 340 -19.36 -16.08 10.34
C UNK F 340 -19.21 -14.73 11.01
N UNK F 341 -19.93 -14.47 12.09
CA UNK F 341 -19.91 -13.23 12.84
C UNK F 341 -18.61 -12.97 13.58
N UNK F 342 -18.08 -11.78 13.41
CA UNK F 342 -16.84 -11.39 14.12
C UNK F 342 -17.26 -10.89 15.52
N UNK F 343 -17.01 -11.63 16.59
CA UNK F 343 -17.43 -11.33 17.94
C UNK F 343 -16.83 -10.11 18.57
N UNK F 344 -15.66 -9.72 18.10
CA UNK F 344 -15.00 -8.52 18.61
C UNK F 344 -15.26 -7.32 17.70
N UNK F 345 -16.10 -7.47 16.70
CA UNK F 345 -16.35 -6.36 15.79
C UNK F 345 -17.82 -6.05 15.69
N UNK F 346 -18.70 -6.86 16.25
CA UNK F 346 -20.14 -6.59 16.23
C UNK F 346 -20.52 -5.82 17.48
N UNK F 347 -21.48 -4.92 17.43
CA UNK F 347 -21.79 -4.16 18.66
C UNK F 347 -23.27 -3.89 18.72
N UNK F 348 -23.76 -3.35 19.82
CA UNK F 348 -25.17 -3.05 19.99
C UNK F 348 -25.35 -2.04 21.12
N UNK F 349 -26.02 -0.92 20.83
CA UNK F 349 -26.27 0.07 21.85
C UNK F 349 -27.05 -0.45 23.04
N UNK F 350 -27.48 -1.69 23.05
CA UNK F 350 -28.26 -2.30 24.13
C UNK F 350 -27.36 -3.09 25.07
N UNK F 351 -26.08 -3.21 24.64
CA UNK F 351 -25.15 -3.96 25.48
C UNK F 351 -24.82 -3.08 26.67
N UNK F 352 -25.82 -2.81 27.47
CA UNK F 352 -25.72 -1.98 28.68
C UNK F 352 -26.34 -2.79 29.82
N UNK F 353 -25.63 -2.88 30.93
CA UNK F 353 -26.05 -3.62 32.10
C UNK F 353 -27.45 -3.22 32.51
N UNK F 354 -27.74 -1.91 32.38
CA UNK F 354 -29.08 -1.48 32.78
C UNK F 354 -30.13 -1.87 31.75
N UNK F 355 -29.81 -2.67 30.75
CA UNK F 355 -30.83 -3.05 29.77
C UNK F 355 -30.89 -4.55 29.58
N UNK F 356 -29.71 -5.20 29.52
CA UNK F 356 -29.72 -6.65 29.33
C UNK F 356 -29.51 -7.37 30.65
N UNK F 357 -29.01 -6.55 31.80
CA UNK F 357 -28.72 -7.08 33.14
C UNK F 357 -27.21 -7.33 33.22
N UNK F 358 -26.63 -7.28 34.40
CA UNK F 358 -25.18 -7.48 34.52
C UNK F 358 -24.78 -8.91 34.26
N UNK F 359 -25.70 -9.86 34.48
CA UNK F 359 -25.31 -11.26 34.23
C UNK F 359 -24.96 -11.31 32.75
N UNK F 360 -25.91 -10.83 31.97
CA UNK F 360 -25.72 -10.81 30.52
C UNK F 360 -24.49 -9.97 30.20
N UNK F 361 -24.46 -8.74 30.72
CA UNK F 361 -23.33 -7.87 30.45
C UNK F 361 -22.00 -8.44 30.85
N UNK F 362 -21.91 -9.29 31.86
CA UNK F 362 -20.59 -9.82 32.25
C UNK F 362 -20.10 -11.03 31.51
N UNK F 363 -20.99 -11.86 30.98
CA UNK F 363 -20.69 -13.06 30.20
C UNK F 363 -20.23 -12.53 28.82
N UNK F 364 -21.05 -11.60 28.32
CA UNK F 364 -20.77 -10.96 27.06
C UNK F 364 -19.34 -10.41 27.07
N UNK F 365 -19.02 -9.49 27.99
CA UNK F 365 -17.68 -8.94 28.02
C UNK F 365 -16.66 -10.02 28.38
N UNK F 366 -17.14 -11.09 29.00
CA UNK F 366 -16.22 -12.17 29.40
C UNK F 366 -15.72 -12.88 28.16
N UNK F 367 -16.68 -13.25 27.32
CA UNK F 367 -16.40 -13.95 26.08
C UNK F 367 -15.50 -13.12 25.19
N UNK F 368 -15.81 -11.84 25.02
CA UNK F 368 -14.96 -10.99 24.18
C UNK F 368 -13.54 -10.87 24.70
N UNK F 369 -13.39 -10.77 26.02
CA UNK F 369 -12.06 -10.60 26.57
C UNK F 369 -11.15 -11.80 26.30
N UNK F 370 -11.70 -12.98 26.43
CA UNK F 370 -10.94 -14.22 26.20
C UNK F 370 -10.64 -14.36 24.72
N UNK F 371 -11.57 -13.97 23.83
CA UNK F 371 -11.30 -14.08 22.39
C UNK F 371 -10.30 -13.02 21.96
N UNK F 372 -10.31 -11.88 22.67
CA UNK F 372 -9.36 -10.82 22.32
C UNK F 372 -7.96 -11.29 22.70
N UNK F 373 -7.85 -11.95 23.85
CA UNK F 373 -6.62 -12.49 24.39
C UNK F 373 -6.07 -13.59 23.49
N UNK F 374 -6.98 -14.45 23.03
CA UNK F 374 -6.57 -15.54 22.12
C UNK F 374 -6.00 -14.91 20.85
N UNK F 375 -6.69 -13.89 20.38
CA UNK F 375 -6.35 -13.13 19.19
C UNK F 375 -4.94 -12.61 19.25
N UNK F 376 -4.50 -12.06 20.39
CA UNK F 376 -3.11 -11.59 20.41
C UNK F 376 -2.12 -12.75 20.46
N UNK F 377 -2.45 -13.88 21.08
CA UNK F 377 -1.49 -14.98 21.09
C UNK F 377 -1.28 -15.55 19.69
N UNK F 378 -2.26 -15.47 18.82
CA UNK F 378 -2.25 -16.03 17.50
C UNK F 378 -1.06 -15.83 16.61
N UNK F 379 -0.41 -14.69 16.71
CA UNK F 379 0.77 -14.39 15.88
C UNK F 379 1.89 -15.39 16.13
N UNK F 380 2.24 -15.61 17.38
CA UNK F 380 3.23 -16.56 17.83
C UNK F 380 2.69 -17.99 17.61
N UNK F 381 1.44 -18.28 17.95
CA UNK F 381 0.90 -19.61 17.74
C UNK F 381 1.15 -20.02 16.27
N UNK F 382 1.05 -19.02 15.41
CA UNK F 382 1.23 -19.15 13.98
C UNK F 382 2.57 -19.63 13.46
N UNK F 383 3.69 -19.32 14.08
CA UNK F 383 4.99 -19.77 13.58
C UNK F 383 5.40 -20.99 14.42
N UNK F 384 5.28 -20.84 15.74
CA UNK F 384 5.66 -21.86 16.67
C UNK F 384 4.58 -22.71 17.28
N UNK F 385 3.32 -22.58 16.97
CA UNK F 385 2.30 -23.45 17.57
C UNK F 385 2.13 -23.19 19.06
N UNK F 386 1.61 -24.18 19.78
CA UNK F 386 1.36 -24.01 21.20
C UNK F 386 2.43 -24.42 22.19
N UNK F 387 3.36 -25.28 21.82
CA UNK F 387 4.40 -25.77 22.69
C UNK F 387 4.94 -24.74 23.65
N UNK F 388 5.53 -23.69 23.10
CA UNK F 388 6.14 -22.64 23.91
C UNK F 388 5.18 -21.85 24.76
N UNK F 389 3.87 -22.09 24.63
CA UNK F 389 2.89 -21.37 25.42
C UNK F 389 2.87 -21.76 26.89
N UNK F 390 2.53 -20.75 27.70
CA UNK F 390 2.39 -20.91 29.14
C UNK F 390 1.17 -21.78 29.43
N UNK F 391 1.23 -22.49 30.55
CA UNK F 391 0.13 -23.36 30.95
C UNK F 391 -1.14 -22.51 31.02
N UNK F 392 -0.93 -21.28 31.50
CA UNK F 392 -2.03 -20.35 31.67
C UNK F 392 -2.54 -19.91 30.32
N UNK F 393 -1.59 -19.53 29.48
CA UNK F 393 -1.97 -19.09 28.14
C UNK F 393 -2.67 -20.21 27.38
N UNK F 394 -2.18 -21.43 27.54
CA UNK F 394 -2.83 -22.54 26.83
C UNK F 394 -4.26 -22.75 27.32
N UNK F 395 -4.61 -22.28 28.52
CA UNK F 395 -5.99 -22.50 28.98
C UNK F 395 -6.88 -21.45 28.34
N UNK F 396 -6.32 -20.28 28.03
CA UNK F 396 -7.19 -19.28 27.39
C UNK F 396 -7.50 -19.86 26.00
N UNK F 397 -6.41 -20.29 25.36
CA UNK F 397 -6.52 -20.88 24.04
C UNK F 397 -7.55 -22.01 24.02
N UNK F 398 -7.54 -22.92 24.99
CA UNK F 398 -8.50 -24.02 24.99
C UNK F 398 -9.91 -23.44 25.04
N UNK F 399 -10.15 -22.63 26.07
CA UNK F 399 -11.43 -21.99 26.29
C UNK F 399 -11.92 -21.12 25.15
N UNK F 400 -10.98 -20.38 24.55
CA UNK F 400 -11.30 -19.49 23.43
C UNK F 400 -11.77 -20.31 22.22
N UNK F 401 -11.10 -21.44 21.96
CA UNK F 401 -11.44 -22.30 20.85
C UNK F 401 -12.75 -23.05 21.10
N UNK F 402 -13.13 -23.19 22.36
CA UNK F 402 -14.38 -23.86 22.71
C UNK F 402 -15.53 -22.86 22.70
N UNK F 403 -15.18 -21.61 23.01
CA UNK F 403 -16.17 -20.51 22.99
C UNK F 403 -16.45 -20.17 21.54
N UNK F 404 -15.40 -20.15 20.74
CA UNK F 404 -15.48 -19.87 19.31
C UNK F 404 -16.39 -20.93 18.65
N UNK F 405 -16.18 -22.20 19.00
CA UNK F 405 -17.04 -23.23 18.43
C UNK F 405 -18.44 -23.11 18.97
N UNK F 406 -18.60 -22.90 20.28
CA UNK F 406 -19.98 -22.80 20.81
C UNK F 406 -20.76 -21.63 20.26
N UNK F 407 -20.16 -20.66 19.61
CA UNK F 407 -20.83 -19.51 19.01
C UNK F 407 -21.48 -19.86 17.67
N UNK F 408 -21.07 -20.99 17.09
CA UNK F 408 -21.65 -21.43 15.82
C UNK F 408 -22.97 -22.14 16.11
N UNK F 409 -23.82 -22.33 15.10
CA UNK F 409 -25.11 -23.01 15.37
C UNK F 409 -25.82 -23.32 14.07
N UNK F 410 -26.57 -24.40 13.99
CA UNK F 410 -27.32 -24.83 12.83
C UNK F 410 -28.63 -24.06 12.71
N UNK F 411 -28.87 -23.52 11.51
CA UNK F 411 -30.07 -22.77 11.19
C UNK F 411 -31.06 -23.67 10.44
N UNK F 412 -32.37 -23.53 10.65
CA UNK F 412 -33.28 -24.40 9.89
C UNK F 412 -32.94 -24.17 8.41
N UNK F 413 -33.01 -22.90 8.07
CA UNK F 413 -32.70 -22.42 6.74
C UNK F 413 -31.41 -22.95 6.17
N UNK F 414 -30.43 -23.38 6.96
CA UNK F 414 -29.18 -23.91 6.39
C UNK F 414 -29.01 -25.40 6.67
N UNK F 415 -30.10 -26.09 7.01
CA UNK F 415 -30.06 -27.53 7.28
C UNK F 415 -29.46 -28.30 6.11
N UNK F 416 -29.84 -27.98 4.87
CA UNK F 416 -29.33 -28.67 3.70
C UNK F 416 -27.81 -28.62 3.61
N UNK F 417 -27.20 -27.68 4.34
CA UNK F 417 -25.74 -27.57 4.23
C UNK F 417 -25.04 -27.98 5.52
N UNK F 418 -25.68 -27.79 6.68
CA UNK F 418 -24.97 -28.16 7.89
C UNK F 418 -25.06 -29.67 8.10
N UNK F 419 -26.10 -30.23 7.50
CA UNK F 419 -26.31 -31.67 7.66
C UNK F 419 -26.91 -31.89 9.06
N UNK F 420 -27.32 -30.78 9.69
CA UNK F 420 -27.90 -30.91 11.02
C UNK F 420 -29.23 -30.15 11.12
N UNK F 421 -30.02 -30.58 12.10
CA UNK F 421 -31.32 -29.97 12.35
C UNK F 421 -31.20 -28.58 12.97
N UNK F 422 -31.88 -27.58 12.43
CA UNK F 422 -31.80 -26.23 12.96
C UNK F 422 -32.15 -26.13 14.43
N UNK F 423 -31.46 -25.26 15.17
CA UNK F 423 -31.68 -25.04 16.58
C UNK F 423 -31.97 -23.57 16.89
N UNK F 424 -32.80 -23.33 17.88
CA UNK F 424 -33.15 -21.99 18.36
C UNK F 424 -32.82 -21.97 19.85
N UNK F 425 -31.80 -21.26 20.30
CA UNK F 425 -31.46 -21.25 21.73
C UNK F 425 -32.01 -20.02 22.44
N UNK F 426 -32.69 -20.25 23.53
CA UNK F 426 -33.25 -19.22 24.38
C UNK F 426 -32.13 -18.46 25.09
N UNK F 427 -32.31 -17.14 25.21
CA UNK F 427 -31.31 -16.27 25.82
C UNK F 427 -30.70 -16.83 27.10
N UNK F 428 -31.51 -17.16 28.10
CA UNK F 428 -30.94 -17.67 29.35
C UNK F 428 -30.09 -18.90 29.13
N UNK F 429 -30.38 -19.65 28.08
CA UNK F 429 -29.61 -20.86 27.77
C UNK F 429 -28.23 -20.49 27.23
N UNK F 430 -28.21 -19.34 26.55
CA UNK F 430 -26.99 -18.79 25.98
C UNK F 430 -26.12 -18.17 27.08
N UNK F 431 -26.74 -17.30 27.89
CA UNK F 431 -25.99 -16.67 28.97
C UNK F 431 -25.30 -17.77 29.78
N UNK F 432 -26.09 -18.76 30.15
CA UNK F 432 -25.62 -19.88 30.94
C UNK F 432 -24.50 -20.67 30.29
N UNK F 433 -24.80 -21.36 29.21
CA UNK F 433 -23.82 -22.17 28.49
C UNK F 433 -22.47 -21.48 28.37
N UNK F 434 -22.50 -20.16 28.17
CA UNK F 434 -21.26 -19.39 28.05
C UNK F 434 -20.62 -19.16 29.40
N UNK F 435 -21.44 -18.98 30.45
CA UNK F 435 -20.87 -18.81 31.78
C UNK F 435 -19.95 -20.02 32.07
N UNK F 436 -20.60 -21.18 32.14
CA UNK F 436 -19.91 -22.43 32.43
C UNK F 436 -18.62 -22.57 31.65
N UNK F 437 -18.67 -22.34 30.35
CA UNK F 437 -17.45 -22.49 29.54
C UNK F 437 -16.36 -21.62 30.13
N UNK F 438 -16.72 -20.37 30.39
CA UNK F 438 -15.81 -19.38 30.94
C UNK F 438 -15.26 -19.86 32.27
N UNK F 439 -16.20 -20.30 33.10
CA UNK F 439 -15.96 -20.78 34.43
C UNK F 439 -15.19 -22.07 34.53
N UNK F 440 -14.74 -22.67 33.44
CA UNK F 440 -13.99 -23.90 33.47
C UNK F 440 -14.77 -25.15 33.79
N UNK F 441 -16.09 -25.12 33.65
CA UNK F 441 -16.90 -26.31 33.92
C UNK F 441 -16.89 -27.32 32.79
N UNK F 442 -16.16 -27.10 31.72
CA UNK F 442 -16.13 -28.03 30.60
C UNK F 442 -14.74 -28.13 30.00
N UNK F 443 -13.73 -27.77 30.79
CA UNK F 443 -12.36 -27.84 30.29
C UNK F 443 -11.95 -29.27 29.94
N UNK F 444 -12.79 -30.22 30.34
CA UNK F 444 -12.50 -31.62 30.05
C UNK F 444 -13.06 -32.01 28.69
N UNK F 445 -14.17 -31.40 28.27
CA UNK F 445 -14.71 -31.78 26.96
C UNK F 445 -13.77 -31.35 25.85
N UNK F 446 -13.88 -31.99 24.72
CA UNK F 446 -13.12 -31.69 23.51
C UNK F 446 -13.80 -30.55 22.76
N UNK F 447 -13.09 -29.79 21.95
CA UNK F 447 -13.64 -28.67 21.20
C UNK F 447 -14.82 -29.13 20.34
N UNK F 448 -14.53 -30.14 19.51
CA UNK F 448 -15.49 -30.68 18.59
C UNK F 448 -16.83 -30.92 19.24
N UNK F 449 -16.86 -31.08 20.54
CA UNK F 449 -18.17 -31.32 21.19
C UNK F 449 -19.06 -30.09 21.06
N UNK F 450 -18.42 -28.92 21.11
CA UNK F 450 -19.14 -27.65 21.05
C UNK F 450 -19.56 -27.22 19.66
N UNK F 451 -18.87 -27.67 18.62
CA UNK F 451 -19.19 -27.28 17.27
C UNK F 451 -20.57 -27.74 16.83
N UNK F 452 -21.26 -26.82 16.18
CA UNK F 452 -22.58 -26.99 15.63
C UNK F 452 -23.58 -27.61 16.58
N UNK F 453 -23.97 -26.89 17.62
CA UNK F 453 -24.97 -27.38 18.57
C UNK F 453 -25.85 -26.22 19.02
N UNK F 454 -26.91 -26.51 19.76
CA UNK F 454 -27.78 -25.45 20.26
C UNK F 454 -27.26 -25.21 21.70
N UNK F 455 -28.05 -25.60 22.68
CA UNK F 455 -27.79 -25.48 24.10
C UNK F 455 -26.55 -26.23 24.57
N UNK F 456 -25.96 -25.83 25.69
CA UNK F 456 -24.73 -26.51 26.14
C UNK F 456 -24.96 -27.98 26.40
N UNK F 457 -26.16 -28.31 26.91
CA UNK F 457 -26.51 -29.68 27.21
C UNK F 457 -26.26 -30.57 26.02
N UNK F 458 -26.41 -30.06 24.81
CA UNK F 458 -26.16 -30.85 23.61
C UNK F 458 -24.67 -31.03 23.33
N UNK F 459 -23.86 -30.12 23.88
CA UNK F 459 -22.40 -30.14 23.71
C UNK F 459 -21.74 -31.22 24.56
N UNK F 460 -22.37 -31.51 25.68
CA UNK F 460 -21.92 -32.54 26.62
C UNK F 460 -22.20 -33.91 26.00
N UNK F 461 -23.41 -34.04 25.48
CA UNK F 461 -23.88 -35.22 24.79
C UNK F 461 -22.93 -35.53 23.63
N UNK F 462 -22.81 -34.57 22.71
CA UNK F 462 -21.93 -34.77 21.55
C UNK F 462 -20.58 -35.32 21.99
N UNK F 463 -20.16 -34.91 23.20
CA UNK F 463 -18.88 -35.35 23.74
C UNK F 463 -18.90 -36.83 24.05
N UNK F 464 -20.04 -37.32 24.56
CA UNK F 464 -20.18 -38.74 24.85
C UNK F 464 -20.14 -39.52 23.55
N UNK F 465 -20.95 -39.05 22.61
CA UNK F 465 -20.99 -39.69 21.29
C UNK F 465 -19.59 -39.70 20.68
N UNK F 466 -18.78 -38.69 20.97
CA UNK F 466 -17.43 -38.64 20.39
C UNK F 466 -16.59 -39.66 21.20
N UNK F 467 -17.15 -39.97 22.35
CA UNK F 467 -16.56 -40.89 23.29
C UNK F 467 -15.20 -40.41 23.77
N UNK G 1 -2.85 -1.04 6.47
CA UNK G 1 -1.38 -1.22 6.18
C UNK G 1 -0.76 0.13 5.84
N UNK G 2 0.47 0.31 6.26
CA UNK G 2 1.21 1.55 6.01
C UNK G 2 2.59 1.12 5.47
N UNK G 3 3.06 1.77 4.41
CA UNK G 3 4.37 1.35 3.91
C UNK G 3 5.34 1.27 5.09
N UNK G 4 5.17 2.17 6.08
CA UNK G 4 6.07 2.15 7.23
C UNK G 4 5.81 0.96 8.15
N UNK G 5 4.56 0.53 8.16
CA UNK G 5 4.22 -0.64 8.98
C UNK G 5 4.77 -1.90 8.32
N UNK G 6 4.50 -2.01 7.01
CA UNK G 6 4.92 -3.15 6.21
C UNK G 6 6.44 -3.22 6.16
N UNK G 7 7.06 -2.04 6.18
CA UNK G 7 8.52 -2.10 6.12
C UNK G 7 9.11 -2.53 7.44
N UNK G 8 8.32 -2.48 8.52
CA UNK G 8 8.83 -2.92 9.83
C UNK G 8 8.86 -4.44 9.84
N UNK G 9 7.67 -5.02 9.63
CA UNK G 9 7.59 -6.48 9.55
C UNK G 9 8.67 -6.97 8.57
N UNK G 10 8.38 -6.82 7.26
CA UNK G 10 9.24 -7.49 6.27
C UNK G 10 10.71 -7.50 6.69
N UNK G 11 11.20 -6.32 7.05
CA UNK G 11 12.60 -6.22 7.48
C UNK G 11 12.81 -7.26 8.58
N UNK G 12 11.95 -7.24 9.60
CA UNK G 12 12.09 -8.17 10.72
C UNK G 12 11.69 -9.61 10.46
N UNK G 13 10.63 -9.89 9.70
CA UNK G 13 10.28 -11.31 9.50
C UNK G 13 11.34 -11.92 8.61
N UNK G 14 12.07 -11.08 7.87
CA UNK G 14 13.13 -11.65 7.01
C UNK G 14 14.25 -12.14 7.92
N UNK G 15 14.50 -11.42 9.01
CA UNK G 15 15.52 -11.81 9.97
C UNK G 15 15.12 -13.04 10.77
N UNK G 16 13.93 -12.98 11.37
CA UNK G 16 13.38 -14.07 12.14
C UNK G 16 13.43 -15.36 11.33
N UNK G 17 13.25 -15.24 10.01
CA UNK G 17 13.26 -16.44 9.17
C UNK G 17 14.66 -17.01 9.03
N UNK G 18 15.67 -16.18 8.99
CA UNK G 18 17.05 -16.64 8.88
C UNK G 18 17.59 -17.15 10.23
N UNK G 19 17.13 -16.53 11.33
CA UNK G 19 17.54 -16.95 12.67
C UNK G 19 17.01 -18.39 12.87
N UNK G 20 15.67 -18.27 12.66
CA UNK G 20 15.10 -19.58 12.80
C UNK G 20 15.95 -20.61 12.06
N UNK G 21 16.32 -20.33 10.81
CA UNK G 21 17.16 -21.25 10.05
C UNK G 21 18.51 -21.44 10.73
N UNK G 22 19.09 -20.37 11.25
CA UNK G 22 20.37 -20.43 11.94
C UNK G 22 20.30 -21.27 13.23
N UNK G 23 19.21 -21.12 13.96
CA UNK G 23 19.00 -21.82 15.21
C UNK G 23 18.92 -23.33 15.07
N UNK G 24 18.52 -23.81 13.91
CA UNK G 24 18.41 -25.23 13.63
C UNK G 24 19.81 -25.80 13.38
N UNK G 25 20.59 -25.11 12.55
CA UNK G 25 21.97 -25.55 12.29
C UNK G 25 22.70 -25.69 13.63
N UNK G 26 22.34 -24.80 14.55
CA UNK G 26 23.00 -24.91 15.87
C UNK G 26 22.44 -26.16 16.55
N UNK G 27 21.12 -26.23 16.63
CA UNK G 27 20.43 -27.34 17.24
C UNK G 27 20.87 -28.67 16.65
N UNK G 28 21.25 -28.68 15.39
CA UNK G 28 21.69 -29.96 14.79
C UNK G 28 23.08 -30.30 15.35
N UNK G 29 23.92 -29.27 15.39
CA UNK G 29 25.28 -29.37 15.90
C UNK G 29 25.32 -30.06 17.27
N UNK G 30 25.06 -29.13 18.18
CA UNK G 30 25.28 -29.67 19.50
C UNK G 30 24.58 -31.02 19.66
N UNK G 31 23.38 -31.10 19.11
CA UNK G 31 22.59 -32.33 19.19
C UNK G 31 23.20 -33.44 18.36
N UNK G 32 24.05 -33.07 17.40
CA UNK G 32 24.70 -34.16 16.63
C UNK G 32 25.68 -34.79 17.65
N UNK G 33 26.62 -33.95 18.09
CA UNK G 33 27.63 -34.28 19.07
C UNK G 33 27.04 -35.15 20.19
N UNK G 34 25.96 -34.66 20.76
CA UNK G 34 25.25 -35.30 21.84
C UNK G 34 24.74 -36.70 21.58
N UNK G 35 23.87 -36.82 20.50
CA UNK G 35 22.92 -37.90 20.85
C UNK G 35 23.66 -39.23 20.90
N UNK G 36 24.42 -39.55 19.87
CA UNK G 36 25.18 -40.82 19.82
C UNK G 36 26.15 -40.89 20.99
N UNK G 37 26.94 -39.84 21.19
CA UNK G 37 27.92 -39.80 22.30
C UNK G 37 27.19 -39.94 23.63
N UNK G 38 26.16 -39.14 23.85
CA UNK G 38 25.38 -39.19 25.11
C UNK G 38 24.79 -40.57 25.29
N UNK G 39 24.12 -41.09 24.27
CA UNK G 39 23.50 -42.43 24.34
C UNK G 39 24.56 -43.49 24.61
N UNK G 40 25.63 -43.47 23.83
CA UNK G 40 26.73 -44.45 24.00
C UNK G 40 27.32 -44.33 25.40
N UNK G 41 27.91 -43.21 25.60
CA UNK G 41 28.62 -43.08 26.89
C UNK G 41 27.69 -43.42 28.05
N UNK G 42 26.50 -42.82 28.05
CA UNK G 42 25.51 -43.06 29.13
C UNK G 42 25.15 -44.53 29.16
N UNK G 43 24.79 -45.09 28.01
CA UNK G 43 24.40 -46.52 27.92
C UNK G 43 25.56 -47.40 28.36
N UNK G 44 26.75 -47.16 27.83
CA UNK G 44 27.94 -47.95 28.21
C UNK G 44 28.21 -47.81 29.69
N UNK G 45 28.24 -46.58 30.19
CA UNK G 45 28.50 -46.34 31.63
C UNK G 45 27.44 -47.01 32.47
N UNK G 46 26.06 -46.83 32.16
CA UNK G 46 24.89 -47.33 32.92
C UNK G 46 24.88 -48.84 32.93
N UNK G 47 25.02 -49.47 31.76
CA UNK G 47 25.04 -50.94 31.66
C UNK G 47 26.17 -51.51 32.48
N UNK G 48 27.38 -50.98 32.30
CA UNK G 48 28.56 -51.47 33.06
C UNK G 48 28.33 -51.28 34.55
N UNK G 49 27.93 -50.07 34.96
CA UNK G 49 27.67 -49.79 36.38
C UNK G 49 26.60 -50.71 36.92
N UNK G 50 25.46 -50.80 36.22
CA UNK G 50 24.35 -51.67 36.64
C UNK G 50 24.81 -53.11 36.72
N UNK G 51 25.39 -53.58 35.65
CA UNK G 51 25.79 -55.00 35.62
C UNK G 51 26.74 -55.29 36.77
N UNK G 52 27.79 -54.48 36.92
CA UNK G 52 28.78 -54.67 38.00
C UNK G 52 28.09 -54.58 39.36
N UNK G 53 27.29 -53.53 39.56
CA UNK G 53 26.58 -53.34 40.85
C UNK G 53 25.64 -54.52 41.09
N UNK G 54 24.83 -54.87 40.09
CA UNK G 54 23.89 -56.00 40.24
C UNK G 54 24.65 -57.28 40.52
N UNK G 55 25.67 -57.56 39.71
CA UNK G 55 26.47 -58.79 39.90
C UNK G 55 27.12 -58.79 41.27
N UNK G 56 27.78 -57.69 41.63
CA UNK G 56 28.44 -57.58 42.95
C UNK G 56 27.42 -57.74 44.06
N UNK G 57 17.09 -56.14 54.12
CA UNK G 57 18.06 -55.62 53.13
C UNK G 57 17.57 -55.88 51.72
N UNK G 58 17.17 -57.12 51.43
CA UNK G 58 16.68 -57.49 50.08
C UNK G 58 15.44 -56.65 49.75
N UNK G 59 14.47 -56.61 50.66
CA UNK G 59 13.24 -55.84 50.43
C UNK G 59 13.57 -54.37 50.23
N UNK G 60 14.37 -53.80 51.13
CA UNK G 60 14.76 -52.37 51.03
C UNK G 60 15.50 -52.13 49.72
N UNK G 61 16.50 -52.96 49.43
CA UNK G 61 17.28 -52.81 48.18
C UNK G 61 16.36 -52.94 46.97
N UNK G 62 15.56 -54.01 46.94
CA UNK G 62 14.63 -54.23 45.81
C UNK G 62 13.66 -53.06 45.69
N UNK G 63 13.03 -52.68 46.80
CA UNK G 63 12.07 -51.55 46.79
C UNK G 63 12.77 -50.28 46.34
N UNK G 64 13.91 -49.96 46.94
CA UNK G 64 14.68 -48.74 46.58
C UNK G 64 15.07 -48.80 45.10
N UNK G 65 15.66 -49.92 44.68
CA UNK G 65 16.09 -50.07 43.27
C UNK G 65 14.88 -49.95 42.35
N UNK G 66 13.81 -50.69 42.65
CA UNK G 66 12.59 -50.65 41.81
C UNK G 66 12.03 -49.23 41.78
N UNK G 67 11.87 -48.62 42.96
CA UNK G 67 11.33 -47.25 43.05
C UNK G 67 12.23 -46.28 42.29
N UNK G 68 13.54 -46.33 42.56
CA UNK G 68 14.50 -45.44 41.87
C UNK G 68 14.45 -45.68 40.37
N UNK G 69 14.53 -46.94 39.95
CA UNK G 69 14.49 -47.28 38.51
C UNK G 69 13.18 -46.80 37.90
N UNK G 70 12.07 -47.15 38.53
CA UNK G 70 10.74 -46.75 38.02
C UNK G 70 10.64 -45.22 37.97
N UNK G 71 11.00 -44.56 39.06
CA UNK G 71 10.94 -43.08 39.11
C UNK G 71 11.85 -42.48 38.05
N UNK G 72 13.10 -42.94 37.99
CA UNK G 72 14.07 -42.44 36.99
C UNK G 72 13.54 -42.69 35.59
N UNK G 73 13.13 -43.93 35.31
CA UNK G 73 12.60 -44.29 33.98
C UNK G 73 11.38 -43.45 33.66
N UNK G 74 10.42 -43.38 34.58
CA UNK G 74 9.19 -42.58 34.36
C UNK G 74 9.54 -41.12 34.15
N UNK G 75 10.37 -40.57 35.04
CA UNK G 75 10.79 -39.14 34.92
C UNK G 75 11.51 -38.92 33.60
N UNK G 76 12.49 -39.77 33.30
CA UNK G 76 13.26 -39.63 32.04
C UNK G 76 12.33 -39.76 30.85
N UNK G 77 11.50 -40.80 30.83
CA UNK G 77 10.55 -41.02 29.71
C UNK G 77 9.60 -39.83 29.60
N UNK G 78 7.76 -33.18 25.67
CA UNK G 78 8.38 -33.21 27.02
C UNK G 78 7.41 -32.67 28.05
N UNK G 79 6.82 -31.51 27.79
CA UNK G 79 5.84 -30.90 28.73
C UNK G 79 4.66 -31.84 28.95
N UNK G 80 4.08 -32.33 27.85
CA UNK G 80 2.93 -33.25 27.94
C UNK G 80 3.32 -34.50 28.71
N UNK G 81 4.43 -35.13 28.32
CA UNK G 81 4.90 -36.35 28.99
C UNK G 81 5.17 -36.07 30.46
N UNK G 82 5.92 -35.01 30.76
CA UNK G 82 6.24 -34.65 32.15
C UNK G 82 4.95 -34.37 32.92
N UNK G 83 4.07 -33.53 32.36
CA UNK G 83 2.80 -33.19 33.02
C UNK G 83 1.98 -34.46 33.24
N UNK G 84 1.81 -35.26 32.18
CA UNK G 84 1.02 -36.51 32.27
C UNK G 84 1.65 -37.44 33.31
N UNK G 85 2.96 -37.66 33.21
CA UNK G 85 3.66 -38.54 34.16
C UNK G 85 3.52 -38.01 35.58
N UNK G 86 3.81 -36.72 35.77
CA UNK G 86 3.70 -36.10 37.11
C UNK G 86 2.29 -36.21 37.62
N UNK G 87 1.31 -35.81 36.79
CA UNK G 87 -0.12 -35.87 37.19
C UNK G 87 -0.51 -37.31 37.51
N UNK G 88 -0.19 -38.24 36.61
CA UNK G 88 -0.52 -39.66 36.82
C UNK G 88 0.16 -40.17 38.08
N UNK G 89 1.46 -39.93 38.21
CA UNK G 89 2.22 -40.38 39.41
C UNK G 89 1.63 -39.76 40.66
N UNK G 90 -6.56 -41.79 43.28
CA UNK G 90 -5.31 -41.07 42.93
C UNK G 90 -4.68 -40.50 44.20
N UNK G 91 -5.46 -39.80 45.01
CA UNK G 91 -4.94 -39.21 46.27
C UNK G 91 -4.41 -40.31 47.17
N UNK G 92 -5.21 -41.35 47.39
CA UNK G 92 -4.78 -42.47 48.26
C UNK G 92 -3.53 -43.11 47.71
N UNK G 93 -3.53 -43.45 46.42
CA UNK G 93 -2.35 -44.08 45.78
C UNK G 93 -1.14 -43.16 45.88
N UNK G 94 -1.31 -41.89 45.51
CA UNK G 94 -0.20 -40.91 45.57
C UNK G 94 0.29 -40.77 47.01
N UNK G 95 -0.63 -40.57 47.94
CA UNK G 95 -0.26 -40.42 49.37
C UNK G 95 0.43 -41.67 49.86
N UNK G 96 -0.16 -42.84 49.60
CA UNK G 96 0.43 -44.12 50.04
C UNK G 96 1.80 -44.31 49.40
N UNK G 97 1.89 -44.13 48.08
CA UNK G 97 3.17 -44.27 47.37
C UNK G 97 4.19 -43.29 47.91
N UNK G 98 3.81 -42.01 48.01
CA UNK G 98 4.72 -40.98 48.53
C UNK G 98 5.14 -41.31 49.94
N UNK G 99 4.18 -41.62 50.81
CA UNK G 99 4.49 -41.97 52.22
C UNK G 99 5.38 -43.19 52.28
N UNK G 100 5.01 -44.25 51.56
CA UNK G 100 5.80 -45.50 51.54
C UNK G 100 7.20 -45.20 51.01
N UNK G 101 7.29 -44.53 49.86
CA UNK G 101 8.59 -44.19 49.26
C UNK G 101 9.41 -43.34 50.21
N UNK G 102 8.81 -42.28 50.75
CA UNK G 102 9.51 -41.38 51.69
C UNK G 102 9.94 -42.16 52.92
N UNK G 103 9.03 -42.92 53.51
CA UNK G 103 9.36 -43.72 54.72
C UNK G 103 10.45 -44.71 54.40
N UNK G 104 10.29 -45.47 53.32
CA UNK G 104 11.30 -46.47 52.91
C UNK G 104 12.63 -45.79 52.65
N UNK G 105 12.63 -44.73 51.85
CA UNK G 105 13.86 -43.99 51.53
C UNK G 105 14.49 -43.45 52.80
N UNK G 106 13.69 -42.77 53.63
CA UNK G 106 14.21 -42.20 54.90
C UNK G 106 14.74 -43.31 55.79
N UNK G 107 13.96 -44.37 55.99
CA UNK G 107 14.40 -45.50 56.83
C UNK G 107 15.66 -46.11 56.27
N UNK G 108 42.18 -52.26 48.40
CA UNK G 108 42.34 -52.20 46.92
C UNK G 108 40.97 -52.04 46.26
N UNK G 109 40.02 -52.89 46.63
CA UNK G 109 38.65 -52.83 46.06
C UNK G 109 38.03 -51.48 46.34
N UNK G 110 38.07 -51.04 47.59
CA UNK G 110 37.49 -49.73 47.98
C UNK G 110 38.18 -48.61 47.22
N UNK G 111 39.51 -48.60 47.23
CA UNK G 111 40.28 -47.55 46.52
C UNK G 111 39.96 -47.59 45.04
N UNK G 112 40.03 -48.78 44.43
CA UNK G 112 39.73 -48.92 42.98
C UNK G 112 38.31 -48.47 42.69
N UNK G 113 37.34 -48.98 43.47
CA UNK G 113 35.92 -48.60 43.27
C UNK G 113 35.75 -47.10 43.45
N UNK G 114 36.27 -46.56 44.56
CA UNK G 114 36.16 -45.12 44.83
C UNK G 114 36.82 -44.32 43.71
N UNK G 115 38.05 -44.67 43.36
CA UNK G 115 38.79 -43.97 42.28
C UNK G 115 38.02 -44.07 40.97
N UNK G 116 37.62 -45.29 40.60
CA UNK G 116 36.87 -45.50 39.35
C UNK G 116 35.57 -44.72 39.37
N UNK G 117 34.80 -44.85 40.45
CA UNK G 117 33.52 -44.13 40.58
C UNK G 117 33.76 -42.63 40.52
N UNK G 118 34.70 -42.13 41.32
CA UNK G 118 35.01 -40.68 41.34
C UNK G 118 35.47 -40.23 39.96
N UNK G 119 40.63 -51.89 24.74
CA UNK G 119 41.08 -53.28 24.92
C UNK G 119 41.78 -53.42 26.26
N UNK G 120 42.73 -52.54 26.55
CA UNK G 120 43.48 -52.59 27.83
C UNK G 120 42.51 -52.44 29.00
N UNK G 121 41.65 -51.42 28.95
CA UNK G 121 40.67 -51.19 30.03
C UNK G 121 39.76 -52.39 30.17
N UNK G 122 39.19 -52.87 29.07
CA UNK G 122 38.28 -54.03 29.10
C UNK G 122 39.02 -55.25 29.64
N UNK G 123 40.20 -55.53 29.09
CA UNK G 123 41.01 -56.70 29.55
C UNK G 123 41.34 -56.55 31.02
N UNK G 124 41.86 -55.39 31.42
CA UNK G 124 42.22 -55.15 32.83
C UNK G 124 40.99 -55.28 33.71
N UNK G 125 39.90 -54.61 33.34
CA UNK G 125 38.65 -54.67 34.13
C UNK G 125 38.15 -56.11 34.21
N UNK G 126 38.07 -56.78 33.06
CA UNK G 126 37.60 -58.18 33.01
C UNK G 126 38.51 -59.06 33.85
N UNK G 127 39.83 -58.96 33.63
CA UNK G 127 40.80 -59.77 34.40
C UNK G 127 40.68 -59.47 35.88
N UNK G 128 40.69 -58.18 36.24
CA UNK G 128 40.58 -57.78 37.66
C UNK G 128 39.27 -58.29 38.24
N UNK G 129 38.16 -58.03 37.56
CA UNK G 129 36.83 -58.48 38.03
C UNK G 129 36.81 -59.99 38.16
N UNK G 130 37.24 -60.70 37.11
CA UNK G 130 37.25 -62.18 37.13
C UNK G 130 38.15 -62.67 38.27
N UNK G 131 39.37 -62.14 38.34
CA UNK G 131 40.33 -62.55 39.40
C UNK G 131 39.74 -62.26 40.77
N UNK G 132 40.94 -58.32 57.30
CA UNK G 132 39.93 -57.37 57.85
C UNK G 132 39.48 -56.41 56.76
N UNK G 133 40.44 -55.79 56.07
CA UNK G 133 40.10 -54.83 54.99
C UNK G 133 39.29 -55.52 53.91
N UNK G 134 39.76 -56.67 53.44
CA UNK G 134 39.04 -57.43 52.38
C UNK G 134 37.65 -57.81 52.87
N UNK G 135 37.57 -58.40 54.07
CA UNK G 135 36.26 -58.80 54.64
C UNK G 135 35.36 -57.59 54.78
N UNK G 136 35.87 -56.53 55.40
CA UNK G 136 35.07 -55.29 55.60
C UNK G 136 34.64 -54.73 54.25
N UNK G 137 35.58 -54.58 53.32
CA UNK G 137 35.27 -54.05 51.98
C UNK G 137 34.25 -54.94 51.29
N UNK G 138 34.50 -56.24 51.27
CA UNK G 138 33.58 -57.20 50.62
C UNK G 138 32.21 -57.14 51.29
N UNK G 139 32.18 -57.22 52.61
CA UNK G 139 30.91 -57.17 53.37
C UNK G 139 30.19 -55.85 53.09
N UNK G 140 30.91 -54.73 53.22
CA UNK G 140 30.33 -53.40 52.98
C UNK G 140 29.83 -53.30 51.55
N UNK G 141 31.00 -53.05 51.00
CA UNK G 141 31.50 -52.60 49.69
C UNK G 141 30.40 -52.75 48.64
N UNK G 142 29.71 -53.90 48.72
CA UNK G 142 28.61 -54.15 47.77
C UNK G 142 27.53 -53.09 47.92
N UNK G 143 27.13 -52.48 49.65
CA UNK G 143 25.95 -51.67 49.37
C UNK G 143 26.32 -50.25 48.95
N UNK G 144 27.50 -49.81 49.39
CA UNK G 144 27.95 -48.47 48.99
C UNK G 144 28.07 -48.43 47.46
N UNK G 145 28.74 -49.42 46.89
CA UNK G 145 28.87 -49.46 45.42
C UNK G 145 27.50 -49.63 44.76
N UNK G 146 26.53 -50.16 45.51
CA UNK G 146 25.18 -50.35 44.98
C UNK G 146 24.51 -48.99 44.79
N UNK G 147 24.17 -48.35 45.91
CA UNK G 147 23.54 -47.03 45.88
C UNK G 147 24.33 -46.12 44.94
N UNK G 148 25.65 -46.31 45.00
CA UNK G 148 26.31 -45.41 44.06
C UNK G 148 26.02 -45.88 42.63
N UNK G 149 26.48 -47.07 42.29
CA UNK G 149 26.26 -47.62 40.96
C UNK G 149 24.82 -47.57 40.50
N UNK G 150 23.87 -47.35 41.39
CA UNK G 150 22.46 -47.25 41.03
C UNK G 150 22.07 -45.78 40.85
N UNK G 151 22.14 -45.09 42.00
CA UNK G 151 22.19 -43.65 41.82
C UNK G 151 22.97 -43.24 40.57
N UNK G 152 24.15 -42.64 40.75
CA UNK G 152 25.00 -42.21 39.64
C UNK G 152 24.75 -43.07 38.40
N UNK G 153 24.95 -44.34 38.80
CA UNK G 153 24.77 -45.28 37.70
C UNK G 153 23.56 -44.91 36.84
N UNK G 154 22.45 -44.60 37.51
CA UNK G 154 21.21 -44.24 36.84
C UNK G 154 21.08 -42.73 36.69
N UNK G 155 21.76 -41.99 37.57
CA UNK G 155 21.73 -40.53 37.46
C UNK G 155 22.31 -40.13 36.11
N UNK G 156 23.47 -40.66 35.78
CA UNK G 156 24.10 -40.35 34.48
C UNK G 156 23.23 -40.85 33.34
N UNK G 157 22.36 -41.83 33.61
CA UNK G 157 21.47 -42.38 32.59
C UNK G 157 20.40 -41.34 32.23
N UNK G 158 19.60 -41.02 33.26
CA UNK G 158 18.50 -40.06 33.18
C UNK G 158 19.03 -38.75 32.60
N UNK G 159 20.31 -38.46 32.82
CA UNK G 159 20.85 -37.22 32.26
C UNK G 159 21.09 -37.41 30.77
N UNK G 160 21.98 -38.33 30.42
CA UNK G 160 22.29 -38.61 29.02
C UNK G 160 21.06 -38.84 28.16
N UNK G 161 19.91 -39.10 28.75
CA UNK G 161 18.68 -39.31 27.99
C UNK G 161 17.89 -38.00 27.90
N UNK G 162 18.03 -37.21 28.96
CA UNK G 162 17.48 -35.89 28.89
C UNK G 162 18.23 -34.99 27.90
N UNK G 163 19.34 -35.37 27.40
CA UNK G 163 20.07 -34.48 26.50
C UNK G 163 19.78 -34.94 25.08
N UNK G 164 19.47 -36.23 24.92
CA UNK G 164 19.15 -36.64 23.53
C UNK G 164 17.79 -36.02 23.22
N UNK G 165 16.87 -36.14 24.19
CA UNK G 165 15.52 -35.61 24.03
C UNK G 165 15.49 -34.11 23.82
N UNK G 166 16.37 -33.41 24.52
CA UNK G 166 16.50 -31.95 24.44
C UNK G 166 17.07 -31.59 23.07
N UNK G 167 18.31 -31.94 22.78
CA UNK G 167 18.89 -31.64 21.47
C UNK G 167 18.01 -32.18 20.35
N UNK G 168 17.16 -33.18 20.64
CA UNK G 168 16.28 -33.71 19.59
C UNK G 168 15.20 -32.63 19.36
N UNK G 169 14.60 -32.27 20.48
CA UNK G 169 13.56 -31.28 20.58
C UNK G 169 13.93 -29.92 20.02
N UNK G 170 15.09 -29.41 20.40
CA UNK G 170 15.48 -28.08 19.88
C UNK G 170 15.53 -28.21 18.36
N UNK G 171 16.17 -29.28 17.90
CA UNK G 171 16.31 -29.54 16.47
C UNK G 171 14.99 -29.40 15.74
N UNK G 172 14.09 -30.30 15.43
CA UNK G 172 12.75 -30.29 14.83
C UNK G 172 11.96 -29.03 15.10
N UNK G 173 11.97 -28.59 16.36
CA UNK G 173 11.24 -27.39 16.76
C UNK G 173 11.61 -26.20 15.89
N UNK G 174 12.90 -25.91 15.80
CA UNK G 174 13.33 -24.77 14.99
C UNK G 174 13.08 -25.11 13.53
N UNK G 175 12.88 -26.39 13.22
CA UNK G 175 12.63 -26.72 11.81
C UNK G 175 11.23 -26.20 11.45
N UNK G 176 10.26 -26.43 12.32
CA UNK G 176 8.89 -25.99 12.11
C UNK G 176 8.71 -24.49 12.36
N UNK G 177 9.57 -23.88 13.19
CA UNK G 177 9.42 -22.45 13.45
C UNK G 177 9.68 -21.69 12.16
N UNK G 178 10.68 -22.10 11.38
CA UNK G 178 10.91 -21.36 10.13
C UNK G 178 9.89 -21.81 9.11
N UNK G 179 9.34 -23.00 9.41
CA UNK G 179 8.31 -23.48 8.45
C UNK G 179 7.11 -22.57 8.64
N UNK G 180 6.88 -22.14 9.87
CA UNK G 180 5.82 -21.23 10.23
C UNK G 180 6.10 -19.79 9.81
N UNK G 181 7.36 -19.38 9.98
CA UNK G 181 7.75 -18.02 9.62
C UNK G 181 7.62 -17.86 8.11
N UNK G 182 8.08 -18.96 7.51
CA UNK G 182 7.98 -18.96 6.06
C UNK G 182 6.55 -18.68 5.65
N UNK G 183 5.55 -19.28 6.29
CA UNK G 183 4.18 -18.98 5.84
C UNK G 183 3.90 -17.50 5.98
N UNK G 184 4.58 -16.87 6.91
CA UNK G 184 4.43 -15.45 7.17
C UNK G 184 5.18 -14.58 6.18
N UNK G 185 6.42 -14.94 5.85
CA UNK G 185 7.18 -14.15 4.90
C UNK G 185 6.43 -14.22 3.56
N UNK G 186 5.71 -15.32 3.35
CA UNK G 186 5.01 -15.39 2.05
C UNK G 186 3.73 -14.61 2.20
N UNK G 187 3.13 -14.66 3.38
CA UNK G 187 1.91 -13.91 3.65
C UNK G 187 2.13 -12.41 3.68
N UNK G 188 3.21 -11.88 4.28
CA UNK G 188 3.44 -10.44 4.40
C UNK G 188 3.85 -9.81 3.08
N UNK G 189 4.62 -10.57 2.29
CA UNK G 189 5.04 -10.02 1.01
C UNK G 189 3.84 -9.67 0.16
N UNK G 190 2.78 -10.48 0.25
CA UNK G 190 1.58 -10.22 -0.54
C UNK G 190 0.91 -8.97 -0.03
N UNK G 191 0.92 -8.78 1.29
CA UNK G 191 0.30 -7.56 1.82
C UNK G 191 1.13 -6.35 1.42
N UNK G 192 2.43 -6.55 1.41
CA UNK G 192 3.35 -5.49 1.01
C UNK G 192 3.06 -5.05 -0.42
N UNK G 193 3.01 -6.00 -1.38
CA UNK G 193 2.75 -5.63 -2.78
C UNK G 193 1.35 -5.14 -3.07
N UNK G 194 0.34 -5.55 -2.31
CA UNK G 194 -1.00 -5.02 -2.53
C UNK G 194 -0.96 -3.54 -2.15
N UNK G 195 -0.33 -3.23 -1.03
CA UNK G 195 -0.21 -1.89 -0.51
C UNK G 195 0.68 -1.02 -1.40
N UNK G 196 1.80 -1.63 -1.76
CA UNK G 196 2.75 -0.89 -2.64
C UNK G 196 2.01 -0.35 -3.85
N UNK G 197 1.29 -1.25 -4.50
CA UNK G 197 0.51 -0.93 -5.70
C UNK G 197 -0.56 0.08 -5.36
N UNK G 198 -1.36 -0.27 -4.36
CA UNK G 198 -2.43 0.63 -3.91
C UNK G 198 -1.89 2.04 -3.64
N UNK G 199 -0.75 2.15 -2.92
CA UNK G 199 -0.29 3.51 -2.69
C UNK G 199 -0.05 4.23 -4.02
N UNK G 200 0.60 3.60 -4.99
CA UNK G 200 0.84 4.33 -6.23
C UNK G 200 -0.40 4.77 -6.98
N UNK G 201 -1.42 3.91 -6.98
CA UNK G 201 -2.63 4.27 -7.74
C UNK G 201 -3.32 5.42 -7.05
N UNK G 202 -3.81 5.07 -5.85
CA UNK G 202 -4.48 6.12 -5.06
C UNK G 202 -3.78 7.46 -5.19
N UNK G 203 -2.46 7.49 -5.11
CA UNK G 203 -1.71 8.72 -5.25
C UNK G 203 -1.90 9.31 -6.62
N UNK G 204 -1.48 8.58 -7.65
CA UNK G 204 -1.65 9.06 -9.04
C UNK G 204 -3.04 9.60 -9.28
N UNK G 205 -4.07 8.91 -8.76
CA UNK G 205 -5.43 9.38 -9.00
C UNK G 205 -5.58 10.74 -8.33
N UNK G 206 -4.85 10.93 -7.24
CA UNK G 206 -4.98 12.24 -6.57
C UNK G 206 -4.35 13.33 -7.42
N UNK G 207 -3.17 13.02 -7.97
CA UNK G 207 -2.46 14.01 -8.79
C UNK G 207 -3.34 14.34 -9.98
N UNK G 208 -3.63 13.32 -10.76
CA UNK G 208 -4.49 13.49 -11.95
C UNK G 208 -5.73 14.28 -11.54
N UNK G 209 -6.33 13.93 -10.41
CA UNK G 209 -7.52 14.71 -10.06
C UNK G 209 -7.18 16.17 -9.92
N UNK G 210 -6.11 16.56 -9.24
CA UNK G 210 -5.83 17.97 -9.11
C UNK G 210 -5.40 18.66 -10.38
N UNK G 211 -4.68 17.96 -11.23
CA UNK G 211 -4.19 18.57 -12.47
C UNK G 211 -5.38 18.94 -13.34
N UNK G 212 -6.32 18.00 -13.39
CA UNK G 212 -7.47 18.15 -14.25
C UNK G 212 -8.44 19.22 -13.83
N UNK G 213 -8.33 19.74 -12.61
CA UNK G 213 -9.25 20.77 -12.15
C UNK G 213 -8.73 22.17 -12.42
N UNK G 214 -7.60 22.31 -13.12
CA UNK G 214 -7.07 23.65 -13.40
C UNK G 214 -7.78 24.28 -14.61
#